data_3FYU
#
_entry.id   3FYU
#
_cell.length_a   142.225
_cell.length_b   86.622
_cell.length_c   183.973
_cell.angle_alpha   90.000
_cell.angle_beta   112.780
_cell.angle_gamma   90.000
#
_symmetry.space_group_name_H-M   'P 1 21 1'
#
loop_
_entity.id
_entity.type
_entity.pdbx_description
1 polymer 'Acetyl xylan esterase'
2 polymer 'Acetyl xylan esterase'
3 polymer 'Acetyl xylan esterase'
4 non-polymer beta-D-xylopyranose
5 non-polymer 1,2-ETHANEDIOL
6 non-polymer 'CHLORIDE ION'
7 non-polymer 'ACETIC ACID'
8 water water
#
loop_
_entity_poly.entity_id
_entity_poly.type
_entity_poly.pdbx_seq_one_letter_code
_entity_poly.pdbx_strand_id
1 'polypeptide(L)'
;MQLFDLSLEELKKYKPKKTARPDFSDFWKKSLEELRQVEAEPTLESYDYPVKGVKVYRLTYQSFGHSKIEGFYAVPDQTG
PHPALVRFHGYNASYDGGIHDIVNWALHGYATFGMLVRGQGGSEDTSVTPGGHALGWMTKGILSKDTYYYRGVYLDAVRA
LEVIQSFPEVDEHRIGVIGG(OAS)QGGALAIAAAALSDIPKVVVADYPYLSNFERAVDVALEQPYLEINSYFRRNSDPK
VEEKAFETLSYFDLINLAGWVKQPTLMAIGLIDKITPPSTVFAAYNHLETDKDLKVYRYFGHEFIPAFQTEKLSFLQKHL
LLST
;
A,I
2 'polypeptide(L)'
;MQLFDLSLEELKKYKPKKTARPDFSDFWKKSLEELRQVEAEPTLESYDYPVKGVKVYRLTYQSFGHSKIEGFYAVPDQTG
PHPALVRFHGYNASYDGGIHDIVNWALHGYATFGMLVRGQGGSEDTSVTPGGHALGWMTKGILSKDTYYYRGVYLDAVRA
LEVIQSFPEVDEHRIGVIGG(TIS)QGGALAIAAAALSDIPKVVVADYPYLSNFERAVDVALEQPYLEINSYFRRNSDPK
VEEKAFETLSYFDLINLAGWVKQPTLMAIGLIDKITPPSTVFAAYNHLETDKDLKVYRYFGHEFIPAFQTEKLSFLQKHL
LLST
;
B,D,H
3 'polypeptide(L)'
;MQLFDLSLEELKKYKPKKTARPDFSDFWKKSLEELRQVEAEPTLESYDYPVKGVKVYRLTYQSFGHSKIEGFYAVPDQTG
PHPALVRFHGYNASYDGGIHDIVNWALHGYATFGMLVRGQGGSEDTSVTPGGHALGWMTKGILSKDTYYYRGVYLDAVRA
LEVIQSFPEVDEHRIGVIGGSQGGALAIAAAALSDIPKVVVADYPYLSNFERAVDVALEQPYLEINSYFRRNSDPKVEEK
AFETLSYFDLINLAGWVKQPTLMAIGLIDKITPPSTVFAAYNHLETDKDLKVYRYFGHEFIPAFQTEKLSFLQKHLLLST
;
C,E,F,G,L,M,N
#
loop_
_chem_comp.id
_chem_comp.type
_chem_comp.name
_chem_comp.formula
ACY non-polymer 'ACETIC ACID' 'C2 H4 O2'
CL non-polymer 'CHLORIDE ION' 'Cl -1'
EDO non-polymer 1,2-ETHANEDIOL 'C2 H6 O2'
XYP D-saccharide, beta linking beta-D-xylopyranose 'C5 H10 O5'
#
# COMPACT_ATOMS: atom_id res chain seq x y z
N MET A 1 -52.49 -1.94 -11.67
CA MET A 1 -52.28 -2.33 -10.24
C MET A 1 -53.43 -1.77 -9.40
N GLN A 2 -53.18 -1.54 -8.11
CA GLN A 2 -54.21 -1.04 -7.21
C GLN A 2 -53.66 -0.02 -6.23
N LEU A 3 -54.56 0.76 -5.64
CA LEU A 3 -54.19 1.77 -4.65
C LEU A 3 -53.32 1.13 -3.58
N PHE A 4 -52.41 1.90 -3.00
CA PHE A 4 -51.53 1.36 -1.96
C PHE A 4 -50.91 2.41 -1.05
N ASP A 5 -50.61 3.60 -1.58
CA ASP A 5 -49.99 4.65 -0.78
C ASP A 5 -51.05 5.32 0.09
N LEU A 6 -50.74 6.51 0.59
CA LEU A 6 -51.68 7.27 1.43
C LEU A 6 -52.94 7.57 0.62
N SER A 7 -54.07 7.79 1.31
CA SER A 7 -55.33 8.11 0.63
C SER A 7 -55.16 9.46 -0.07
N LEU A 8 -56.01 9.73 -1.07
CA LEU A 8 -55.89 11.00 -1.79
C LEU A 8 -56.02 12.15 -0.81
N GLU A 9 -56.92 12.01 0.15
CA GLU A 9 -57.13 13.05 1.15
C GLU A 9 -55.85 13.34 1.94
N GLU A 10 -55.12 12.29 2.31
CA GLU A 10 -53.87 12.45 3.05
C GLU A 10 -52.75 12.98 2.13
N LEU A 11 -52.71 12.47 0.90
CA LEU A 11 -51.70 12.88 -0.05
C LEU A 11 -51.68 14.39 -0.27
N LYS A 12 -52.87 15.00 -0.39
CA LYS A 12 -52.97 16.45 -0.60
C LYS A 12 -52.38 17.25 0.56
N LYS A 13 -52.35 16.65 1.74
CA LYS A 13 -51.80 17.31 2.92
C LYS A 13 -50.40 16.84 3.28
N TYR A 14 -49.90 15.84 2.55
CA TYR A 14 -48.58 15.33 2.84
C TYR A 14 -47.47 16.30 2.45
N LYS A 15 -46.79 16.86 3.45
CA LYS A 15 -45.71 17.80 3.20
C LYS A 15 -44.66 17.58 4.28
N PRO A 16 -43.75 16.63 4.06
CA PRO A 16 -42.69 16.30 5.01
C PRO A 16 -41.70 17.42 5.27
N LYS A 17 -41.21 17.51 6.49
CA LYS A 17 -40.22 18.53 6.84
C LYS A 17 -39.01 18.40 5.92
N LYS A 18 -38.51 19.54 5.48
CA LYS A 18 -37.34 19.56 4.61
C LYS A 18 -36.20 18.85 5.34
N THR A 19 -35.32 18.22 4.58
CA THR A 19 -34.19 17.53 5.16
C THR A 19 -32.89 18.24 4.80
N ALA A 20 -33.02 19.41 4.17
CA ALA A 20 -31.86 20.19 3.76
C ALA A 20 -30.96 20.53 4.93
N ARG A 21 -29.67 20.32 4.75
CA ARG A 21 -28.69 20.65 5.76
C ARG A 21 -28.47 22.16 5.75
N PRO A 22 -27.83 22.70 6.79
CA PRO A 22 -27.57 24.15 6.89
C PRO A 22 -26.74 24.72 5.75
N ASP A 23 -25.98 23.86 5.08
CA ASP A 23 -25.13 24.30 3.97
C ASP A 23 -25.74 23.93 2.63
N PHE A 24 -27.05 23.74 2.62
CA PHE A 24 -27.75 23.38 1.40
C PHE A 24 -27.46 24.34 0.25
N SER A 25 -27.93 25.58 0.37
CA SER A 25 -27.72 26.53 -0.71
C SER A 25 -26.24 26.78 -0.95
N ASP A 26 -25.45 26.65 0.10
CA ASP A 26 -24.03 26.88 -0.06
C ASP A 26 -23.42 25.81 -0.97
N PHE A 27 -23.91 24.57 -0.85
CA PHE A 27 -23.43 23.47 -1.66
C PHE A 27 -23.74 23.71 -3.12
N TRP A 28 -24.96 24.17 -3.39
CA TRP A 28 -25.36 24.43 -4.76
C TRP A 28 -24.70 25.67 -5.32
N LYS A 29 -24.39 26.62 -4.45
CA LYS A 29 -23.73 27.84 -4.89
C LYS A 29 -22.34 27.43 -5.36
N LYS A 30 -21.66 26.63 -4.56
CA LYS A 30 -20.32 26.17 -4.92
C LYS A 30 -20.34 25.29 -6.15
N SER A 31 -21.33 24.40 -6.21
CA SER A 31 -21.46 23.49 -7.33
C SER A 31 -21.67 24.25 -8.64
N LEU A 32 -22.54 25.25 -8.61
CA LEU A 32 -22.79 26.04 -9.81
C LEU A 32 -21.53 26.77 -10.22
N GLU A 33 -20.74 27.18 -9.22
CA GLU A 33 -19.51 27.89 -9.48
C GLU A 33 -18.49 26.99 -10.17
N GLU A 34 -18.48 25.71 -9.81
CA GLU A 34 -17.54 24.81 -10.42
C GLU A 34 -17.98 24.57 -11.86
N LEU A 35 -19.28 24.57 -12.09
CA LEU A 35 -19.81 24.39 -13.43
C LEU A 35 -19.39 25.56 -14.28
N ARG A 36 -19.63 26.76 -13.75
CA ARG A 36 -19.31 27.99 -14.46
C ARG A 36 -17.86 28.00 -14.92
N GLN A 37 -16.99 27.35 -14.16
CA GLN A 37 -15.58 27.30 -14.49
C GLN A 37 -15.26 26.42 -15.69
N VAL A 38 -16.27 25.69 -16.17
CA VAL A 38 -16.07 24.85 -17.33
C VAL A 38 -16.75 25.50 -18.54
N GLU A 39 -15.95 25.90 -19.52
CA GLU A 39 -16.47 26.52 -20.73
C GLU A 39 -17.37 25.52 -21.44
N ALA A 40 -18.56 25.96 -21.83
CA ALA A 40 -19.51 25.07 -22.50
C ALA A 40 -18.97 24.48 -23.79
N GLU A 41 -18.33 25.32 -24.61
CA GLU A 41 -17.76 24.87 -25.88
C GLU A 41 -18.71 23.92 -26.60
N PRO A 42 -19.97 24.32 -26.77
CA PRO A 42 -20.93 23.45 -27.45
C PRO A 42 -20.59 23.22 -28.92
N THR A 43 -21.05 22.10 -29.45
CA THR A 43 -20.83 21.77 -30.85
C THR A 43 -22.16 21.32 -31.40
N LEU A 44 -22.39 21.62 -32.68
CA LEU A 44 -23.64 21.25 -33.33
C LEU A 44 -23.34 20.55 -34.65
N GLU A 45 -23.77 19.31 -34.77
CA GLU A 45 -23.54 18.52 -35.98
C GLU A 45 -24.88 18.06 -36.53
N SER A 46 -25.19 18.44 -37.76
CA SER A 46 -26.47 18.06 -38.34
C SER A 46 -26.62 16.54 -38.35
N TYR A 47 -27.86 16.07 -38.24
CA TYR A 47 -28.15 14.64 -38.18
C TYR A 47 -29.34 14.30 -39.08
N ASP A 48 -29.16 13.37 -39.99
CA ASP A 48 -30.26 13.01 -40.88
C ASP A 48 -31.37 12.25 -40.16
N TYR A 49 -32.60 12.61 -40.49
CA TYR A 49 -33.76 11.96 -39.91
C TYR A 49 -34.89 12.09 -40.92
N PRO A 50 -35.64 11.01 -41.14
CA PRO A 50 -36.74 11.01 -42.10
C PRO A 50 -37.95 11.85 -41.68
N VAL A 51 -37.77 13.16 -41.65
CA VAL A 51 -38.86 14.06 -41.27
C VAL A 51 -38.80 15.30 -42.13
N LYS A 52 -39.95 15.92 -42.34
CA LYS A 52 -40.05 17.13 -43.13
C LYS A 52 -40.43 18.29 -42.22
N GLY A 53 -39.77 19.43 -42.40
CA GLY A 53 -40.08 20.60 -41.59
C GLY A 53 -39.30 20.72 -40.29
N VAL A 54 -38.33 19.85 -40.09
CA VAL A 54 -37.52 19.88 -38.87
C VAL A 54 -36.08 19.53 -39.21
N LYS A 55 -35.15 20.24 -38.56
CA LYS A 55 -33.73 20.00 -38.73
C LYS A 55 -33.23 19.38 -37.45
N VAL A 56 -32.59 18.23 -37.55
CA VAL A 56 -32.09 17.56 -36.37
C VAL A 56 -30.59 17.69 -36.26
N TYR A 57 -30.08 17.79 -35.03
CA TYR A 57 -28.64 17.90 -34.82
C TYR A 57 -28.25 17.10 -33.61
N ARG A 58 -26.96 16.80 -33.51
CA ARG A 58 -26.46 16.12 -32.33
C ARG A 58 -25.81 17.28 -31.64
N LEU A 59 -26.18 17.53 -30.40
CA LEU A 59 -25.60 18.64 -29.66
C LEU A 59 -24.76 18.11 -28.52
N THR A 60 -23.56 18.67 -28.34
CA THR A 60 -22.71 18.26 -27.24
C THR A 60 -22.15 19.51 -26.58
N TYR A 61 -21.86 19.43 -25.29
CA TYR A 61 -21.28 20.55 -24.58
C TYR A 61 -20.53 20.04 -23.36
N GLN A 62 -19.62 20.86 -22.85
CA GLN A 62 -18.83 20.51 -21.70
C GLN A 62 -19.53 20.98 -20.44
N SER A 63 -19.54 20.14 -19.42
CA SER A 63 -20.20 20.47 -18.16
C SER A 63 -19.35 20.09 -16.96
N PHE A 64 -19.95 20.09 -15.79
CA PHE A 64 -19.26 19.73 -14.56
C PHE A 64 -18.27 18.59 -14.76
N GLY A 65 -17.09 18.72 -14.16
CA GLY A 65 -16.09 17.69 -14.29
C GLY A 65 -15.58 17.51 -15.71
N HIS A 66 -15.79 18.53 -16.55
CA HIS A 66 -15.35 18.49 -17.95
C HIS A 66 -15.92 17.30 -18.67
N SER A 67 -17.15 16.95 -18.33
CA SER A 67 -17.82 15.82 -18.96
C SER A 67 -18.49 16.33 -20.23
N LYS A 68 -18.47 15.50 -21.27
CA LYS A 68 -19.08 15.87 -22.53
C LYS A 68 -20.50 15.33 -22.55
N ILE A 69 -21.46 16.23 -22.47
CA ILE A 69 -22.87 15.88 -22.46
C ILE A 69 -23.43 15.97 -23.88
N GLU A 70 -24.29 15.04 -24.25
CA GLU A 70 -24.88 15.02 -25.58
C GLU A 70 -26.38 14.86 -25.57
N GLY A 71 -26.96 14.88 -26.76
CA GLY A 71 -28.39 14.72 -26.92
C GLY A 71 -28.77 15.24 -28.28
N PHE A 72 -29.88 14.75 -28.82
CA PHE A 72 -30.32 15.23 -30.11
C PHE A 72 -31.03 16.56 -29.90
N TYR A 73 -30.92 17.42 -30.91
CA TYR A 73 -31.52 18.73 -30.87
C TYR A 73 -32.27 18.93 -32.17
N ALA A 74 -33.59 19.05 -32.06
CA ALA A 74 -34.46 19.22 -33.23
C ALA A 74 -35.00 20.63 -33.24
N VAL A 75 -35.00 21.24 -34.41
CA VAL A 75 -35.49 22.60 -34.55
C VAL A 75 -36.53 22.72 -35.67
N PRO A 76 -37.60 23.48 -35.43
CA PRO A 76 -38.59 23.63 -36.49
C PRO A 76 -37.86 24.24 -37.67
N ASP A 77 -38.10 23.75 -38.88
CA ASP A 77 -37.43 24.28 -40.06
C ASP A 77 -38.13 25.52 -40.63
N GLN A 78 -38.05 26.61 -39.88
CA GLN A 78 -38.66 27.88 -40.25
C GLN A 78 -37.91 28.96 -39.45
N THR A 79 -38.07 30.20 -39.84
CA THR A 79 -37.39 31.29 -39.16
C THR A 79 -37.80 31.39 -37.69
N GLY A 80 -36.81 31.62 -36.84
CA GLY A 80 -37.08 31.75 -35.42
C GLY A 80 -37.28 33.19 -35.04
N PRO A 81 -37.07 33.56 -33.75
CA PRO A 81 -36.68 32.63 -32.69
C PRO A 81 -37.80 31.66 -32.37
N HIS A 82 -37.44 30.48 -31.89
CA HIS A 82 -38.42 29.46 -31.56
C HIS A 82 -38.49 29.25 -30.06
N PRO A 83 -39.66 28.82 -29.57
CA PRO A 83 -39.73 28.59 -28.12
C PRO A 83 -38.95 27.27 -28.01
N ALA A 84 -38.30 27.03 -26.89
CA ALA A 84 -37.53 25.81 -26.77
C ALA A 84 -37.90 24.94 -25.58
N LEU A 85 -37.46 23.69 -25.63
CA LEU A 85 -37.70 22.73 -24.58
C LEU A 85 -36.45 21.93 -24.33
N VAL A 86 -36.15 21.70 -23.06
CA VAL A 86 -35.04 20.85 -22.71
C VAL A 86 -35.79 19.67 -22.09
N ARG A 87 -35.78 18.54 -22.78
CA ARG A 87 -36.44 17.33 -22.32
C ARG A 87 -35.45 16.39 -21.62
N PHE A 88 -35.84 15.88 -20.45
CA PHE A 88 -35.01 14.96 -19.71
C PHE A 88 -35.68 13.59 -19.70
N HIS A 89 -34.91 12.53 -19.94
CA HIS A 89 -35.45 11.18 -19.98
C HIS A 89 -35.46 10.49 -18.63
N GLY A 90 -36.22 9.40 -18.55
CA GLY A 90 -36.31 8.66 -17.32
C GLY A 90 -35.08 7.80 -17.02
N TYR A 91 -35.02 7.32 -15.78
CA TYR A 91 -33.92 6.50 -15.31
C TYR A 91 -33.74 5.24 -16.18
N ASN A 92 -32.60 5.13 -16.83
CA ASN A 92 -32.28 3.97 -17.66
C ASN A 92 -33.37 3.74 -18.72
N ALA A 93 -34.12 4.79 -19.02
CA ALA A 93 -35.21 4.67 -19.98
C ALA A 93 -35.01 5.37 -21.32
N SER A 94 -33.76 5.64 -21.68
CA SER A 94 -33.50 6.29 -22.96
C SER A 94 -33.08 5.29 -24.03
N TYR A 95 -33.85 5.26 -25.11
CA TYR A 95 -33.57 4.37 -26.24
C TYR A 95 -33.23 5.22 -27.47
N ASP A 96 -32.03 5.02 -27.99
CA ASP A 96 -31.60 5.77 -29.16
C ASP A 96 -31.78 7.27 -28.96
N GLY A 97 -31.51 7.72 -27.73
CA GLY A 97 -31.60 9.14 -27.40
C GLY A 97 -32.98 9.76 -27.47
N GLY A 98 -34.01 8.92 -27.49
CA GLY A 98 -35.38 9.42 -27.56
C GLY A 98 -35.57 10.37 -28.72
N ILE A 99 -34.79 10.17 -29.77
CA ILE A 99 -34.83 11.01 -30.95
C ILE A 99 -36.20 11.23 -31.61
N HIS A 100 -37.01 10.18 -31.65
CA HIS A 100 -38.32 10.28 -32.26
C HIS A 100 -39.23 11.26 -31.52
N ASP A 101 -39.14 11.27 -30.20
CA ASP A 101 -39.96 12.17 -29.42
C ASP A 101 -39.42 13.57 -29.52
N ILE A 102 -38.10 13.70 -29.59
CA ILE A 102 -37.46 15.01 -29.72
C ILE A 102 -37.95 15.64 -31.02
N VAL A 103 -37.95 14.86 -32.10
CA VAL A 103 -38.41 15.38 -33.36
C VAL A 103 -39.88 15.80 -33.30
N ASN A 104 -40.73 14.99 -32.69
CA ASN A 104 -42.14 15.33 -32.58
C ASN A 104 -42.32 16.63 -31.81
N TRP A 105 -41.50 16.85 -30.79
CA TRP A 105 -41.63 18.08 -30.03
C TRP A 105 -41.31 19.25 -30.94
N ALA A 106 -40.35 19.06 -31.83
CA ALA A 106 -39.99 20.12 -32.77
C ALA A 106 -41.13 20.32 -33.77
N LEU A 107 -41.85 19.25 -34.09
CA LEU A 107 -42.96 19.35 -35.02
C LEU A 107 -44.10 20.12 -34.36
N HIS A 108 -44.12 20.10 -33.04
CA HIS A 108 -45.15 20.84 -32.30
C HIS A 108 -44.73 22.31 -32.23
N GLY A 109 -43.56 22.59 -32.78
CA GLY A 109 -43.04 23.97 -32.81
C GLY A 109 -41.96 24.31 -31.81
N TYR A 110 -41.42 23.32 -31.11
CA TYR A 110 -40.39 23.60 -30.12
C TYR A 110 -38.98 23.17 -30.50
N ALA A 111 -38.02 24.08 -30.35
CA ALA A 111 -36.62 23.75 -30.62
C ALA A 111 -36.36 22.88 -29.38
N THR A 112 -36.19 21.58 -29.60
CA THR A 112 -36.00 20.66 -28.48
C THR A 112 -34.68 19.91 -28.36
N PHE A 113 -34.16 19.88 -27.15
CA PHE A 113 -32.91 19.19 -26.87
C PHE A 113 -33.14 18.11 -25.81
N GLY A 114 -32.89 16.85 -26.17
CA GLY A 114 -33.08 15.78 -25.21
C GLY A 114 -31.75 15.48 -24.55
N MET A 115 -31.46 16.15 -23.43
CA MET A 115 -30.19 15.91 -22.76
C MET A 115 -30.13 14.49 -22.25
N LEU A 116 -29.10 13.76 -22.66
CA LEU A 116 -28.92 12.38 -22.24
C LEU A 116 -28.19 12.39 -20.89
N VAL A 117 -28.76 11.69 -19.92
CA VAL A 117 -28.18 11.66 -18.59
C VAL A 117 -26.95 10.79 -18.52
N ARG A 118 -25.88 11.36 -17.97
CA ARG A 118 -24.58 10.70 -17.80
C ARG A 118 -24.59 9.19 -17.67
N GLY A 119 -23.85 8.52 -18.56
CA GLY A 119 -23.78 7.07 -18.51
C GLY A 119 -25.05 6.29 -18.74
N GLN A 120 -26.17 6.98 -18.87
CA GLN A 120 -27.44 6.30 -19.08
C GLN A 120 -27.83 6.25 -20.56
N GLY A 121 -28.60 7.25 -21.00
CA GLY A 121 -29.02 7.29 -22.39
C GLY A 121 -27.90 7.82 -23.27
N GLY A 122 -26.84 8.29 -22.63
CA GLY A 122 -25.71 8.82 -23.37
C GLY A 122 -24.91 9.74 -22.48
N SER A 123 -24.05 10.54 -23.10
CA SER A 123 -23.23 11.48 -22.36
C SER A 123 -22.15 10.81 -21.55
N GLU A 124 -21.08 11.57 -21.32
CA GLU A 124 -19.91 11.10 -20.59
C GLU A 124 -19.99 11.50 -19.12
N ASP A 125 -19.55 10.61 -18.23
CA ASP A 125 -19.53 10.91 -16.81
C ASP A 125 -18.10 10.72 -16.36
N THR A 126 -17.39 11.84 -16.16
CA THR A 126 -16.00 11.78 -15.74
C THR A 126 -15.87 11.59 -14.24
N SER A 127 -16.95 11.75 -13.50
CA SER A 127 -16.88 11.58 -12.07
C SER A 127 -16.49 10.15 -11.71
N VAL A 128 -15.50 10.07 -10.84
CA VAL A 128 -14.95 8.82 -10.36
C VAL A 128 -15.93 8.11 -9.43
N THR A 129 -15.81 6.79 -9.32
CA THR A 129 -16.63 5.98 -8.41
C THR A 129 -15.77 5.86 -7.16
N PRO A 130 -16.13 6.58 -6.08
CA PRO A 130 -15.39 6.56 -4.82
C PRO A 130 -15.24 5.17 -4.23
N GLY A 131 -16.31 4.40 -4.26
CA GLY A 131 -16.26 3.07 -3.71
C GLY A 131 -17.44 2.22 -4.11
N GLY A 132 -17.66 1.15 -3.35
CA GLY A 132 -18.76 0.24 -3.64
C GLY A 132 -20.13 0.88 -3.56
N HIS A 133 -21.04 0.37 -4.37
CA HIS A 133 -22.40 0.86 -4.38
C HIS A 133 -23.29 -0.18 -5.03
N ALA A 134 -24.59 -0.05 -4.82
CA ALA A 134 -25.53 -0.99 -5.37
C ALA A 134 -25.56 -0.91 -6.89
N LEU A 135 -26.03 -1.99 -7.52
CA LEU A 135 -26.15 -2.06 -8.98
C LEU A 135 -27.01 -0.86 -9.43
N GLY A 136 -26.45 0.00 -10.28
CA GLY A 136 -27.19 1.15 -10.74
C GLY A 136 -26.50 2.48 -10.47
N TRP A 137 -27.17 3.57 -10.78
CA TRP A 137 -26.60 4.90 -10.58
C TRP A 137 -27.03 5.55 -9.28
N MET A 138 -28.17 5.10 -8.75
CA MET A 138 -28.73 5.66 -7.53
C MET A 138 -27.81 5.83 -6.34
N THR A 139 -26.84 4.94 -6.17
CA THR A 139 -25.94 5.04 -5.04
C THR A 139 -24.48 5.33 -5.36
N LYS A 140 -24.19 5.62 -6.62
CA LYS A 140 -22.82 5.94 -7.02
C LYS A 140 -22.35 7.23 -6.33
N GLY A 141 -21.28 7.13 -5.56
CA GLY A 141 -20.73 8.27 -4.86
C GLY A 141 -21.66 8.83 -3.80
N ILE A 142 -22.56 8.00 -3.29
CA ILE A 142 -23.55 8.42 -2.30
C ILE A 142 -23.00 8.83 -0.91
N LEU A 143 -21.73 8.55 -0.64
CA LEU A 143 -21.20 8.90 0.66
C LEU A 143 -20.74 10.34 0.78
N SER A 144 -21.02 11.13 -0.25
CA SER A 144 -20.63 12.53 -0.23
C SER A 144 -21.36 13.31 -1.29
N LYS A 145 -21.89 14.47 -0.92
CA LYS A 145 -22.61 15.32 -1.85
C LYS A 145 -21.72 15.76 -3.01
N ASP A 146 -20.41 15.80 -2.78
CA ASP A 146 -19.52 16.24 -3.84
C ASP A 146 -19.32 15.18 -4.91
N THR A 147 -19.39 13.92 -4.49
CA THR A 147 -19.18 12.79 -5.38
C THR A 147 -20.46 12.16 -5.91
N TYR A 148 -21.59 12.50 -5.32
CA TYR A 148 -22.85 11.90 -5.73
C TYR A 148 -23.23 12.05 -7.20
N TYR A 149 -23.60 10.93 -7.81
CA TYR A 149 -23.96 10.85 -9.22
C TYR A 149 -24.76 12.03 -9.76
N TYR A 150 -25.85 12.37 -9.09
CA TYR A 150 -26.72 13.44 -9.56
C TYR A 150 -26.18 14.84 -9.46
N ARG A 151 -25.05 15.02 -8.77
CA ARG A 151 -24.49 16.35 -8.68
C ARG A 151 -24.15 16.77 -10.11
N GLY A 152 -23.43 15.89 -10.79
CA GLY A 152 -23.05 16.16 -12.16
C GLY A 152 -24.27 16.28 -13.04
N VAL A 153 -25.21 15.35 -12.88
CA VAL A 153 -26.43 15.36 -13.68
C VAL A 153 -27.21 16.68 -13.57
N TYR A 154 -27.48 17.10 -12.34
CA TYR A 154 -28.21 18.36 -12.12
C TYR A 154 -27.51 19.53 -12.80
N LEU A 155 -26.18 19.57 -12.68
CA LEU A 155 -25.40 20.63 -13.28
C LEU A 155 -25.45 20.52 -14.80
N ASP A 156 -25.46 19.30 -15.33
CA ASP A 156 -25.54 19.13 -16.77
C ASP A 156 -26.86 19.76 -17.25
N ALA A 157 -27.91 19.56 -16.46
CA ALA A 157 -29.24 20.08 -16.75
C ALA A 157 -29.24 21.60 -16.78
N VAL A 158 -28.56 22.22 -15.82
CA VAL A 158 -28.49 23.66 -15.79
C VAL A 158 -27.68 24.14 -17.00
N ARG A 159 -26.54 23.50 -17.24
CA ARG A 159 -25.69 23.87 -18.36
C ARG A 159 -26.46 23.73 -19.68
N ALA A 160 -27.33 22.73 -19.77
CA ALA A 160 -28.12 22.49 -20.97
C ALA A 160 -28.96 23.70 -21.30
N LEU A 161 -29.53 24.30 -20.25
CA LEU A 161 -30.35 25.49 -20.38
C LEU A 161 -29.52 26.67 -20.83
N GLU A 162 -28.32 26.78 -20.28
CA GLU A 162 -27.44 27.89 -20.63
C GLU A 162 -27.05 27.79 -22.11
N VAL A 163 -26.74 26.58 -22.55
CA VAL A 163 -26.34 26.36 -23.93
C VAL A 163 -27.48 26.68 -24.89
N ILE A 164 -28.65 26.10 -24.63
CA ILE A 164 -29.82 26.31 -25.47
C ILE A 164 -30.19 27.78 -25.61
N GLN A 165 -30.27 28.49 -24.48
CA GLN A 165 -30.65 29.89 -24.49
C GLN A 165 -29.64 30.75 -25.24
N SER A 166 -28.40 30.28 -25.36
CA SER A 166 -27.40 31.04 -26.07
C SER A 166 -27.63 30.97 -27.57
N PHE A 167 -28.31 29.93 -28.04
CA PHE A 167 -28.60 29.80 -29.47
C PHE A 167 -29.44 30.99 -29.95
N PRO A 168 -29.03 31.61 -31.06
CA PRO A 168 -29.76 32.75 -31.63
C PRO A 168 -31.15 32.40 -32.15
N GLU A 169 -31.36 31.16 -32.58
CA GLU A 169 -32.68 30.75 -33.08
C GLU A 169 -33.63 30.36 -31.94
N VAL A 170 -33.14 30.46 -30.72
CA VAL A 170 -33.94 30.14 -29.55
C VAL A 170 -34.35 31.39 -28.80
N ASP A 171 -35.63 31.49 -28.49
CA ASP A 171 -36.16 32.64 -27.75
C ASP A 171 -35.89 32.34 -26.28
N GLU A 172 -34.84 32.94 -25.74
CA GLU A 172 -34.48 32.71 -24.35
C GLU A 172 -35.60 32.95 -23.33
N HIS A 173 -36.62 33.71 -23.69
CA HIS A 173 -37.72 33.98 -22.78
C HIS A 173 -38.86 32.98 -22.86
N ARG A 174 -38.72 31.99 -23.75
CA ARG A 174 -39.73 30.97 -23.91
C ARG A 174 -39.12 29.57 -23.92
N ILE A 175 -38.40 29.27 -22.85
CA ILE A 175 -37.78 27.98 -22.69
C ILE A 175 -38.48 27.20 -21.57
N GLY A 176 -38.86 25.96 -21.85
CA GLY A 176 -39.51 25.15 -20.84
C GLY A 176 -38.71 23.90 -20.59
N VAL A 177 -38.78 23.36 -19.37
CA VAL A 177 -38.07 22.13 -19.04
C VAL A 177 -39.10 21.07 -18.74
N ILE A 178 -38.99 19.91 -19.39
CA ILE A 178 -39.94 18.85 -19.17
C ILE A 178 -39.23 17.51 -19.00
N GLY A 179 -39.95 16.55 -18.43
CA GLY A 179 -39.39 15.22 -18.23
C GLY A 179 -40.27 14.34 -17.38
N GLY A 180 -40.05 13.03 -17.46
CA GLY A 180 -40.84 12.12 -16.65
C GLY A 180 -39.98 11.38 -15.65
N OAS A 181 -40.51 11.16 -14.45
CA OAS A 181 -39.80 10.44 -13.39
CB OAS A 181 -39.61 8.99 -13.84
OG OAS A 181 -38.53 8.34 -13.19
C OAS A 181 -38.46 11.12 -13.08
O OAS A 181 -38.43 12.16 -12.44
C2A OAS A 181 -37.17 6.59 -12.19
C1A OAS A 181 -37.91 7.27 -13.32
OAC OAS A 181 -37.92 6.69 -14.49
N GLN A 182 -37.36 10.52 -13.53
CA GLN A 182 -36.04 11.10 -13.33
C GLN A 182 -36.03 12.41 -14.14
N GLY A 183 -36.66 12.35 -15.31
CA GLY A 183 -36.70 13.52 -16.17
C GLY A 183 -37.47 14.67 -15.51
N GLY A 184 -38.52 14.33 -14.78
CA GLY A 184 -39.32 15.34 -14.13
C GLY A 184 -38.54 15.95 -13.00
N ALA A 185 -37.70 15.11 -12.37
CA ALA A 185 -36.87 15.56 -11.25
C ALA A 185 -35.82 16.54 -11.76
N LEU A 186 -35.22 16.21 -12.90
CA LEU A 186 -34.20 17.08 -13.47
C LEU A 186 -34.86 18.41 -13.88
N ALA A 187 -36.06 18.33 -14.43
CA ALA A 187 -36.78 19.52 -14.82
C ALA A 187 -36.95 20.44 -13.60
N ILE A 188 -37.50 19.89 -12.53
CA ILE A 188 -37.71 20.67 -11.31
C ILE A 188 -36.40 21.16 -10.71
N ALA A 189 -35.36 20.32 -10.72
CA ALA A 189 -34.08 20.72 -10.19
C ALA A 189 -33.47 21.86 -11.02
N ALA A 190 -33.63 21.79 -12.34
CA ALA A 190 -33.08 22.81 -13.22
C ALA A 190 -33.76 24.16 -12.97
N ALA A 191 -35.09 24.14 -12.79
CA ALA A 191 -35.84 25.36 -12.55
C ALA A 191 -35.46 25.96 -11.20
N ALA A 192 -35.07 25.09 -10.26
CA ALA A 192 -34.67 25.55 -8.94
C ALA A 192 -33.28 26.18 -8.93
N LEU A 193 -32.40 25.68 -9.79
CA LEU A 193 -31.02 26.19 -9.85
C LEU A 193 -30.77 27.24 -10.92
N SER A 194 -31.67 27.32 -11.89
CA SER A 194 -31.54 28.30 -12.95
C SER A 194 -32.85 29.02 -13.19
N ASP A 195 -32.78 30.32 -13.45
CA ASP A 195 -33.99 31.08 -13.70
C ASP A 195 -34.26 31.18 -15.21
N ILE A 196 -33.45 30.47 -15.99
CA ILE A 196 -33.60 30.46 -17.44
C ILE A 196 -34.96 29.89 -17.85
N PRO A 197 -35.34 28.73 -17.30
CA PRO A 197 -36.63 28.14 -17.67
C PRO A 197 -37.81 29.06 -17.35
N LYS A 198 -38.81 29.09 -18.23
CA LYS A 198 -39.98 29.90 -17.99
C LYS A 198 -41.02 29.05 -17.28
N VAL A 199 -41.23 27.84 -17.77
CA VAL A 199 -42.19 26.93 -17.18
C VAL A 199 -41.61 25.55 -16.99
N VAL A 200 -42.27 24.75 -16.15
CA VAL A 200 -41.79 23.42 -15.83
C VAL A 200 -42.90 22.38 -15.88
N VAL A 201 -42.63 21.25 -16.52
CA VAL A 201 -43.58 20.16 -16.59
C VAL A 201 -42.85 18.92 -16.11
N ALA A 202 -43.36 18.32 -15.05
CA ALA A 202 -42.76 17.13 -14.48
C ALA A 202 -43.79 16.02 -14.29
N ASP A 203 -43.54 14.88 -14.94
CA ASP A 203 -44.43 13.74 -14.82
C ASP A 203 -43.91 12.89 -13.67
N TYR A 204 -44.76 12.68 -12.65
CA TYR A 204 -44.39 11.89 -11.48
C TYR A 204 -42.88 11.93 -11.18
N PRO A 205 -42.37 13.10 -10.80
CA PRO A 205 -40.97 13.33 -10.48
C PRO A 205 -40.33 12.34 -9.51
N TYR A 206 -39.11 11.94 -9.83
CA TYR A 206 -38.34 10.98 -9.06
C TYR A 206 -37.47 11.80 -8.10
N LEU A 207 -36.53 11.13 -7.41
CA LEU A 207 -35.62 11.80 -6.47
C LEU A 207 -36.33 12.73 -5.49
N SER A 208 -37.41 12.22 -4.89
CA SER A 208 -38.19 13.03 -3.97
C SER A 208 -38.56 12.32 -2.65
N ASN A 209 -38.29 12.97 -1.54
CA ASN A 209 -38.61 12.43 -0.23
C ASN A 209 -37.98 11.04 -0.06
N PHE A 210 -36.67 10.98 -0.26
CA PHE A 210 -35.91 9.72 -0.18
C PHE A 210 -36.19 8.87 1.03
N GLU A 211 -36.17 9.50 2.20
CA GLU A 211 -36.40 8.76 3.43
C GLU A 211 -37.74 8.02 3.47
N ARG A 212 -38.74 8.51 2.76
CA ARG A 212 -40.02 7.83 2.74
C ARG A 212 -40.06 6.88 1.55
N ALA A 213 -39.49 7.32 0.43
CA ALA A 213 -39.48 6.52 -0.79
C ALA A 213 -38.93 5.13 -0.54
N VAL A 214 -37.83 5.02 0.21
CA VAL A 214 -37.24 3.71 0.46
C VAL A 214 -38.10 2.81 1.31
N ASP A 215 -39.13 3.38 1.92
CA ASP A 215 -40.05 2.59 2.76
C ASP A 215 -41.41 2.34 2.09
N VAL A 216 -41.67 3.06 1.01
CA VAL A 216 -42.95 2.94 0.32
C VAL A 216 -42.85 2.33 -1.07
N ALA A 217 -41.77 2.64 -1.78
CA ALA A 217 -41.58 2.12 -3.13
C ALA A 217 -41.62 0.59 -3.16
N LEU A 218 -42.18 0.04 -4.23
CA LEU A 218 -42.27 -1.40 -4.37
C LEU A 218 -41.50 -1.91 -5.60
N GLU A 219 -40.88 -0.98 -6.33
CA GLU A 219 -40.12 -1.35 -7.52
C GLU A 219 -38.87 -0.50 -7.56
N GLN A 220 -38.01 -0.77 -8.54
CA GLN A 220 -36.79 -0.01 -8.70
C GLN A 220 -37.23 1.38 -9.22
N PRO A 221 -36.33 2.37 -9.20
CA PRO A 221 -34.94 2.30 -8.73
C PRO A 221 -34.67 2.84 -7.33
N TYR A 222 -35.71 3.29 -6.63
CA TYR A 222 -35.50 3.80 -5.28
C TYR A 222 -34.88 2.71 -4.41
N LEU A 223 -35.37 1.50 -4.58
CA LEU A 223 -34.87 0.37 -3.80
C LEU A 223 -33.38 0.10 -3.97
N GLU A 224 -32.76 0.76 -4.93
CA GLU A 224 -31.32 0.58 -5.12
C GLU A 224 -30.68 1.04 -3.83
N ILE A 225 -31.27 2.05 -3.20
CA ILE A 225 -30.76 2.58 -1.95
C ILE A 225 -30.83 1.49 -0.89
N ASN A 226 -31.96 0.79 -0.84
CA ASN A 226 -32.17 -0.30 0.11
C ASN A 226 -31.10 -1.37 -0.13
N SER A 227 -30.86 -1.68 -1.40
CA SER A 227 -29.86 -2.68 -1.76
C SER A 227 -28.48 -2.23 -1.30
N TYR A 228 -28.24 -0.93 -1.37
CA TYR A 228 -26.96 -0.37 -0.96
C TYR A 228 -26.73 -0.60 0.54
N PHE A 229 -27.76 -0.31 1.35
CA PHE A 229 -27.62 -0.51 2.79
C PHE A 229 -27.49 -1.97 3.17
N ARG A 230 -28.07 -2.87 2.36
CA ARG A 230 -27.95 -4.30 2.63
C ARG A 230 -26.49 -4.71 2.48
N ARG A 231 -25.78 -4.02 1.59
CA ARG A 231 -24.38 -4.33 1.31
C ARG A 231 -23.40 -3.56 2.19
N ASN A 232 -23.89 -2.56 2.90
CA ASN A 232 -23.07 -1.77 3.82
C ASN A 232 -23.89 -1.55 5.08
N SER A 233 -23.83 -2.51 5.99
CA SER A 233 -24.60 -2.49 7.23
C SER A 233 -24.21 -1.40 8.22
N ASP A 234 -23.05 -0.78 8.02
CA ASP A 234 -22.62 0.28 8.93
C ASP A 234 -23.70 1.34 9.09
N PRO A 235 -24.18 1.54 10.32
CA PRO A 235 -25.22 2.54 10.61
C PRO A 235 -24.84 3.93 10.13
N LYS A 236 -23.57 4.28 10.32
CA LYS A 236 -23.11 5.61 9.88
C LYS A 236 -23.23 5.78 8.37
N VAL A 237 -23.13 4.68 7.62
CA VAL A 237 -23.24 4.75 6.18
C VAL A 237 -24.64 5.18 5.79
N GLU A 238 -25.62 4.70 6.54
CA GLU A 238 -26.99 5.07 6.25
C GLU A 238 -27.23 6.54 6.57
N GLU A 239 -26.72 7.02 7.69
CA GLU A 239 -26.90 8.42 8.05
C GLU A 239 -26.28 9.27 6.96
N LYS A 240 -25.04 8.93 6.63
CA LYS A 240 -24.30 9.64 5.61
C LYS A 240 -25.05 9.66 4.28
N ALA A 241 -25.48 8.49 3.81
CA ALA A 241 -26.19 8.38 2.54
C ALA A 241 -27.39 9.32 2.46
N PHE A 242 -28.25 9.28 3.48
CA PHE A 242 -29.42 10.14 3.49
C PHE A 242 -29.03 11.59 3.61
N GLU A 243 -27.89 11.84 4.25
CA GLU A 243 -27.37 13.18 4.40
C GLU A 243 -27.04 13.68 2.99
N THR A 244 -26.38 12.81 2.22
CA THR A 244 -26.00 13.14 0.85
C THR A 244 -27.24 13.37 -0.01
N LEU A 245 -28.17 12.42 0.03
CA LEU A 245 -29.39 12.51 -0.75
C LEU A 245 -30.21 13.77 -0.52
N SER A 246 -30.18 14.30 0.71
CA SER A 246 -30.95 15.50 1.01
C SER A 246 -30.59 16.70 0.12
N TYR A 247 -29.33 16.78 -0.31
CA TYR A 247 -28.89 17.89 -1.16
C TYR A 247 -29.48 17.78 -2.56
N PHE A 248 -30.06 16.63 -2.89
CA PHE A 248 -30.64 16.43 -4.22
C PHE A 248 -32.12 16.11 -4.19
N ASP A 249 -32.68 16.06 -2.98
CA ASP A 249 -34.09 15.74 -2.78
C ASP A 249 -35.00 16.88 -3.21
N LEU A 250 -35.95 16.58 -4.08
CA LEU A 250 -36.88 17.60 -4.57
C LEU A 250 -37.62 18.37 -3.47
N ILE A 251 -37.86 17.74 -2.33
CA ILE A 251 -38.58 18.46 -1.28
C ILE A 251 -37.74 19.61 -0.74
N ASN A 252 -36.44 19.59 -1.03
CA ASN A 252 -35.56 20.65 -0.56
C ASN A 252 -35.26 21.65 -1.67
N LEU A 253 -35.50 21.24 -2.91
CA LEU A 253 -35.25 22.10 -4.06
C LEU A 253 -36.51 22.81 -4.52
N ALA A 254 -37.65 22.15 -4.37
CA ALA A 254 -38.94 22.69 -4.79
C ALA A 254 -39.15 24.15 -4.42
N GLY A 255 -38.75 24.50 -3.20
CA GLY A 255 -38.92 25.86 -2.71
C GLY A 255 -38.28 26.95 -3.53
N TRP A 256 -37.28 26.59 -4.34
CA TRP A 256 -36.60 27.58 -5.15
C TRP A 256 -37.27 27.79 -6.50
N VAL A 257 -38.21 26.92 -6.85
CA VAL A 257 -38.90 27.02 -8.13
C VAL A 257 -39.89 28.19 -8.12
N LYS A 258 -39.73 29.09 -9.07
CA LYS A 258 -40.59 30.27 -9.18
C LYS A 258 -41.41 30.21 -10.45
N GLN A 259 -41.10 29.24 -11.30
CA GLN A 259 -41.78 29.09 -12.59
C GLN A 259 -43.09 28.32 -12.53
N PRO A 260 -44.03 28.65 -13.42
CA PRO A 260 -45.31 27.94 -13.45
C PRO A 260 -44.95 26.47 -13.63
N THR A 261 -45.54 25.61 -12.80
CA THR A 261 -45.23 24.19 -12.85
C THR A 261 -46.45 23.27 -12.97
N LEU A 262 -46.33 22.29 -13.86
CA LEU A 262 -47.39 21.31 -14.08
C LEU A 262 -46.83 19.92 -13.78
N MET A 263 -47.47 19.21 -12.86
CA MET A 263 -47.03 17.88 -12.49
C MET A 263 -48.17 16.88 -12.69
N ALA A 264 -47.82 15.59 -12.73
CA ALA A 264 -48.81 14.54 -12.90
C ALA A 264 -48.42 13.38 -11.99
N ILE A 265 -49.41 12.61 -11.55
CA ILE A 265 -49.15 11.48 -10.69
C ILE A 265 -50.24 10.44 -10.82
N GLY A 266 -49.84 9.18 -10.95
CA GLY A 266 -50.81 8.11 -11.05
C GLY A 266 -50.90 7.57 -9.63
N LEU A 267 -52.11 7.30 -9.17
CA LEU A 267 -52.26 6.81 -7.80
C LEU A 267 -51.81 5.38 -7.58
N ILE A 268 -51.57 4.62 -8.65
CA ILE A 268 -51.11 3.25 -8.50
C ILE A 268 -49.65 3.10 -8.95
N ASP A 269 -48.94 4.22 -8.97
CA ASP A 269 -47.54 4.25 -9.39
C ASP A 269 -46.69 3.63 -8.28
N LYS A 270 -46.01 2.53 -8.59
CA LYS A 270 -45.18 1.86 -7.60
C LYS A 270 -43.69 2.22 -7.65
N ILE A 271 -43.29 2.94 -8.69
CA ILE A 271 -41.90 3.35 -8.85
C ILE A 271 -41.66 4.68 -8.14
N THR A 272 -42.53 5.66 -8.41
CA THR A 272 -42.47 6.97 -7.76
C THR A 272 -43.81 7.04 -7.03
N PRO A 273 -43.86 6.50 -5.81
CA PRO A 273 -45.10 6.50 -5.02
C PRO A 273 -45.74 7.88 -4.92
N PRO A 274 -47.08 7.95 -5.02
CA PRO A 274 -47.84 9.20 -4.95
C PRO A 274 -47.41 10.12 -3.82
N SER A 275 -47.17 9.55 -2.65
CA SER A 275 -46.75 10.35 -1.51
C SER A 275 -45.48 11.12 -1.81
N THR A 276 -44.49 10.46 -2.42
CA THR A 276 -43.24 11.13 -2.72
C THR A 276 -43.39 12.23 -3.76
N VAL A 277 -44.37 12.06 -4.65
CA VAL A 277 -44.61 13.08 -5.66
C VAL A 277 -45.41 14.25 -5.09
N PHE A 278 -46.39 13.93 -4.23
CA PHE A 278 -47.20 14.98 -3.62
C PHE A 278 -46.28 15.78 -2.70
N ALA A 279 -45.29 15.09 -2.13
CA ALA A 279 -44.35 15.73 -1.23
C ALA A 279 -43.61 16.84 -1.98
N ALA A 280 -43.14 16.53 -3.18
CA ALA A 280 -42.43 17.52 -3.99
C ALA A 280 -43.39 18.65 -4.38
N TYR A 281 -44.58 18.27 -4.81
CA TYR A 281 -45.59 19.25 -5.20
C TYR A 281 -45.97 20.18 -4.04
N ASN A 282 -46.15 19.61 -2.86
CA ASN A 282 -46.52 20.42 -1.70
C ASN A 282 -45.42 21.31 -1.18
N HIS A 283 -44.20 21.15 -1.69
CA HIS A 283 -43.12 22.00 -1.26
C HIS A 283 -42.89 23.14 -2.25
N LEU A 284 -43.63 23.09 -3.35
CA LEU A 284 -43.56 24.13 -4.37
C LEU A 284 -44.41 25.33 -3.97
N GLU A 285 -43.80 26.51 -4.03
CA GLU A 285 -44.49 27.75 -3.74
C GLU A 285 -44.33 28.56 -5.02
N THR A 286 -45.23 28.29 -5.95
CA THR A 286 -45.20 28.94 -7.25
C THR A 286 -46.51 28.62 -7.96
N ASP A 287 -46.73 29.22 -9.12
CA ASP A 287 -47.92 28.95 -9.90
C ASP A 287 -47.81 27.46 -10.22
N LYS A 288 -48.70 26.64 -9.66
CA LYS A 288 -48.61 25.21 -9.89
C LYS A 288 -49.93 24.49 -10.02
N ASP A 289 -49.85 23.24 -10.45
CA ASP A 289 -51.01 22.39 -10.60
C ASP A 289 -50.57 20.94 -10.72
N LEU A 290 -51.24 20.07 -9.97
CA LEU A 290 -50.93 18.64 -9.99
C LEU A 290 -52.10 17.84 -10.53
N LYS A 291 -51.92 17.21 -11.68
CA LYS A 291 -52.97 16.40 -12.30
C LYS A 291 -52.91 15.00 -11.72
N VAL A 292 -53.97 14.58 -11.05
CA VAL A 292 -54.01 13.27 -10.44
C VAL A 292 -54.79 12.30 -11.29
N TYR A 293 -54.21 11.15 -11.56
CA TYR A 293 -54.85 10.11 -12.38
C TYR A 293 -54.97 8.84 -11.55
N ARG A 294 -56.19 8.56 -11.12
CA ARG A 294 -56.48 7.41 -10.30
C ARG A 294 -56.05 6.05 -10.83
N TYR A 295 -56.31 5.81 -12.11
CA TYR A 295 -56.04 4.53 -12.73
C TYR A 295 -54.72 4.32 -13.44
N PHE A 296 -53.76 5.23 -13.24
CA PHE A 296 -52.48 5.09 -13.90
C PHE A 296 -51.33 4.98 -12.94
N GLY A 297 -50.22 4.45 -13.43
CA GLY A 297 -49.03 4.31 -12.62
C GLY A 297 -47.85 5.03 -13.24
N HIS A 298 -46.70 4.39 -13.21
CA HIS A 298 -45.47 4.95 -13.76
C HIS A 298 -45.48 4.63 -15.25
N GLU A 299 -46.21 5.42 -16.01
CA GLU A 299 -46.34 5.19 -17.44
C GLU A 299 -46.86 6.44 -18.16
N PHE A 300 -46.98 6.33 -19.47
CA PHE A 300 -47.51 7.41 -20.27
C PHE A 300 -49.00 7.54 -19.92
N ILE A 301 -49.43 8.75 -19.60
CA ILE A 301 -50.82 9.00 -19.28
C ILE A 301 -51.40 9.92 -20.38
N PRO A 302 -52.18 9.35 -21.31
CA PRO A 302 -52.78 10.13 -22.40
C PRO A 302 -53.44 11.44 -22.00
N ALA A 303 -54.28 11.40 -20.97
CA ALA A 303 -54.95 12.61 -20.52
C ALA A 303 -53.94 13.69 -20.15
N PHE A 304 -52.84 13.28 -19.56
CA PHE A 304 -51.84 14.25 -19.16
C PHE A 304 -51.05 14.84 -20.33
N GLN A 305 -51.02 14.12 -21.46
CA GLN A 305 -50.31 14.61 -22.62
C GLN A 305 -51.05 15.85 -23.12
N THR A 306 -52.38 15.78 -23.16
CA THR A 306 -53.19 16.91 -23.59
C THR A 306 -52.88 18.08 -22.65
N GLU A 307 -52.97 17.82 -21.36
CA GLU A 307 -52.69 18.83 -20.34
C GLU A 307 -51.34 19.47 -20.63
N LYS A 308 -50.34 18.61 -20.84
CA LYS A 308 -48.98 19.02 -21.10
C LYS A 308 -48.85 19.89 -22.36
N LEU A 309 -49.36 19.40 -23.48
CA LEU A 309 -49.33 20.15 -24.73
C LEU A 309 -50.03 21.49 -24.58
N SER A 310 -51.17 21.46 -23.90
CA SER A 310 -51.95 22.66 -23.68
C SER A 310 -51.20 23.67 -22.80
N PHE A 311 -50.55 23.17 -21.76
CA PHE A 311 -49.82 24.01 -20.84
C PHE A 311 -48.64 24.69 -21.54
N LEU A 312 -47.82 23.90 -22.23
CA LEU A 312 -46.66 24.42 -22.96
C LEU A 312 -47.08 25.37 -24.07
N GLN A 313 -48.18 25.05 -24.74
CA GLN A 313 -48.67 25.89 -25.82
C GLN A 313 -49.05 27.28 -25.28
N LYS A 314 -49.76 27.28 -24.15
CA LYS A 314 -50.19 28.52 -23.51
C LYS A 314 -49.04 29.39 -23.02
N HIS A 315 -48.01 28.77 -22.44
CA HIS A 315 -46.88 29.52 -21.89
C HIS A 315 -45.70 29.76 -22.84
N LEU A 316 -45.61 28.98 -23.91
CA LEU A 316 -44.48 29.11 -24.81
C LEU A 316 -44.79 29.32 -26.29
N LEU A 317 -45.51 28.37 -26.86
CA LEU A 317 -45.84 28.37 -28.27
C LEU A 317 -46.58 29.59 -28.78
N LEU A 318 -47.65 29.95 -28.10
CA LEU A 318 -48.45 31.07 -28.53
C LEU A 318 -48.20 32.30 -27.66
N MET B 1 -38.46 -7.16 -1.24
CA MET B 1 -39.57 -7.06 -0.24
C MET B 1 -39.55 -5.67 0.43
N GLN B 2 -40.66 -5.34 1.09
CA GLN B 2 -40.79 -4.04 1.74
C GLN B 2 -41.45 -4.24 3.10
N LEU B 3 -41.42 -3.20 3.93
CA LEU B 3 -42.07 -3.24 5.24
C LEU B 3 -43.51 -3.73 5.07
N PHE B 4 -44.04 -4.42 6.08
CA PHE B 4 -45.40 -4.94 5.98
C PHE B 4 -46.08 -5.26 7.32
N ASP B 5 -45.30 -5.68 8.31
CA ASP B 5 -45.85 -6.02 9.61
C ASP B 5 -46.11 -4.73 10.40
N LEU B 6 -46.25 -4.87 11.72
CA LEU B 6 -46.48 -3.72 12.60
C LEU B 6 -45.29 -2.78 12.51
N SER B 7 -45.49 -1.51 12.84
CA SER B 7 -44.42 -0.53 12.80
C SER B 7 -43.41 -0.92 13.88
N LEU B 8 -42.18 -0.43 13.76
CA LEU B 8 -41.15 -0.77 14.73
C LEU B 8 -41.61 -0.34 16.11
N GLU B 9 -42.25 0.81 16.18
CA GLU B 9 -42.73 1.33 17.46
C GLU B 9 -43.71 0.35 18.10
N GLU B 10 -44.58 -0.22 17.29
CA GLU B 10 -45.56 -1.18 17.77
C GLU B 10 -44.90 -2.53 18.11
N LEU B 11 -43.98 -2.97 17.26
CA LEU B 11 -43.29 -4.22 17.47
C LEU B 11 -42.63 -4.30 18.82
N LYS B 12 -41.98 -3.21 19.24
CA LYS B 12 -41.29 -3.17 20.53
C LYS B 12 -42.23 -3.38 21.70
N LYS B 13 -43.51 -3.06 21.51
CA LYS B 13 -44.50 -3.20 22.56
C LYS B 13 -45.37 -4.45 22.39
N TYR B 14 -45.22 -5.13 21.26
CA TYR B 14 -46.03 -6.31 21.00
C TYR B 14 -45.71 -7.46 21.92
N LYS B 15 -46.64 -7.78 22.81
CA LYS B 15 -46.45 -8.86 23.75
C LYS B 15 -47.80 -9.54 23.96
N PRO B 16 -48.17 -10.46 23.06
CA PRO B 16 -49.45 -11.19 23.12
C PRO B 16 -49.61 -12.09 24.37
N LYS B 17 -50.83 -12.17 24.87
CA LYS B 17 -51.09 -13.00 26.04
C LYS B 17 -50.69 -14.43 25.79
N LYS B 18 -50.03 -15.02 26.77
CA LYS B 18 -49.61 -16.40 26.65
C LYS B 18 -50.84 -17.25 26.30
N THR B 19 -50.61 -18.34 25.59
CA THR B 19 -51.70 -19.22 25.21
C THR B 19 -51.53 -20.56 25.88
N ALA B 20 -50.55 -20.65 26.77
CA ALA B 20 -50.26 -21.88 27.50
C ALA B 20 -51.48 -22.36 28.29
N ARG B 21 -51.78 -23.65 28.16
CA ARG B 21 -52.89 -24.25 28.88
C ARG B 21 -52.44 -24.45 30.31
N PRO B 22 -53.38 -24.73 31.23
CA PRO B 22 -53.07 -24.95 32.65
C PRO B 22 -52.09 -26.10 32.94
N ASP B 23 -52.01 -27.04 32.00
CA ASP B 23 -51.12 -28.20 32.15
C ASP B 23 -49.86 -28.05 31.32
N PHE B 24 -49.51 -26.82 30.99
CA PHE B 24 -48.32 -26.54 30.20
C PHE B 24 -47.04 -27.14 30.78
N SER B 25 -46.63 -26.67 31.95
CA SER B 25 -45.41 -27.22 32.53
C SER B 25 -45.56 -28.70 32.86
N ASP B 26 -46.77 -29.15 33.12
CA ASP B 26 -46.97 -30.55 33.43
C ASP B 26 -46.69 -31.40 32.20
N PHE B 27 -47.05 -30.88 31.03
CA PHE B 27 -46.83 -31.58 29.76
C PHE B 27 -45.35 -31.75 29.51
N TRP B 28 -44.60 -30.68 29.73
CA TRP B 28 -43.18 -30.73 29.52
C TRP B 28 -42.48 -31.56 30.58
N LYS B 29 -43.05 -31.58 31.78
CA LYS B 29 -42.45 -32.35 32.87
C LYS B 29 -42.57 -33.81 32.49
N LYS B 30 -43.76 -34.20 32.04
CA LYS B 30 -43.99 -35.58 31.62
C LYS B 30 -43.16 -35.95 30.41
N SER B 31 -43.09 -35.03 29.46
CA SER B 31 -42.34 -35.25 28.23
C SER B 31 -40.87 -35.46 28.53
N LEU B 32 -40.31 -34.61 29.38
CA LEU B 32 -38.90 -34.75 29.72
C LEU B 32 -38.68 -36.08 30.42
N GLU B 33 -39.67 -36.52 31.19
CA GLU B 33 -39.56 -37.78 31.91
C GLU B 33 -39.53 -38.96 30.95
N GLU B 34 -40.30 -38.89 29.87
CA GLU B 34 -40.31 -39.98 28.90
C GLU B 34 -38.98 -40.02 28.17
N LEU B 35 -38.37 -38.85 27.98
CA LEU B 35 -37.08 -38.76 27.33
C LEU B 35 -36.05 -39.44 28.23
N ARG B 36 -36.08 -39.06 29.51
CA ARG B 36 -35.15 -39.59 30.50
C ARG B 36 -35.17 -41.09 30.52
N GLN B 37 -36.31 -41.66 30.19
CA GLN B 37 -36.45 -43.11 30.18
C GLN B 37 -35.76 -43.79 29.01
N VAL B 38 -35.26 -42.99 28.07
CA VAL B 38 -34.54 -43.53 26.92
C VAL B 38 -33.05 -43.28 27.08
N GLU B 39 -32.28 -44.35 27.26
CA GLU B 39 -30.83 -44.22 27.40
C GLU B 39 -30.24 -43.59 26.14
N ALA B 40 -29.41 -42.57 26.33
CA ALA B 40 -28.81 -41.88 25.21
C ALA B 40 -28.03 -42.83 24.29
N GLU B 41 -27.18 -43.68 24.89
CA GLU B 41 -26.36 -44.62 24.11
C GLU B 41 -25.74 -43.93 22.90
N PRO B 42 -25.09 -42.78 23.11
CA PRO B 42 -24.49 -42.09 21.98
C PRO B 42 -23.37 -42.88 21.34
N THR B 43 -23.09 -42.58 20.07
CA THR B 43 -22.01 -43.24 19.34
C THR B 43 -21.26 -42.15 18.59
N LEU B 44 -19.97 -42.34 18.46
CA LEU B 44 -19.13 -41.36 17.80
C LEU B 44 -18.27 -42.07 16.76
N GLU B 45 -18.42 -41.68 15.50
CA GLU B 45 -17.67 -42.27 14.40
C GLU B 45 -16.93 -41.16 13.65
N SER B 46 -15.60 -41.24 13.61
CA SER B 46 -14.81 -40.22 12.94
C SER B 46 -15.25 -40.10 11.49
N TYR B 47 -15.17 -38.88 10.95
CA TYR B 47 -15.59 -38.60 9.59
C TYR B 47 -14.54 -37.74 8.88
N ASP B 48 -14.05 -38.18 7.72
CA ASP B 48 -13.04 -37.40 7.00
C ASP B 48 -13.59 -36.13 6.40
N TYR B 49 -12.83 -35.05 6.55
CA TYR B 49 -13.23 -33.75 6.01
C TYR B 49 -11.94 -32.99 5.69
N PRO B 50 -11.88 -32.36 4.51
CA PRO B 50 -10.69 -31.60 4.11
C PRO B 50 -10.46 -30.33 4.92
N VAL B 51 -10.06 -30.49 6.17
CA VAL B 51 -9.79 -29.35 7.04
C VAL B 51 -8.62 -29.68 7.96
N LYS B 52 -7.92 -28.65 8.40
CA LYS B 52 -6.77 -28.83 9.26
C LYS B 52 -7.10 -28.21 10.61
N GLY B 53 -6.72 -28.89 11.69
CA GLY B 53 -6.98 -28.35 13.02
C GLY B 53 -8.34 -28.67 13.61
N VAL B 54 -9.09 -29.53 12.94
CA VAL B 54 -10.41 -29.91 13.40
C VAL B 54 -10.69 -31.39 13.13
N LYS B 55 -11.30 -32.07 14.10
CA LYS B 55 -11.66 -33.47 13.96
C LYS B 55 -13.17 -33.53 13.84
N VAL B 56 -13.65 -34.18 12.79
CA VAL B 56 -15.07 -34.27 12.57
C VAL B 56 -15.57 -35.68 12.86
N TYR B 57 -16.78 -35.77 13.40
CA TYR B 57 -17.36 -37.07 13.70
C TYR B 57 -18.82 -37.07 13.31
N ARG B 58 -19.38 -38.26 13.23
CA ARG B 58 -20.80 -38.40 12.95
C ARG B 58 -21.25 -38.78 14.36
N LEU B 59 -22.20 -38.05 14.93
CA LEU B 59 -22.68 -38.35 16.27
C LEU B 59 -24.13 -38.78 16.23
N THR B 60 -24.46 -39.84 16.95
CA THR B 60 -25.84 -40.29 16.99
C THR B 60 -26.17 -40.62 18.44
N TYR B 61 -27.45 -40.54 18.77
CA TYR B 61 -27.92 -40.85 20.11
C TYR B 61 -29.39 -41.19 20.07
N GLN B 62 -29.85 -41.88 21.11
CA GLN B 62 -31.25 -42.28 21.21
C GLN B 62 -32.01 -41.21 21.98
N SER B 63 -33.20 -40.88 21.50
CA SER B 63 -34.00 -39.87 22.14
C SER B 63 -35.46 -40.29 22.23
N PHE B 64 -36.33 -39.34 22.53
CA PHE B 64 -37.77 -39.59 22.64
C PHE B 64 -38.28 -40.58 21.59
N GLY B 65 -39.08 -41.54 22.04
CA GLY B 65 -39.61 -42.53 21.12
C GLY B 65 -38.54 -43.47 20.58
N HIS B 66 -37.38 -43.51 21.24
CA HIS B 66 -36.30 -44.38 20.82
C HIS B 66 -35.84 -44.07 19.40
N SER B 67 -35.92 -42.79 19.03
CA SER B 67 -35.50 -42.35 17.70
C SER B 67 -34.01 -42.10 17.73
N LYS B 68 -33.35 -42.47 16.64
CA LYS B 68 -31.92 -42.26 16.52
C LYS B 68 -31.67 -40.90 15.88
N ILE B 69 -31.12 -39.97 16.67
CA ILE B 69 -30.83 -38.64 16.20
C ILE B 69 -29.37 -38.55 15.76
N GLU B 70 -29.11 -37.83 14.67
CA GLU B 70 -27.74 -37.69 14.18
C GLU B 70 -27.34 -36.26 13.89
N GLY B 71 -26.09 -36.11 13.50
CA GLY B 71 -25.56 -34.81 13.17
C GLY B 71 -24.05 -34.87 13.21
N PHE B 72 -23.41 -33.98 12.47
CA PHE B 72 -21.97 -33.97 12.48
C PHE B 72 -21.53 -33.26 13.74
N TYR B 73 -20.37 -33.65 14.23
CA TYR B 73 -19.79 -33.07 15.43
C TYR B 73 -18.34 -32.77 15.13
N ALA B 74 -17.99 -31.48 15.16
CA ALA B 74 -16.63 -31.04 14.87
C ALA B 74 -16.00 -30.52 16.16
N VAL B 75 -14.75 -30.87 16.37
CA VAL B 75 -14.04 -30.46 17.57
C VAL B 75 -12.70 -29.86 17.21
N PRO B 76 -12.34 -28.75 17.87
CA PRO B 76 -11.05 -28.14 17.58
C PRO B 76 -10.01 -29.22 17.87
N ASP B 77 -9.01 -29.35 17.01
CA ASP B 77 -7.99 -30.38 17.22
C ASP B 77 -6.88 -29.85 18.13
N GLN B 78 -7.21 -29.73 19.41
CA GLN B 78 -6.28 -29.28 20.43
C GLN B 78 -6.87 -29.75 21.76
N THR B 79 -6.06 -29.70 22.82
CA THR B 79 -6.50 -30.14 24.13
C THR B 79 -7.64 -29.29 24.66
N GLY B 80 -8.64 -29.97 25.23
CA GLY B 80 -9.79 -29.29 25.78
C GLY B 80 -9.60 -28.95 27.24
N PRO B 81 -10.69 -28.72 27.98
CA PRO B 81 -12.07 -28.77 27.47
C PRO B 81 -12.32 -27.61 26.53
N HIS B 82 -13.26 -27.80 25.61
CA HIS B 82 -13.60 -26.74 24.66
C HIS B 82 -15.00 -26.21 24.92
N PRO B 83 -15.25 -24.95 24.54
CA PRO B 83 -16.59 -24.42 24.74
C PRO B 83 -17.35 -25.11 23.64
N ALA B 84 -18.63 -25.36 23.81
CA ALA B 84 -19.37 -26.07 22.77
C ALA B 84 -20.60 -25.34 22.27
N LEU B 85 -21.10 -25.80 21.13
CA LEU B 85 -22.29 -25.24 20.52
C LEU B 85 -23.17 -26.33 19.96
N VAL B 86 -24.47 -26.21 20.20
CA VAL B 86 -25.39 -27.17 19.60
C VAL B 86 -26.12 -26.29 18.60
N ARG B 87 -25.87 -26.51 17.32
CA ARG B 87 -26.48 -25.72 16.27
C ARG B 87 -27.68 -26.45 15.70
N PHE B 88 -28.78 -25.71 15.52
CA PHE B 88 -30.00 -26.27 14.97
C PHE B 88 -30.27 -25.63 13.62
N HIS B 89 -30.60 -26.44 12.64
CA HIS B 89 -30.85 -25.91 11.29
C HIS B 89 -32.29 -25.47 11.06
N GLY B 90 -32.49 -24.72 9.98
CA GLY B 90 -33.81 -24.22 9.64
C GLY B 90 -34.70 -25.28 9.03
N TYR B 91 -35.98 -24.98 8.95
CA TYR B 91 -37.00 -25.87 8.43
C TYR B 91 -36.70 -26.31 7.00
N ASN B 92 -36.47 -27.60 6.82
CA ASN B 92 -36.20 -28.16 5.49
C ASN B 92 -35.03 -27.45 4.84
N ALA B 93 -34.16 -26.86 5.66
CA ALA B 93 -33.02 -26.10 5.18
C ALA B 93 -31.67 -26.72 5.45
N SER B 94 -31.63 -28.02 5.65
CA SER B 94 -30.35 -28.68 5.92
C SER B 94 -29.83 -29.41 4.69
N TYR B 95 -28.64 -29.02 4.24
CA TYR B 95 -28.03 -29.63 3.09
C TYR B 95 -26.78 -30.35 3.55
N ASP B 96 -26.70 -31.66 3.30
CA ASP B 96 -25.53 -32.43 3.70
C ASP B 96 -25.16 -32.18 5.16
N GLY B 97 -26.18 -32.12 6.01
CA GLY B 97 -25.96 -31.91 7.44
C GLY B 97 -25.29 -30.61 7.85
N GLY B 98 -25.28 -29.61 6.96
CA GLY B 98 -24.66 -28.33 7.28
C GLY B 98 -23.25 -28.51 7.81
N ILE B 99 -22.61 -29.58 7.36
CA ILE B 99 -21.24 -29.93 7.79
C ILE B 99 -20.19 -28.84 7.65
N HIS B 100 -20.23 -28.09 6.56
CA HIS B 100 -19.27 -27.03 6.34
C HIS B 100 -19.35 -25.93 7.39
N ASP B 101 -20.56 -25.61 7.83
CA ASP B 101 -20.71 -24.57 8.84
C ASP B 101 -20.31 -25.12 10.21
N ILE B 102 -20.62 -26.40 10.45
CA ILE B 102 -20.25 -27.05 11.71
C ILE B 102 -18.73 -27.00 11.83
N VAL B 103 -18.04 -27.35 10.75
CA VAL B 103 -16.59 -27.31 10.77
C VAL B 103 -16.06 -25.90 11.04
N ASN B 104 -16.66 -24.90 10.40
CA ASN B 104 -16.20 -23.55 10.61
C ASN B 104 -16.41 -23.13 12.06
N TRP B 105 -17.51 -23.58 12.65
CA TRP B 105 -17.75 -23.22 14.04
C TRP B 105 -16.62 -23.80 14.89
N ALA B 106 -16.18 -25.00 14.54
CA ALA B 106 -15.10 -25.65 15.29
C ALA B 106 -13.81 -24.88 15.08
N LEU B 107 -13.62 -24.33 13.88
CA LEU B 107 -12.43 -23.53 13.58
C LEU B 107 -12.45 -22.26 14.40
N HIS B 108 -13.64 -21.82 14.79
CA HIS B 108 -13.77 -20.62 15.60
C HIS B 108 -13.49 -20.98 17.05
N GLY B 109 -13.22 -22.26 17.30
CA GLY B 109 -12.92 -22.74 18.63
C GLY B 109 -14.02 -23.45 19.38
N TYR B 110 -15.11 -23.78 18.70
CA TYR B 110 -16.23 -24.44 19.37
C TYR B 110 -16.46 -25.90 18.99
N ALA B 111 -16.54 -26.75 19.99
CA ALA B 111 -16.84 -28.16 19.74
C ALA B 111 -18.30 -28.00 19.32
N THR B 112 -18.60 -28.23 18.05
CA THR B 112 -19.96 -28.05 17.54
C THR B 112 -20.69 -29.29 17.01
N PHE B 113 -21.96 -29.39 17.38
CA PHE B 113 -22.82 -30.49 16.95
C PHE B 113 -24.03 -29.92 16.23
N GLY B 114 -24.21 -30.30 14.97
CA GLY B 114 -25.35 -29.82 14.23
C GLY B 114 -26.44 -30.87 14.28
N MET B 115 -27.30 -30.80 15.29
CA MET B 115 -28.37 -31.78 15.40
C MET B 115 -29.31 -31.68 14.23
N LEU B 116 -29.47 -32.79 13.52
CA LEU B 116 -30.38 -32.84 12.39
C LEU B 116 -31.81 -33.09 12.90
N VAL B 117 -32.74 -32.25 12.46
CA VAL B 117 -34.13 -32.35 12.90
C VAL B 117 -34.87 -33.49 12.21
N ARG B 118 -35.46 -34.34 13.04
CA ARG B 118 -36.21 -35.51 12.58
C ARG B 118 -36.81 -35.45 11.19
N GLY B 119 -36.45 -36.43 10.37
CA GLY B 119 -36.99 -36.51 9.02
C GLY B 119 -36.65 -35.38 8.07
N GLN B 120 -36.00 -34.33 8.58
CA GLN B 120 -35.62 -33.19 7.73
C GLN B 120 -34.20 -33.32 7.21
N GLY B 121 -33.26 -32.70 7.90
CA GLY B 121 -31.87 -32.74 7.48
C GLY B 121 -31.25 -34.09 7.82
N GLY B 122 -31.99 -34.90 8.55
CA GLY B 122 -31.49 -36.21 8.94
C GLY B 122 -32.21 -36.68 10.18
N SER B 123 -31.67 -37.70 10.82
CA SER B 123 -32.25 -38.25 12.03
C SER B 123 -33.52 -39.03 11.76
N GLU B 124 -33.80 -39.98 12.64
CA GLU B 124 -34.96 -40.84 12.53
C GLU B 124 -36.13 -40.30 13.35
N ASP B 125 -37.34 -40.45 12.82
CA ASP B 125 -38.53 -40.03 13.54
C ASP B 125 -39.43 -41.25 13.68
N THR B 126 -39.44 -41.83 14.87
CA THR B 126 -40.25 -43.02 15.09
C THR B 126 -41.71 -42.70 15.36
N SER B 127 -41.99 -41.44 15.66
CA SER B 127 -43.36 -41.04 15.95
C SER B 127 -44.24 -41.28 14.75
N VAL B 128 -45.36 -41.95 15.02
CA VAL B 128 -46.37 -42.32 14.04
C VAL B 128 -47.16 -41.11 13.55
N THR B 129 -47.73 -41.22 12.37
CA THR B 129 -48.53 -40.13 11.82
C THR B 129 -49.95 -40.53 12.17
N PRO B 130 -50.56 -39.85 13.16
CA PRO B 130 -51.93 -40.15 13.61
C PRO B 130 -52.95 -40.10 12.50
N GLY B 131 -52.87 -39.05 11.69
CA GLY B 131 -53.82 -38.93 10.59
C GLY B 131 -53.40 -37.95 9.53
N GLY B 132 -54.37 -37.51 8.73
CA GLY B 132 -54.07 -36.57 7.67
C GLY B 132 -53.52 -35.24 8.15
N HIS B 133 -52.65 -34.65 7.33
CA HIS B 133 -52.08 -33.36 7.65
C HIS B 133 -51.58 -32.70 6.36
N ALA B 134 -51.34 -31.39 6.43
CA ALA B 134 -50.88 -30.68 5.26
C ALA B 134 -49.47 -31.12 4.88
N LEU B 135 -49.11 -30.89 3.62
CA LEU B 135 -47.79 -31.23 3.08
C LEU B 135 -46.77 -30.54 3.99
N GLY B 136 -45.87 -31.32 4.59
CA GLY B 136 -44.86 -30.76 5.48
C GLY B 136 -44.88 -31.38 6.87
N TRP B 137 -44.07 -30.84 7.77
CA TRP B 137 -43.99 -31.34 9.13
C TRP B 137 -44.79 -30.50 10.12
N MET B 138 -45.10 -29.27 9.72
CA MET B 138 -45.83 -28.34 10.58
C MET B 138 -47.12 -28.83 11.21
N THR B 139 -47.84 -29.71 10.50
CA THR B 139 -49.10 -30.20 11.04
C THR B 139 -49.14 -31.69 11.35
N LYS B 140 -47.98 -32.35 11.30
CA LYS B 140 -47.94 -33.79 11.60
C LYS B 140 -48.30 -34.02 13.07
N GLY B 141 -49.34 -34.81 13.30
CA GLY B 141 -49.79 -35.12 14.65
C GLY B 141 -50.27 -33.90 15.43
N ILE B 142 -50.75 -32.88 14.70
CA ILE B 142 -51.18 -31.63 15.32
C ILE B 142 -52.45 -31.70 16.19
N LEU B 143 -53.17 -32.81 16.13
CA LEU B 143 -54.38 -32.92 16.93
C LEU B 143 -54.13 -33.34 18.38
N SER B 144 -52.86 -33.40 18.78
CA SER B 144 -52.54 -33.76 20.14
C SER B 144 -51.11 -33.41 20.50
N LYS B 145 -50.94 -32.78 21.66
CA LYS B 145 -49.62 -32.40 22.10
C LYS B 145 -48.68 -33.60 22.25
N ASP B 146 -49.25 -34.78 22.50
CA ASP B 146 -48.43 -35.98 22.65
C ASP B 146 -47.90 -36.50 21.32
N THR B 147 -48.67 -36.29 20.26
CA THR B 147 -48.29 -36.76 18.94
C THR B 147 -47.65 -35.71 18.05
N TYR B 148 -47.72 -34.44 18.44
CA TYR B 148 -47.16 -33.37 17.61
C TYR B 148 -45.68 -33.49 17.24
N TYR B 149 -45.40 -33.29 15.96
CA TYR B 149 -44.04 -33.39 15.43
C TYR B 149 -42.93 -32.80 16.29
N TYR B 150 -43.09 -31.55 16.71
CA TYR B 150 -42.05 -30.90 17.50
C TYR B 150 -41.86 -31.39 18.93
N ARG B 151 -42.73 -32.27 19.40
CA ARG B 151 -42.57 -32.78 20.75
C ARG B 151 -41.26 -33.55 20.74
N GLY B 152 -41.14 -34.46 19.79
CA GLY B 152 -39.92 -35.23 19.66
C GLY B 152 -38.73 -34.35 19.36
N VAL B 153 -38.91 -33.40 18.45
CA VAL B 153 -37.82 -32.49 18.08
C VAL B 153 -37.27 -31.74 19.28
N TYR B 154 -38.14 -31.08 20.04
CA TYR B 154 -37.71 -30.32 21.21
C TYR B 154 -36.95 -31.19 22.19
N LEU B 155 -37.44 -32.42 22.36
CA LEU B 155 -36.80 -33.36 23.26
C LEU B 155 -35.43 -33.78 22.71
N ASP B 156 -35.35 -33.94 21.39
CA ASP B 156 -34.08 -34.31 20.77
C ASP B 156 -33.08 -33.21 21.08
N ALA B 157 -33.55 -31.97 21.03
CA ALA B 157 -32.72 -30.81 21.28
C ALA B 157 -32.17 -30.85 22.70
N VAL B 158 -33.03 -31.18 23.65
CA VAL B 158 -32.59 -31.26 25.05
C VAL B 158 -31.59 -32.41 25.22
N ARG B 159 -31.94 -33.57 24.67
CA ARG B 159 -31.07 -34.72 24.75
C ARG B 159 -29.71 -34.42 24.10
N ALA B 160 -29.71 -33.59 23.07
CA ALA B 160 -28.47 -33.23 22.39
C ALA B 160 -27.54 -32.55 23.37
N LEU B 161 -28.10 -31.65 24.18
CA LEU B 161 -27.34 -30.92 25.18
C LEU B 161 -26.81 -31.86 26.27
N GLU B 162 -27.61 -32.85 26.64
CA GLU B 162 -27.20 -33.80 27.66
C GLU B 162 -26.02 -34.65 27.16
N VAL B 163 -26.11 -35.06 25.91
CA VAL B 163 -25.05 -35.87 25.31
C VAL B 163 -23.75 -35.07 25.19
N ILE B 164 -23.85 -33.88 24.59
CA ILE B 164 -22.69 -33.01 24.41
C ILE B 164 -21.98 -32.71 25.71
N GLN B 165 -22.73 -32.29 26.71
CA GLN B 165 -22.14 -31.94 27.99
C GLN B 165 -21.44 -33.12 28.65
N SER B 166 -21.87 -34.33 28.33
CA SER B 166 -21.26 -35.52 28.93
C SER B 166 -19.86 -35.76 28.38
N PHE B 167 -19.58 -35.22 27.20
CA PHE B 167 -18.26 -35.40 26.59
C PHE B 167 -17.18 -34.76 27.44
N PRO B 168 -16.14 -35.54 27.75
CA PRO B 168 -15.04 -35.04 28.57
C PRO B 168 -14.29 -33.86 27.96
N GLU B 169 -14.22 -33.81 26.63
CA GLU B 169 -13.52 -32.72 25.95
C GLU B 169 -14.39 -31.47 25.87
N VAL B 170 -15.60 -31.56 26.40
CA VAL B 170 -16.52 -30.42 26.37
C VAL B 170 -16.63 -29.79 27.75
N ASP B 171 -16.52 -28.47 27.80
CA ASP B 171 -16.66 -27.74 29.05
C ASP B 171 -18.16 -27.50 29.26
N GLU B 172 -18.77 -28.36 30.07
CA GLU B 172 -20.19 -28.25 30.35
C GLU B 172 -20.68 -26.86 30.77
N HIS B 173 -19.79 -26.02 31.28
CA HIS B 173 -20.19 -24.69 31.72
C HIS B 173 -20.10 -23.63 30.63
N ARG B 174 -19.69 -24.05 29.44
CA ARG B 174 -19.58 -23.11 28.33
C ARG B 174 -20.23 -23.69 27.08
N ILE B 175 -21.51 -24.02 27.19
CA ILE B 175 -22.22 -24.56 26.06
C ILE B 175 -23.27 -23.54 25.61
N GLY B 176 -23.31 -23.27 24.31
CA GLY B 176 -24.30 -22.34 23.81
C GLY B 176 -25.16 -23.04 22.80
N VAL B 177 -26.40 -22.57 22.62
CA VAL B 177 -27.30 -23.15 21.63
C VAL B 177 -27.62 -22.06 20.62
N ILE B 178 -27.45 -22.38 19.35
CA ILE B 178 -27.71 -21.40 18.31
C ILE B 178 -28.51 -22.00 17.17
N GLY B 179 -29.13 -21.14 16.38
CA GLY B 179 -29.91 -21.62 15.25
C GLY B 179 -30.68 -20.51 14.58
N GLY B 180 -31.09 -20.75 13.34
CA GLY B 180 -31.86 -19.75 12.63
C GLY B 180 -33.26 -20.25 12.34
N TIS B 181 -34.25 -19.36 12.48
CA TIS B 181 -35.63 -19.75 12.18
CB TIS B 181 -35.69 -20.10 10.69
OG TIS B 181 -37.00 -20.44 10.24
C TIS B 181 -36.05 -20.93 13.07
O TIS B 181 -36.20 -20.80 14.29
C1T TIS B 181 -37.30 -21.52 9.32
O1T TIS B 181 -36.75 -21.24 8.03
O2T TIS B 181 -36.72 -22.72 9.81
C2T TIS B 181 -38.81 -21.68 9.21
N GLN B 182 -36.25 -22.09 12.45
CA GLN B 182 -36.64 -23.26 13.21
C GLN B 182 -35.53 -23.53 14.20
N GLY B 183 -34.29 -23.33 13.74
CA GLY B 183 -33.12 -23.55 14.57
C GLY B 183 -33.09 -22.61 15.76
N GLY B 184 -33.52 -21.38 15.54
CA GLY B 184 -33.56 -20.41 16.62
C GLY B 184 -34.62 -20.81 17.61
N ALA B 185 -35.73 -21.35 17.12
CA ALA B 185 -36.81 -21.79 17.98
C ALA B 185 -36.34 -22.97 18.83
N LEU B 186 -35.61 -23.91 18.23
CA LEU B 186 -35.12 -25.04 18.99
C LEU B 186 -34.14 -24.56 20.04
N ALA B 187 -33.35 -23.56 19.69
CA ALA B 187 -32.37 -23.04 20.63
C ALA B 187 -33.09 -22.50 21.87
N ILE B 188 -34.06 -21.64 21.63
CA ILE B 188 -34.84 -21.05 22.72
C ILE B 188 -35.60 -22.13 23.49
N ALA B 189 -36.19 -23.10 22.78
CA ALA B 189 -36.93 -24.16 23.46
C ALA B 189 -35.99 -25.01 24.32
N ALA B 190 -34.78 -25.26 23.84
CA ALA B 190 -33.82 -26.06 24.59
C ALA B 190 -33.38 -25.33 25.86
N ALA B 191 -33.19 -24.02 25.77
CA ALA B 191 -32.77 -23.24 26.93
C ALA B 191 -33.90 -23.16 27.96
N ALA B 192 -35.13 -23.29 27.48
CA ALA B 192 -36.30 -23.21 28.34
C ALA B 192 -36.52 -24.53 29.09
N LEU B 193 -36.18 -25.64 28.46
CA LEU B 193 -36.37 -26.97 29.04
C LEU B 193 -35.14 -27.53 29.73
N SER B 194 -33.97 -26.96 29.45
CA SER B 194 -32.74 -27.44 30.04
C SER B 194 -31.90 -26.27 30.50
N ASP B 195 -31.25 -26.42 31.65
CA ASP B 195 -30.41 -25.35 32.16
C ASP B 195 -28.95 -25.60 31.77
N ILE B 196 -28.72 -26.60 30.91
CA ILE B 196 -27.37 -26.92 30.47
C ILE B 196 -26.78 -25.76 29.67
N PRO B 197 -27.54 -25.21 28.70
CA PRO B 197 -27.05 -24.09 27.89
C PRO B 197 -26.70 -22.88 28.74
N LYS B 198 -25.59 -22.23 28.41
CA LYS B 198 -25.18 -21.03 29.13
C LYS B 198 -25.78 -19.81 28.44
N VAL B 199 -25.70 -19.78 27.12
CA VAL B 199 -26.22 -18.65 26.35
C VAL B 199 -27.02 -19.15 25.18
N VAL B 200 -27.81 -18.25 24.61
CA VAL B 200 -28.67 -18.60 23.49
C VAL B 200 -28.64 -17.58 22.37
N VAL B 201 -28.47 -18.07 21.14
CA VAL B 201 -28.50 -17.18 19.99
C VAL B 201 -29.57 -17.69 19.04
N ALA B 202 -30.55 -16.86 18.75
CA ALA B 202 -31.63 -17.26 17.86
C ALA B 202 -31.86 -16.23 16.77
N ASP B 203 -31.73 -16.66 15.52
CA ASP B 203 -31.95 -15.77 14.38
C ASP B 203 -33.41 -15.89 13.99
N TYR B 204 -34.14 -14.77 14.04
CA TYR B 204 -35.57 -14.75 13.69
C TYR B 204 -36.28 -16.09 13.96
N PRO B 205 -36.36 -16.47 15.25
CA PRO B 205 -36.99 -17.70 15.69
C PRO B 205 -38.39 -17.99 15.12
N TYR B 206 -38.57 -19.25 14.74
CA TYR B 206 -39.82 -19.75 14.19
C TYR B 206 -40.69 -20.29 15.35
N LEU B 207 -41.82 -20.91 15.03
CA LEU B 207 -42.71 -21.50 16.02
C LEU B 207 -43.07 -20.50 17.13
N SER B 208 -43.45 -19.29 16.73
CA SER B 208 -43.76 -18.26 17.71
C SER B 208 -45.07 -17.51 17.40
N ASN B 209 -45.93 -17.41 18.42
CA ASN B 209 -47.20 -16.71 18.28
C ASN B 209 -47.98 -17.24 17.09
N PHE B 210 -48.19 -18.55 17.07
CA PHE B 210 -48.91 -19.22 15.98
C PHE B 210 -50.19 -18.55 15.52
N GLU B 211 -51.06 -18.23 16.48
CA GLU B 211 -52.33 -17.63 16.15
C GLU B 211 -52.21 -16.37 15.31
N ARG B 212 -51.12 -15.62 15.50
CA ARG B 212 -50.93 -14.43 14.71
C ARG B 212 -50.19 -14.78 13.42
N ALA B 213 -49.20 -15.65 13.56
CA ALA B 213 -48.38 -16.04 12.43
C ALA B 213 -49.22 -16.45 11.24
N VAL B 214 -50.23 -17.29 11.45
CA VAL B 214 -51.06 -17.75 10.34
C VAL B 214 -51.87 -16.64 9.68
N ASP B 215 -51.90 -15.46 10.30
CA ASP B 215 -52.65 -14.34 9.73
C ASP B 215 -51.73 -13.27 9.15
N VAL B 216 -50.43 -13.35 9.48
CA VAL B 216 -49.47 -12.37 9.02
C VAL B 216 -48.42 -12.90 8.03
N ALA B 217 -48.00 -14.14 8.23
CA ALA B 217 -47.01 -14.72 7.32
C ALA B 217 -47.50 -14.68 5.87
N LEU B 218 -46.56 -14.50 4.95
CA LEU B 218 -46.89 -14.46 3.53
C LEU B 218 -46.19 -15.58 2.75
N GLU B 219 -45.42 -16.41 3.46
CA GLU B 219 -44.71 -17.50 2.83
C GLU B 219 -44.76 -18.71 3.76
N GLN B 220 -44.26 -19.83 3.27
CA GLN B 220 -44.19 -21.04 4.06
C GLN B 220 -43.15 -20.78 5.16
N PRO B 221 -43.12 -21.63 6.19
CA PRO B 221 -43.95 -22.81 6.40
C PRO B 221 -45.11 -22.61 7.37
N TYR B 222 -45.27 -21.41 7.92
CA TYR B 222 -46.39 -21.19 8.84
C TYR B 222 -47.70 -21.50 8.15
N LEU B 223 -47.79 -21.12 6.88
CA LEU B 223 -49.02 -21.32 6.13
C LEU B 223 -49.42 -22.78 5.97
N GLU B 224 -48.55 -23.69 6.39
CA GLU B 224 -48.85 -25.11 6.30
C GLU B 224 -50.06 -25.35 7.20
N ILE B 225 -50.13 -24.57 8.28
CA ILE B 225 -51.24 -24.66 9.21
C ILE B 225 -52.51 -24.26 8.48
N ASN B 226 -52.44 -23.14 7.76
CA ASN B 226 -53.58 -22.65 6.99
C ASN B 226 -54.04 -23.72 6.01
N SER B 227 -53.07 -24.37 5.36
CA SER B 227 -53.38 -25.42 4.38
C SER B 227 -54.08 -26.58 5.07
N TYR B 228 -53.64 -26.87 6.29
CA TYR B 228 -54.21 -27.94 7.08
C TYR B 228 -55.69 -27.66 7.33
N PHE B 229 -56.01 -26.46 7.80
CA PHE B 229 -57.41 -26.11 8.07
C PHE B 229 -58.26 -26.12 6.80
N ARG B 230 -57.66 -25.79 5.66
CA ARG B 230 -58.39 -25.82 4.39
C ARG B 230 -58.81 -27.25 4.09
N ARG B 231 -58.01 -28.21 4.54
CA ARG B 231 -58.30 -29.62 4.29
C ARG B 231 -59.14 -30.29 5.38
N ASN B 232 -59.31 -29.59 6.50
CA ASN B 232 -60.11 -30.09 7.61
C ASN B 232 -60.92 -28.93 8.14
N SER B 233 -62.06 -28.68 7.50
CA SER B 233 -62.93 -27.56 7.87
C SER B 233 -63.57 -27.62 9.25
N ASP B 234 -63.56 -28.78 9.88
CA ASP B 234 -64.17 -28.91 11.21
C ASP B 234 -63.64 -27.86 12.18
N PRO B 235 -64.53 -27.00 12.68
CA PRO B 235 -64.15 -25.94 13.61
C PRO B 235 -63.41 -26.48 14.83
N LYS B 236 -63.81 -27.65 15.30
CA LYS B 236 -63.15 -28.22 16.46
C LYS B 236 -61.70 -28.57 16.17
N VAL B 237 -61.41 -28.90 14.90
CA VAL B 237 -60.04 -29.24 14.53
C VAL B 237 -59.14 -28.02 14.67
N GLU B 238 -59.67 -26.85 14.35
CA GLU B 238 -58.89 -25.64 14.46
C GLU B 238 -58.61 -25.30 15.92
N GLU B 239 -59.61 -25.44 16.79
CA GLU B 239 -59.42 -25.15 18.20
C GLU B 239 -58.36 -26.10 18.76
N LYS B 240 -58.51 -27.37 18.41
CA LYS B 240 -57.61 -28.40 18.88
C LYS B 240 -56.19 -28.11 18.42
N ALA B 241 -56.03 -27.85 17.12
CA ALA B 241 -54.72 -27.58 16.53
C ALA B 241 -54.00 -26.47 17.27
N PHE B 242 -54.68 -25.35 17.47
CA PHE B 242 -54.07 -24.23 18.18
C PHE B 242 -53.80 -24.57 19.63
N GLU B 243 -54.60 -25.49 20.16
CA GLU B 243 -54.44 -25.93 21.54
C GLU B 243 -53.11 -26.67 21.57
N THR B 244 -52.92 -27.55 20.60
CA THR B 244 -51.69 -28.32 20.51
C THR B 244 -50.47 -27.42 20.33
N LEU B 245 -50.55 -26.50 19.38
CA LEU B 245 -49.45 -25.59 19.10
C LEU B 245 -49.03 -24.74 20.29
N SER B 246 -49.96 -24.42 21.18
CA SER B 246 -49.61 -23.57 22.33
C SER B 246 -48.52 -24.18 23.22
N TYR B 247 -48.48 -25.52 23.28
CA TYR B 247 -47.49 -26.23 24.10
C TYR B 247 -46.09 -26.13 23.51
N PHE B 248 -45.98 -25.64 22.28
CA PHE B 248 -44.68 -25.53 21.62
C PHE B 248 -44.36 -24.11 21.21
N ASP B 249 -45.30 -23.20 21.43
CA ASP B 249 -45.16 -21.80 21.06
C ASP B 249 -44.13 -21.08 21.92
N LEU B 250 -43.19 -20.43 21.27
CA LEU B 250 -42.14 -19.72 21.98
C LEU B 250 -42.64 -18.69 22.97
N ILE B 251 -43.80 -18.10 22.72
CA ILE B 251 -44.28 -17.08 23.64
C ILE B 251 -44.63 -17.69 24.99
N ASN B 252 -44.80 -19.00 24.99
CA ASN B 252 -45.13 -19.70 26.23
C ASN B 252 -43.90 -20.33 26.86
N LEU B 253 -42.86 -20.51 26.05
CA LEU B 253 -41.62 -21.10 26.55
C LEU B 253 -40.60 -20.04 26.96
N ALA B 254 -40.61 -18.92 26.26
CA ALA B 254 -39.69 -17.82 26.52
C ALA B 254 -39.46 -17.52 28.00
N GLY B 255 -40.56 -17.48 28.75
CA GLY B 255 -40.48 -17.19 30.18
C GLY B 255 -39.58 -18.09 31.00
N TRP B 256 -39.30 -19.29 30.52
CA TRP B 256 -38.44 -20.19 31.27
C TRP B 256 -36.96 -19.99 30.99
N VAL B 257 -36.66 -19.22 29.95
CA VAL B 257 -35.27 -18.96 29.58
C VAL B 257 -34.61 -18.01 30.58
N LYS B 258 -33.51 -18.47 31.16
CA LYS B 258 -32.77 -17.68 32.14
C LYS B 258 -31.39 -17.32 31.60
N GLN B 259 -31.02 -17.91 30.47
CA GLN B 259 -29.71 -17.66 29.88
C GLN B 259 -29.64 -16.40 29.05
N PRO B 260 -28.46 -15.77 28.99
CA PRO B 260 -28.30 -14.55 28.18
C PRO B 260 -28.72 -14.95 26.76
N THR B 261 -29.57 -14.14 26.14
CA THR B 261 -30.06 -14.45 24.80
C THR B 261 -29.89 -13.33 23.79
N LEU B 262 -29.46 -13.69 22.59
CA LEU B 262 -29.26 -12.75 21.50
C LEU B 262 -30.15 -13.17 20.34
N MET B 263 -30.99 -12.26 19.89
CA MET B 263 -31.91 -12.54 18.78
C MET B 263 -31.75 -11.53 17.66
N ALA B 264 -32.23 -11.88 16.48
CA ALA B 264 -32.14 -10.99 15.35
C ALA B 264 -33.45 -11.07 14.59
N ILE B 265 -33.77 -10.00 13.87
CA ILE B 265 -34.98 -9.99 13.06
C ILE B 265 -34.86 -8.99 11.92
N GLY B 266 -35.27 -9.41 10.74
CA GLY B 266 -35.25 -8.51 9.60
C GLY B 266 -36.67 -7.97 9.50
N LEU B 267 -36.84 -6.67 9.29
CA LEU B 267 -38.17 -6.10 9.22
C LEU B 267 -38.97 -6.43 7.96
N ILE B 268 -38.32 -7.02 6.96
CA ILE B 268 -39.07 -7.38 5.77
C ILE B 268 -39.15 -8.90 5.65
N ASP B 269 -38.95 -9.59 6.77
CA ASP B 269 -39.00 -11.05 6.80
C ASP B 269 -40.46 -11.51 6.63
N LYS B 270 -40.74 -12.25 5.57
CA LYS B 270 -42.10 -12.71 5.34
C LYS B 270 -42.36 -14.15 5.81
N ILE B 271 -41.31 -14.85 6.22
CA ILE B 271 -41.43 -16.23 6.69
C ILE B 271 -41.69 -16.25 8.20
N THR B 272 -40.89 -15.50 8.94
CA THR B 272 -41.06 -15.37 10.37
C THR B 272 -41.29 -13.89 10.57
N PRO B 273 -42.55 -13.45 10.42
CA PRO B 273 -42.91 -12.03 10.57
C PRO B 273 -42.36 -11.36 11.82
N PRO B 274 -41.86 -10.13 11.68
CA PRO B 274 -41.30 -9.38 12.82
C PRO B 274 -42.14 -9.46 14.09
N SER B 275 -43.45 -9.28 13.95
CA SER B 275 -44.34 -9.35 15.09
C SER B 275 -44.21 -10.68 15.85
N THR B 276 -44.12 -11.79 15.14
CA THR B 276 -44.02 -13.07 15.82
C THR B 276 -42.68 -13.26 16.50
N VAL B 277 -41.66 -12.57 15.99
CA VAL B 277 -40.34 -12.68 16.60
C VAL B 277 -40.24 -11.76 17.80
N PHE B 278 -40.78 -10.55 17.66
CA PHE B 278 -40.79 -9.60 18.77
C PHE B 278 -41.63 -10.20 19.90
N ALA B 279 -42.67 -10.95 19.53
CA ALA B 279 -43.53 -11.58 20.52
C ALA B 279 -42.70 -12.52 21.39
N ALA B 280 -41.87 -13.35 20.76
CA ALA B 280 -41.03 -14.28 21.51
C ALA B 280 -40.05 -13.51 22.37
N TYR B 281 -39.40 -12.51 21.78
CA TYR B 281 -38.44 -11.68 22.49
C TYR B 281 -39.05 -10.96 23.68
N ASN B 282 -40.25 -10.41 23.51
CA ASN B 282 -40.90 -9.67 24.59
C ASN B 282 -41.39 -10.57 25.73
N HIS B 283 -41.38 -11.88 25.52
CA HIS B 283 -41.80 -12.79 26.57
C HIS B 283 -40.60 -13.32 27.34
N LEU B 284 -39.42 -12.94 26.89
CA LEU B 284 -38.20 -13.34 27.54
C LEU B 284 -37.92 -12.43 28.73
N GLU B 285 -37.64 -13.05 29.87
CA GLU B 285 -37.31 -12.30 31.07
C GLU B 285 -35.95 -12.85 31.45
N THR B 286 -34.93 -12.30 30.81
CA THR B 286 -33.55 -12.72 31.03
C THR B 286 -32.65 -11.70 30.35
N ASP B 287 -31.36 -11.85 30.57
CA ASP B 287 -30.39 -10.96 29.96
C ASP B 287 -30.61 -11.16 28.48
N LYS B 288 -31.06 -10.13 27.78
CA LYS B 288 -31.37 -10.27 26.36
C LYS B 288 -31.10 -9.05 25.51
N ASP B 289 -31.14 -9.27 24.19
CA ASP B 289 -30.94 -8.22 23.22
C ASP B 289 -31.44 -8.68 21.85
N LEU B 290 -32.21 -7.83 21.19
CA LEU B 290 -32.75 -8.12 19.88
C LEU B 290 -32.18 -7.16 18.85
N LYS B 291 -31.42 -7.69 17.89
CA LYS B 291 -30.82 -6.87 16.85
C LYS B 291 -31.82 -6.74 15.72
N VAL B 292 -32.21 -5.51 15.41
CA VAL B 292 -33.17 -5.29 14.34
C VAL B 292 -32.48 -4.79 13.08
N TYR B 293 -32.81 -5.42 11.95
CA TYR B 293 -32.23 -5.08 10.67
C TYR B 293 -33.33 -4.72 9.69
N ARG B 294 -33.48 -3.41 9.48
CA ARG B 294 -34.50 -2.87 8.61
C ARG B 294 -34.57 -3.44 7.20
N TYR B 295 -33.42 -3.60 6.57
CA TYR B 295 -33.38 -4.05 5.19
C TYR B 295 -33.20 -5.53 4.90
N PHE B 296 -33.34 -6.36 5.92
CA PHE B 296 -33.19 -7.79 5.70
C PHE B 296 -34.45 -8.59 5.99
N GLY B 297 -34.49 -9.79 5.45
CA GLY B 297 -35.62 -10.67 5.66
C GLY B 297 -35.18 -11.98 6.28
N HIS B 298 -35.75 -13.07 5.80
CA HIS B 298 -35.44 -14.40 6.31
C HIS B 298 -34.21 -14.86 5.55
N GLU B 299 -33.05 -14.41 6.00
CA GLU B 299 -31.83 -14.75 5.31
C GLU B 299 -30.64 -14.46 6.20
N PHE B 300 -29.45 -14.78 5.70
CA PHE B 300 -28.22 -14.53 6.42
C PHE B 300 -28.02 -13.00 6.49
N ILE B 301 -27.78 -12.49 7.69
CA ILE B 301 -27.57 -11.06 7.88
C ILE B 301 -26.14 -10.85 8.35
N PRO B 302 -25.25 -10.42 7.46
CA PRO B 302 -23.84 -10.20 7.80
C PRO B 302 -23.60 -9.46 9.11
N ALA B 303 -24.27 -8.33 9.30
CA ALA B 303 -24.06 -7.55 10.51
C ALA B 303 -24.34 -8.37 11.75
N PHE B 304 -25.32 -9.27 11.67
CA PHE B 304 -25.67 -10.08 12.82
C PHE B 304 -24.65 -11.18 13.07
N GLN B 305 -23.92 -11.58 12.04
CA GLN B 305 -22.90 -12.62 12.21
C GLN B 305 -21.82 -12.09 13.15
N THR B 306 -21.43 -10.83 12.95
CA THR B 306 -20.43 -10.20 13.79
C THR B 306 -20.96 -10.21 15.23
N GLU B 307 -22.20 -9.72 15.39
CA GLU B 307 -22.87 -9.68 16.69
C GLU B 307 -22.83 -11.06 17.35
N LYS B 308 -23.23 -12.07 16.58
CA LYS B 308 -23.25 -13.46 17.01
C LYS B 308 -21.87 -13.94 17.46
N LEU B 309 -20.87 -13.80 16.58
CA LEU B 309 -19.52 -14.23 16.91
C LEU B 309 -18.99 -13.52 18.14
N SER B 310 -19.31 -12.24 18.23
CA SER B 310 -18.85 -11.43 19.35
C SER B 310 -19.52 -11.85 20.65
N PHE B 311 -20.81 -12.14 20.58
CA PHE B 311 -21.60 -12.56 21.72
C PHE B 311 -21.09 -13.91 22.24
N LEU B 312 -20.97 -14.88 21.33
CA LEU B 312 -20.50 -16.21 21.71
C LEU B 312 -19.08 -16.17 22.26
N GLN B 313 -18.26 -15.32 21.67
CA GLN B 313 -16.87 -15.19 22.08
C GLN B 313 -16.82 -14.70 23.50
N LYS B 314 -17.62 -13.68 23.78
CA LYS B 314 -17.68 -13.07 25.09
C LYS B 314 -18.17 -14.01 26.19
N HIS B 315 -19.18 -14.80 25.89
CA HIS B 315 -19.75 -15.72 26.87
C HIS B 315 -19.15 -17.13 26.89
N LEU B 316 -18.51 -17.56 25.81
CA LEU B 316 -17.96 -18.91 25.79
C LEU B 316 -16.46 -19.05 25.54
N LEU B 317 -16.02 -18.56 24.39
CA LEU B 317 -14.62 -18.64 24.01
C LEU B 317 -13.85 -17.90 25.09
N LEU B 318 -14.30 -16.67 25.35
CA LEU B 318 -13.69 -15.86 26.38
C LEU B 318 -13.97 -16.57 27.70
N GLN C 2 -34.67 -25.81 -13.89
CA GLN C 2 -34.79 -27.19 -14.48
C GLN C 2 -33.88 -27.21 -15.71
N LEU C 3 -33.54 -28.41 -16.21
CA LEU C 3 -32.66 -28.50 -17.38
C LEU C 3 -33.15 -27.56 -18.48
N PHE C 4 -32.23 -26.96 -19.23
CA PHE C 4 -32.62 -26.05 -20.30
C PHE C 4 -31.56 -25.83 -21.36
N ASP C 5 -30.29 -25.89 -20.98
CA ASP C 5 -29.19 -25.66 -21.93
C ASP C 5 -28.96 -26.94 -22.74
N LEU C 6 -27.79 -27.02 -23.37
CA LEU C 6 -27.41 -28.18 -24.17
C LEU C 6 -27.38 -29.41 -23.27
N SER C 7 -27.55 -30.59 -23.85
CA SER C 7 -27.52 -31.83 -23.07
C SER C 7 -26.12 -31.97 -22.53
N LEU C 8 -25.96 -32.76 -21.46
CA LEU C 8 -24.63 -32.96 -20.88
C LEU C 8 -23.68 -33.51 -21.93
N GLU C 9 -24.18 -34.43 -22.76
CA GLU C 9 -23.36 -35.01 -23.81
C GLU C 9 -22.83 -33.93 -24.75
N GLU C 10 -23.69 -32.98 -25.09
CA GLU C 10 -23.30 -31.88 -25.99
C GLU C 10 -22.39 -30.90 -25.27
N LEU C 11 -22.70 -30.60 -24.02
CA LEU C 11 -21.90 -29.68 -23.23
C LEU C 11 -20.42 -30.06 -23.16
N LYS C 12 -20.15 -31.35 -22.97
CA LYS C 12 -18.78 -31.84 -22.88
C LYS C 12 -17.98 -31.58 -24.16
N LYS C 13 -18.68 -31.49 -25.29
CA LYS C 13 -18.06 -31.26 -26.58
C LYS C 13 -18.16 -29.80 -27.05
N TYR C 14 -18.88 -28.97 -26.32
CA TYR C 14 -19.04 -27.59 -26.69
C TYR C 14 -17.76 -26.79 -26.50
N LYS C 15 -17.16 -26.38 -27.62
CA LYS C 15 -15.94 -25.59 -27.59
C LYS C 15 -16.00 -24.62 -28.75
N PRO C 16 -16.64 -23.47 -28.55
CA PRO C 16 -16.79 -22.44 -29.59
C PRO C 16 -15.47 -21.82 -30.04
N LYS C 17 -15.39 -21.44 -31.31
CA LYS C 17 -14.17 -20.83 -31.86
C LYS C 17 -13.84 -19.59 -31.08
N LYS C 18 -12.57 -19.40 -30.78
CA LYS C 18 -12.13 -18.23 -30.04
C LYS C 18 -12.58 -17.00 -30.81
N THR C 19 -12.82 -15.92 -30.09
CA THR C 19 -13.26 -14.68 -30.74
C THR C 19 -12.20 -13.61 -30.58
N ALA C 20 -11.04 -14.02 -30.08
CA ALA C 20 -9.93 -13.10 -29.88
C ALA C 20 -9.48 -12.43 -31.17
N ARG C 21 -9.33 -11.11 -31.11
CA ARG C 21 -8.87 -10.34 -32.25
C ARG C 21 -7.38 -10.57 -32.40
N PRO C 22 -6.80 -10.19 -33.56
CA PRO C 22 -5.36 -10.36 -33.82
C PRO C 22 -4.46 -9.65 -32.83
N ASP C 23 -5.00 -8.62 -32.18
CA ASP C 23 -4.23 -7.85 -31.21
C ASP C 23 -4.57 -8.23 -29.77
N PHE C 24 -5.09 -9.44 -29.60
CA PHE C 24 -5.48 -9.91 -28.28
C PHE C 24 -4.35 -9.81 -27.26
N SER C 25 -3.31 -10.60 -27.44
CA SER C 25 -2.20 -10.57 -26.48
C SER C 25 -1.51 -9.22 -26.45
N ASP C 26 -1.58 -8.49 -27.55
CA ASP C 26 -0.94 -7.18 -27.57
C ASP C 26 -1.68 -6.25 -26.63
N PHE C 27 -3.00 -6.37 -26.59
CA PHE C 27 -3.84 -5.52 -25.73
C PHE C 27 -3.52 -5.77 -24.27
N TRP C 28 -3.40 -7.04 -23.92
CA TRP C 28 -3.11 -7.41 -22.55
C TRP C 28 -1.68 -7.06 -22.18
N LYS C 29 -0.78 -7.15 -23.16
CA LYS C 29 0.62 -6.81 -22.92
C LYS C 29 0.66 -5.32 -22.56
N LYS C 30 -0.01 -4.50 -23.37
CA LYS C 30 -0.03 -3.05 -23.12
C LYS C 30 -0.75 -2.72 -21.82
N SER C 31 -1.84 -3.43 -21.57
CA SER C 31 -2.62 -3.20 -20.36
C SER C 31 -1.80 -3.51 -19.12
N LEU C 32 -1.11 -4.65 -19.13
CA LEU C 32 -0.28 -5.01 -17.99
C LEU C 32 0.83 -3.99 -17.82
N GLU C 33 1.30 -3.41 -18.93
CA GLU C 33 2.36 -2.41 -18.86
C GLU C 33 1.85 -1.11 -18.21
N GLU C 34 0.60 -0.74 -18.48
CA GLU C 34 0.07 0.45 -17.86
C GLU C 34 -0.12 0.22 -16.37
N LEU C 35 -0.42 -1.03 -15.99
CA LEU C 35 -0.59 -1.36 -14.59
C LEU C 35 0.75 -1.25 -13.90
N ARG C 36 1.76 -1.84 -14.52
CA ARG C 36 3.11 -1.83 -13.96
C ARG C 36 3.57 -0.42 -13.66
N GLN C 37 3.11 0.54 -14.46
CA GLN C 37 3.48 1.94 -14.29
C GLN C 37 2.86 2.60 -13.05
N VAL C 38 1.97 1.88 -12.38
CA VAL C 38 1.35 2.39 -11.18
C VAL C 38 1.92 1.66 -9.96
N GLU C 39 2.66 2.40 -9.13
CA GLU C 39 3.22 1.80 -7.93
C GLU C 39 2.10 1.29 -7.06
N ALA C 40 2.24 0.06 -6.59
CA ALA C 40 1.25 -0.57 -5.73
C ALA C 40 0.97 0.24 -4.46
N GLU C 41 2.03 0.68 -3.78
CA GLU C 41 1.89 1.47 -2.56
C GLU C 41 0.79 0.88 -1.64
N PRO C 42 0.86 -0.43 -1.38
CA PRO C 42 -0.15 -1.05 -0.52
C PRO C 42 -0.10 -0.56 0.91
N THR C 43 -1.22 -0.62 1.59
CA THR C 43 -1.31 -0.20 2.98
C THR C 43 -2.02 -1.33 3.72
N LEU C 44 -1.69 -1.49 4.98
CA LEU C 44 -2.28 -2.52 5.81
C LEU C 44 -2.71 -1.92 7.15
N GLU C 45 -4.01 -1.96 7.43
CA GLU C 45 -4.56 -1.42 8.68
C GLU C 45 -5.29 -2.54 9.41
N SER C 46 -4.86 -2.85 10.63
CA SER C 46 -5.50 -3.93 11.38
C SER C 46 -6.97 -3.60 11.59
N TYR C 47 -7.78 -4.65 11.57
CA TYR C 47 -9.24 -4.53 11.70
C TYR C 47 -9.77 -5.52 12.75
N ASP C 48 -10.51 -5.02 13.74
CA ASP C 48 -11.05 -5.89 14.78
C ASP C 48 -12.16 -6.78 14.24
N TYR C 49 -12.12 -8.03 14.67
CA TYR C 49 -13.12 -9.02 14.28
C TYR C 49 -13.19 -10.07 15.38
N PRO C 50 -14.41 -10.44 15.82
CA PRO C 50 -14.59 -11.44 16.88
C PRO C 50 -14.17 -12.85 16.49
N VAL C 51 -12.87 -13.07 16.36
CA VAL C 51 -12.35 -14.38 16.01
C VAL C 51 -11.03 -14.62 16.75
N LYS C 52 -10.73 -15.88 17.01
CA LYS C 52 -9.52 -16.24 17.72
C LYS C 52 -8.65 -17.01 16.74
N GLY C 53 -7.34 -16.73 16.77
CA GLY C 53 -6.41 -17.39 15.88
C GLY C 53 -6.26 -16.79 14.49
N VAL C 54 -6.83 -15.60 14.28
CA VAL C 54 -6.73 -14.95 12.98
C VAL C 54 -6.62 -13.44 13.16
N LYS C 55 -5.78 -12.81 12.35
CA LYS C 55 -5.60 -11.36 12.37
C LYS C 55 -6.22 -10.83 11.09
N VAL C 56 -7.11 -9.87 11.23
CA VAL C 56 -7.76 -9.30 10.07
C VAL C 56 -7.24 -7.90 9.79
N TYR C 57 -7.16 -7.55 8.52
CA TYR C 57 -6.69 -6.21 8.14
C TYR C 57 -7.50 -5.69 6.97
N ARG C 58 -7.42 -4.37 6.79
CA ARG C 58 -8.04 -3.71 5.64
C ARG C 58 -6.81 -3.57 4.76
N LEU C 59 -6.87 -4.06 3.54
CA LEU C 59 -5.74 -3.92 2.63
C LEU C 59 -6.15 -3.06 1.45
N THR C 60 -5.29 -2.12 1.08
CA THR C 60 -5.57 -1.27 -0.06
C THR C 60 -4.30 -1.17 -0.89
N TYR C 61 -4.45 -0.93 -2.18
CA TYR C 61 -3.31 -0.78 -3.05
C TYR C 61 -3.75 -0.02 -4.29
N GLN C 62 -2.77 0.58 -4.97
CA GLN C 62 -3.04 1.35 -6.18
C GLN C 62 -2.94 0.42 -7.38
N SER C 63 -3.85 0.59 -8.33
CA SER C 63 -3.87 -0.25 -9.53
C SER C 63 -4.16 0.59 -10.76
N PHE C 64 -4.46 -0.09 -11.87
CA PHE C 64 -4.76 0.55 -13.14
C PHE C 64 -5.55 1.82 -12.94
N GLY C 65 -5.17 2.88 -13.66
CA GLY C 65 -5.87 4.14 -13.54
C GLY C 65 -5.69 4.81 -12.20
N HIS C 66 -4.69 4.36 -11.42
CA HIS C 66 -4.45 4.93 -10.11
C HIS C 66 -5.66 4.77 -9.19
N SER C 67 -6.39 3.69 -9.40
CA SER C 67 -7.56 3.41 -8.58
C SER C 67 -7.12 2.73 -7.29
N LYS C 68 -7.74 3.10 -6.17
CA LYS C 68 -7.42 2.50 -4.89
C LYS C 68 -8.33 1.30 -4.67
N ILE C 69 -7.75 0.11 -4.73
CA ILE C 69 -8.48 -1.15 -4.55
C ILE C 69 -8.40 -1.59 -3.09
N GLU C 70 -9.49 -2.12 -2.55
CA GLU C 70 -9.52 -2.57 -1.17
C GLU C 70 -10.08 -3.97 -1.01
N GLY C 71 -10.05 -4.43 0.25
CA GLY C 71 -10.55 -5.74 0.57
C GLY C 71 -9.99 -6.13 1.92
N PHE C 72 -10.71 -7.00 2.63
CA PHE C 72 -10.24 -7.46 3.92
C PHE C 72 -9.20 -8.53 3.67
N TYR C 73 -8.22 -8.59 4.55
CA TYR C 73 -7.13 -9.55 4.46
C TYR C 73 -7.02 -10.22 5.82
N ALA C 74 -7.25 -11.52 5.85
CA ALA C 74 -7.20 -12.30 7.09
C ALA C 74 -6.00 -13.24 7.04
N VAL C 75 -5.25 -13.28 8.14
CA VAL C 75 -4.07 -14.12 8.21
C VAL C 75 -4.09 -15.04 9.42
N PRO C 76 -3.69 -16.30 9.23
CA PRO C 76 -3.68 -17.22 10.37
C PRO C 76 -2.77 -16.59 11.43
N ASP C 77 -3.19 -16.59 12.68
CA ASP C 77 -2.36 -16.01 13.72
C ASP C 77 -1.31 -16.98 14.23
N GLN C 78 -0.34 -17.27 13.38
CA GLN C 78 0.76 -18.18 13.70
C GLN C 78 1.89 -17.82 12.74
N THR C 79 3.08 -18.32 13.03
CA THR C 79 4.24 -18.03 12.19
C THR C 79 4.07 -18.58 10.78
N GLY C 80 4.43 -17.76 9.80
CA GLY C 80 4.32 -18.17 8.41
C GLY C 80 5.64 -18.78 7.93
N PRO C 81 5.88 -18.80 6.61
CA PRO C 81 4.97 -18.28 5.59
C PRO C 81 3.69 -19.11 5.51
N HIS C 82 2.60 -18.47 5.08
CA HIS C 82 1.33 -19.15 4.95
C HIS C 82 0.93 -19.27 3.51
N PRO C 83 0.13 -20.30 3.18
CA PRO C 83 -0.30 -20.41 1.79
C PRO C 83 -1.34 -19.28 1.69
N ALA C 84 -1.54 -18.71 0.52
CA ALA C 84 -2.49 -17.61 0.42
C ALA C 84 -3.56 -17.80 -0.64
N LEU C 85 -4.64 -17.03 -0.48
CA LEU C 85 -5.75 -17.08 -1.41
C LEU C 85 -6.22 -15.67 -1.76
N VAL C 86 -6.49 -15.45 -3.03
CA VAL C 86 -7.05 -14.17 -3.43
C VAL C 86 -8.46 -14.59 -3.86
N ARG C 87 -9.44 -14.18 -3.07
CA ARG C 87 -10.84 -14.51 -3.33
C ARG C 87 -11.57 -13.37 -4.01
N PHE C 88 -12.26 -13.69 -5.09
CA PHE C 88 -13.01 -12.70 -5.84
C PHE C 88 -14.50 -12.94 -5.65
N HIS C 89 -15.27 -11.88 -5.42
CA HIS C 89 -16.70 -12.03 -5.19
C HIS C 89 -17.51 -11.96 -6.46
N GLY C 90 -18.76 -12.39 -6.36
CA GLY C 90 -19.65 -12.37 -7.50
C GLY C 90 -20.16 -10.98 -7.83
N TYR C 91 -20.78 -10.87 -9.00
CA TYR C 91 -21.33 -9.63 -9.52
C TYR C 91 -22.38 -9.02 -8.58
N ASN C 92 -22.07 -7.84 -8.03
CA ASN C 92 -23.00 -7.13 -7.14
C ASN C 92 -23.41 -8.02 -5.99
N ALA C 93 -22.57 -9.00 -5.67
CA ALA C 93 -22.87 -9.95 -4.60
C ALA C 93 -21.97 -9.86 -3.37
N SER C 94 -21.37 -8.70 -3.14
CA SER C 94 -20.50 -8.54 -1.99
C SER C 94 -21.21 -7.77 -0.89
N TYR C 95 -21.29 -8.39 0.29
CA TYR C 95 -21.93 -7.78 1.44
C TYR C 95 -20.89 -7.60 2.52
N ASP C 96 -20.70 -6.35 2.94
CA ASP C 96 -19.72 -6.07 3.98
C ASP C 96 -18.36 -6.69 3.67
N GLY C 97 -17.99 -6.66 2.39
CA GLY C 97 -16.71 -7.18 1.96
C GLY C 97 -16.49 -8.66 2.08
N GLY C 98 -17.56 -9.41 2.29
CA GLY C 98 -17.45 -10.85 2.45
C GLY C 98 -16.44 -11.20 3.52
N ILE C 99 -16.31 -10.31 4.52
CA ILE C 99 -15.37 -10.48 5.61
C ILE C 99 -15.47 -11.79 6.39
N HIS C 100 -16.69 -12.27 6.61
CA HIS C 100 -16.87 -13.48 7.38
C HIS C 100 -16.29 -14.69 6.66
N ASP C 101 -16.40 -14.72 5.34
CA ASP C 101 -15.86 -15.85 4.58
C ASP C 101 -14.34 -15.74 4.50
N ILE C 102 -13.86 -14.51 4.38
CA ILE C 102 -12.43 -14.27 4.33
C ILE C 102 -11.83 -14.82 5.62
N VAL C 103 -12.45 -14.49 6.75
CA VAL C 103 -11.95 -14.97 8.03
C VAL C 103 -11.95 -16.49 8.11
N ASN C 104 -13.02 -17.11 7.64
CA ASN C 104 -13.09 -18.57 7.66
C ASN C 104 -11.99 -19.20 6.81
N TRP C 105 -11.68 -18.56 5.68
CA TRP C 105 -10.62 -19.07 4.82
C TRP C 105 -9.32 -19.04 5.59
N ALA C 106 -9.10 -17.97 6.35
CA ALA C 106 -7.89 -17.86 7.16
C ALA C 106 -7.90 -18.93 8.25
N LEU C 107 -9.08 -19.27 8.75
CA LEU C 107 -9.16 -20.29 9.79
C LEU C 107 -8.81 -21.64 9.20
N HIS C 108 -9.00 -21.77 7.89
CA HIS C 108 -8.68 -23.01 7.21
C HIS C 108 -7.18 -23.06 6.94
N GLY C 109 -6.49 -21.99 7.33
CA GLY C 109 -5.06 -21.91 7.16
C GLY C 109 -4.54 -21.03 6.03
N TYR C 110 -5.43 -20.29 5.36
CA TYR C 110 -5.00 -19.45 4.25
C TYR C 110 -4.98 -17.95 4.49
N ALA C 111 -3.85 -17.31 4.20
CA ALA C 111 -3.75 -15.87 4.33
C ALA C 111 -4.64 -15.44 3.17
N THR C 112 -5.82 -14.91 3.48
CA THR C 112 -6.79 -14.56 2.44
C THR C 112 -7.15 -13.10 2.24
N PHE C 113 -7.23 -12.69 0.98
CA PHE C 113 -7.58 -11.33 0.62
C PHE C 113 -8.77 -11.33 -0.30
N GLY C 114 -9.86 -10.71 0.14
CA GLY C 114 -11.04 -10.66 -0.68
C GLY C 114 -11.05 -9.36 -1.45
N MET C 115 -10.47 -9.35 -2.64
CA MET C 115 -10.43 -8.12 -3.42
C MET C 115 -11.84 -7.71 -3.81
N LEU C 116 -12.20 -6.49 -3.45
CA LEU C 116 -13.50 -5.96 -3.77
C LEU C 116 -13.44 -5.39 -5.18
N VAL C 117 -14.36 -5.82 -6.03
CA VAL C 117 -14.41 -5.37 -7.41
C VAL C 117 -14.90 -3.93 -7.55
N ARG C 118 -14.12 -3.12 -8.27
CA ARG C 118 -14.41 -1.70 -8.52
C ARG C 118 -15.88 -1.29 -8.51
N GLY C 119 -16.20 -0.34 -7.66
CA GLY C 119 -17.57 0.16 -7.59
C GLY C 119 -18.64 -0.81 -7.15
N GLN C 120 -18.29 -2.07 -6.95
CA GLN C 120 -19.26 -3.07 -6.52
C GLN C 120 -19.23 -3.30 -5.01
N GLY C 121 -18.48 -4.30 -4.58
CA GLY C 121 -18.39 -4.59 -3.16
C GLY C 121 -17.47 -3.63 -2.46
N GLY C 122 -16.83 -2.77 -3.25
CA GLY C 122 -15.92 -1.78 -2.72
C GLY C 122 -14.90 -1.36 -3.76
N SER C 123 -13.84 -0.69 -3.31
CA SER C 123 -12.78 -0.23 -4.19
C SER C 123 -13.21 0.93 -5.07
N GLU C 124 -12.24 1.75 -5.45
CA GLU C 124 -12.47 2.91 -6.28
C GLU C 124 -12.29 2.60 -7.76
N ASP C 125 -13.13 3.19 -8.60
CA ASP C 125 -13.01 3.01 -10.03
C ASP C 125 -12.82 4.40 -10.64
N THR C 126 -11.59 4.73 -11.00
CA THR C 126 -11.31 6.04 -11.59
C THR C 126 -11.66 6.11 -13.06
N SER C 127 -11.86 4.96 -13.68
CA SER C 127 -12.18 4.96 -15.08
C SER C 127 -13.48 5.69 -15.35
N VAL C 128 -13.39 6.61 -16.32
CA VAL C 128 -14.50 7.44 -16.76
C VAL C 128 -15.56 6.64 -17.50
N THR C 129 -16.79 7.14 -17.50
CA THR C 129 -17.87 6.50 -18.23
C THR C 129 -17.92 7.24 -19.57
N PRO C 130 -17.40 6.62 -20.64
CA PRO C 130 -17.39 7.23 -21.97
C PRO C 130 -18.76 7.72 -22.42
N GLY C 131 -19.77 6.88 -22.24
CA GLY C 131 -21.10 7.26 -22.66
C GLY C 131 -22.21 6.42 -22.07
N GLY C 132 -23.36 6.44 -22.72
CA GLY C 132 -24.50 5.70 -22.24
C GLY C 132 -24.27 4.21 -22.21
N HIS C 133 -24.91 3.55 -21.24
CA HIS C 133 -24.83 2.11 -21.11
C HIS C 133 -26.00 1.61 -20.28
N ALA C 134 -26.27 0.32 -20.36
CA ALA C 134 -27.37 -0.29 -19.61
C ALA C 134 -27.10 -0.24 -18.11
N LEU C 135 -28.18 -0.31 -17.34
CA LEU C 135 -28.09 -0.30 -15.88
C LEU C 135 -27.13 -1.41 -15.46
N GLY C 136 -26.06 -1.04 -14.77
CA GLY C 136 -25.10 -2.04 -14.34
C GLY C 136 -23.67 -1.74 -14.79
N TRP C 137 -22.76 -2.68 -14.54
CA TRP C 137 -21.36 -2.52 -14.92
C TRP C 137 -21.03 -3.26 -16.20
N MET C 138 -21.83 -4.25 -16.56
CA MET C 138 -21.59 -5.05 -17.75
C MET C 138 -21.31 -4.29 -19.05
N THR C 139 -21.93 -3.14 -19.25
CA THR C 139 -21.72 -2.42 -20.49
C THR C 139 -21.01 -1.09 -20.32
N LYS C 140 -20.46 -0.84 -19.13
CA LYS C 140 -19.77 0.44 -18.91
C LYS C 140 -18.49 0.48 -19.76
N GLY C 141 -18.42 1.46 -20.65
CA GLY C 141 -17.27 1.62 -21.51
C GLY C 141 -17.11 0.49 -22.51
N ILE C 142 -18.21 -0.19 -22.81
CA ILE C 142 -18.19 -1.32 -23.72
C ILE C 142 -17.80 -1.05 -25.19
N LEU C 143 -17.79 0.22 -25.61
CA LEU C 143 -17.45 0.52 -27.00
C LEU C 143 -15.95 0.56 -27.29
N SER C 144 -15.15 0.16 -26.31
CA SER C 144 -13.71 0.14 -26.50
C SER C 144 -13.02 -0.69 -25.42
N LYS C 145 -12.13 -1.58 -25.85
CA LYS C 145 -11.39 -2.42 -24.92
C LYS C 145 -10.59 -1.62 -23.92
N ASP C 146 -10.21 -0.39 -24.28
CA ASP C 146 -9.43 0.44 -23.37
C ASP C 146 -10.26 1.02 -22.25
N THR C 147 -11.54 1.27 -22.54
CA THR C 147 -12.44 1.86 -21.56
C THR C 147 -13.34 0.86 -20.85
N TYR C 148 -13.39 -0.38 -21.33
CA TYR C 148 -14.25 -1.37 -20.72
C TYR C 148 -14.03 -1.62 -19.23
N TYR C 149 -15.16 -1.66 -18.50
CA TYR C 149 -15.17 -1.87 -17.06
C TYR C 149 -14.20 -2.92 -16.53
N TYR C 150 -14.25 -4.11 -17.12
CA TYR C 150 -13.39 -5.21 -16.67
C TYR C 150 -11.91 -5.11 -16.96
N ARG C 151 -11.51 -4.12 -17.78
CA ARG C 151 -10.09 -3.97 -18.05
C ARG C 151 -9.44 -3.64 -16.72
N GLY C 152 -9.99 -2.64 -16.03
CA GLY C 152 -9.46 -2.25 -14.73
C GLY C 152 -9.59 -3.36 -13.71
N VAL C 153 -10.74 -4.04 -13.71
CA VAL C 153 -10.99 -5.12 -12.78
C VAL C 153 -9.96 -6.24 -12.93
N TYR C 154 -9.77 -6.74 -14.15
CA TYR C 154 -8.79 -7.79 -14.42
C TYR C 154 -7.39 -7.41 -13.96
N LEU C 155 -7.03 -6.15 -14.19
CA LEU C 155 -5.73 -5.65 -13.79
C LEU C 155 -5.66 -5.57 -12.28
N ASP C 156 -6.76 -5.19 -11.62
CA ASP C 156 -6.79 -5.11 -10.16
C ASP C 156 -6.53 -6.50 -9.63
N ALA C 157 -7.07 -7.50 -10.32
CA ALA C 157 -6.92 -8.89 -9.93
C ALA C 157 -5.45 -9.28 -9.98
N VAL C 158 -4.78 -8.93 -11.06
CA VAL C 158 -3.38 -9.26 -11.21
C VAL C 158 -2.59 -8.54 -10.14
N ARG C 159 -2.86 -7.25 -9.98
CA ARG C 159 -2.15 -6.43 -9.01
C ARG C 159 -2.33 -6.98 -7.59
N ALA C 160 -3.50 -7.56 -7.33
CA ALA C 160 -3.80 -8.15 -6.03
C ALA C 160 -2.82 -9.26 -5.72
N LEU C 161 -2.55 -10.09 -6.73
CA LEU C 161 -1.61 -11.20 -6.63
C LEU C 161 -0.19 -10.70 -6.38
N GLU C 162 0.18 -9.63 -7.07
CA GLU C 162 1.51 -9.05 -6.93
C GLU C 162 1.70 -8.52 -5.52
N VAL C 163 0.68 -7.87 -5.01
CA VAL C 163 0.74 -7.31 -3.66
C VAL C 163 0.84 -8.42 -2.60
N ILE C 164 -0.04 -9.40 -2.69
CA ILE C 164 -0.06 -10.49 -1.74
C ILE C 164 1.27 -11.26 -1.71
N GLN C 165 1.77 -11.63 -2.88
CA GLN C 165 2.99 -12.38 -2.97
C GLN C 165 4.19 -11.61 -2.40
N SER C 166 4.07 -10.29 -2.36
CA SER C 166 5.16 -9.47 -1.84
C SER C 166 5.21 -9.54 -0.33
N PHE C 167 4.10 -9.94 0.30
CA PHE C 167 4.08 -10.01 1.74
C PHE C 167 5.02 -11.10 2.22
N PRO C 168 5.88 -10.80 3.20
CA PRO C 168 6.83 -11.77 3.75
C PRO C 168 6.18 -12.96 4.45
N GLU C 169 4.98 -12.77 5.01
CA GLU C 169 4.30 -13.86 5.70
C GLU C 169 3.56 -14.75 4.71
N VAL C 170 3.63 -14.39 3.44
CA VAL C 170 2.97 -15.16 2.39
C VAL C 170 3.96 -15.98 1.59
N ASP C 171 3.67 -17.27 1.42
CA ASP C 171 4.52 -18.16 0.64
C ASP C 171 4.14 -17.97 -0.82
N GLU C 172 4.93 -17.18 -1.53
CA GLU C 172 4.65 -16.90 -2.93
C GLU C 172 4.43 -18.11 -3.84
N HIS C 173 4.93 -19.28 -3.43
CA HIS C 173 4.77 -20.48 -4.25
C HIS C 173 3.50 -21.27 -3.92
N ARG C 174 2.72 -20.77 -2.96
CA ARG C 174 1.49 -21.44 -2.59
C ARG C 174 0.32 -20.45 -2.52
N ILE C 175 0.06 -19.81 -3.65
CA ILE C 175 -1.01 -18.84 -3.75
C ILE C 175 -2.07 -19.38 -4.71
N GLY C 176 -3.31 -19.41 -4.26
CA GLY C 176 -4.37 -19.87 -5.15
C GLY C 176 -5.34 -18.72 -5.38
N VAL C 177 -6.07 -18.77 -6.48
CA VAL C 177 -7.06 -17.73 -6.76
C VAL C 177 -8.39 -18.45 -6.85
N ILE C 178 -9.38 -17.95 -6.13
CA ILE C 178 -10.70 -18.56 -6.15
C ILE C 178 -11.82 -17.54 -6.27
N GLY C 179 -13.00 -18.01 -6.64
CA GLY C 179 -14.14 -17.13 -6.78
C GLY C 179 -15.33 -17.79 -7.45
N GLY C 180 -16.49 -17.17 -7.28
CA GLY C 180 -17.69 -17.70 -7.90
C GLY C 180 -18.22 -16.77 -8.98
N SER C 181 -18.66 -17.36 -10.09
CA SER C 181 -19.21 -16.64 -11.23
C SER C 181 -18.27 -15.48 -11.64
N GLN C 182 -18.63 -14.23 -11.36
CA GLN C 182 -17.74 -13.12 -11.69
C GLN C 182 -16.39 -13.39 -11.01
N GLY C 183 -16.46 -13.86 -9.76
CA GLY C 183 -15.25 -14.17 -9.00
C GLY C 183 -14.47 -15.30 -9.64
N GLY C 184 -15.18 -16.26 -10.23
CA GLY C 184 -14.52 -17.38 -10.88
C GLY C 184 -13.84 -16.88 -12.14
N ALA C 185 -14.48 -15.94 -12.81
CA ALA C 185 -13.96 -15.37 -14.03
C ALA C 185 -12.68 -14.60 -13.74
N LEU C 186 -12.69 -13.82 -12.67
CA LEU C 186 -11.51 -13.05 -12.31
C LEU C 186 -10.38 -14.00 -11.94
N ALA C 187 -10.72 -15.10 -11.27
CA ALA C 187 -9.72 -16.08 -10.89
C ALA C 187 -9.03 -16.59 -12.15
N ILE C 188 -9.82 -17.07 -13.10
CA ILE C 188 -9.31 -17.58 -14.35
C ILE C 188 -8.54 -16.51 -15.12
N ALA C 189 -9.06 -15.30 -15.17
CA ALA C 189 -8.38 -14.24 -15.89
C ALA C 189 -7.04 -13.90 -15.24
N ALA C 190 -6.99 -13.95 -13.91
CA ALA C 190 -5.77 -13.65 -13.18
C ALA C 190 -4.69 -14.70 -13.45
N ALA C 191 -5.10 -15.96 -13.50
CA ALA C 191 -4.18 -17.06 -13.76
C ALA C 191 -3.66 -16.99 -15.19
N ALA C 192 -4.47 -16.43 -16.08
CA ALA C 192 -4.10 -16.29 -17.49
C ALA C 192 -3.11 -15.13 -17.71
N LEU C 193 -3.23 -14.07 -16.91
CA LEU C 193 -2.38 -12.89 -17.05
C LEU C 193 -1.18 -12.83 -16.10
N SER C 194 -1.19 -13.69 -15.07
CA SER C 194 -0.11 -13.73 -14.11
C SER C 194 0.23 -15.18 -13.78
N ASP C 195 1.51 -15.46 -13.64
CA ASP C 195 1.92 -16.82 -13.34
C ASP C 195 2.15 -16.97 -11.85
N ILE C 196 1.79 -15.94 -11.09
CA ILE C 196 1.94 -15.98 -9.64
C ILE C 196 1.06 -17.08 -9.04
N PRO C 197 -0.23 -17.16 -9.44
CA PRO C 197 -1.12 -18.19 -8.90
C PRO C 197 -0.63 -19.60 -9.17
N LYS C 198 -0.72 -20.46 -8.18
CA LYS C 198 -0.31 -21.84 -8.35
C LYS C 198 -1.49 -22.66 -8.85
N VAL C 199 -2.65 -22.44 -8.23
CA VAL C 199 -3.86 -23.16 -8.61
C VAL C 199 -5.05 -22.23 -8.74
N VAL C 200 -6.08 -22.70 -9.44
CA VAL C 200 -7.26 -21.92 -9.69
C VAL C 200 -8.53 -22.70 -9.40
N VAL C 201 -9.47 -22.04 -8.71
CA VAL C 201 -10.77 -22.64 -8.42
C VAL C 201 -11.82 -21.62 -8.86
N ALA C 202 -12.65 -22.04 -9.80
CA ALA C 202 -13.69 -21.15 -10.32
C ALA C 202 -15.04 -21.84 -10.30
N ASP C 203 -15.99 -21.22 -9.60
CA ASP C 203 -17.34 -21.74 -9.49
C ASP C 203 -18.15 -21.12 -10.61
N TYR C 204 -18.66 -21.96 -11.53
CA TYR C 204 -19.47 -21.48 -12.64
C TYR C 204 -19.07 -20.08 -13.12
N PRO C 205 -17.83 -19.95 -13.63
CA PRO C 205 -17.30 -18.68 -14.13
C PRO C 205 -18.19 -17.87 -15.08
N TYR C 206 -18.19 -16.56 -14.85
CA TYR C 206 -18.97 -15.60 -15.62
C TYR C 206 -18.08 -15.06 -16.75
N LEU C 207 -18.57 -14.06 -17.48
CA LEU C 207 -17.80 -13.46 -18.56
C LEU C 207 -17.22 -14.50 -19.52
N SER C 208 -18.05 -15.44 -19.97
CA SER C 208 -17.58 -16.49 -20.86
C SER C 208 -18.51 -16.76 -22.02
N ASN C 209 -17.95 -16.75 -23.24
CA ASN C 209 -18.72 -17.03 -24.46
C ASN C 209 -19.89 -16.06 -24.57
N PHE C 210 -19.59 -14.77 -24.47
CA PHE C 210 -20.58 -13.69 -24.53
C PHE C 210 -21.62 -13.84 -25.64
N GLU C 211 -21.14 -14.05 -26.86
CA GLU C 211 -22.03 -14.17 -28.00
C GLU C 211 -23.11 -15.24 -27.84
N ARG C 212 -22.83 -16.27 -27.05
CA ARG C 212 -23.85 -17.29 -26.83
C ARG C 212 -24.62 -16.97 -25.55
N ALA C 213 -23.91 -16.46 -24.55
CA ALA C 213 -24.51 -16.08 -23.28
C ALA C 213 -25.74 -15.20 -23.45
N VAL C 214 -25.63 -14.17 -24.29
CA VAL C 214 -26.76 -13.27 -24.49
C VAL C 214 -27.98 -13.94 -25.16
N ASP C 215 -27.79 -15.14 -25.70
CA ASP C 215 -28.88 -15.85 -26.36
C ASP C 215 -29.40 -17.03 -25.53
N VAL C 216 -28.67 -17.39 -24.48
CA VAL C 216 -29.04 -18.52 -23.65
C VAL C 216 -29.42 -18.14 -22.22
N ALA C 217 -28.74 -17.15 -21.66
CA ALA C 217 -29.03 -16.71 -20.30
C ALA C 217 -30.50 -16.33 -20.13
N LEU C 218 -31.04 -16.60 -18.96
CA LEU C 218 -32.43 -16.25 -18.69
C LEU C 218 -32.56 -15.28 -17.52
N GLU C 219 -31.42 -14.88 -16.95
CA GLU C 219 -31.42 -13.95 -15.82
C GLU C 219 -30.25 -12.99 -16.00
N GLN C 220 -30.18 -11.99 -15.12
CA GLN C 220 -29.09 -11.04 -15.14
C GLN C 220 -27.83 -11.82 -14.73
N PRO C 221 -26.63 -11.25 -14.94
CA PRO C 221 -26.35 -9.95 -15.53
C PRO C 221 -25.92 -9.95 -17.00
N TYR C 222 -25.87 -11.12 -17.62
CA TYR C 222 -25.49 -11.17 -19.02
C TYR C 222 -26.46 -10.33 -19.83
N LEU C 223 -27.74 -10.45 -19.52
CA LEU C 223 -28.76 -9.74 -20.26
C LEU C 223 -28.59 -8.23 -20.25
N GLU C 224 -27.67 -7.73 -19.42
CA GLU C 224 -27.42 -6.31 -19.37
C GLU C 224 -26.96 -5.88 -20.76
N ILE C 225 -26.25 -6.78 -21.43
CA ILE C 225 -25.77 -6.53 -22.77
C ILE C 225 -26.98 -6.40 -23.68
N ASN C 226 -27.94 -7.31 -23.52
CA ASN C 226 -29.15 -7.26 -24.34
C ASN C 226 -29.85 -5.93 -24.13
N SER C 227 -29.91 -5.49 -22.88
CA SER C 227 -30.55 -4.24 -22.55
C SER C 227 -29.82 -3.08 -23.22
N TYR C 228 -28.50 -3.19 -23.26
CA TYR C 228 -27.66 -2.17 -23.88
C TYR C 228 -28.00 -2.02 -25.37
N PHE C 229 -28.09 -3.15 -26.08
CA PHE C 229 -28.40 -3.08 -27.50
C PHE C 229 -29.81 -2.55 -27.75
N ARG C 230 -30.73 -2.80 -26.82
CA ARG C 230 -32.10 -2.32 -26.97
C ARG C 230 -32.06 -0.79 -26.94
N ARG C 231 -31.10 -0.26 -26.19
CA ARG C 231 -30.96 1.19 -26.05
C ARG C 231 -30.09 1.85 -27.11
N ASN C 232 -29.36 1.04 -27.84
CA ASN C 232 -28.51 1.53 -28.92
C ASN C 232 -28.68 0.57 -30.08
N SER C 233 -29.70 0.83 -30.90
CA SER C 233 -30.02 -0.03 -32.03
C SER C 233 -28.98 -0.06 -33.16
N ASP C 234 -28.07 0.92 -33.18
CA ASP C 234 -27.05 0.96 -34.21
C ASP C 234 -26.33 -0.39 -34.35
N PRO C 235 -26.41 -1.01 -35.54
CA PRO C 235 -25.77 -2.31 -35.79
C PRO C 235 -24.27 -2.30 -35.49
N LYS C 236 -23.62 -1.19 -35.83
CA LYS C 236 -22.19 -1.09 -35.58
C LYS C 236 -21.88 -1.14 -34.09
N VAL C 237 -22.81 -0.66 -33.27
CA VAL C 237 -22.60 -0.67 -31.82
C VAL C 237 -22.55 -2.11 -31.32
N GLU C 238 -23.36 -2.97 -31.92
CA GLU C 238 -23.35 -4.37 -31.50
C GLU C 238 -22.05 -5.06 -31.92
N GLU C 239 -21.58 -4.79 -33.15
CA GLU C 239 -20.34 -5.39 -33.61
C GLU C 239 -19.22 -4.94 -32.69
N LYS C 240 -19.16 -3.63 -32.45
CA LYS C 240 -18.16 -3.05 -31.59
C LYS C 240 -18.18 -3.65 -30.18
N ALA C 241 -19.35 -3.67 -29.56
CA ALA C 241 -19.50 -4.22 -28.22
C ALA C 241 -18.93 -5.62 -28.12
N PHE C 242 -19.35 -6.51 -29.02
CA PHE C 242 -18.84 -7.87 -28.98
C PHE C 242 -17.34 -7.93 -29.27
N GLU C 243 -16.87 -6.96 -30.03
CA GLU C 243 -15.46 -6.87 -30.37
C GLU C 243 -14.75 -6.58 -29.05
N THR C 244 -15.29 -5.64 -28.29
CA THR C 244 -14.71 -5.27 -27.00
C THR C 244 -14.71 -6.45 -26.04
N LEU C 245 -15.88 -7.06 -25.88
CA LEU C 245 -16.05 -8.20 -24.97
C LEU C 245 -15.10 -9.37 -25.24
N SER C 246 -14.72 -9.57 -26.50
CA SER C 246 -13.82 -10.68 -26.83
C SER C 246 -12.49 -10.60 -26.11
N TYR C 247 -12.03 -9.38 -25.81
CA TYR C 247 -10.76 -9.19 -25.12
C TYR C 247 -10.82 -9.62 -23.67
N PHE C 248 -12.03 -9.84 -23.16
CA PHE C 248 -12.22 -10.22 -21.76
C PHE C 248 -12.93 -11.55 -21.61
N ASP C 249 -13.29 -12.15 -22.73
CA ASP C 249 -14.00 -13.42 -22.75
C ASP C 249 -13.09 -14.59 -22.31
N LEU C 250 -13.56 -15.38 -21.34
CA LEU C 250 -12.78 -16.51 -20.84
C LEU C 250 -12.37 -17.51 -21.90
N ILE C 251 -13.18 -17.67 -22.94
CA ILE C 251 -12.81 -18.63 -23.98
C ILE C 251 -11.55 -18.20 -24.70
N ASN C 252 -11.21 -16.93 -24.59
CA ASN C 252 -10.00 -16.44 -25.24
C ASN C 252 -8.83 -16.32 -24.26
N LEU C 253 -9.14 -16.33 -22.97
CA LEU C 253 -8.12 -16.24 -21.94
C LEU C 253 -7.74 -17.62 -21.40
N ALA C 254 -8.71 -18.53 -21.38
CA ALA C 254 -8.50 -19.87 -20.86
C ALA C 254 -7.18 -20.51 -21.32
N GLY C 255 -6.88 -20.39 -22.62
CA GLY C 255 -5.68 -20.99 -23.18
C GLY C 255 -4.37 -20.59 -22.52
N TRP C 256 -4.34 -19.47 -21.82
CA TRP C 256 -3.12 -19.02 -21.19
C TRP C 256 -2.95 -19.59 -19.79
N VAL C 257 -3.99 -20.25 -19.30
CA VAL C 257 -3.94 -20.82 -17.97
C VAL C 257 -3.10 -22.09 -17.96
N LYS C 258 -2.07 -22.10 -17.13
CA LYS C 258 -1.17 -23.25 -17.03
C LYS C 258 -1.31 -23.91 -15.67
N GLN C 259 -2.00 -23.25 -14.75
CA GLN C 259 -2.19 -23.75 -13.39
C GLN C 259 -3.28 -24.79 -13.27
N PRO C 260 -3.13 -25.70 -12.29
CA PRO C 260 -4.16 -26.73 -12.08
C PRO C 260 -5.46 -25.98 -11.78
N THR C 261 -6.53 -26.37 -12.47
CA THR C 261 -7.79 -25.68 -12.32
C THR C 261 -9.00 -26.57 -11.98
N LEU C 262 -9.81 -26.09 -11.03
CA LEU C 262 -11.00 -26.79 -10.59
C LEU C 262 -12.22 -25.91 -10.84
N MET C 263 -13.17 -26.42 -11.62
CA MET C 263 -14.38 -25.68 -11.94
C MET C 263 -15.64 -26.44 -11.55
N ALA C 264 -16.73 -25.71 -11.38
CA ALA C 264 -18.00 -26.32 -11.02
C ALA C 264 -19.09 -25.68 -11.84
N ILE C 265 -20.15 -26.45 -12.08
CA ILE C 265 -21.28 -25.94 -12.83
C ILE C 265 -22.56 -26.70 -12.47
N GLY C 266 -23.63 -25.95 -12.29
CA GLY C 266 -24.91 -26.58 -11.98
C GLY C 266 -25.62 -26.61 -13.32
N LEU C 267 -26.24 -27.73 -13.67
CA LEU C 267 -26.92 -27.83 -14.95
C LEU C 267 -28.20 -27.01 -15.08
N ILE C 268 -28.72 -26.49 -13.98
CA ILE C 268 -29.93 -25.67 -14.07
C ILE C 268 -29.61 -24.21 -13.75
N ASP C 269 -28.34 -23.85 -13.93
CA ASP C 269 -27.88 -22.47 -13.69
C ASP C 269 -28.39 -21.58 -14.82
N LYS C 270 -29.20 -20.58 -14.48
CA LYS C 270 -29.73 -19.69 -15.51
C LYS C 270 -28.97 -18.36 -15.64
N ILE C 271 -28.05 -18.11 -14.71
CA ILE C 271 -27.27 -16.88 -14.73
C ILE C 271 -26.03 -17.08 -15.58
N THR C 272 -25.31 -18.16 -15.30
CA THR C 272 -24.13 -18.54 -16.07
C THR C 272 -24.50 -19.89 -16.64
N PRO C 273 -25.16 -19.90 -17.81
CA PRO C 273 -25.58 -21.13 -18.47
C PRO C 273 -24.45 -22.15 -18.61
N PRO C 274 -24.77 -23.44 -18.39
CA PRO C 274 -23.80 -24.53 -18.48
C PRO C 274 -22.92 -24.44 -19.73
N SER C 275 -23.54 -24.22 -20.88
CA SER C 275 -22.80 -24.10 -22.13
C SER C 275 -21.67 -23.06 -22.05
N THR C 276 -21.94 -21.88 -21.50
CA THR C 276 -20.92 -20.87 -21.40
C THR C 276 -19.81 -21.27 -20.43
N VAL C 277 -20.13 -22.09 -19.44
CA VAL C 277 -19.11 -22.52 -18.49
C VAL C 277 -18.31 -23.66 -19.08
N PHE C 278 -18.96 -24.57 -19.80
CA PHE C 278 -18.23 -25.68 -20.42
C PHE C 278 -17.35 -25.09 -21.49
N ALA C 279 -17.80 -23.99 -22.09
CA ALA C 279 -17.04 -23.33 -23.14
C ALA C 279 -15.71 -22.89 -22.58
N ALA C 280 -15.73 -22.26 -21.42
CA ALA C 280 -14.48 -21.80 -20.80
C ALA C 280 -13.63 -23.01 -20.44
N TYR C 281 -14.26 -24.02 -19.84
CA TYR C 281 -13.54 -25.21 -19.44
C TYR C 281 -12.87 -25.90 -20.62
N ASN C 282 -13.61 -26.03 -21.72
CA ASN C 282 -13.07 -26.71 -22.89
C ASN C 282 -11.99 -25.96 -23.60
N HIS C 283 -11.73 -24.73 -23.19
CA HIS C 283 -10.67 -23.94 -23.80
C HIS C 283 -9.42 -23.94 -22.95
N LEU C 284 -9.51 -24.60 -21.80
CA LEU C 284 -8.39 -24.71 -20.87
C LEU C 284 -7.53 -25.91 -21.28
N GLU C 285 -6.23 -25.66 -21.40
CA GLU C 285 -5.28 -26.71 -21.73
C GLU C 285 -4.33 -26.67 -20.58
N THR C 286 -4.70 -27.36 -19.52
CA THR C 286 -3.91 -27.42 -18.29
C THR C 286 -4.51 -28.53 -17.45
N ASP C 287 -3.89 -28.77 -16.30
CA ASP C 287 -4.37 -29.80 -15.38
C ASP C 287 -5.72 -29.23 -14.95
N LYS C 288 -6.80 -29.91 -15.31
CA LYS C 288 -8.11 -29.39 -14.97
C LYS C 288 -9.15 -30.45 -14.63
N ASP C 289 -10.27 -29.98 -14.09
CA ASP C 289 -11.39 -30.84 -13.74
C ASP C 289 -12.65 -30.00 -13.51
N LEU C 290 -13.74 -30.42 -14.12
CA LEU C 290 -15.01 -29.72 -14.02
C LEU C 290 -16.04 -30.56 -13.28
N LYS C 291 -16.43 -30.12 -12.08
CA LYS C 291 -17.41 -30.87 -11.30
C LYS C 291 -18.79 -30.46 -11.77
N VAL C 292 -19.58 -31.43 -12.24
CA VAL C 292 -20.93 -31.15 -12.71
C VAL C 292 -21.97 -31.54 -11.68
N TYR C 293 -22.89 -30.63 -11.40
CA TYR C 293 -23.95 -30.87 -10.43
C TYR C 293 -25.31 -30.70 -11.10
N ARG C 294 -25.94 -31.83 -11.41
CA ARG C 294 -27.22 -31.83 -12.08
C ARG C 294 -28.33 -31.01 -11.45
N TYR C 295 -28.46 -31.09 -10.14
CA TYR C 295 -29.54 -30.41 -9.44
C TYR C 295 -29.30 -29.02 -8.85
N PHE C 296 -28.20 -28.37 -9.24
CA PHE C 296 -27.92 -27.05 -8.72
C PHE C 296 -27.83 -26.00 -9.80
N GLY C 297 -27.94 -24.75 -9.37
CA GLY C 297 -27.86 -23.65 -10.29
C GLY C 297 -26.76 -22.69 -9.88
N HIS C 298 -27.06 -21.40 -9.99
CA HIS C 298 -26.11 -20.34 -9.63
C HIS C 298 -26.25 -20.12 -8.14
N GLU C 299 -25.63 -21.00 -7.36
CA GLU C 299 -25.71 -20.91 -5.91
C GLU C 299 -24.59 -21.71 -5.27
N PHE C 300 -24.56 -21.69 -3.94
CA PHE C 300 -23.57 -22.44 -3.18
C PHE C 300 -23.89 -23.93 -3.37
N ILE C 301 -22.91 -24.72 -3.75
CA ILE C 301 -23.08 -26.16 -3.93
C ILE C 301 -22.23 -26.85 -2.87
N PRO C 302 -22.87 -27.39 -1.82
CA PRO C 302 -22.16 -28.07 -0.74
C PRO C 302 -21.13 -29.10 -1.19
N ALA C 303 -21.52 -30.00 -2.08
CA ALA C 303 -20.61 -31.04 -2.56
C ALA C 303 -19.34 -30.43 -3.14
N PHE C 304 -19.49 -29.29 -3.82
CA PHE C 304 -18.34 -28.65 -4.43
C PHE C 304 -17.45 -27.99 -3.42
N GLN C 305 -17.99 -27.64 -2.25
CA GLN C 305 -17.19 -27.01 -1.21
C GLN C 305 -16.16 -28.03 -0.74
N THR C 306 -16.59 -29.27 -0.57
CA THR C 306 -15.67 -30.31 -0.14
C THR C 306 -14.58 -30.40 -1.19
N GLU C 307 -14.99 -30.56 -2.46
CA GLU C 307 -14.06 -30.63 -3.58
C GLU C 307 -13.06 -29.50 -3.51
N LYS C 308 -13.59 -28.29 -3.38
CA LYS C 308 -12.78 -27.08 -3.29
C LYS C 308 -11.80 -27.13 -2.11
N LEU C 309 -12.27 -27.44 -0.91
CA LEU C 309 -11.40 -27.47 0.24
C LEU C 309 -10.32 -28.53 0.06
N SER C 310 -10.73 -29.65 -0.49
CA SER C 310 -9.80 -30.75 -0.71
C SER C 310 -8.74 -30.39 -1.78
N PHE C 311 -9.17 -29.74 -2.83
CA PHE C 311 -8.28 -29.35 -3.89
C PHE C 311 -7.25 -28.35 -3.38
N LEU C 312 -7.72 -27.30 -2.71
CA LEU C 312 -6.81 -26.29 -2.16
C LEU C 312 -5.87 -26.85 -1.12
N GLN C 313 -6.39 -27.77 -0.31
CA GLN C 313 -5.59 -28.39 0.74
C GLN C 313 -4.43 -29.15 0.11
N LYS C 314 -4.75 -29.96 -0.90
CA LYS C 314 -3.78 -30.77 -1.62
C LYS C 314 -2.68 -29.95 -2.32
N HIS C 315 -3.07 -28.85 -2.96
CA HIS C 315 -2.11 -28.02 -3.68
C HIS C 315 -1.48 -26.90 -2.87
N LEU C 316 -2.11 -26.50 -1.76
CA LEU C 316 -1.54 -25.40 -0.99
C LEU C 316 -1.17 -25.71 0.46
N LEU C 317 -1.98 -26.52 1.14
CA LEU C 317 -1.68 -26.84 2.54
C LEU C 317 -0.55 -27.83 2.77
N MET D 1 -50.27 -23.62 -19.47
CA MET D 1 -49.75 -22.67 -20.48
C MET D 1 -49.72 -23.25 -21.91
N GLN D 2 -48.52 -23.53 -22.37
CA GLN D 2 -48.31 -24.05 -23.71
C GLN D 2 -47.62 -25.42 -23.71
N LEU D 3 -47.63 -26.05 -24.88
CA LEU D 3 -46.98 -27.33 -25.10
C LEU D 3 -45.53 -27.25 -24.59
N PHE D 4 -44.96 -28.38 -24.17
CA PHE D 4 -43.58 -28.35 -23.67
C PHE D 4 -42.88 -29.70 -23.70
N ASP D 5 -43.61 -30.78 -23.49
CA ASP D 5 -43.01 -32.12 -23.49
C ASP D 5 -42.78 -32.58 -24.93
N LEU D 6 -42.58 -33.87 -25.11
CA LEU D 6 -42.37 -34.47 -26.43
C LEU D 6 -43.61 -34.19 -27.29
N SER D 7 -43.43 -34.19 -28.61
CA SER D 7 -44.55 -33.96 -29.52
C SER D 7 -45.54 -35.13 -29.35
N LEU D 8 -46.78 -34.94 -29.78
CA LEU D 8 -47.75 -36.00 -29.65
C LEU D 8 -47.29 -37.23 -30.40
N GLU D 9 -46.68 -37.03 -31.56
CA GLU D 9 -46.19 -38.14 -32.37
C GLU D 9 -45.16 -38.94 -31.59
N GLU D 10 -44.27 -38.25 -30.88
CA GLU D 10 -43.23 -38.91 -30.10
C GLU D 10 -43.84 -39.57 -28.87
N LEU D 11 -44.75 -38.87 -28.21
CA LEU D 11 -45.40 -39.39 -27.02
C LEU D 11 -46.04 -40.76 -27.23
N LYS D 12 -46.70 -40.93 -28.36
CA LYS D 12 -47.35 -42.19 -28.70
C LYS D 12 -46.37 -43.35 -28.80
N LYS D 13 -45.11 -43.02 -29.08
CA LYS D 13 -44.07 -44.04 -29.22
C LYS D 13 -43.16 -44.11 -28.01
N TYR D 14 -43.34 -43.20 -27.06
CA TYR D 14 -42.49 -43.20 -25.89
C TYR D 14 -42.76 -44.37 -24.96
N LYS D 15 -41.81 -45.29 -24.90
CA LYS D 15 -41.94 -46.46 -24.05
C LYS D 15 -40.56 -46.78 -23.47
N PRO D 16 -40.19 -46.11 -22.38
CA PRO D 16 -38.90 -46.33 -21.72
C PRO D 16 -38.70 -47.75 -21.17
N LYS D 17 -37.47 -48.23 -21.20
CA LYS D 17 -37.17 -49.56 -20.70
C LYS D 17 -37.54 -49.65 -19.23
N LYS D 18 -38.15 -50.76 -18.85
CA LYS D 18 -38.54 -50.95 -17.47
C LYS D 18 -37.30 -50.80 -16.59
N THR D 19 -37.50 -50.34 -15.36
CA THR D 19 -36.38 -50.15 -14.44
C THR D 19 -36.49 -51.13 -13.28
N ALA D 20 -37.43 -52.06 -13.39
CA ALA D 20 -37.66 -53.05 -12.34
C ALA D 20 -36.42 -53.90 -12.07
N ARG D 21 -36.09 -54.06 -10.80
CA ARG D 21 -34.95 -54.87 -10.41
C ARG D 21 -35.36 -56.32 -10.53
N PRO D 22 -34.39 -57.24 -10.53
CA PRO D 22 -34.67 -58.69 -10.65
C PRO D 22 -35.59 -59.25 -9.56
N ASP D 23 -35.67 -58.55 -8.43
CA ASP D 23 -36.50 -59.00 -7.31
C ASP D 23 -37.79 -58.20 -7.24
N PHE D 24 -38.18 -57.63 -8.36
CA PHE D 24 -39.40 -56.82 -8.42
C PHE D 24 -40.63 -57.54 -7.90
N SER D 25 -41.05 -58.59 -8.61
CA SER D 25 -42.23 -59.33 -8.19
C SER D 25 -42.03 -59.99 -6.83
N ASP D 26 -40.80 -60.31 -6.49
CA ASP D 26 -40.53 -60.91 -5.20
C ASP D 26 -40.80 -59.92 -4.07
N PHE D 27 -40.49 -58.66 -4.32
CA PHE D 27 -40.72 -57.61 -3.33
C PHE D 27 -42.20 -57.46 -3.07
N TRP D 28 -42.97 -57.43 -4.14
CA TRP D 28 -44.41 -57.28 -4.02
C TRP D 28 -45.06 -58.53 -3.47
N LYS D 29 -44.46 -59.67 -3.73
CA LYS D 29 -45.00 -60.93 -3.23
C LYS D 29 -44.85 -60.88 -1.71
N LYS D 30 -43.66 -60.50 -1.25
CA LYS D 30 -43.40 -60.42 0.17
C LYS D 30 -44.25 -59.35 0.84
N SER D 31 -44.37 -58.20 0.17
CA SER D 31 -45.15 -57.09 0.69
C SER D 31 -46.60 -57.46 0.87
N LEU D 32 -47.16 -58.13 -0.13
CA LEU D 32 -48.55 -58.54 -0.06
C LEU D 32 -48.73 -59.53 1.08
N GLU D 33 -47.71 -60.35 1.30
CA GLU D 33 -47.77 -61.34 2.37
C GLU D 33 -47.77 -60.68 3.75
N GLU D 34 -47.02 -59.60 3.91
CA GLU D 34 -47.01 -58.90 5.19
C GLU D 34 -48.37 -58.26 5.40
N LEU D 35 -49.00 -57.83 4.33
CA LEU D 35 -50.31 -57.20 4.44
C LEU D 35 -51.31 -58.25 4.90
N ARG D 36 -51.27 -59.40 4.24
CA ARG D 36 -52.17 -60.49 4.56
C ARG D 36 -52.09 -60.87 6.02
N GLN D 37 -50.93 -60.67 6.64
CA GLN D 37 -50.76 -61.02 8.03
C GLN D 37 -51.47 -60.06 8.98
N VAL D 38 -52.03 -58.98 8.44
CA VAL D 38 -52.73 -58.01 9.26
C VAL D 38 -54.21 -58.15 9.00
N GLU D 39 -54.95 -58.56 10.03
CA GLU D 39 -56.41 -58.71 9.90
C GLU D 39 -57.04 -57.37 9.59
N ALA D 40 -57.88 -57.34 8.56
CA ALA D 40 -58.54 -56.11 8.16
C ALA D 40 -59.32 -55.47 9.30
N GLU D 41 -60.11 -56.26 10.02
CA GLU D 41 -60.92 -55.75 11.13
C GLU D 41 -61.60 -54.43 10.78
N PRO D 42 -62.26 -54.35 9.60
CA PRO D 42 -62.93 -53.12 9.21
C PRO D 42 -64.04 -52.71 10.16
N THR D 43 -64.35 -51.42 10.16
CA THR D 43 -65.42 -50.91 11.00
C THR D 43 -66.23 -49.96 10.14
N LEU D 44 -67.53 -49.92 10.40
CA LEU D 44 -68.42 -49.07 9.62
C LEU D 44 -69.26 -48.25 10.58
N GLU D 45 -69.16 -46.93 10.48
CA GLU D 45 -69.91 -46.03 11.34
C GLU D 45 -70.71 -45.09 10.43
N SER D 46 -72.03 -45.08 10.58
CA SER D 46 -72.86 -44.23 9.74
C SER D 46 -72.49 -42.77 9.94
N TYR D 47 -72.61 -41.98 8.88
CA TYR D 47 -72.25 -40.57 8.91
C TYR D 47 -73.33 -39.73 8.26
N ASP D 48 -73.80 -38.70 8.98
CA ASP D 48 -74.86 -37.85 8.44
C ASP D 48 -74.36 -36.93 7.33
N TYR D 49 -75.15 -36.84 6.25
CA TYR D 49 -74.81 -36.00 5.12
C TYR D 49 -76.10 -35.57 4.47
N PRO D 50 -76.23 -34.29 4.12
CA PRO D 50 -77.45 -33.77 3.50
C PRO D 50 -77.71 -34.27 2.08
N VAL D 51 -78.05 -35.54 1.96
CA VAL D 51 -78.35 -36.13 0.67
C VAL D 51 -79.48 -37.13 0.80
N LYS D 52 -80.23 -37.32 -0.28
CA LYS D 52 -81.34 -38.26 -0.29
C LYS D 52 -80.99 -39.41 -1.23
N GLY D 53 -81.31 -40.63 -0.81
CA GLY D 53 -81.03 -41.78 -1.65
C GLY D 53 -79.66 -42.39 -1.50
N VAL D 54 -78.88 -41.90 -0.53
CA VAL D 54 -77.55 -42.42 -0.29
C VAL D 54 -77.25 -42.48 1.19
N LYS D 55 -76.57 -43.54 1.61
CA LYS D 55 -76.20 -43.72 3.01
C LYS D 55 -74.69 -43.59 3.04
N VAL D 56 -74.22 -42.70 3.90
CA VAL D 56 -72.79 -42.46 4.03
C VAL D 56 -72.25 -43.05 5.32
N TYR D 57 -71.02 -43.54 5.27
CA TYR D 57 -70.39 -44.13 6.44
C TYR D 57 -68.92 -43.74 6.49
N ARG D 58 -68.33 -43.92 7.65
CA ARG D 58 -66.91 -43.70 7.84
C ARG D 58 -66.40 -45.12 7.88
N LEU D 59 -65.53 -45.47 6.95
CA LEU D 59 -64.98 -46.82 6.94
C LEU D 59 -63.52 -46.80 7.35
N THR D 60 -63.15 -47.74 8.21
CA THR D 60 -61.76 -47.84 8.63
C THR D 60 -61.39 -49.32 8.61
N TYR D 61 -60.10 -49.59 8.37
CA TYR D 61 -59.61 -50.95 8.36
C TYR D 61 -58.13 -50.94 8.67
N GLN D 62 -57.61 -52.09 9.08
CA GLN D 62 -56.20 -52.22 9.42
C GLN D 62 -55.45 -52.70 8.18
N SER D 63 -54.28 -52.13 7.95
CA SER D 63 -53.47 -52.47 6.79
C SER D 63 -51.99 -52.60 7.13
N PHE D 64 -51.16 -52.67 6.12
CA PHE D 64 -49.72 -52.80 6.30
C PHE D 64 -49.21 -52.00 7.49
N GLY D 65 -48.40 -52.64 8.33
CA GLY D 65 -47.86 -51.97 9.50
C GLY D 65 -48.90 -51.69 10.55
N HIS D 66 -50.04 -52.38 10.47
CA HIS D 66 -51.09 -52.19 11.44
C HIS D 66 -51.57 -50.75 11.47
N SER D 67 -51.55 -50.10 10.31
CA SER D 67 -52.01 -48.73 10.20
C SER D 67 -53.52 -48.74 10.00
N LYS D 68 -54.20 -47.79 10.63
CA LYS D 68 -55.63 -47.68 10.50
C LYS D 68 -55.94 -46.74 9.33
N ILE D 69 -56.47 -47.30 8.25
CA ILE D 69 -56.83 -46.54 7.06
C ILE D 69 -58.31 -46.15 7.12
N GLU D 70 -58.63 -44.93 6.68
CA GLU D 70 -60.02 -44.45 6.69
C GLU D 70 -60.46 -43.88 5.36
N GLY D 71 -61.73 -43.47 5.33
CA GLY D 71 -62.28 -42.87 4.14
C GLY D 71 -63.79 -42.96 4.23
N PHE D 72 -64.49 -42.03 3.59
CA PHE D 72 -65.93 -42.07 3.60
C PHE D 72 -66.36 -43.14 2.62
N TYR D 73 -67.50 -43.77 2.92
CA TYR D 73 -68.06 -44.83 2.10
C TYR D 73 -69.54 -44.53 1.88
N ALA D 74 -69.91 -44.23 0.64
CA ALA D 74 -71.28 -43.90 0.30
C ALA D 74 -71.90 -45.05 -0.48
N VAL D 75 -73.13 -45.40 -0.13
CA VAL D 75 -73.83 -46.50 -0.79
C VAL D 75 -75.21 -46.07 -1.27
N PRO D 76 -75.59 -46.48 -2.48
CA PRO D 76 -76.90 -46.11 -2.99
C PRO D 76 -77.90 -46.66 -1.98
N ASP D 77 -78.90 -45.86 -1.63
CA ASP D 77 -79.88 -46.32 -0.66
C ASP D 77 -80.98 -47.12 -1.34
N GLN D 78 -80.60 -48.32 -1.77
CA GLN D 78 -81.52 -49.24 -2.43
C GLN D 78 -80.91 -50.62 -2.31
N THR D 79 -81.70 -51.67 -2.55
CA THR D 79 -81.22 -53.04 -2.45
C THR D 79 -80.08 -53.32 -3.42
N GLY D 80 -79.04 -53.99 -2.92
CA GLY D 80 -77.90 -54.33 -3.74
C GLY D 80 -78.07 -55.69 -4.40
N PRO D 81 -76.97 -56.32 -4.82
CA PRO D 81 -75.60 -55.80 -4.70
C PRO D 81 -75.39 -54.61 -5.62
N HIS D 82 -74.48 -53.73 -5.25
CA HIS D 82 -74.20 -52.54 -6.03
C HIS D 82 -72.82 -52.63 -6.65
N PRO D 83 -72.64 -51.98 -7.81
CA PRO D 83 -71.31 -52.02 -8.41
C PRO D 83 -70.55 -51.06 -7.50
N ALA D 84 -69.25 -51.26 -7.31
CA ALA D 84 -68.51 -50.39 -6.40
C ALA D 84 -67.30 -49.70 -7.01
N LEU D 85 -66.83 -48.66 -6.33
CA LEU D 85 -65.68 -47.90 -6.77
C LEU D 85 -64.79 -47.57 -5.59
N VAL D 86 -63.49 -47.73 -5.78
CA VAL D 86 -62.55 -47.35 -4.74
C VAL D 86 -61.87 -46.15 -5.39
N ARG D 87 -62.15 -44.97 -4.85
CA ARG D 87 -61.59 -43.74 -5.39
C ARG D 87 -60.36 -43.30 -4.61
N PHE D 88 -59.30 -42.95 -5.33
CA PHE D 88 -58.08 -42.49 -4.69
C PHE D 88 -57.88 -41.01 -5.00
N HIS D 89 -57.52 -40.22 -4.01
CA HIS D 89 -57.31 -38.80 -4.20
C HIS D 89 -55.89 -38.43 -4.60
N GLY D 90 -55.75 -37.18 -5.08
CA GLY D 90 -54.46 -36.69 -5.50
C GLY D 90 -53.55 -36.36 -4.35
N TYR D 91 -52.28 -36.15 -4.68
CA TYR D 91 -51.24 -35.83 -3.71
C TYR D 91 -51.59 -34.56 -2.95
N ASN D 92 -51.75 -34.67 -1.63
CA ASN D 92 -52.04 -33.52 -0.78
C ASN D 92 -53.25 -32.76 -1.27
N ALA D 93 -54.10 -33.44 -2.03
CA ALA D 93 -55.27 -32.80 -2.60
C ALA D 93 -56.61 -33.27 -2.04
N SER D 94 -56.61 -33.78 -0.81
CA SER D 94 -57.87 -34.23 -0.23
C SER D 94 -58.40 -33.21 0.76
N TYR D 95 -59.62 -32.75 0.52
CA TYR D 95 -60.26 -31.78 1.39
C TYR D 95 -61.48 -32.42 2.02
N ASP D 96 -61.51 -32.49 3.35
CA ASP D 96 -62.64 -33.08 4.04
C ASP D 96 -62.98 -34.47 3.48
N GLY D 97 -61.94 -35.23 3.17
CA GLY D 97 -62.11 -36.56 2.64
C GLY D 97 -62.79 -36.69 1.30
N GLY D 98 -62.90 -35.59 0.55
CA GLY D 98 -63.54 -35.65 -0.74
C GLY D 98 -64.94 -36.24 -0.64
N ILE D 99 -65.56 -36.07 0.52
CA ILE D 99 -66.88 -36.61 0.78
C ILE D 99 -67.97 -36.25 -0.22
N HIS D 100 -67.96 -35.01 -0.70
CA HIS D 100 -68.97 -34.59 -1.65
C HIS D 100 -68.90 -35.35 -2.97
N ASP D 101 -67.69 -35.68 -3.41
CA ASP D 101 -67.53 -36.43 -4.65
C ASP D 101 -67.89 -37.90 -4.45
N ILE D 102 -67.54 -38.43 -3.28
CA ILE D 102 -67.87 -39.81 -2.93
C ILE D 102 -69.40 -39.96 -2.99
N VAL D 103 -70.10 -39.03 -2.35
CA VAL D 103 -71.56 -39.08 -2.35
C VAL D 103 -72.12 -39.02 -3.77
N ASN D 104 -71.57 -38.14 -4.62
CA ASN D 104 -72.06 -38.06 -5.98
C ASN D 104 -71.83 -39.36 -6.72
N TRP D 105 -70.70 -40.02 -6.44
CA TRP D 105 -70.44 -41.28 -7.11
C TRP D 105 -71.52 -42.28 -6.71
N ALA D 106 -71.93 -42.24 -5.45
CA ALA D 106 -72.96 -43.13 -4.97
C ALA D 106 -74.29 -42.78 -5.64
N LEU D 107 -74.51 -41.49 -5.90
CA LEU D 107 -75.74 -41.07 -6.56
C LEU D 107 -75.77 -41.56 -8.00
N HIS D 108 -74.58 -41.79 -8.57
CA HIS D 108 -74.47 -42.30 -9.92
C HIS D 108 -74.72 -43.81 -9.90
N GLY D 109 -74.90 -44.34 -8.70
CA GLY D 109 -75.18 -45.76 -8.53
C GLY D 109 -74.04 -46.62 -8.03
N TYR D 110 -72.96 -46.01 -7.57
CA TYR D 110 -71.80 -46.78 -7.12
C TYR D 110 -71.53 -46.75 -5.62
N ALA D 111 -71.37 -47.93 -5.02
CA ALA D 111 -71.02 -48.01 -3.62
C ALA D 111 -69.57 -47.52 -3.69
N THR D 112 -69.32 -46.32 -3.17
CA THR D 112 -67.98 -45.74 -3.27
C THR D 112 -67.23 -45.48 -1.99
N PHE D 113 -65.94 -45.81 -2.01
CA PHE D 113 -65.07 -45.62 -0.86
C PHE D 113 -63.88 -44.77 -1.27
N GLY D 114 -63.72 -43.62 -0.63
CA GLY D 114 -62.61 -42.75 -0.94
C GLY D 114 -61.50 -43.00 0.06
N MET D 115 -60.61 -43.93 -0.26
CA MET D 115 -59.53 -44.24 0.65
C MET D 115 -58.62 -43.05 0.80
N LEU D 116 -58.43 -42.62 2.04
CA LEU D 116 -57.56 -41.49 2.31
C LEU D 116 -56.12 -42.00 2.40
N VAL D 117 -55.23 -41.38 1.63
CA VAL D 117 -53.82 -41.77 1.60
C VAL D 117 -53.07 -41.35 2.87
N ARG D 118 -52.39 -42.32 3.48
CA ARG D 118 -51.63 -42.13 4.71
C ARG D 118 -51.06 -40.74 4.97
N GLY D 119 -51.41 -40.18 6.13
CA GLY D 119 -50.90 -38.87 6.50
C GLY D 119 -51.28 -37.69 5.63
N GLN D 120 -51.98 -37.95 4.52
CA GLN D 120 -52.41 -36.87 3.62
C GLN D 120 -53.84 -36.41 3.89
N GLY D 121 -54.79 -36.99 3.16
CA GLY D 121 -56.18 -36.61 3.35
C GLY D 121 -56.77 -37.31 4.56
N GLY D 122 -56.00 -38.20 5.17
CA GLY D 122 -56.47 -38.92 6.33
C GLY D 122 -55.67 -40.18 6.51
N SER D 123 -56.17 -41.08 7.35
CA SER D 123 -55.53 -42.35 7.63
C SER D 123 -54.23 -42.23 8.41
N GLU D 124 -53.91 -43.29 9.11
CA GLU D 124 -52.72 -43.35 9.94
C GLU D 124 -51.56 -43.98 9.19
N ASP D 125 -50.36 -43.47 9.42
CA ASP D 125 -49.16 -44.04 8.82
C ASP D 125 -48.22 -44.43 9.97
N THR D 126 -48.15 -45.72 10.27
CA THR D 126 -47.31 -46.16 11.36
C THR D 126 -45.86 -46.34 10.92
N SER D 127 -45.62 -46.28 9.62
CA SER D 127 -44.26 -46.45 9.14
C SER D 127 -43.38 -45.33 9.63
N VAL D 128 -42.24 -45.72 10.19
CA VAL D 128 -41.25 -44.82 10.74
C VAL D 128 -40.53 -44.03 9.64
N THR D 129 -39.98 -42.88 10.01
CA THR D 129 -39.21 -42.08 9.07
C THR D 129 -37.76 -42.46 9.36
N PRO D 130 -37.14 -43.28 8.47
CA PRO D 130 -35.76 -43.74 8.62
C PRO D 130 -34.76 -42.60 8.80
N GLY D 131 -34.89 -41.56 8.00
CA GLY D 131 -33.97 -40.44 8.11
C GLY D 131 -34.46 -39.19 7.40
N GLY D 132 -33.53 -38.28 7.13
CA GLY D 132 -33.87 -37.05 6.46
C GLY D 132 -34.45 -37.23 5.07
N HIS D 133 -35.34 -36.32 4.68
CA HIS D 133 -35.95 -36.37 3.37
C HIS D 133 -36.51 -34.99 3.05
N ALA D 134 -36.79 -34.75 1.78
CA ALA D 134 -37.31 -33.45 1.37
C ALA D 134 -38.72 -33.23 1.93
N LEU D 135 -39.11 -31.96 2.02
CA LEU D 135 -40.42 -31.56 2.50
C LEU D 135 -41.46 -32.32 1.67
N GLY D 136 -42.29 -33.13 2.31
CA GLY D 136 -43.30 -33.87 1.58
C GLY D 136 -43.23 -35.36 1.84
N TRP D 137 -44.03 -36.13 1.12
CA TRP D 137 -44.07 -37.58 1.27
C TRP D 137 -43.26 -38.31 0.20
N MET D 138 -43.02 -37.63 -0.92
CA MET D 138 -42.29 -38.23 -2.03
C MET D 138 -40.98 -38.92 -1.69
N THR D 139 -40.25 -38.41 -0.71
CA THR D 139 -38.97 -39.03 -0.40
C THR D 139 -38.89 -39.68 0.98
N LYS D 140 -40.02 -39.80 1.66
CA LYS D 140 -40.01 -40.41 2.98
C LYS D 140 -39.63 -41.89 2.87
N GLY D 141 -38.53 -42.25 3.53
CA GLY D 141 -38.06 -43.64 3.51
C GLY D 141 -37.62 -44.09 2.14
N ILE D 142 -37.18 -43.14 1.31
CA ILE D 142 -36.76 -43.44 -0.05
C ILE D 142 -35.49 -44.27 -0.23
N LEU D 143 -34.70 -44.42 0.84
CA LEU D 143 -33.46 -45.19 0.73
C LEU D 143 -33.65 -46.71 0.81
N SER D 144 -34.90 -47.15 0.81
CA SER D 144 -35.19 -48.57 0.87
C SER D 144 -36.63 -48.87 0.47
N LYS D 145 -36.81 -49.86 -0.39
CA LYS D 145 -38.15 -50.25 -0.84
C LYS D 145 -39.02 -50.68 0.34
N ASP D 146 -38.42 -51.22 1.38
CA ASP D 146 -39.20 -51.65 2.54
C ASP D 146 -39.74 -50.48 3.36
N THR D 147 -39.00 -49.38 3.39
CA THR D 147 -39.40 -48.22 4.18
C THR D 147 -40.09 -47.13 3.37
N TYR D 148 -40.07 -47.22 2.05
CA TYR D 148 -40.66 -46.17 1.23
C TYR D 148 -42.14 -45.90 1.47
N TYR D 149 -42.46 -44.62 1.59
CA TYR D 149 -43.83 -44.17 1.83
C TYR D 149 -44.93 -44.90 1.08
N TYR D 150 -44.78 -45.03 -0.24
CA TYR D 150 -45.80 -45.67 -1.05
C TYR D 150 -45.96 -47.18 -0.91
N ARG D 151 -45.05 -47.82 -0.20
CA ARG D 151 -45.19 -49.26 -0.01
C ARG D 151 -46.47 -49.44 0.77
N GLY D 152 -46.58 -48.76 1.91
CA GLY D 152 -47.77 -48.85 2.72
C GLY D 152 -49.00 -48.41 1.96
N VAL D 153 -48.90 -47.28 1.24
CA VAL D 153 -50.02 -46.74 0.48
C VAL D 153 -50.56 -47.75 -0.54
N TYR D 154 -49.68 -48.31 -1.37
CA TYR D 154 -50.12 -49.28 -2.38
C TYR D 154 -50.83 -50.44 -1.70
N LEU D 155 -50.28 -50.91 -0.58
CA LEU D 155 -50.88 -52.01 0.15
C LEU D 155 -52.22 -51.60 0.73
N ASP D 156 -52.34 -50.33 1.15
CA ASP D 156 -53.61 -49.86 1.70
C ASP D 156 -54.65 -49.93 0.58
N ALA D 157 -54.21 -49.59 -0.63
CA ALA D 157 -55.08 -49.61 -1.81
C ALA D 157 -55.59 -51.01 -2.09
N VAL D 158 -54.68 -51.99 -2.02
CA VAL D 158 -55.08 -53.37 -2.25
C VAL D 158 -56.05 -53.79 -1.14
N ARG D 159 -55.68 -53.54 0.11
CA ARG D 159 -56.51 -53.89 1.24
C ARG D 159 -57.90 -53.27 1.14
N ALA D 160 -57.97 -52.06 0.56
CA ALA D 160 -59.23 -51.35 0.41
C ALA D 160 -60.16 -52.15 -0.47
N LEU D 161 -59.59 -52.75 -1.52
CA LEU D 161 -60.37 -53.56 -2.45
C LEU D 161 -60.85 -54.85 -1.77
N GLU D 162 -60.00 -55.43 -0.94
CA GLU D 162 -60.34 -56.65 -0.23
C GLU D 162 -61.48 -56.39 0.73
N VAL D 163 -61.42 -55.25 1.42
CA VAL D 163 -62.46 -54.89 2.38
C VAL D 163 -63.79 -54.63 1.68
N ILE D 164 -63.77 -53.81 0.65
CA ILE D 164 -64.99 -53.49 -0.09
C ILE D 164 -65.65 -54.72 -0.70
N GLN D 165 -64.88 -55.55 -1.37
CA GLN D 165 -65.44 -56.74 -2.00
C GLN D 165 -66.05 -57.69 -0.98
N SER D 166 -65.62 -57.60 0.28
CA SER D 166 -66.16 -58.49 1.31
C SER D 166 -67.55 -58.06 1.71
N PHE D 167 -67.89 -56.80 1.47
CA PHE D 167 -69.22 -56.30 1.83
C PHE D 167 -70.29 -57.04 1.04
N PRO D 168 -71.33 -57.51 1.74
CA PRO D 168 -72.43 -58.22 1.07
C PRO D 168 -73.24 -57.37 0.10
N GLU D 169 -73.32 -56.07 0.36
CA GLU D 169 -74.08 -55.18 -0.53
C GLU D 169 -73.26 -54.79 -1.75
N VAL D 170 -72.02 -55.28 -1.81
CA VAL D 170 -71.13 -54.98 -2.92
C VAL D 170 -70.96 -56.17 -3.88
N ASP D 171 -71.17 -55.92 -5.16
CA ASP D 171 -71.02 -56.97 -6.17
C ASP D 171 -69.52 -57.07 -6.47
N GLU D 172 -68.88 -58.06 -5.87
CA GLU D 172 -67.44 -58.24 -6.06
C GLU D 172 -66.97 -58.30 -7.51
N HIS D 173 -67.87 -58.64 -8.43
CA HIS D 173 -67.50 -58.73 -9.84
C HIS D 173 -67.65 -57.42 -10.62
N ARG D 174 -68.07 -56.37 -9.93
CA ARG D 174 -68.25 -55.07 -10.57
C ARG D 174 -67.64 -53.97 -9.73
N ILE D 175 -66.35 -54.11 -9.46
CA ILE D 175 -65.62 -53.13 -8.69
C ILE D 175 -64.62 -52.44 -9.59
N GLY D 176 -64.61 -51.11 -9.57
CA GLY D 176 -63.67 -50.39 -10.40
C GLY D 176 -62.81 -49.53 -9.51
N VAL D 177 -61.60 -49.23 -9.95
CA VAL D 177 -60.71 -48.38 -9.17
C VAL D 177 -60.46 -47.11 -9.99
N ILE D 178 -60.64 -45.95 -9.36
CA ILE D 178 -60.43 -44.70 -10.08
C ILE D 178 -59.63 -43.69 -9.26
N GLY D 179 -59.11 -42.68 -9.95
CA GLY D 179 -58.33 -41.66 -9.27
C GLY D 179 -57.60 -40.73 -10.22
N GLY D 180 -57.18 -39.58 -9.71
CA GLY D 180 -56.44 -38.64 -10.52
C GLY D 180 -55.04 -38.43 -9.97
N TIS D 181 -54.06 -38.26 -10.87
CA TIS D 181 -52.66 -38.05 -10.46
CB TIS D 181 -52.54 -36.71 -9.73
OG TIS D 181 -51.21 -36.44 -9.29
C TIS D 181 -52.25 -39.20 -9.56
O TIS D 181 -52.24 -40.35 -9.97
C1T TIS D 181 -50.87 -35.63 -8.14
O1T TIS D 181 -51.56 -34.37 -8.19
O2T TIS D 181 -51.27 -36.33 -6.95
C2T TIS D 181 -49.37 -35.40 -8.12
N GLN D 182 -51.93 -38.87 -8.31
CA GLN D 182 -51.55 -39.89 -7.35
C GLN D 182 -52.67 -40.94 -7.27
N GLY D 183 -53.92 -40.47 -7.36
CA GLY D 183 -55.04 -41.38 -7.30
C GLY D 183 -55.07 -42.32 -8.49
N GLY D 184 -54.69 -41.82 -9.66
CA GLY D 184 -54.67 -42.64 -10.85
C GLY D 184 -53.56 -43.67 -10.73
N ALA D 185 -52.46 -43.27 -10.09
CA ALA D 185 -51.32 -44.14 -9.87
C ALA D 185 -51.72 -45.29 -8.93
N LEU D 186 -52.43 -44.96 -7.85
CA LEU D 186 -52.87 -45.98 -6.90
C LEU D 186 -53.87 -46.91 -7.59
N ALA D 187 -54.72 -46.35 -8.45
CA ALA D 187 -55.69 -47.16 -9.17
C ALA D 187 -54.95 -48.22 -10.00
N ILE D 188 -54.00 -47.77 -10.81
CA ILE D 188 -53.21 -48.66 -11.64
C ILE D 188 -52.42 -49.66 -10.81
N ALA D 189 -51.81 -49.19 -9.73
CA ALA D 189 -51.02 -50.07 -8.88
C ALA D 189 -51.89 -51.14 -8.20
N ALA D 190 -53.10 -50.75 -7.82
CA ALA D 190 -54.02 -51.66 -7.19
C ALA D 190 -54.44 -52.76 -8.18
N ALA D 191 -54.70 -52.37 -9.42
CA ALA D 191 -55.10 -53.33 -10.44
C ALA D 191 -53.96 -54.29 -10.78
N ALA D 192 -52.73 -53.83 -10.61
CA ALA D 192 -51.56 -54.66 -10.90
C ALA D 192 -51.27 -55.66 -9.79
N LEU D 193 -51.60 -55.28 -8.55
CA LEU D 193 -51.34 -56.14 -7.41
C LEU D 193 -52.54 -56.99 -6.97
N SER D 194 -53.73 -56.62 -7.44
CA SER D 194 -54.95 -57.34 -7.08
C SER D 194 -55.82 -57.56 -8.29
N ASP D 195 -56.45 -58.72 -8.38
CA ASP D 195 -57.30 -58.98 -9.52
C ASP D 195 -58.74 -58.70 -9.18
N ILE D 196 -58.96 -58.13 -8.01
CA ILE D 196 -60.31 -57.78 -7.56
C ILE D 196 -60.96 -56.74 -8.48
N PRO D 197 -60.24 -55.66 -8.83
CA PRO D 197 -60.80 -54.63 -9.70
C PRO D 197 -61.16 -55.17 -11.08
N LYS D 198 -62.30 -54.76 -11.60
CA LYS D 198 -62.71 -55.21 -12.92
C LYS D 198 -62.20 -54.24 -13.96
N VAL D 199 -62.31 -52.95 -13.68
CA VAL D 199 -61.83 -51.93 -14.61
C VAL D 199 -61.01 -50.87 -13.88
N VAL D 200 -60.27 -50.09 -14.66
CA VAL D 200 -59.42 -49.05 -14.09
C VAL D 200 -59.53 -47.73 -14.82
N VAL D 201 -59.67 -46.66 -14.06
CA VAL D 201 -59.71 -45.32 -14.64
C VAL D 201 -58.65 -44.49 -13.93
N ALA D 202 -57.71 -43.96 -14.70
CA ALA D 202 -56.64 -43.15 -14.13
C ALA D 202 -56.46 -41.85 -14.90
N ASP D 203 -56.59 -40.74 -14.19
CA ASP D 203 -56.44 -39.42 -14.80
C ASP D 203 -54.99 -39.04 -14.64
N TYR D 204 -54.31 -38.77 -15.75
CA TYR D 204 -52.90 -38.40 -15.73
C TYR D 204 -52.16 -38.96 -14.50
N PRO D 205 -51.98 -40.29 -14.43
CA PRO D 205 -51.32 -40.99 -13.34
C PRO D 205 -49.93 -40.49 -12.97
N TYR D 206 -49.71 -40.39 -11.66
CA TYR D 206 -48.48 -39.92 -11.08
C TYR D 206 -47.57 -41.15 -10.83
N LEU D 207 -46.45 -40.94 -10.15
CA LEU D 207 -45.52 -42.03 -9.86
C LEU D 207 -45.16 -42.87 -11.09
N SER D 208 -44.82 -42.20 -12.19
CA SER D 208 -44.51 -42.89 -13.43
C SER D 208 -43.26 -42.40 -14.15
N ASN D 209 -42.34 -43.31 -14.47
CA ASN D 209 -41.11 -42.97 -15.16
C ASN D 209 -40.35 -41.89 -14.39
N PHE D 210 -40.08 -42.18 -13.12
CA PHE D 210 -39.38 -41.27 -12.21
C PHE D 210 -38.12 -40.64 -12.78
N GLU D 211 -37.27 -41.46 -13.37
CA GLU D 211 -36.00 -40.97 -13.89
C GLU D 211 -36.18 -39.88 -14.94
N ARG D 212 -37.29 -39.91 -15.66
CA ARG D 212 -37.53 -38.87 -16.65
C ARG D 212 -38.30 -37.73 -15.99
N ALA D 213 -39.25 -38.09 -15.15
CA ALA D 213 -40.08 -37.12 -14.46
C ALA D 213 -39.26 -36.02 -13.80
N VAL D 214 -38.21 -36.40 -13.08
CA VAL D 214 -37.40 -35.40 -12.39
C VAL D 214 -36.65 -34.46 -13.34
N ASP D 215 -36.62 -34.80 -14.62
CA ASP D 215 -35.94 -33.96 -15.61
C ASP D 215 -36.90 -33.17 -16.50
N VAL D 216 -38.18 -33.53 -16.45
CA VAL D 216 -39.18 -32.89 -17.28
C VAL D 216 -40.22 -32.09 -16.50
N ALA D 217 -40.60 -32.58 -15.34
CA ALA D 217 -41.58 -31.89 -14.52
C ALA D 217 -41.14 -30.46 -14.24
N LEU D 218 -42.10 -29.55 -14.17
CA LEU D 218 -41.83 -28.14 -13.90
C LEU D 218 -42.52 -27.66 -12.62
N GLU D 219 -43.25 -28.55 -11.97
CA GLU D 219 -43.95 -28.22 -10.73
C GLU D 219 -43.84 -29.38 -9.78
N GLN D 220 -44.31 -29.18 -8.55
CA GLN D 220 -44.31 -30.24 -7.56
C GLN D 220 -45.34 -31.29 -8.03
N PRO D 221 -45.32 -32.50 -7.43
CA PRO D 221 -44.43 -32.97 -6.36
C PRO D 221 -43.25 -33.84 -6.82
N TYR D 222 -43.11 -34.08 -8.10
CA TYR D 222 -41.99 -34.88 -8.58
C TYR D 222 -40.67 -34.24 -8.17
N LEU D 223 -40.62 -32.92 -8.24
CA LEU D 223 -39.40 -32.20 -7.90
C LEU D 223 -38.97 -32.36 -6.45
N GLU D 224 -39.82 -32.95 -5.62
CA GLU D 224 -39.46 -33.20 -4.23
C GLU D 224 -38.23 -34.10 -4.26
N ILE D 225 -38.18 -34.99 -5.24
CA ILE D 225 -37.04 -35.89 -5.40
C ILE D 225 -35.80 -35.04 -5.68
N ASN D 226 -35.93 -34.08 -6.59
CA ASN D 226 -34.83 -33.18 -6.91
C ASN D 226 -34.36 -32.47 -5.64
N SER D 227 -35.32 -32.01 -4.84
CA SER D 227 -35.01 -31.31 -3.60
C SER D 227 -34.24 -32.22 -2.65
N TYR D 228 -34.63 -33.47 -2.64
CA TYR D 228 -34.01 -34.47 -1.80
C TYR D 228 -32.53 -34.61 -2.16
N PHE D 229 -32.23 -34.77 -3.45
CA PHE D 229 -30.84 -34.92 -3.87
C PHE D 229 -30.04 -33.66 -3.58
N ARG D 230 -30.68 -32.50 -3.64
CA ARG D 230 -29.96 -31.27 -3.34
C ARG D 230 -29.51 -31.31 -1.89
N ARG D 231 -30.27 -31.98 -1.04
CA ARG D 231 -29.95 -32.06 0.38
C ARG D 231 -29.05 -33.22 0.76
N ASN D 232 -28.90 -34.18 -0.15
CA ASN D 232 -28.04 -35.35 0.05
C ASN D 232 -27.26 -35.55 -1.23
N SER D 233 -26.14 -34.84 -1.36
CA SER D 233 -25.31 -34.91 -2.56
C SER D 233 -24.65 -36.25 -2.84
N ASP D 234 -24.61 -37.13 -1.85
CA ASP D 234 -23.97 -38.43 -2.04
C ASP D 234 -24.49 -39.12 -3.29
N PRO D 235 -23.60 -39.39 -4.25
CA PRO D 235 -23.98 -40.06 -5.50
C PRO D 235 -24.68 -41.40 -5.27
N LYS D 236 -24.24 -42.12 -4.24
CA LYS D 236 -24.86 -43.40 -3.94
C LYS D 236 -26.31 -43.22 -3.50
N VAL D 237 -26.61 -42.10 -2.84
CA VAL D 237 -27.96 -41.84 -2.39
C VAL D 237 -28.90 -41.72 -3.58
N GLU D 238 -28.39 -41.15 -4.68
CA GLU D 238 -29.22 -40.99 -5.86
C GLU D 238 -29.47 -42.33 -6.54
N GLU D 239 -28.46 -43.18 -6.60
CA GLU D 239 -28.62 -44.50 -7.22
C GLU D 239 -29.64 -45.27 -6.40
N LYS D 240 -29.45 -45.24 -5.09
CA LYS D 240 -30.33 -45.94 -4.18
C LYS D 240 -31.77 -45.46 -4.31
N ALA D 241 -31.96 -44.14 -4.25
CA ALA D 241 -33.30 -43.56 -4.36
C ALA D 241 -34.04 -44.05 -5.59
N PHE D 242 -33.40 -43.96 -6.75
CA PHE D 242 -34.03 -44.41 -7.98
C PHE D 242 -34.26 -45.92 -7.97
N GLU D 243 -33.39 -46.62 -7.25
CA GLU D 243 -33.49 -48.07 -7.14
C GLU D 243 -34.80 -48.32 -6.40
N THR D 244 -34.99 -47.56 -5.32
CA THR D 244 -36.19 -47.70 -4.51
C THR D 244 -37.43 -47.37 -5.32
N LEU D 245 -37.40 -46.22 -5.98
CA LEU D 245 -38.56 -45.78 -6.77
C LEU D 245 -38.98 -46.76 -7.86
N SER D 246 -38.03 -47.50 -8.43
CA SER D 246 -38.40 -48.44 -9.48
C SER D 246 -39.42 -49.49 -9.04
N TYR D 247 -39.44 -49.84 -7.75
CA TYR D 247 -40.39 -50.83 -7.25
C TYR D 247 -41.82 -50.28 -7.19
N PHE D 248 -41.95 -48.96 -7.33
CA PHE D 248 -43.27 -48.33 -7.27
C PHE D 248 -43.63 -47.61 -8.56
N ASP D 249 -42.70 -47.60 -9.52
CA ASP D 249 -42.89 -46.93 -10.79
C ASP D 249 -43.95 -47.62 -11.65
N LEU D 250 -44.93 -46.86 -12.13
CA LEU D 250 -45.99 -47.43 -12.96
C LEU D 250 -45.50 -48.14 -14.22
N ILE D 251 -44.37 -47.72 -14.79
CA ILE D 251 -43.89 -48.38 -15.99
C ILE D 251 -43.49 -49.82 -15.71
N ASN D 252 -43.25 -50.14 -14.44
CA ASN D 252 -42.88 -51.49 -14.05
C ASN D 252 -44.07 -52.27 -13.54
N LEU D 253 -45.13 -51.56 -13.17
CA LEU D 253 -46.34 -52.21 -12.66
C LEU D 253 -47.40 -52.39 -13.74
N ALA D 254 -47.41 -51.48 -14.70
CA ALA D 254 -48.37 -51.49 -15.79
C ALA D 254 -48.55 -52.86 -16.42
N GLY D 255 -47.43 -53.55 -16.65
CA GLY D 255 -47.50 -54.86 -17.27
C GLY D 255 -48.36 -55.90 -16.57
N TRP D 256 -48.64 -55.71 -15.29
CA TRP D 256 -49.45 -56.66 -14.54
C TRP D 256 -50.94 -56.38 -14.64
N VAL D 257 -51.28 -55.22 -15.18
CA VAL D 257 -52.69 -54.84 -15.30
C VAL D 257 -53.34 -55.63 -16.42
N LYS D 258 -54.42 -56.33 -16.10
CA LYS D 258 -55.14 -57.12 -17.08
C LYS D 258 -56.55 -56.55 -17.26
N GLN D 259 -56.91 -55.60 -16.41
CA GLN D 259 -58.23 -54.99 -16.48
C GLN D 259 -58.36 -53.90 -17.52
N PRO D 260 -59.58 -53.74 -18.08
CA PRO D 260 -59.79 -52.69 -19.09
C PRO D 260 -59.37 -51.39 -18.40
N THR D 261 -58.59 -50.57 -19.08
CA THR D 261 -58.11 -49.33 -18.49
C THR D 261 -58.36 -48.08 -19.33
N LEU D 262 -58.80 -47.01 -18.65
CA LEU D 262 -59.07 -45.73 -19.31
C LEU D 262 -58.20 -44.67 -18.67
N MET D 263 -57.38 -44.02 -19.48
CA MET D 263 -56.49 -42.97 -18.99
C MET D 263 -56.71 -41.65 -19.71
N ALA D 264 -56.29 -40.56 -19.06
CA ALA D 264 -56.41 -39.24 -19.64
C ALA D 264 -55.10 -38.50 -19.43
N ILE D 265 -54.83 -37.52 -20.29
CA ILE D 265 -53.63 -36.72 -20.17
C ILE D 265 -53.82 -35.38 -20.88
N GLY D 266 -53.40 -34.31 -20.22
CA GLY D 266 -53.50 -32.99 -20.82
C GLY D 266 -52.11 -32.72 -21.35
N LEU D 267 -51.99 -32.22 -22.57
CA LEU D 267 -50.67 -31.98 -23.14
C LEU D 267 -49.90 -30.82 -22.54
N ILE D 268 -50.55 -30.00 -21.73
CA ILE D 268 -49.83 -28.90 -21.09
C ILE D 268 -49.71 -29.13 -19.58
N ASP D 269 -49.84 -30.39 -19.18
CA ASP D 269 -49.75 -30.77 -17.78
C ASP D 269 -48.30 -30.69 -17.31
N LYS D 270 -48.01 -29.79 -16.38
CA LYS D 270 -46.65 -29.63 -15.89
C LYS D 270 -46.32 -30.41 -14.62
N ILE D 271 -47.34 -31.00 -14.00
CA ILE D 271 -47.16 -31.76 -12.77
C ILE D 271 -46.86 -33.21 -13.11
N THR D 272 -47.66 -33.79 -13.99
CA THR D 272 -47.46 -35.15 -14.46
C THR D 272 -47.28 -34.99 -15.96
N PRO D 273 -46.04 -34.71 -16.39
CA PRO D 273 -45.71 -34.52 -17.80
C PRO D 273 -46.26 -35.60 -18.70
N PRO D 274 -46.80 -35.21 -19.87
CA PRO D 274 -47.37 -36.16 -20.82
C PRO D 274 -46.48 -37.38 -21.07
N SER D 275 -45.19 -37.15 -21.22
CA SER D 275 -44.27 -38.26 -21.47
C SER D 275 -44.36 -39.32 -20.38
N THR D 276 -44.38 -38.90 -19.12
CA THR D 276 -44.45 -39.85 -18.02
C THR D 276 -45.77 -40.61 -17.99
N VAL D 277 -46.83 -39.98 -18.50
CA VAL D 277 -48.13 -40.63 -18.51
C VAL D 277 -48.22 -41.59 -19.69
N PHE D 278 -47.70 -41.17 -20.84
CA PHE D 278 -47.71 -42.02 -22.02
C PHE D 278 -46.82 -43.22 -21.73
N ALA D 279 -45.76 -42.98 -20.96
CA ALA D 279 -44.85 -44.04 -20.57
C ALA D 279 -45.62 -45.16 -19.85
N ALA D 280 -46.45 -44.78 -18.88
CA ALA D 280 -47.23 -45.76 -18.15
C ALA D 280 -48.21 -46.43 -19.09
N TYR D 281 -48.90 -45.63 -19.90
CA TYR D 281 -49.87 -46.15 -20.84
C TYR D 281 -49.27 -47.14 -21.83
N ASN D 282 -48.10 -46.81 -22.34
CA ASN D 282 -47.43 -47.68 -23.31
C ASN D 282 -46.88 -48.97 -22.73
N HIS D 283 -46.90 -49.09 -21.40
CA HIS D 283 -46.39 -50.30 -20.77
C HIS D 283 -47.54 -51.23 -20.40
N LEU D 284 -48.76 -50.75 -20.63
CA LEU D 284 -49.97 -51.51 -20.35
C LEU D 284 -50.26 -52.43 -21.51
N GLU D 285 -50.46 -53.71 -21.20
CA GLU D 285 -50.81 -54.70 -22.20
C GLU D 285 -52.15 -55.25 -21.72
N THR D 286 -53.20 -54.53 -22.07
CA THR D 286 -54.55 -54.88 -21.68
C THR D 286 -55.51 -54.02 -22.50
N ASP D 287 -56.80 -54.27 -22.33
CA ASP D 287 -57.80 -53.51 -23.04
C ASP D 287 -57.60 -52.10 -22.50
N LYS D 288 -57.17 -51.17 -23.35
CA LYS D 288 -56.90 -49.82 -22.87
C LYS D 288 -57.22 -48.72 -23.86
N ASP D 289 -57.22 -47.49 -23.35
CA ASP D 289 -57.48 -46.31 -24.16
C ASP D 289 -57.04 -45.06 -23.40
N LEU D 290 -56.27 -44.22 -24.08
CA LEU D 290 -55.76 -42.98 -23.51
C LEU D 290 -56.40 -41.77 -24.19
N LYS D 291 -57.17 -40.99 -23.44
CA LYS D 291 -57.81 -39.80 -23.98
C LYS D 291 -56.85 -38.63 -23.87
N VAL D 292 -56.50 -38.04 -25.02
CA VAL D 292 -55.58 -36.93 -25.02
C VAL D 292 -56.31 -35.61 -25.17
N TYR D 293 -55.97 -34.66 -24.32
CA TYR D 293 -56.59 -33.35 -24.31
C TYR D 293 -55.53 -32.28 -24.48
N ARG D 294 -55.43 -31.78 -25.70
CA ARG D 294 -54.45 -30.76 -26.07
C ARG D 294 -54.38 -29.53 -25.20
N TYR D 295 -55.54 -28.98 -24.87
CA TYR D 295 -55.61 -27.74 -24.10
C TYR D 295 -55.76 -27.83 -22.59
N PHE D 296 -55.55 -29.00 -22.00
CA PHE D 296 -55.67 -29.11 -20.56
C PHE D 296 -54.39 -29.53 -19.89
N GLY D 297 -54.32 -29.29 -18.59
CA GLY D 297 -53.16 -29.66 -17.80
C GLY D 297 -53.55 -30.57 -16.66
N HIS D 298 -52.92 -30.35 -15.51
CA HIS D 298 -53.19 -31.16 -14.31
C HIS D 298 -54.43 -30.59 -13.65
N GLU D 299 -55.61 -30.95 -14.15
CA GLU D 299 -56.85 -30.40 -13.63
C GLU D 299 -58.03 -31.25 -14.08
N PHE D 300 -59.21 -30.83 -13.66
CA PHE D 300 -60.43 -31.52 -14.06
C PHE D 300 -60.67 -31.25 -15.53
N ILE D 301 -60.91 -32.31 -16.30
CA ILE D 301 -61.15 -32.19 -17.73
C ILE D 301 -62.59 -32.64 -18.00
N PRO D 302 -63.50 -31.67 -18.22
CA PRO D 302 -64.91 -31.99 -18.48
C PRO D 302 -65.15 -33.09 -19.48
N ALA D 303 -64.53 -33.00 -20.65
CA ALA D 303 -64.71 -34.01 -21.68
C ALA D 303 -64.36 -35.41 -21.18
N PHE D 304 -63.35 -35.48 -20.30
CA PHE D 304 -62.93 -36.77 -19.79
C PHE D 304 -63.91 -37.31 -18.76
N GLN D 305 -64.68 -36.43 -18.12
CA GLN D 305 -65.66 -36.87 -17.13
C GLN D 305 -66.71 -37.70 -17.84
N THR D 306 -67.16 -37.23 -19.00
CA THR D 306 -68.16 -37.96 -19.77
C THR D 306 -67.58 -39.32 -20.12
N GLU D 307 -66.36 -39.33 -20.65
CA GLU D 307 -65.67 -40.55 -21.01
C GLU D 307 -65.66 -41.50 -19.83
N LYS D 308 -65.24 -40.97 -18.68
CA LYS D 308 -65.15 -41.73 -17.45
C LYS D 308 -66.51 -42.31 -17.04
N LEU D 309 -67.53 -41.47 -16.93
CA LEU D 309 -68.85 -41.92 -16.56
C LEU D 309 -69.36 -42.97 -17.52
N SER D 310 -69.11 -42.73 -18.80
CA SER D 310 -69.55 -43.66 -19.84
C SER D 310 -68.82 -44.99 -19.76
N PHE D 311 -67.53 -44.95 -19.47
CA PHE D 311 -66.72 -46.14 -19.35
C PHE D 311 -67.17 -46.98 -18.16
N LEU D 312 -67.28 -46.35 -16.99
CA LEU D 312 -67.70 -47.05 -15.77
C LEU D 312 -69.12 -47.60 -15.90
N GLN D 313 -69.99 -46.83 -16.56
CA GLN D 313 -71.37 -47.24 -16.74
C GLN D 313 -71.43 -48.53 -17.57
N LYS D 314 -70.65 -48.55 -18.65
CA LYS D 314 -70.60 -49.69 -19.55
C LYS D 314 -70.03 -50.97 -18.89
N HIS D 315 -69.00 -50.82 -18.07
CA HIS D 315 -68.36 -51.97 -17.44
C HIS D 315 -68.88 -52.34 -16.05
N LEU D 316 -69.56 -51.42 -15.39
CA LEU D 316 -70.04 -51.70 -14.05
C LEU D 316 -71.55 -51.59 -13.87
N LEU D 317 -72.15 -50.57 -14.48
CA LEU D 317 -73.58 -50.35 -14.36
C LEU D 317 -74.37 -51.28 -15.25
N MET E 1 -36.26 -10.76 -21.71
CA MET E 1 -36.76 -12.09 -22.19
C MET E 1 -35.67 -12.76 -23.02
N GLN E 2 -36.01 -13.86 -23.67
CA GLN E 2 -35.05 -14.61 -24.48
C GLN E 2 -35.64 -15.25 -25.73
N LEU E 3 -34.77 -15.71 -26.62
CA LEU E 3 -35.17 -16.40 -27.84
C LEU E 3 -36.02 -17.61 -27.45
N PHE E 4 -36.92 -18.04 -28.32
CA PHE E 4 -37.78 -19.17 -27.99
C PHE E 4 -38.36 -19.87 -29.22
N ASP E 5 -38.70 -19.09 -30.25
CA ASP E 5 -39.34 -19.64 -31.44
C ASP E 5 -38.28 -20.33 -32.29
N LEU E 6 -38.60 -20.57 -33.56
CA LEU E 6 -37.68 -21.19 -34.50
C LEU E 6 -36.45 -20.29 -34.64
N SER E 7 -35.32 -20.89 -35.02
CA SER E 7 -34.08 -20.14 -35.22
C SER E 7 -34.30 -19.17 -36.37
N LEU E 8 -33.50 -18.12 -36.45
CA LEU E 8 -33.64 -17.15 -37.53
C LEU E 8 -33.50 -17.85 -38.88
N GLU E 9 -32.58 -18.81 -38.96
CA GLU E 9 -32.37 -19.52 -40.20
C GLU E 9 -33.65 -20.25 -40.62
N GLU E 10 -34.34 -20.86 -39.66
CA GLU E 10 -35.57 -21.58 -39.96
C GLU E 10 -36.72 -20.61 -40.27
N LEU E 11 -36.77 -19.52 -39.50
CA LEU E 11 -37.82 -18.52 -39.68
C LEU E 11 -37.89 -17.99 -41.11
N LYS E 12 -36.74 -17.71 -41.69
CA LYS E 12 -36.67 -17.20 -43.05
C LYS E 12 -37.24 -18.17 -44.07
N LYS E 13 -37.24 -19.45 -43.72
CA LYS E 13 -37.77 -20.46 -44.62
C LYS E 13 -39.16 -20.94 -44.23
N TYR E 14 -39.65 -20.50 -43.08
CA TYR E 14 -40.98 -20.93 -42.62
C TYR E 14 -42.11 -20.38 -43.46
N LYS E 15 -42.76 -21.25 -44.22
CA LYS E 15 -43.86 -20.85 -45.07
C LYS E 15 -44.90 -21.97 -45.06
N PRO E 16 -45.78 -21.98 -44.05
CA PRO E 16 -46.82 -23.00 -43.92
C PRO E 16 -47.84 -23.01 -45.05
N LYS E 17 -48.31 -24.20 -45.39
CA LYS E 17 -49.30 -24.35 -46.46
C LYS E 17 -50.51 -23.50 -46.12
N LYS E 18 -51.06 -22.84 -47.13
CA LYS E 18 -52.24 -22.00 -46.93
C LYS E 18 -53.34 -22.91 -46.39
N THR E 19 -54.25 -22.33 -45.60
CA THR E 19 -55.35 -23.07 -45.01
C THR E 19 -56.67 -22.60 -45.60
N ALA E 20 -56.58 -21.71 -46.58
CA ALA E 20 -57.76 -21.17 -47.23
C ALA E 20 -58.64 -22.26 -47.81
N ARG E 21 -59.94 -22.18 -47.55
CA ARG E 21 -60.90 -23.14 -48.08
C ARG E 21 -61.15 -22.79 -49.55
N PRO E 22 -61.76 -23.71 -50.30
CA PRO E 22 -62.06 -23.48 -51.72
C PRO E 22 -62.93 -22.25 -52.01
N ASP E 23 -63.68 -21.82 -51.00
CA ASP E 23 -64.58 -20.68 -51.16
C ASP E 23 -64.00 -19.42 -50.50
N PHE E 24 -62.68 -19.39 -50.38
CA PHE E 24 -62.01 -18.27 -49.75
C PHE E 24 -62.32 -16.94 -50.43
N SER E 25 -61.87 -16.78 -51.67
CA SER E 25 -62.13 -15.53 -52.37
C SER E 25 -63.62 -15.28 -52.55
N ASP E 26 -64.41 -16.36 -52.63
CA ASP E 26 -65.83 -16.17 -52.78
C ASP E 26 -66.44 -15.55 -51.52
N PHE E 27 -65.90 -15.89 -50.36
CA PHE E 27 -66.37 -15.36 -49.10
C PHE E 27 -66.10 -13.88 -49.02
N TRP E 28 -64.90 -13.50 -49.43
CA TRP E 28 -64.52 -12.09 -49.40
C TRP E 28 -65.22 -11.30 -50.49
N LYS E 29 -65.56 -11.97 -51.59
CA LYS E 29 -66.24 -11.30 -52.67
C LYS E 29 -67.64 -10.94 -52.16
N LYS E 30 -68.31 -11.92 -51.54
CA LYS E 30 -69.64 -11.71 -50.98
C LYS E 30 -69.62 -10.69 -49.85
N SER E 31 -68.60 -10.79 -49.00
CA SER E 31 -68.48 -9.89 -47.86
C SER E 31 -68.31 -8.45 -48.31
N LEU E 32 -67.44 -8.24 -49.29
CA LEU E 32 -67.22 -6.90 -49.82
C LEU E 32 -68.52 -6.37 -50.42
N GLU E 33 -69.31 -7.27 -51.01
CA GLU E 33 -70.56 -6.89 -51.63
C GLU E 33 -71.59 -6.46 -50.60
N GLU E 34 -71.57 -7.08 -49.42
CA GLU E 34 -72.50 -6.68 -48.36
C GLU E 34 -72.07 -5.32 -47.82
N LEU E 35 -70.77 -5.07 -47.80
CA LEU E 35 -70.26 -3.79 -47.34
C LEU E 35 -70.72 -2.70 -48.32
N ARG E 36 -70.54 -2.97 -49.60
CA ARG E 36 -70.90 -2.02 -50.65
C ARG E 36 -72.37 -1.61 -50.54
N GLN E 37 -73.21 -2.52 -50.05
CA GLN E 37 -74.62 -2.22 -49.90
C GLN E 37 -74.94 -1.25 -48.77
N VAL E 38 -73.93 -0.90 -47.99
CA VAL E 38 -74.12 0.03 -46.89
C VAL E 38 -73.48 1.37 -47.25
N GLU E 39 -74.31 2.39 -47.43
CA GLU E 39 -73.82 3.72 -47.76
C GLU E 39 -72.91 4.23 -46.65
N ALA E 40 -71.74 4.71 -47.02
CA ALA E 40 -70.77 5.20 -46.05
C ALA E 40 -71.34 6.31 -45.16
N GLU E 41 -72.01 7.28 -45.77
CA GLU E 41 -72.59 8.40 -45.04
C GLU E 41 -71.63 8.94 -43.98
N PRO E 42 -70.37 9.19 -44.37
CA PRO E 42 -69.42 9.71 -43.38
C PRO E 42 -69.79 11.08 -42.83
N THR E 43 -69.31 11.36 -41.61
CA THR E 43 -69.54 12.65 -40.98
C THR E 43 -68.21 13.14 -40.44
N LEU E 44 -68.02 14.45 -40.46
CA LEU E 44 -66.79 15.03 -39.99
C LEU E 44 -67.12 16.16 -39.01
N GLU E 45 -66.61 16.03 -37.79
CA GLU E 45 -66.85 17.02 -36.74
C GLU E 45 -65.52 17.50 -36.21
N SER E 46 -65.24 18.79 -36.31
CA SER E 46 -63.97 19.31 -35.84
C SER E 46 -63.79 19.03 -34.35
N TYR E 47 -62.55 18.81 -33.95
CA TYR E 47 -62.23 18.47 -32.57
C TYR E 47 -61.04 19.30 -32.10
N ASP E 48 -61.19 19.98 -30.96
CA ASP E 48 -60.10 20.79 -30.44
C ASP E 48 -58.97 19.94 -29.88
N TYR E 49 -57.74 20.34 -30.18
CA TYR E 49 -56.56 19.65 -29.71
C TYR E 49 -55.45 20.67 -29.66
N PRO E 50 -54.68 20.69 -28.56
CA PRO E 50 -53.58 21.65 -28.38
C PRO E 50 -52.39 21.43 -29.29
N VAL E 51 -52.59 21.69 -30.58
CA VAL E 51 -51.53 21.55 -31.57
C VAL E 51 -51.65 22.68 -32.60
N LYS E 52 -50.51 23.04 -33.19
CA LYS E 52 -50.46 24.09 -34.18
C LYS E 52 -50.09 23.46 -35.52
N GLY E 53 -50.78 23.88 -36.58
CA GLY E 53 -50.48 23.35 -37.88
C GLY E 53 -51.23 22.08 -38.26
N VAL E 54 -52.18 21.68 -37.43
CA VAL E 54 -52.97 20.48 -37.70
C VAL E 54 -54.40 20.68 -37.28
N LYS E 55 -55.31 20.20 -38.11
CA LYS E 55 -56.73 20.27 -37.81
C LYS E 55 -57.19 18.86 -37.47
N VAL E 56 -57.81 18.71 -36.33
CA VAL E 56 -58.28 17.40 -35.90
C VAL E 56 -59.80 17.30 -36.04
N TYR E 57 -60.29 16.11 -36.39
CA TYR E 57 -61.72 15.90 -36.53
C TYR E 57 -62.08 14.54 -35.99
N ARG E 58 -63.37 14.32 -35.79
CA ARG E 58 -63.84 13.04 -35.33
C ARG E 58 -64.57 12.58 -36.57
N LEU E 59 -64.15 11.45 -37.10
CA LEU E 59 -64.75 10.91 -38.30
C LEU E 59 -65.55 9.66 -38.00
N THR E 60 -66.72 9.58 -38.60
CA THR E 60 -67.54 8.41 -38.43
C THR E 60 -68.09 8.05 -39.79
N TYR E 61 -68.38 6.77 -39.98
CA TYR E 61 -68.95 6.29 -41.22
C TYR E 61 -69.68 4.99 -40.95
N GLN E 62 -70.56 4.62 -41.87
CA GLN E 62 -71.34 3.40 -41.75
C GLN E 62 -70.61 2.30 -42.50
N SER E 63 -70.59 1.11 -41.92
CA SER E 63 -69.89 -0.02 -42.52
C SER E 63 -70.71 -1.28 -42.39
N PHE E 64 -70.08 -2.42 -42.65
CA PHE E 64 -70.72 -3.74 -42.57
C PHE E 64 -71.69 -3.82 -41.39
N GLY E 65 -72.88 -4.36 -41.64
CA GLY E 65 -73.88 -4.50 -40.59
C GLY E 65 -74.40 -3.17 -40.10
N HIS E 66 -74.23 -2.12 -40.91
CA HIS E 66 -74.70 -0.79 -40.54
C HIS E 66 -74.10 -0.31 -39.23
N SER E 67 -72.87 -0.73 -38.95
CA SER E 67 -72.19 -0.32 -37.74
C SER E 67 -71.54 1.05 -37.98
N LYS E 68 -71.56 1.89 -36.96
CA LYS E 68 -70.98 3.22 -37.04
C LYS E 68 -69.54 3.16 -36.54
N ILE E 69 -68.61 3.30 -37.47
CA ILE E 69 -67.19 3.26 -37.15
C ILE E 69 -66.66 4.68 -36.92
N GLU E 70 -65.78 4.84 -35.94
CA GLU E 70 -65.22 6.15 -35.65
C GLU E 70 -63.71 6.14 -35.54
N GLY E 71 -63.17 7.33 -35.29
CA GLY E 71 -61.75 7.48 -35.13
C GLY E 71 -61.40 8.93 -35.36
N PHE E 72 -60.32 9.38 -34.76
CA PHE E 72 -59.89 10.75 -34.97
C PHE E 72 -59.22 10.86 -36.34
N TYR E 73 -59.34 12.02 -36.94
CA TYR E 73 -58.77 12.27 -38.24
C TYR E 73 -58.03 13.61 -38.17
N ALA E 74 -56.72 13.55 -38.32
CA ALA E 74 -55.91 14.76 -38.26
C ALA E 74 -55.39 15.09 -39.65
N VAL E 75 -55.45 16.37 -39.99
CA VAL E 75 -54.99 16.83 -41.30
C VAL E 75 -53.98 17.96 -41.19
N PRO E 76 -52.93 17.92 -42.02
CA PRO E 76 -51.95 19.02 -41.94
C PRO E 76 -52.74 20.29 -42.27
N ASP E 77 -52.49 21.36 -41.53
CA ASP E 77 -53.20 22.61 -41.77
C ASP E 77 -52.54 23.44 -42.86
N GLN E 78 -52.65 22.94 -44.09
CA GLN E 78 -52.08 23.61 -45.24
C GLN E 78 -52.84 23.06 -46.43
N THR E 79 -52.70 23.70 -47.59
CA THR E 79 -53.40 23.26 -48.79
C THR E 79 -52.95 21.86 -49.21
N GLY E 80 -53.90 21.05 -49.63
CA GLY E 80 -53.60 19.70 -50.06
C GLY E 80 -53.45 19.64 -51.57
N PRO E 81 -53.64 18.47 -52.19
CA PRO E 81 -54.00 17.22 -51.51
C PRO E 81 -52.85 16.73 -50.65
N HIS E 82 -53.16 15.98 -49.61
CA HIS E 82 -52.14 15.47 -48.71
C HIS E 82 -52.04 13.97 -48.83
N PRO E 83 -50.86 13.42 -48.54
CA PRO E 83 -50.75 11.97 -48.62
C PRO E 83 -51.51 11.55 -47.36
N ALA E 84 -52.13 10.37 -47.35
CA ALA E 84 -52.88 10.00 -46.17
C ALA E 84 -52.45 8.66 -45.58
N LEU E 85 -52.89 8.43 -44.35
CA LEU E 85 -52.59 7.19 -43.64
C LEU E 85 -53.81 6.72 -42.88
N VAL E 86 -54.07 5.42 -42.95
CA VAL E 86 -55.14 4.85 -42.17
C VAL E 86 -54.35 3.99 -41.17
N ARG E 87 -54.37 4.42 -39.91
CA ARG E 87 -53.67 3.72 -38.84
C ARG E 87 -54.60 2.82 -38.05
N PHE E 88 -54.17 1.58 -37.81
CA PHE E 88 -54.98 0.63 -37.07
C PHE E 88 -54.29 0.33 -35.75
N HIS E 89 -55.05 0.35 -34.65
CA HIS E 89 -54.46 0.10 -33.34
C HIS E 89 -54.41 -1.36 -32.96
N GLY E 90 -53.61 -1.66 -31.95
CA GLY E 90 -53.48 -3.03 -31.49
C GLY E 90 -54.68 -3.53 -30.70
N TYR E 91 -54.71 -4.84 -30.48
CA TYR E 91 -55.78 -5.51 -29.75
C TYR E 91 -55.95 -4.95 -28.34
N ASN E 92 -57.12 -4.36 -28.08
CA ASN E 92 -57.42 -3.81 -26.76
C ASN E 92 -56.36 -2.81 -26.31
N ALA E 93 -55.63 -2.25 -27.28
CA ALA E 93 -54.55 -1.31 -26.99
C ALA E 93 -54.80 0.14 -27.37
N SER E 94 -56.06 0.53 -27.50
CA SER E 94 -56.36 1.90 -27.87
C SER E 94 -56.79 2.72 -26.67
N TYR E 95 -56.04 3.78 -26.40
CA TYR E 95 -56.31 4.68 -25.29
C TYR E 95 -56.71 6.03 -25.84
N ASP E 96 -57.90 6.49 -25.51
CA ASP E 96 -58.36 7.79 -25.98
C ASP E 96 -58.20 7.94 -27.50
N GLY E 97 -58.51 6.85 -28.21
CA GLY E 97 -58.43 6.86 -29.67
C GLY E 97 -57.04 7.05 -30.25
N GLY E 98 -55.99 6.92 -29.44
CA GLY E 98 -54.64 7.11 -29.93
C GLY E 98 -54.48 8.44 -30.63
N ILE E 99 -55.29 9.40 -30.22
CA ILE E 99 -55.31 10.74 -30.80
C ILE E 99 -53.95 11.45 -30.88
N HIS E 100 -53.12 11.30 -29.84
CA HIS E 100 -51.82 11.96 -29.85
C HIS E 100 -50.91 11.46 -30.95
N ASP E 101 -50.98 10.18 -31.28
CA ASP E 101 -50.14 9.65 -32.32
C ASP E 101 -50.71 10.04 -33.68
N ILE E 102 -52.04 10.10 -33.76
CA ILE E 102 -52.71 10.49 -35.00
C ILE E 102 -52.25 11.91 -35.33
N VAL E 103 -52.27 12.78 -34.33
CA VAL E 103 -51.87 14.15 -34.54
C VAL E 103 -50.41 14.22 -35.01
N ASN E 104 -49.52 13.45 -34.36
CA ASN E 104 -48.13 13.48 -34.75
C ASN E 104 -47.95 12.99 -36.19
N TRP E 105 -48.78 12.05 -36.62
CA TRP E 105 -48.66 11.57 -37.98
C TRP E 105 -48.99 12.72 -38.94
N ALA E 106 -49.98 13.53 -38.54
CA ALA E 106 -50.39 14.66 -39.35
C ALA E 106 -49.28 15.70 -39.34
N LEU E 107 -48.56 15.79 -38.23
CA LEU E 107 -47.46 16.74 -38.15
C LEU E 107 -46.33 16.32 -39.08
N HIS E 108 -46.26 15.02 -39.35
CA HIS E 108 -45.26 14.47 -40.23
C HIS E 108 -45.70 14.68 -41.67
N GLY E 109 -46.89 15.26 -41.83
CA GLY E 109 -47.40 15.56 -43.16
C GLY E 109 -48.48 14.65 -43.71
N TYR E 110 -48.99 13.75 -42.88
CA TYR E 110 -50.02 12.82 -43.34
C TYR E 110 -51.43 13.07 -42.81
N ALA E 111 -52.41 13.10 -43.71
CA ALA E 111 -53.79 13.25 -43.30
C ALA E 111 -54.00 11.86 -42.71
N THR E 112 -54.16 11.78 -41.39
CA THR E 112 -54.29 10.48 -40.74
C THR E 112 -55.59 10.19 -40.00
N PHE E 113 -56.09 8.97 -40.22
CA PHE E 113 -57.32 8.51 -39.58
C PHE E 113 -57.03 7.25 -38.79
N GLY E 114 -57.24 7.30 -37.48
CA GLY E 114 -57.01 6.14 -36.65
C GLY E 114 -58.32 5.42 -36.46
N MET E 115 -58.63 4.48 -37.34
CA MET E 115 -59.88 3.74 -37.24
C MET E 115 -59.90 2.93 -35.96
N LEU E 116 -60.94 3.12 -35.16
CA LEU E 116 -61.06 2.39 -33.91
C LEU E 116 -61.74 1.06 -34.22
N VAL E 117 -61.14 -0.02 -33.75
CA VAL E 117 -61.68 -1.35 -33.99
C VAL E 117 -62.91 -1.63 -33.13
N ARG E 118 -63.97 -2.10 -33.78
CA ARG E 118 -65.26 -2.43 -33.15
C ARG E 118 -65.21 -2.88 -31.70
N GLY E 119 -65.95 -2.18 -30.85
CA GLY E 119 -66.01 -2.55 -29.45
C GLY E 119 -64.72 -2.45 -28.65
N GLN E 120 -63.59 -2.16 -29.30
CA GLN E 120 -62.32 -2.04 -28.59
C GLN E 120 -61.99 -0.59 -28.26
N GLY E 121 -61.22 0.06 -29.12
CA GLY E 121 -60.84 1.45 -28.89
C GLY E 121 -61.98 2.42 -29.20
N GLY E 122 -63.06 1.87 -29.77
CA GLY E 122 -64.19 2.69 -30.10
C GLY E 122 -64.98 1.98 -31.19
N SER E 123 -65.88 2.72 -31.82
CA SER E 123 -66.73 2.19 -32.88
C SER E 123 -67.79 1.21 -32.39
N GLU E 124 -68.89 1.15 -33.13
CA GLU E 124 -70.00 0.29 -32.79
C GLU E 124 -69.90 -1.05 -33.50
N ASP E 125 -70.30 -2.11 -32.83
CA ASP E 125 -70.29 -3.43 -33.44
C ASP E 125 -71.71 -3.97 -33.35
N THR E 126 -72.43 -3.93 -34.45
CA THR E 126 -73.81 -4.39 -34.48
C THR E 126 -73.90 -5.89 -34.61
N SER E 127 -72.79 -6.55 -34.94
CA SER E 127 -72.84 -8.00 -35.09
C SER E 127 -73.21 -8.68 -33.77
N VAL E 128 -74.19 -9.56 -33.86
CA VAL E 128 -74.70 -10.32 -32.73
C VAL E 128 -73.69 -11.36 -32.25
N THR E 129 -73.80 -11.76 -30.98
CA THR E 129 -72.93 -12.79 -30.42
C THR E 129 -73.75 -14.07 -30.58
N PRO E 130 -73.37 -14.94 -31.52
CA PRO E 130 -74.09 -16.19 -31.77
C PRO E 130 -74.19 -17.10 -30.55
N GLY E 131 -73.10 -17.17 -29.79
CA GLY E 131 -73.11 -18.02 -28.62
C GLY E 131 -71.93 -17.80 -27.70
N GLY E 132 -71.67 -18.77 -26.84
CA GLY E 132 -70.57 -18.62 -25.91
C GLY E 132 -69.22 -18.53 -26.60
N HIS E 133 -68.30 -17.82 -25.95
CA HIS E 133 -66.94 -17.67 -26.45
C HIS E 133 -66.04 -17.26 -25.29
N ALA E 134 -64.75 -17.44 -25.46
CA ALA E 134 -63.81 -17.08 -24.40
C ALA E 134 -63.78 -15.56 -24.19
N LEU E 135 -63.31 -15.15 -23.02
CA LEU E 135 -63.18 -13.75 -22.65
C LEU E 135 -62.36 -13.04 -23.76
N GLY E 136 -62.94 -12.03 -24.38
CA GLY E 136 -62.23 -11.32 -25.44
C GLY E 136 -62.98 -11.33 -26.77
N TRP E 137 -62.36 -10.74 -27.78
CA TRP E 137 -62.97 -10.67 -29.10
C TRP E 137 -62.51 -11.77 -30.03
N MET E 138 -61.38 -12.38 -29.70
CA MET E 138 -60.79 -13.42 -30.54
C MET E 138 -61.70 -14.55 -30.96
N THR E 139 -62.65 -14.93 -30.11
CA THR E 139 -63.51 -16.05 -30.47
C THR E 139 -64.96 -15.69 -30.65
N LYS E 140 -65.27 -14.40 -30.67
CA LYS E 140 -66.65 -14.00 -30.85
C LYS E 140 -67.15 -14.40 -32.23
N GLY E 141 -68.20 -15.21 -32.28
CA GLY E 141 -68.77 -15.64 -33.53
C GLY E 141 -67.83 -16.55 -34.32
N ILE E 142 -66.90 -17.19 -33.62
CA ILE E 142 -65.92 -18.05 -34.27
C ILE E 142 -66.43 -19.31 -34.95
N LEU E 143 -67.69 -19.67 -34.73
CA LEU E 143 -68.20 -20.89 -35.36
C LEU E 143 -68.68 -20.71 -36.78
N SER E 144 -68.45 -19.52 -37.33
CA SER E 144 -68.87 -19.26 -38.70
C SER E 144 -68.19 -18.03 -39.23
N LYS E 145 -67.70 -18.12 -40.47
CA LYS E 145 -67.02 -17.00 -41.10
C LYS E 145 -67.95 -15.81 -41.25
N ASP E 146 -69.26 -16.05 -41.33
CA ASP E 146 -70.19 -14.94 -41.49
C ASP E 146 -70.39 -14.16 -40.21
N THR E 147 -70.27 -14.85 -39.09
CA THR E 147 -70.48 -14.20 -37.80
C THR E 147 -69.19 -13.78 -37.10
N TYR E 148 -68.04 -14.26 -37.56
CA TYR E 148 -66.78 -13.94 -36.90
C TYR E 148 -66.49 -12.45 -36.71
N TYR E 149 -66.00 -12.12 -35.51
CA TYR E 149 -65.67 -10.75 -35.14
C TYR E 149 -64.89 -9.95 -36.17
N TYR E 150 -63.81 -10.52 -36.69
CA TYR E 150 -62.99 -9.80 -37.65
C TYR E 150 -63.56 -9.61 -39.06
N ARG E 151 -64.67 -10.26 -39.36
CA ARG E 151 -65.27 -10.08 -40.67
C ARG E 151 -65.65 -8.60 -40.73
N GLY E 152 -66.40 -8.14 -39.73
CA GLY E 152 -66.80 -6.74 -39.70
C GLY E 152 -65.61 -5.81 -39.62
N VAL E 153 -64.62 -6.17 -38.81
CA VAL E 153 -63.44 -5.35 -38.64
C VAL E 153 -62.69 -5.15 -39.96
N TYR E 154 -62.39 -6.25 -40.65
CA TYR E 154 -61.70 -6.17 -41.93
C TYR E 154 -62.46 -5.27 -42.89
N LEU E 155 -63.77 -5.45 -42.95
CA LEU E 155 -64.58 -4.64 -43.83
C LEU E 155 -64.53 -3.18 -43.40
N ASP E 156 -64.53 -2.92 -42.09
CA ASP E 156 -64.45 -1.53 -41.61
C ASP E 156 -63.17 -0.92 -42.14
N ALA E 157 -62.10 -1.73 -42.13
CA ALA E 157 -60.81 -1.29 -42.59
C ALA E 157 -60.87 -0.90 -44.05
N VAL E 158 -61.50 -1.73 -44.87
CA VAL E 158 -61.63 -1.43 -46.29
C VAL E 158 -62.46 -0.16 -46.46
N ARG E 159 -63.60 -0.11 -45.79
CA ARG E 159 -64.49 1.04 -45.86
C ARG E 159 -63.76 2.32 -45.42
N ALA E 160 -62.85 2.19 -44.46
CA ALA E 160 -62.08 3.34 -43.98
C ALA E 160 -61.30 3.95 -45.14
N LEU E 161 -60.68 3.09 -45.95
CA LEU E 161 -59.89 3.52 -47.09
C LEU E 161 -60.78 4.19 -48.16
N GLU E 162 -61.97 3.65 -48.36
CA GLU E 162 -62.88 4.21 -49.34
C GLU E 162 -63.32 5.61 -48.92
N VAL E 163 -63.60 5.78 -47.64
CA VAL E 163 -64.03 7.06 -47.12
C VAL E 163 -62.90 8.09 -47.22
N ILE E 164 -61.72 7.72 -46.74
CA ILE E 164 -60.58 8.62 -46.78
C ILE E 164 -60.25 9.07 -48.20
N GLN E 165 -60.16 8.12 -49.12
CA GLN E 165 -59.81 8.44 -50.49
C GLN E 165 -60.83 9.36 -51.16
N SER E 166 -62.06 9.36 -50.65
CA SER E 166 -63.10 10.21 -51.23
C SER E 166 -62.90 11.67 -50.83
N PHE E 167 -62.17 11.91 -49.74
CA PHE E 167 -61.93 13.28 -49.30
C PHE E 167 -61.13 14.02 -50.36
N PRO E 168 -61.58 15.22 -50.73
CA PRO E 168 -60.90 16.04 -51.73
C PRO E 168 -59.51 16.52 -51.30
N GLU E 169 -59.28 16.67 -50.00
CA GLU E 169 -57.97 17.12 -49.52
C GLU E 169 -56.99 15.96 -49.42
N VAL E 170 -57.47 14.76 -49.76
CA VAL E 170 -56.64 13.56 -49.71
C VAL E 170 -56.22 13.12 -51.12
N ASP E 171 -54.93 12.88 -51.30
CA ASP E 171 -54.42 12.41 -52.58
C ASP E 171 -54.66 10.90 -52.60
N GLU E 172 -55.70 10.47 -53.31
CA GLU E 172 -56.03 9.05 -53.39
C GLU E 172 -54.89 8.13 -53.85
N HIS E 173 -53.89 8.68 -54.52
CA HIS E 173 -52.79 7.86 -55.02
C HIS E 173 -51.63 7.76 -54.04
N ARG E 174 -51.77 8.41 -52.88
CA ARG E 174 -50.72 8.38 -51.86
C ARG E 174 -51.30 8.06 -50.49
N ILE E 175 -51.96 6.91 -50.41
CA ILE E 175 -52.55 6.48 -49.16
C ILE E 175 -51.83 5.24 -48.68
N GLY E 176 -51.41 5.25 -47.42
CA GLY E 176 -50.73 4.08 -46.88
C GLY E 176 -51.52 3.55 -45.70
N VAL E 177 -51.41 2.27 -45.41
CA VAL E 177 -52.10 1.68 -44.28
C VAL E 177 -51.02 1.17 -43.32
N ILE E 178 -51.13 1.54 -42.05
CA ILE E 178 -50.14 1.12 -41.07
C ILE E 178 -50.78 0.64 -39.79
N GLY E 179 -50.00 -0.08 -38.99
CA GLY E 179 -50.50 -0.58 -37.73
C GLY E 179 -49.60 -1.59 -37.07
N GLY E 180 -49.82 -1.82 -35.77
CA GLY E 180 -49.02 -2.78 -35.02
C GLY E 180 -49.87 -3.99 -34.62
N SER E 181 -49.30 -5.20 -34.82
CA SER E 181 -49.94 -6.48 -34.53
C SER E 181 -51.38 -6.60 -35.03
N GLN E 182 -52.37 -6.31 -34.20
CA GLN E 182 -53.72 -6.39 -34.74
C GLN E 182 -53.78 -5.32 -35.82
N GLY E 183 -53.19 -4.17 -35.52
CA GLY E 183 -53.18 -3.07 -36.47
C GLY E 183 -52.44 -3.43 -37.74
N GLY E 184 -51.33 -4.14 -37.60
CA GLY E 184 -50.56 -4.54 -38.76
C GLY E 184 -51.35 -5.54 -39.60
N ALA E 185 -52.09 -6.40 -38.91
CA ALA E 185 -52.92 -7.41 -39.57
C ALA E 185 -54.01 -6.73 -40.38
N LEU E 186 -54.66 -5.71 -39.79
CA LEU E 186 -55.71 -4.99 -40.50
C LEU E 186 -55.11 -4.29 -41.72
N ALA E 187 -53.92 -3.74 -41.54
CA ALA E 187 -53.23 -3.06 -42.63
C ALA E 187 -53.05 -4.05 -43.79
N ILE E 188 -52.45 -5.19 -43.50
CA ILE E 188 -52.23 -6.21 -44.51
C ILE E 188 -53.53 -6.70 -45.11
N ALA E 189 -54.55 -6.91 -44.26
CA ALA E 189 -55.83 -7.40 -44.77
C ALA E 189 -56.51 -6.36 -45.66
N ALA E 190 -56.35 -5.09 -45.32
CA ALA E 190 -56.94 -4.00 -46.10
C ALA E 190 -56.28 -3.90 -47.47
N ALA E 191 -54.97 -4.10 -47.51
CA ALA E 191 -54.22 -4.05 -48.76
C ALA E 191 -54.59 -5.22 -49.66
N ALA E 192 -54.96 -6.33 -49.03
CA ALA E 192 -55.33 -7.54 -49.77
C ALA E 192 -56.75 -7.46 -50.35
N LEU E 193 -57.64 -6.75 -49.67
CA LEU E 193 -59.03 -6.62 -50.10
C LEU E 193 -59.34 -5.35 -50.88
N SER E 194 -58.44 -4.38 -50.82
CA SER E 194 -58.62 -3.12 -51.52
C SER E 194 -57.34 -2.70 -52.19
N ASP E 195 -57.44 -2.13 -53.38
CA ASP E 195 -56.25 -1.69 -54.08
C ASP E 195 -56.04 -0.19 -53.87
N ILE E 196 -56.83 0.39 -52.98
CA ILE E 196 -56.71 1.81 -52.68
C ILE E 196 -55.34 2.12 -52.05
N PRO E 197 -54.92 1.33 -51.04
CA PRO E 197 -53.62 1.59 -50.40
C PRO E 197 -52.49 1.49 -51.39
N LYS E 198 -51.50 2.36 -51.25
CA LYS E 198 -50.33 2.35 -52.11
C LYS E 198 -49.26 1.51 -51.46
N VAL E 199 -49.03 1.75 -50.17
CA VAL E 199 -48.03 0.99 -49.43
C VAL E 199 -48.60 0.47 -48.12
N VAL E 200 -47.89 -0.48 -47.53
CA VAL E 200 -48.32 -1.11 -46.30
C VAL E 200 -47.19 -1.25 -45.29
N VAL E 201 -47.46 -0.85 -44.05
CA VAL E 201 -46.48 -1.01 -42.98
C VAL E 201 -47.17 -1.77 -41.86
N ALA E 202 -46.61 -2.93 -41.51
CA ALA E 202 -47.18 -3.74 -40.46
C ALA E 202 -46.12 -4.16 -39.45
N ASP E 203 -46.36 -3.80 -38.19
CA ASP E 203 -45.45 -4.13 -37.10
C ASP E 203 -45.91 -5.47 -36.54
N TYR E 204 -45.03 -6.47 -36.56
CA TYR E 204 -45.36 -7.80 -36.04
C TYR E 204 -46.86 -8.12 -36.13
N PRO E 205 -47.39 -8.22 -37.35
CA PRO E 205 -48.79 -8.53 -37.61
C PRO E 205 -49.35 -9.70 -36.82
N TYR E 206 -50.58 -9.53 -36.37
CA TYR E 206 -51.33 -10.52 -35.59
C TYR E 206 -52.21 -11.31 -36.57
N LEU E 207 -53.10 -12.15 -36.04
CA LEU E 207 -54.01 -12.94 -36.87
C LEU E 207 -53.28 -13.66 -38.00
N SER E 208 -52.18 -14.34 -37.68
CA SER E 208 -51.40 -15.02 -38.70
C SER E 208 -50.97 -16.44 -38.30
N ASN E 209 -51.26 -17.41 -39.18
CA ASN E 209 -50.90 -18.79 -38.94
C ASN E 209 -51.49 -19.27 -37.60
N PHE E 210 -52.80 -19.15 -37.48
CA PHE E 210 -53.54 -19.52 -36.27
C PHE E 210 -53.22 -20.88 -35.70
N GLU E 211 -53.21 -21.89 -36.56
CA GLU E 211 -52.95 -23.24 -36.12
C GLU E 211 -51.60 -23.42 -35.43
N ARG E 212 -50.63 -22.57 -35.77
CA ARG E 212 -49.34 -22.65 -35.13
C ARG E 212 -49.30 -21.69 -33.95
N ALA E 213 -49.93 -20.54 -34.12
CA ALA E 213 -49.94 -19.52 -33.08
C ALA E 213 -50.43 -20.07 -31.75
N VAL E 214 -51.52 -20.84 -31.76
CA VAL E 214 -52.05 -21.40 -30.53
C VAL E 214 -51.14 -22.42 -29.86
N ASP E 215 -50.10 -22.86 -30.56
CA ASP E 215 -49.16 -23.83 -30.03
C ASP E 215 -47.82 -23.21 -29.66
N VAL E 216 -47.57 -21.98 -30.14
CA VAL E 216 -46.32 -21.30 -29.88
C VAL E 216 -46.44 -20.06 -28.99
N ALA E 217 -47.55 -19.34 -29.10
CA ALA E 217 -47.75 -18.13 -28.31
C ALA E 217 -47.68 -18.44 -26.81
N LEU E 218 -47.14 -17.51 -26.05
CA LEU E 218 -47.02 -17.69 -24.60
C LEU E 218 -47.79 -16.62 -23.83
N GLU E 219 -48.46 -15.72 -24.56
CA GLU E 219 -49.22 -14.66 -23.93
C GLU E 219 -50.48 -14.46 -24.73
N GLN E 220 -51.36 -13.60 -24.22
CA GLN E 220 -52.61 -13.28 -24.91
C GLN E 220 -52.20 -12.49 -26.15
N PRO E 221 -53.13 -12.32 -27.11
CA PRO E 221 -54.52 -12.81 -27.12
C PRO E 221 -54.78 -14.07 -27.95
N TYR E 222 -53.74 -14.63 -28.57
CA TYR E 222 -53.92 -15.83 -29.37
C TYR E 222 -54.50 -16.91 -28.49
N LEU E 223 -53.99 -17.00 -27.27
CA LEU E 223 -54.43 -18.02 -26.34
C LEU E 223 -55.92 -17.97 -25.99
N GLU E 224 -56.59 -16.90 -26.40
CA GLU E 224 -58.03 -16.79 -26.16
C GLU E 224 -58.68 -17.97 -26.89
N ILE E 225 -58.09 -18.37 -28.02
CA ILE E 225 -58.60 -19.49 -28.80
C ILE E 225 -58.47 -20.74 -27.96
N ASN E 226 -57.30 -20.91 -27.32
CA ASN E 226 -57.05 -22.07 -26.47
C ASN E 226 -58.09 -22.09 -25.36
N SER E 227 -58.35 -20.92 -24.77
CA SER E 227 -59.32 -20.81 -23.71
C SER E 227 -60.69 -21.21 -24.21
N TYR E 228 -60.99 -20.85 -25.44
CA TYR E 228 -62.27 -21.17 -26.04
C TYR E 228 -62.44 -22.69 -26.14
N PHE E 229 -61.43 -23.39 -26.65
CA PHE E 229 -61.54 -24.86 -26.76
C PHE E 229 -61.65 -25.52 -25.40
N ARG E 230 -61.03 -24.93 -24.38
CA ARG E 230 -61.11 -25.49 -23.04
C ARG E 230 -62.55 -25.47 -22.56
N ARG E 231 -63.30 -24.47 -23.01
CA ARG E 231 -64.69 -24.32 -22.63
C ARG E 231 -65.69 -25.04 -23.54
N ASN E 232 -65.20 -25.51 -24.69
CA ASN E 232 -66.03 -26.25 -25.65
C ASN E 232 -65.18 -27.41 -26.16
N SER E 233 -65.18 -28.50 -25.40
CA SER E 233 -64.38 -29.66 -25.74
C SER E 233 -64.77 -30.39 -27.03
N ASP E 234 -65.95 -30.11 -27.56
CA ASP E 234 -66.39 -30.76 -28.79
C ASP E 234 -65.34 -30.69 -29.91
N PRO E 235 -64.84 -31.84 -30.37
CA PRO E 235 -63.82 -31.88 -31.43
C PRO E 235 -64.26 -31.14 -32.67
N LYS E 236 -65.53 -31.24 -33.02
CA LYS E 236 -66.05 -30.55 -34.19
C LYS E 236 -65.96 -29.03 -34.03
N VAL E 237 -66.06 -28.55 -32.81
CA VAL E 237 -65.98 -27.12 -32.57
C VAL E 237 -64.59 -26.62 -32.94
N GLU E 238 -63.58 -27.43 -32.64
CA GLU E 238 -62.22 -27.03 -32.97
C GLU E 238 -62.01 -27.01 -34.48
N GLU E 239 -62.50 -28.03 -35.17
CA GLU E 239 -62.34 -28.07 -36.63
C GLU E 239 -63.00 -26.83 -37.19
N LYS E 240 -64.24 -26.61 -36.75
CA LYS E 240 -65.02 -25.47 -37.22
C LYS E 240 -64.29 -24.12 -36.97
N ALA E 241 -63.86 -23.91 -35.73
CA ALA E 241 -63.18 -22.68 -35.35
C ALA E 241 -62.01 -22.38 -36.29
N PHE E 242 -61.13 -23.36 -36.47
CA PHE E 242 -59.99 -23.17 -37.33
C PHE E 242 -60.42 -22.95 -38.77
N GLU E 243 -61.53 -23.58 -39.15
CA GLU E 243 -62.08 -23.42 -40.49
C GLU E 243 -62.43 -21.95 -40.65
N THR E 244 -63.09 -21.40 -39.64
CA THR E 244 -63.49 -20.01 -39.64
C THR E 244 -62.27 -19.08 -39.68
N LEU E 245 -61.32 -19.34 -38.80
CA LEU E 245 -60.12 -18.51 -38.74
C LEU E 245 -59.33 -18.46 -40.04
N SER E 246 -59.37 -19.52 -40.83
CA SER E 246 -58.62 -19.54 -42.08
C SER E 246 -59.03 -18.43 -43.05
N TYR E 247 -60.28 -17.99 -42.98
CA TYR E 247 -60.77 -16.95 -43.86
C TYR E 247 -60.21 -15.58 -43.48
N PHE E 248 -59.61 -15.50 -42.30
CA PHE E 248 -59.06 -14.23 -41.82
C PHE E 248 -57.57 -14.30 -41.58
N ASP E 249 -56.99 -15.48 -41.77
CA ASP E 249 -55.57 -15.70 -41.54
C ASP E 249 -54.69 -14.97 -42.58
N LEU E 250 -53.72 -14.20 -42.11
CA LEU E 250 -52.84 -13.47 -43.00
C LEU E 250 -52.09 -14.32 -44.02
N ILE E 251 -51.80 -15.58 -43.68
CA ILE E 251 -51.10 -16.44 -44.62
C ILE E 251 -51.95 -16.74 -45.83
N ASN E 252 -53.26 -16.50 -45.73
CA ASN E 252 -54.15 -16.75 -46.86
C ASN E 252 -54.50 -15.45 -47.58
N LEU E 253 -54.31 -14.34 -46.90
CA LEU E 253 -54.61 -13.04 -47.49
C LEU E 253 -53.36 -12.42 -48.11
N ALA E 254 -52.21 -12.68 -47.49
CA ALA E 254 -50.94 -12.11 -47.96
C ALA E 254 -50.78 -12.14 -49.47
N GLY E 255 -51.09 -13.29 -50.07
CA GLY E 255 -50.96 -13.46 -51.51
C GLY E 255 -51.67 -12.43 -52.38
N TRP E 256 -52.67 -11.76 -51.84
CA TRP E 256 -53.40 -10.75 -52.60
C TRP E 256 -52.77 -9.36 -52.51
N VAL E 257 -51.80 -9.20 -51.62
CA VAL E 257 -51.14 -7.92 -51.44
C VAL E 257 -50.16 -7.63 -52.59
N LYS E 258 -50.37 -6.51 -53.28
CA LYS E 258 -49.52 -6.14 -54.40
C LYS E 258 -48.74 -4.88 -54.08
N GLN E 259 -49.08 -4.25 -52.96
CA GLN E 259 -48.42 -3.03 -52.55
C GLN E 259 -47.09 -3.22 -51.83
N PRO E 260 -46.17 -2.26 -51.98
CA PRO E 260 -44.87 -2.37 -51.31
C PRO E 260 -45.21 -2.53 -49.84
N THR E 261 -44.57 -3.48 -49.17
CA THR E 261 -44.84 -3.75 -47.77
C THR E 261 -43.60 -3.80 -46.89
N LEU E 262 -43.70 -3.18 -45.72
CA LEU E 262 -42.62 -3.14 -44.75
C LEU E 262 -43.14 -3.76 -43.46
N MET E 263 -42.45 -4.78 -42.98
CA MET E 263 -42.83 -5.45 -41.75
C MET E 263 -41.70 -5.46 -40.75
N ALA E 264 -42.04 -5.68 -39.49
CA ALA E 264 -41.03 -5.74 -38.45
C ALA E 264 -41.37 -6.89 -37.51
N ILE E 265 -40.37 -7.43 -36.84
CA ILE E 265 -40.58 -8.53 -35.90
C ILE E 265 -39.45 -8.61 -34.87
N GLY E 266 -39.82 -8.74 -33.61
CA GLY E 266 -38.83 -8.86 -32.56
C GLY E 266 -38.71 -10.35 -32.34
N LEU E 267 -37.49 -10.86 -32.22
CA LEU E 267 -37.32 -12.31 -32.04
C LEU E 267 -37.72 -12.83 -30.68
N ILE E 268 -37.94 -11.96 -29.71
CA ILE E 268 -38.36 -12.42 -28.40
C ILE E 268 -39.80 -12.02 -28.13
N ASP E 269 -40.56 -11.80 -29.21
CA ASP E 269 -41.98 -11.44 -29.13
C ASP E 269 -42.79 -12.67 -28.74
N LYS E 270 -43.45 -12.62 -27.59
CA LYS E 270 -44.24 -13.76 -27.14
C LYS E 270 -45.73 -13.66 -27.44
N ILE E 271 -46.18 -12.51 -27.93
CA ILE E 271 -47.58 -12.30 -28.25
C ILE E 271 -47.81 -12.70 -29.72
N THR E 272 -46.98 -12.19 -30.61
CA THR E 272 -47.05 -12.53 -32.01
C THR E 272 -45.71 -13.20 -32.29
N PRO E 273 -45.62 -14.52 -32.04
CA PRO E 273 -44.38 -15.27 -32.24
C PRO E 273 -43.78 -15.05 -33.61
N PRO E 274 -42.44 -14.91 -33.68
CA PRO E 274 -41.71 -14.69 -34.92
C PRO E 274 -42.18 -15.60 -36.05
N SER E 275 -42.32 -16.88 -35.76
CA SER E 275 -42.76 -17.82 -36.77
C SER E 275 -44.07 -17.40 -37.44
N THR E 276 -45.04 -16.94 -36.66
CA THR E 276 -46.33 -16.52 -37.23
C THR E 276 -46.19 -15.26 -38.09
N VAL E 277 -45.23 -14.42 -37.74
CA VAL E 277 -45.02 -13.19 -38.50
C VAL E 277 -44.24 -13.49 -39.77
N PHE E 278 -43.23 -14.34 -39.67
CA PHE E 278 -42.46 -14.73 -40.85
C PHE E 278 -43.38 -15.48 -41.80
N ALA E 279 -44.34 -16.20 -41.23
CA ALA E 279 -45.29 -16.96 -42.03
C ALA E 279 -46.07 -16.01 -42.94
N ALA E 280 -46.55 -14.91 -42.37
CA ALA E 280 -47.30 -13.95 -43.15
C ALA E 280 -46.36 -13.33 -44.19
N TYR E 281 -45.18 -12.91 -43.75
CA TYR E 281 -44.22 -12.30 -44.64
C TYR E 281 -43.84 -13.22 -45.81
N ASN E 282 -43.60 -14.49 -45.51
CA ASN E 282 -43.22 -15.43 -46.55
C ASN E 282 -44.33 -15.79 -47.52
N HIS E 283 -45.56 -15.34 -47.24
CA HIS E 283 -46.67 -15.60 -48.15
C HIS E 283 -46.96 -14.38 -49.02
N LEU E 284 -46.22 -13.30 -48.76
CA LEU E 284 -46.37 -12.08 -49.54
C LEU E 284 -45.55 -12.19 -50.81
N GLU E 285 -46.18 -11.88 -51.93
CA GLU E 285 -45.49 -11.89 -53.21
C GLU E 285 -45.69 -10.48 -53.71
N THR E 286 -44.81 -9.59 -53.27
CA THR E 286 -44.86 -8.19 -53.62
C THR E 286 -43.56 -7.54 -53.17
N ASP E 287 -43.42 -6.26 -53.50
CA ASP E 287 -42.23 -5.54 -53.10
C ASP E 287 -42.29 -5.56 -51.57
N LYS E 288 -41.37 -6.26 -50.93
CA LYS E 288 -41.43 -6.34 -49.48
C LYS E 288 -40.11 -6.34 -48.76
N ASP E 289 -40.18 -6.18 -47.44
CA ASP E 289 -38.99 -6.20 -46.61
C ASP E 289 -39.39 -6.40 -45.16
N LEU E 290 -38.69 -7.29 -44.48
CA LEU E 290 -38.96 -7.60 -43.08
C LEU E 290 -37.78 -7.21 -42.20
N LYS E 291 -37.98 -6.24 -41.34
CA LYS E 291 -36.93 -5.80 -40.43
C LYS E 291 -36.95 -6.68 -39.19
N VAL E 292 -35.84 -7.39 -38.95
CA VAL E 292 -35.75 -8.27 -37.80
C VAL E 292 -34.95 -7.63 -36.68
N TYR E 293 -35.52 -7.63 -35.50
CA TYR E 293 -34.89 -7.05 -34.32
C TYR E 293 -34.72 -8.13 -33.25
N ARG E 294 -33.49 -8.61 -33.12
CA ARG E 294 -33.16 -9.66 -32.18
C ARG E 294 -33.55 -9.43 -30.73
N TYR E 295 -33.31 -8.23 -30.22
CA TYR E 295 -33.56 -7.90 -28.83
C TYR E 295 -34.89 -7.29 -28.44
N PHE E 296 -35.84 -7.30 -29.35
CA PHE E 296 -37.15 -6.72 -29.05
C PHE E 296 -38.29 -7.73 -29.14
N GLY E 297 -39.39 -7.40 -28.48
CA GLY E 297 -40.57 -8.26 -28.48
C GLY E 297 -41.77 -7.51 -29.03
N HIS E 298 -42.91 -7.70 -28.39
CA HIS E 298 -44.15 -7.06 -28.81
C HIS E 298 -44.16 -5.67 -28.16
N GLU E 299 -43.48 -4.72 -28.78
CA GLU E 299 -43.40 -3.38 -28.23
C GLU E 299 -42.92 -2.43 -29.31
N PHE E 300 -42.82 -1.16 -28.94
CA PHE E 300 -42.32 -0.14 -29.84
C PHE E 300 -40.82 -0.40 -30.05
N ILE E 301 -40.40 -0.44 -31.31
CA ILE E 301 -39.00 -0.67 -31.66
C ILE E 301 -38.49 0.61 -32.32
N PRO E 302 -37.72 1.42 -31.57
CA PRO E 302 -37.17 2.68 -32.10
C PRO E 302 -36.54 2.60 -33.49
N ALA E 303 -35.65 1.63 -33.70
CA ALA E 303 -34.99 1.49 -35.00
C ALA E 303 -36.01 1.31 -36.11
N PHE E 304 -37.10 0.60 -35.83
CA PHE E 304 -38.11 0.39 -36.85
C PHE E 304 -38.93 1.63 -37.12
N GLN E 305 -38.98 2.56 -36.17
CA GLN E 305 -39.72 3.80 -36.39
C GLN E 305 -39.02 4.57 -37.51
N THR E 306 -37.69 4.63 -37.45
CA THR E 306 -36.93 5.33 -38.47
C THR E 306 -37.26 4.68 -39.81
N GLU E 307 -37.12 3.35 -39.86
CA GLU E 307 -37.43 2.60 -41.06
C GLU E 307 -38.80 2.96 -41.61
N LYS E 308 -39.78 2.92 -40.70
CA LYS E 308 -41.17 3.22 -41.03
C LYS E 308 -41.32 4.64 -41.61
N LEU E 309 -40.78 5.63 -40.90
CA LEU E 309 -40.86 7.01 -41.35
C LEU E 309 -40.19 7.18 -42.70
N SER E 310 -39.06 6.52 -42.84
CA SER E 310 -38.31 6.61 -44.07
C SER E 310 -39.05 5.97 -45.23
N PHE E 311 -39.67 4.84 -44.96
CA PHE E 311 -40.42 4.12 -45.97
C PHE E 311 -41.64 4.92 -46.41
N LEU E 312 -42.41 5.42 -45.46
CA LEU E 312 -43.60 6.21 -45.79
C LEU E 312 -43.23 7.50 -46.51
N GLN E 313 -42.13 8.10 -46.08
CA GLN E 313 -41.67 9.35 -46.68
C GLN E 313 -41.35 9.13 -48.15
N LYS E 314 -40.62 8.05 -48.43
CA LYS E 314 -40.21 7.71 -49.79
C LYS E 314 -41.37 7.36 -50.72
N HIS E 315 -42.37 6.66 -50.21
CA HIS E 315 -43.50 6.26 -51.04
C HIS E 315 -44.69 7.22 -51.05
N LEU E 316 -44.81 8.07 -50.04
CA LEU E 316 -45.96 8.97 -49.96
C LEU E 316 -45.64 10.44 -49.89
N LEU E 317 -44.71 10.78 -49.02
CA LEU E 317 -44.30 12.17 -48.83
C LEU E 317 -43.34 12.61 -49.96
N GLN F 2 -53.69 -14.13 1.45
CA GLN F 2 -53.74 -13.82 2.91
C GLN F 2 -54.79 -12.74 3.14
N LEU F 3 -55.09 -12.44 4.41
CA LEU F 3 -56.07 -11.40 4.77
C LEU F 3 -55.62 -10.11 4.12
N PHE F 4 -56.58 -9.28 3.70
CA PHE F 4 -56.24 -8.01 3.05
C PHE F 4 -57.33 -6.93 3.11
N ASP F 5 -58.60 -7.35 3.08
CA ASP F 5 -59.72 -6.41 3.10
C ASP F 5 -59.92 -5.91 4.53
N LEU F 6 -61.11 -5.38 4.81
CA LEU F 6 -61.46 -4.89 6.14
C LEU F 6 -61.44 -6.05 7.14
N SER F 7 -61.23 -5.74 8.41
CA SER F 7 -61.22 -6.79 9.43
C SER F 7 -62.62 -7.41 9.48
N LEU F 8 -62.73 -8.61 10.02
CA LEU F 8 -64.03 -9.27 10.10
C LEU F 8 -64.98 -8.38 10.90
N GLU F 9 -64.48 -7.76 11.95
CA GLU F 9 -65.31 -6.89 12.79
C GLU F 9 -65.88 -5.76 11.96
N GLU F 10 -65.06 -5.16 11.11
CA GLU F 10 -65.52 -4.06 10.27
C GLU F 10 -66.46 -4.58 9.18
N LEU F 11 -66.12 -5.71 8.60
CA LEU F 11 -66.92 -6.30 7.53
C LEU F 11 -68.39 -6.50 7.93
N LYS F 12 -68.61 -6.96 9.16
CA LYS F 12 -69.96 -7.21 9.64
C LYS F 12 -70.79 -5.93 9.68
N LYS F 13 -70.10 -4.80 9.84
CA LYS F 13 -70.76 -3.52 9.92
C LYS F 13 -70.72 -2.72 8.62
N TYR F 14 -70.01 -3.24 7.63
CA TYR F 14 -69.91 -2.54 6.36
C TYR F 14 -71.20 -2.57 5.57
N LYS F 15 -71.85 -1.42 5.44
CA LYS F 15 -73.09 -1.31 4.72
C LYS F 15 -73.10 0.05 4.01
N PRO F 16 -72.50 0.12 2.82
CA PRO F 16 -72.42 1.36 2.04
C PRO F 16 -73.76 1.90 1.59
N LYS F 17 -73.88 3.23 1.54
CA LYS F 17 -75.11 3.85 1.10
C LYS F 17 -75.47 3.37 -0.30
N LYS F 18 -76.76 3.10 -0.52
CA LYS F 18 -77.20 2.66 -1.82
C LYS F 18 -76.81 3.72 -2.84
N THR F 19 -76.55 3.29 -4.06
CA THR F 19 -76.18 4.20 -5.13
C THR F 19 -77.29 4.24 -6.18
N ALA F 20 -78.41 3.60 -5.87
CA ALA F 20 -79.55 3.59 -6.78
C ALA F 20 -80.03 5.00 -7.13
N ARG F 21 -80.27 5.23 -8.41
CA ARG F 21 -80.75 6.51 -8.88
C ARG F 21 -82.25 6.54 -8.60
N PRO F 22 -82.87 7.73 -8.65
CA PRO F 22 -84.30 7.89 -8.39
C PRO F 22 -85.20 7.07 -9.31
N ASP F 23 -84.67 6.68 -10.46
CA ASP F 23 -85.45 5.91 -11.43
C ASP F 23 -85.05 4.45 -11.43
N PHE F 24 -84.49 4.01 -10.30
CA PHE F 24 -84.05 2.63 -10.16
C PHE F 24 -85.16 1.62 -10.47
N SER F 25 -86.18 1.59 -9.61
CA SER F 25 -87.25 0.63 -9.82
C SER F 25 -87.98 0.88 -11.13
N ASP F 26 -87.99 2.13 -11.58
CA ASP F 26 -88.65 2.43 -12.84
C ASP F 26 -87.92 1.77 -14.01
N PHE F 27 -86.59 1.74 -13.92
CA PHE F 27 -85.78 1.13 -14.96
C PHE F 27 -86.06 -0.37 -15.02
N TRP F 28 -86.13 -1.01 -13.86
CA TRP F 28 -86.39 -2.44 -13.84
C TRP F 28 -87.82 -2.78 -14.22
N LYS F 29 -88.73 -1.86 -13.93
CA LYS F 29 -90.13 -2.06 -14.27
C LYS F 29 -90.22 -2.07 -15.79
N LYS F 30 -89.59 -1.08 -16.42
CA LYS F 30 -89.58 -0.98 -17.87
C LYS F 30 -88.86 -2.15 -18.51
N SER F 31 -87.73 -2.53 -17.93
CA SER F 31 -86.93 -3.63 -18.45
C SER F 31 -87.72 -4.94 -18.39
N LEU F 32 -88.38 -5.20 -17.27
CA LEU F 32 -89.16 -6.42 -17.15
C LEU F 32 -90.29 -6.40 -18.17
N GLU F 33 -90.82 -5.22 -18.44
CA GLU F 33 -91.91 -5.08 -19.40
C GLU F 33 -91.43 -5.41 -20.81
N GLU F 34 -90.21 -5.00 -21.15
CA GLU F 34 -89.70 -5.29 -22.47
C GLU F 34 -89.47 -6.79 -22.61
N LEU F 35 -89.12 -7.44 -21.49
CA LEU F 35 -88.90 -8.88 -21.49
C LEU F 35 -90.24 -9.57 -21.71
N ARG F 36 -91.25 -9.14 -20.98
CA ARG F 36 -92.58 -9.71 -21.08
C ARG F 36 -93.09 -9.67 -22.52
N GLN F 37 -92.63 -8.68 -23.28
CA GLN F 37 -93.07 -8.55 -24.67
C GLN F 37 -92.43 -9.58 -25.62
N VAL F 38 -91.52 -10.38 -25.08
CA VAL F 38 -90.87 -11.40 -25.89
C VAL F 38 -91.39 -12.75 -25.43
N GLU F 39 -92.12 -13.43 -26.32
CA GLU F 39 -92.64 -14.76 -26.01
C GLU F 39 -91.47 -15.70 -25.73
N ALA F 40 -91.57 -16.44 -24.64
CA ALA F 40 -90.53 -17.38 -24.27
C ALA F 40 -90.25 -18.42 -25.36
N GLU F 41 -91.30 -19.01 -25.90
CA GLU F 41 -91.15 -20.02 -26.94
C GLU F 41 -90.05 -21.01 -26.61
N PRO F 42 -90.06 -21.55 -25.39
CA PRO F 42 -89.02 -22.52 -25.01
C PRO F 42 -89.03 -23.77 -25.85
N THR F 43 -87.89 -24.43 -25.94
CA THR F 43 -87.79 -25.69 -26.67
C THR F 43 -87.00 -26.66 -25.81
N LEU F 44 -87.35 -27.93 -25.88
CA LEU F 44 -86.69 -28.94 -25.09
C LEU F 44 -86.26 -30.09 -26.01
N GLU F 45 -84.95 -30.36 -26.02
CA GLU F 45 -84.37 -31.41 -26.86
C GLU F 45 -83.59 -32.35 -25.96
N SER F 46 -83.99 -33.62 -25.92
CA SER F 46 -83.29 -34.59 -25.08
C SER F 46 -81.82 -34.66 -25.47
N TYR F 47 -80.97 -34.91 -24.47
CA TYR F 47 -79.52 -34.95 -24.67
C TYR F 47 -78.93 -36.17 -23.96
N ASP F 48 -78.20 -37.00 -24.70
CA ASP F 48 -77.61 -38.19 -24.08
C ASP F 48 -76.49 -37.84 -23.12
N TYR F 49 -76.49 -38.52 -21.97
CA TYR F 49 -75.48 -38.34 -20.95
C TYR F 49 -75.33 -39.65 -20.18
N PRO F 50 -74.09 -40.11 -19.97
CA PRO F 50 -73.85 -41.36 -19.25
C PRO F 50 -74.21 -41.34 -17.78
N VAL F 51 -75.51 -41.26 -17.50
CA VAL F 51 -76.01 -41.26 -16.12
C VAL F 51 -77.28 -42.08 -16.03
N LYS F 52 -77.54 -42.63 -14.85
CA LYS F 52 -78.73 -43.43 -14.62
C LYS F 52 -79.63 -42.68 -13.65
N GLY F 53 -80.94 -42.69 -13.90
CA GLY F 53 -81.86 -42.02 -13.01
C GLY F 53 -82.08 -40.54 -13.29
N VAL F 54 -81.52 -40.04 -14.39
CA VAL F 54 -81.67 -38.64 -14.75
C VAL F 54 -81.81 -38.48 -16.25
N LYS F 55 -82.70 -37.58 -16.66
CA LYS F 55 -82.93 -37.29 -18.06
C LYS F 55 -82.37 -35.89 -18.31
N VAL F 56 -81.50 -35.78 -19.31
CA VAL F 56 -80.90 -34.49 -19.61
C VAL F 56 -81.48 -33.91 -20.90
N TYR F 57 -81.62 -32.59 -20.94
CA TYR F 57 -82.14 -31.93 -22.12
C TYR F 57 -81.39 -30.66 -22.37
N ARG F 58 -81.53 -30.15 -23.59
CA ARG F 58 -80.91 -28.89 -23.96
C ARG F 58 -82.12 -27.97 -24.00
N LEU F 59 -82.14 -26.99 -23.12
CA LEU F 59 -83.26 -26.06 -23.07
C LEU F 59 -82.90 -24.70 -23.64
N THR F 60 -83.80 -24.15 -24.45
CA THR F 60 -83.57 -22.84 -25.02
C THR F 60 -84.87 -22.07 -24.92
N TYR F 61 -84.76 -20.76 -24.86
CA TYR F 61 -85.92 -19.90 -24.78
C TYR F 61 -85.54 -18.51 -25.25
N GLN F 62 -86.55 -17.73 -25.64
CA GLN F 62 -86.32 -16.37 -26.12
C GLN F 62 -86.41 -15.40 -24.95
N SER F 63 -85.52 -14.42 -24.93
CA SER F 63 -85.51 -13.46 -23.85
C SER F 63 -85.30 -12.05 -24.38
N PHE F 64 -85.01 -11.13 -23.46
CA PHE F 64 -84.77 -9.74 -23.80
C PHE F 64 -83.99 -9.60 -25.10
N GLY F 65 -84.41 -8.68 -25.95
CA GLY F 65 -83.75 -8.47 -27.23
C GLY F 65 -83.92 -9.64 -28.18
N HIS F 66 -84.88 -10.52 -27.89
CA HIS F 66 -85.13 -11.68 -28.73
C HIS F 66 -83.88 -12.57 -28.81
N SER F 67 -83.13 -12.61 -27.73
CA SER F 67 -81.93 -13.44 -27.69
C SER F 67 -82.32 -14.87 -27.31
N LYS F 68 -81.66 -15.84 -27.92
CA LYS F 68 -81.94 -17.24 -27.63
C LYS F 68 -81.00 -17.71 -26.52
N ILE F 69 -81.56 -17.94 -25.35
CA ILE F 69 -80.79 -18.38 -24.19
C ILE F 69 -80.85 -19.91 -24.10
N GLU F 70 -79.74 -20.53 -23.73
CA GLU F 70 -79.68 -21.98 -23.61
C GLU F 70 -79.06 -22.44 -22.31
N GLY F 71 -79.04 -23.75 -22.14
CA GLY F 71 -78.48 -24.33 -20.95
C GLY F 71 -78.98 -25.75 -20.85
N PHE F 72 -78.21 -26.61 -20.19
CA PHE F 72 -78.63 -27.98 -20.03
C PHE F 72 -79.65 -28.03 -18.92
N TYR F 73 -80.60 -28.96 -19.04
CA TYR F 73 -81.66 -29.13 -18.05
C TYR F 73 -81.72 -30.61 -17.71
N ALA F 74 -81.44 -30.90 -16.45
CA ALA F 74 -81.45 -32.28 -15.96
C ALA F 74 -82.63 -32.48 -15.01
N VAL F 75 -83.33 -33.58 -15.20
CA VAL F 75 -84.49 -33.88 -14.37
C VAL F 75 -84.40 -35.27 -13.76
N PRO F 76 -84.75 -35.41 -12.48
CA PRO F 76 -84.69 -36.72 -11.85
C PRO F 76 -85.61 -37.61 -12.68
N ASP F 77 -85.18 -38.83 -12.95
CA ASP F 77 -86.00 -39.73 -13.75
C ASP F 77 -87.00 -40.48 -12.90
N GLN F 78 -88.00 -39.76 -12.40
CA GLN F 78 -89.05 -40.33 -11.57
C GLN F 78 -90.21 -39.35 -11.66
N THR F 79 -91.39 -39.78 -11.23
CA THR F 79 -92.57 -38.91 -11.28
C THR F 79 -92.41 -37.65 -10.44
N GLY F 80 -92.87 -36.53 -10.99
CA GLY F 80 -92.77 -35.27 -10.29
C GLY F 80 -94.03 -34.96 -9.53
N PRO F 81 -94.29 -33.69 -9.19
CA PRO F 81 -93.43 -32.54 -9.50
C PRO F 81 -92.12 -32.61 -8.73
N HIS F 82 -91.09 -31.99 -9.25
CA HIS F 82 -89.79 -32.00 -8.59
C HIS F 82 -89.43 -30.60 -8.14
N PRO F 83 -88.60 -30.50 -7.10
CA PRO F 83 -88.21 -29.17 -6.66
C PRO F 83 -87.21 -28.80 -7.77
N ALA F 84 -87.03 -27.52 -8.04
CA ALA F 84 -86.10 -27.17 -9.11
C ALA F 84 -85.04 -26.17 -8.71
N LEU F 85 -84.01 -26.09 -9.55
CA LEU F 85 -82.93 -25.16 -9.33
C LEU F 85 -82.52 -24.49 -10.63
N VAL F 86 -82.27 -23.19 -10.57
CA VAL F 86 -81.78 -22.51 -11.74
C VAL F 86 -80.37 -22.14 -11.28
N ARG F 87 -79.37 -22.79 -11.87
CA ARG F 87 -77.98 -22.55 -11.52
C ARG F 87 -77.32 -21.58 -12.49
N PHE F 88 -76.62 -20.59 -11.94
CA PHE F 88 -75.93 -19.60 -12.77
C PHE F 88 -74.43 -19.78 -12.62
N HIS F 89 -73.70 -19.79 -13.73
CA HIS F 89 -72.25 -19.99 -13.67
C HIS F 89 -71.46 -18.71 -13.46
N GLY F 90 -70.19 -18.87 -13.12
CA GLY F 90 -69.34 -17.71 -12.88
C GLY F 90 -68.90 -17.04 -14.16
N TYR F 91 -68.30 -15.86 -14.01
CA TYR F 91 -67.80 -15.07 -15.12
C TYR F 91 -66.76 -15.82 -15.97
N ASN F 92 -67.09 -16.09 -17.22
CA ASN F 92 -66.16 -16.77 -18.14
C ASN F 92 -65.69 -18.09 -17.56
N ALA F 93 -66.50 -18.65 -16.65
CA ALA F 93 -66.14 -19.89 -15.98
C ALA F 93 -66.99 -21.10 -16.34
N SER F 94 -67.65 -21.08 -17.49
CA SER F 94 -68.49 -22.20 -17.87
C SER F 94 -67.80 -23.08 -18.89
N TYR F 95 -67.62 -24.35 -18.54
CA TYR F 95 -66.98 -25.30 -19.42
C TYR F 95 -68.01 -26.34 -19.82
N ASP F 96 -68.23 -26.48 -21.13
CA ASP F 96 -69.18 -27.46 -21.62
C ASP F 96 -70.54 -27.33 -20.92
N GLY F 97 -70.95 -26.08 -20.67
CA GLY F 97 -72.22 -25.81 -20.03
C GLY F 97 -72.38 -26.32 -18.60
N GLY F 98 -71.27 -26.67 -17.95
CA GLY F 98 -71.33 -27.17 -16.60
C GLY F 98 -72.29 -28.34 -16.45
N ILE F 99 -72.46 -29.08 -17.55
CA ILE F 99 -73.37 -30.20 -17.60
C ILE F 99 -73.19 -31.24 -16.49
N HIS F 100 -71.95 -31.52 -16.11
CA HIS F 100 -71.72 -32.53 -15.09
C HIS F 100 -72.28 -32.13 -13.74
N ASP F 101 -72.20 -30.85 -13.42
CA ASP F 101 -72.73 -30.39 -12.14
C ASP F 101 -74.26 -30.31 -12.19
N ILE F 102 -74.79 -29.97 -13.35
CA ILE F 102 -76.23 -29.89 -13.53
C ILE F 102 -76.79 -31.29 -13.29
N VAL F 103 -76.16 -32.29 -13.90
CA VAL F 103 -76.61 -33.66 -13.73
C VAL F 103 -76.55 -34.06 -12.25
N ASN F 104 -75.47 -33.74 -11.57
CA ASN F 104 -75.36 -34.09 -10.17
C ASN F 104 -76.45 -33.44 -9.35
N TRP F 105 -76.82 -32.21 -9.71
CA TRP F 105 -77.87 -31.53 -8.96
C TRP F 105 -79.15 -32.31 -9.14
N ALA F 106 -79.36 -32.81 -10.34
CA ALA F 106 -80.56 -33.60 -10.60
C ALA F 106 -80.51 -34.91 -9.81
N LEU F 107 -79.31 -35.47 -9.63
CA LEU F 107 -79.16 -36.71 -8.87
C LEU F 107 -79.47 -36.45 -7.41
N HIS F 108 -79.32 -35.20 -6.99
CA HIS F 108 -79.62 -34.82 -5.61
C HIS F 108 -81.12 -34.60 -5.49
N GLY F 109 -81.83 -34.80 -6.60
CA GLY F 109 -83.26 -34.65 -6.61
C GLY F 109 -83.83 -33.36 -7.18
N TYR F 110 -82.99 -32.51 -7.76
CA TYR F 110 -83.49 -31.24 -8.30
C TYR F 110 -83.54 -31.14 -9.81
N ALA F 111 -84.69 -30.71 -10.33
CA ALA F 111 -84.83 -30.50 -11.77
C ALA F 111 -83.96 -29.25 -11.91
N THR F 112 -82.80 -29.40 -12.56
CA THR F 112 -81.87 -28.29 -12.68
C THR F 112 -81.57 -27.76 -14.08
N PHE F 113 -81.56 -26.44 -14.19
CA PHE F 113 -81.27 -25.77 -15.44
C PHE F 113 -80.08 -24.84 -15.25
N GLY F 114 -79.01 -25.06 -16.01
CA GLY F 114 -77.85 -24.22 -15.88
C GLY F 114 -77.91 -23.19 -16.98
N MET F 115 -78.50 -22.04 -16.70
CA MET F 115 -78.61 -20.99 -17.71
C MET F 115 -77.24 -20.47 -18.08
N LEU F 116 -76.90 -20.57 -19.36
CA LEU F 116 -75.62 -20.08 -19.84
C LEU F 116 -75.74 -18.57 -20.06
N VAL F 117 -74.82 -17.81 -19.46
CA VAL F 117 -74.81 -16.35 -19.58
C VAL F 117 -74.34 -15.89 -20.95
N ARG F 118 -75.17 -15.04 -21.58
CA ARG F 118 -74.93 -14.44 -22.90
C ARG F 118 -73.48 -14.32 -23.34
N GLY F 119 -73.16 -14.96 -24.47
CA GLY F 119 -71.82 -14.88 -25.01
C GLY F 119 -70.70 -15.49 -24.20
N GLN F 120 -70.98 -15.94 -22.98
CA GLN F 120 -69.96 -16.55 -22.14
C GLN F 120 -69.96 -18.06 -22.26
N GLY F 121 -70.70 -18.73 -21.39
CA GLY F 121 -70.76 -20.18 -21.42
C GLY F 121 -71.69 -20.68 -22.49
N GLY F 122 -72.37 -19.74 -23.13
CA GLY F 122 -73.31 -20.10 -24.17
C GLY F 122 -74.33 -19.00 -24.32
N SER F 123 -75.42 -19.32 -25.02
CA SER F 123 -76.50 -18.37 -25.26
C SER F 123 -76.10 -17.25 -26.19
N GLU F 124 -77.10 -16.71 -26.89
CA GLU F 124 -76.94 -15.64 -27.85
C GLU F 124 -77.14 -14.27 -27.18
N ASP F 125 -76.38 -13.29 -27.62
CA ASP F 125 -76.53 -11.94 -27.09
C ASP F 125 -76.75 -11.06 -28.30
N THR F 126 -78.01 -10.63 -28.50
CA THR F 126 -78.35 -9.79 -29.65
C THR F 126 -78.07 -8.33 -29.36
N SER F 127 -77.79 -7.98 -28.11
CA SER F 127 -77.51 -6.60 -27.78
C SER F 127 -76.24 -6.13 -28.49
N VAL F 128 -76.38 -4.99 -29.15
CA VAL F 128 -75.32 -4.34 -29.89
C VAL F 128 -74.25 -3.77 -28.96
N THR F 129 -73.04 -3.60 -29.49
CA THR F 129 -71.95 -3.00 -28.73
C THR F 129 -71.95 -1.54 -29.16
N PRO F 130 -72.46 -0.65 -28.28
CA PRO F 130 -72.53 0.80 -28.55
C PRO F 130 -71.20 1.41 -28.94
N GLY F 131 -70.15 1.04 -28.21
CA GLY F 131 -68.84 1.59 -28.51
C GLY F 131 -67.70 0.84 -27.89
N GLY F 132 -66.56 1.51 -27.78
CA GLY F 132 -65.40 0.88 -27.20
C GLY F 132 -65.57 0.52 -25.75
N HIS F 133 -64.90 -0.56 -25.34
CA HIS F 133 -64.95 -1.02 -23.96
C HIS F 133 -63.75 -1.91 -23.70
N ALA F 134 -63.41 -2.11 -22.43
CA ALA F 134 -62.28 -2.93 -22.07
C ALA F 134 -62.50 -4.40 -22.46
N LEU F 135 -61.41 -5.15 -22.59
CA LEU F 135 -61.47 -6.55 -22.94
C LEU F 135 -62.38 -7.24 -21.92
N GLY F 136 -63.46 -7.85 -22.39
CA GLY F 136 -64.38 -8.53 -21.47
C GLY F 136 -65.83 -8.09 -21.62
N TRP F 137 -66.69 -8.56 -20.73
CA TRP F 137 -68.10 -8.21 -20.79
C TRP F 137 -68.44 -7.13 -19.77
N MET F 138 -67.62 -7.02 -18.73
CA MET F 138 -67.86 -6.03 -17.68
C MET F 138 -68.18 -4.61 -18.11
N THR F 139 -67.61 -4.15 -19.22
CA THR F 139 -67.87 -2.78 -19.64
C THR F 139 -68.62 -2.63 -20.96
N LYS F 140 -69.12 -3.73 -21.49
CA LYS F 140 -69.88 -3.68 -22.73
C LYS F 140 -71.18 -2.87 -22.53
N GLY F 141 -71.33 -1.81 -23.32
CA GLY F 141 -72.51 -0.96 -23.23
C GLY F 141 -72.64 -0.26 -21.89
N ILE F 142 -71.53 -0.06 -21.20
CA ILE F 142 -71.54 0.56 -19.88
C ILE F 142 -71.94 2.03 -19.81
N LEU F 143 -72.03 2.71 -20.94
CA LEU F 143 -72.41 4.13 -20.91
C LEU F 143 -73.90 4.39 -20.82
N SER F 144 -74.67 3.33 -20.65
CA SER F 144 -76.12 3.45 -20.55
C SER F 144 -76.74 2.21 -19.95
N LYS F 145 -77.65 2.39 -19.00
CA LYS F 145 -78.32 1.27 -18.36
C LYS F 145 -79.12 0.44 -19.35
N ASP F 146 -79.55 1.06 -20.44
CA ASP F 146 -80.33 0.35 -21.45
C ASP F 146 -79.48 -0.58 -22.30
N THR F 147 -78.23 -0.19 -22.50
CA THR F 147 -77.30 -0.97 -23.32
C THR F 147 -76.35 -1.87 -22.54
N TYR F 148 -76.29 -1.69 -21.22
CA TYR F 148 -75.37 -2.49 -20.41
C TYR F 148 -75.54 -4.02 -20.51
N TYR F 149 -74.41 -4.69 -20.67
CA TYR F 149 -74.36 -6.15 -20.80
C TYR F 149 -75.29 -6.94 -19.89
N TYR F 150 -75.21 -6.66 -18.60
CA TYR F 150 -76.01 -7.37 -17.61
C TYR F 150 -77.50 -7.10 -17.61
N ARG F 151 -77.95 -6.11 -18.36
CA ARG F 151 -79.39 -5.83 -18.41
C ARG F 151 -80.02 -7.07 -19.02
N GLY F 152 -79.50 -7.48 -20.17
CA GLY F 152 -80.03 -8.67 -20.82
C GLY F 152 -79.82 -9.91 -19.96
N VAL F 153 -78.65 -10.02 -19.33
CA VAL F 153 -78.35 -11.18 -18.50
C VAL F 153 -79.35 -11.33 -17.36
N TYR F 154 -79.55 -10.25 -16.60
CA TYR F 154 -80.50 -10.28 -15.47
C TYR F 154 -81.90 -10.70 -15.93
N LEU F 155 -82.31 -10.16 -17.07
CA LEU F 155 -83.61 -10.49 -17.61
C LEU F 155 -83.63 -11.95 -18.04
N ASP F 156 -82.53 -12.45 -18.59
CA ASP F 156 -82.49 -13.85 -19.01
C ASP F 156 -82.71 -14.70 -17.78
N ALA F 157 -82.14 -14.26 -16.66
CA ALA F 157 -82.24 -14.95 -15.40
C ALA F 157 -83.67 -15.03 -14.93
N VAL F 158 -84.38 -13.91 -15.06
CA VAL F 158 -85.79 -13.86 -14.66
C VAL F 158 -86.59 -14.77 -15.58
N ARG F 159 -86.37 -14.64 -16.87
CA ARG F 159 -87.09 -15.44 -17.86
C ARG F 159 -86.84 -16.93 -17.63
N ALA F 160 -85.65 -17.27 -17.16
CA ALA F 160 -85.29 -18.66 -16.91
C ALA F 160 -86.23 -19.24 -15.87
N LEU F 161 -86.50 -18.46 -14.83
CA LEU F 161 -87.39 -18.85 -13.75
C LEU F 161 -88.82 -19.02 -14.26
N GLU F 162 -89.25 -18.10 -15.12
CA GLU F 162 -90.59 -18.16 -15.68
C GLU F 162 -90.75 -19.42 -16.52
N VAL F 163 -89.75 -19.73 -17.32
CA VAL F 163 -89.80 -20.92 -18.16
C VAL F 163 -89.83 -22.21 -17.32
N ILE F 164 -88.90 -22.32 -16.38
CA ILE F 164 -88.82 -23.49 -15.53
C ILE F 164 -90.11 -23.72 -14.75
N GLN F 165 -90.62 -22.68 -14.11
CA GLN F 165 -91.84 -22.82 -13.32
C GLN F 165 -93.03 -23.24 -14.18
N SER F 166 -92.96 -22.98 -15.48
CA SER F 166 -94.07 -23.34 -16.36
C SER F 166 -94.08 -24.83 -16.63
N PHE F 167 -92.95 -25.49 -16.42
CA PHE F 167 -92.89 -26.91 -16.66
C PHE F 167 -93.79 -27.66 -15.69
N PRO F 168 -94.62 -28.56 -16.22
CA PRO F 168 -95.54 -29.34 -15.39
C PRO F 168 -94.83 -30.26 -14.40
N GLU F 169 -93.64 -30.75 -14.75
CA GLU F 169 -92.92 -31.65 -13.84
C GLU F 169 -92.17 -30.86 -12.77
N VAL F 170 -92.27 -29.54 -12.82
CA VAL F 170 -91.61 -28.69 -11.83
C VAL F 170 -92.60 -28.12 -10.83
N ASP F 171 -92.26 -28.24 -9.54
CA ASP F 171 -93.10 -27.70 -8.48
C ASP F 171 -92.77 -26.21 -8.35
N GLU F 172 -93.60 -25.37 -8.95
CA GLU F 172 -93.37 -23.93 -8.92
C GLU F 172 -93.13 -23.33 -7.54
N HIS F 173 -93.59 -24.02 -6.49
CA HIS F 173 -93.42 -23.50 -5.14
C HIS F 173 -92.12 -23.94 -4.49
N ARG F 174 -91.32 -24.73 -5.21
CA ARG F 174 -90.06 -25.22 -4.68
C ARG F 174 -88.91 -25.02 -5.67
N ILE F 175 -88.72 -23.76 -6.06
CA ILE F 175 -87.67 -23.42 -7.00
C ILE F 175 -86.62 -22.57 -6.28
N GLY F 176 -85.37 -22.99 -6.39
CA GLY F 176 -84.31 -22.21 -5.77
C GLY F 176 -83.36 -21.68 -6.84
N VAL F 177 -82.69 -20.57 -6.56
CA VAL F 177 -81.73 -20.01 -7.50
C VAL F 177 -80.37 -20.04 -6.82
N ILE F 178 -79.39 -20.62 -7.50
CA ILE F 178 -78.05 -20.71 -6.92
C ILE F 178 -76.97 -20.32 -7.91
N GLY F 179 -75.78 -20.01 -7.39
CA GLY F 179 -74.68 -19.65 -8.26
C GLY F 179 -73.47 -19.14 -7.51
N GLY F 180 -72.32 -19.13 -8.20
CA GLY F 180 -71.11 -18.64 -7.59
C GLY F 180 -70.64 -17.35 -8.22
N SER F 181 -70.34 -16.37 -7.38
CA SER F 181 -69.86 -15.06 -7.81
C SER F 181 -70.79 -14.41 -8.85
N GLN F 182 -70.43 -14.45 -10.14
CA GLN F 182 -71.34 -13.88 -11.13
C GLN F 182 -72.65 -14.65 -10.99
N GLY F 183 -72.53 -15.96 -10.82
CA GLY F 183 -73.71 -16.79 -10.67
C GLY F 183 -74.47 -16.45 -9.41
N GLY F 184 -73.75 -16.09 -8.36
CA GLY F 184 -74.39 -15.73 -7.11
C GLY F 184 -75.10 -14.40 -7.28
N ALA F 185 -74.50 -13.52 -8.07
CA ALA F 185 -75.09 -12.21 -8.33
C ALA F 185 -76.38 -12.35 -9.12
N LEU F 186 -76.37 -13.24 -10.11
CA LEU F 186 -77.57 -13.45 -10.91
C LEU F 186 -78.67 -14.04 -10.04
N ALA F 187 -78.29 -14.96 -9.14
CA ALA F 187 -79.24 -15.58 -8.22
C ALA F 187 -79.95 -14.50 -7.41
N ILE F 188 -79.15 -13.64 -6.77
CA ILE F 188 -79.68 -12.56 -5.96
C ILE F 188 -80.50 -11.59 -6.80
N ALA F 189 -80.02 -11.25 -7.99
CA ALA F 189 -80.75 -10.33 -8.85
C ALA F 189 -82.07 -10.93 -9.29
N ALA F 190 -82.08 -12.23 -9.55
CA ALA F 190 -83.29 -12.89 -10.00
C ALA F 190 -84.35 -12.88 -8.88
N ALA F 191 -83.91 -13.14 -7.65
CA ALA F 191 -84.81 -13.16 -6.52
C ALA F 191 -85.37 -11.77 -6.25
N ALA F 192 -84.60 -10.75 -6.60
CA ALA F 192 -85.00 -9.38 -6.40
C ALA F 192 -86.02 -8.91 -7.44
N LEU F 193 -85.93 -9.46 -8.64
CA LEU F 193 -86.81 -9.07 -9.73
C LEU F 193 -87.99 -10.01 -9.95
N SER F 194 -87.91 -11.20 -9.38
CA SER F 194 -88.97 -12.19 -9.52
C SER F 194 -89.26 -12.83 -8.18
N ASP F 195 -90.53 -13.09 -7.91
CA ASP F 195 -90.89 -13.71 -6.66
C ASP F 195 -91.05 -15.21 -6.85
N ILE F 196 -90.72 -15.69 -8.04
CA ILE F 196 -90.81 -17.11 -8.35
C ILE F 196 -89.89 -17.94 -7.45
N PRO F 197 -88.63 -17.52 -7.30
CA PRO F 197 -87.70 -18.28 -6.45
C PRO F 197 -88.18 -18.35 -5.00
N LYS F 198 -87.99 -19.50 -4.37
CA LYS F 198 -88.38 -19.64 -2.99
C LYS F 198 -87.18 -19.29 -2.12
N VAL F 199 -86.02 -19.83 -2.45
CA VAL F 199 -84.80 -19.58 -1.70
C VAL F 199 -83.66 -19.17 -2.61
N VAL F 200 -82.62 -18.63 -2.00
CA VAL F 200 -81.47 -18.15 -2.75
C VAL F 200 -80.16 -18.55 -2.15
N VAL F 201 -79.28 -19.10 -2.96
CA VAL F 201 -77.95 -19.44 -2.49
C VAL F 201 -76.94 -18.73 -3.39
N ALA F 202 -76.09 -17.90 -2.78
CA ALA F 202 -75.09 -17.16 -3.54
C ALA F 202 -73.71 -17.30 -2.93
N ASP F 203 -72.78 -17.81 -3.71
CA ASP F 203 -71.40 -17.98 -3.25
C ASP F 203 -70.66 -16.71 -3.60
N TYR F 204 -70.11 -16.03 -2.59
CA TYR F 204 -69.34 -14.81 -2.82
C TYR F 204 -69.80 -14.05 -4.07
N PRO F 205 -71.03 -13.53 -4.03
CA PRO F 205 -71.63 -12.78 -5.15
C PRO F 205 -70.80 -11.64 -5.74
N TYR F 206 -70.83 -11.58 -7.06
CA TYR F 206 -70.12 -10.58 -7.84
C TYR F 206 -71.06 -9.39 -8.08
N LEU F 207 -70.63 -8.43 -8.90
CA LEU F 207 -71.43 -7.25 -9.23
C LEU F 207 -71.99 -6.57 -7.99
N SER F 208 -71.14 -6.30 -7.01
CA SER F 208 -71.59 -5.70 -5.76
C SER F 208 -70.67 -4.59 -5.27
N ASN F 209 -71.27 -3.44 -4.96
CA ASN F 209 -70.53 -2.30 -4.43
C ASN F 209 -69.39 -1.94 -5.38
N PHE F 210 -69.74 -1.71 -6.66
CA PHE F 210 -68.78 -1.38 -7.71
C PHE F 210 -67.77 -0.32 -7.37
N GLU F 211 -68.25 0.80 -6.84
CA GLU F 211 -67.38 1.90 -6.50
C GLU F 211 -66.26 1.52 -5.52
N ARG F 212 -66.50 0.53 -4.67
CA ARG F 212 -65.45 0.10 -3.76
C ARG F 212 -64.66 -1.04 -4.41
N ALA F 213 -65.36 -1.93 -5.11
CA ALA F 213 -64.72 -3.06 -5.75
C ALA F 213 -63.53 -2.64 -6.61
N VAL F 214 -63.70 -1.61 -7.42
CA VAL F 214 -62.61 -1.16 -8.27
C VAL F 214 -61.40 -0.60 -7.51
N ASP F 215 -61.57 -0.37 -6.21
CA ASP F 215 -60.46 0.12 -5.40
C ASP F 215 -59.89 -0.93 -4.46
N VAL F 216 -60.59 -2.06 -4.33
CA VAL F 216 -60.15 -3.11 -3.43
C VAL F 216 -59.73 -4.39 -4.14
N ALA F 217 -60.44 -4.73 -5.22
CA ALA F 217 -60.13 -5.95 -5.95
C ALA F 217 -58.67 -5.98 -6.42
N LEU F 218 -58.09 -7.17 -6.44
CA LEU F 218 -56.70 -7.31 -6.85
C LEU F 218 -56.58 -8.22 -8.07
N GLU F 219 -57.71 -8.72 -8.56
CA GLU F 219 -57.74 -9.61 -9.72
C GLU F 219 -58.94 -9.27 -10.59
N GLN F 220 -59.03 -9.90 -11.74
CA GLN F 220 -60.15 -9.70 -12.64
C GLN F 220 -61.35 -10.33 -11.97
N PRO F 221 -62.57 -10.04 -12.45
CA PRO F 221 -62.90 -9.17 -13.58
C PRO F 221 -63.36 -7.75 -13.21
N TYR F 222 -63.38 -7.42 -11.92
CA TYR F 222 -63.80 -6.07 -11.52
C TYR F 222 -62.89 -5.06 -12.17
N LEU F 223 -61.60 -5.37 -12.18
CA LEU F 223 -60.62 -4.45 -12.73
C LEU F 223 -60.83 -4.11 -14.21
N GLU F 224 -61.71 -4.84 -14.87
CA GLU F 224 -62.02 -4.56 -16.27
C GLU F 224 -62.53 -3.12 -16.34
N ILE F 225 -63.24 -2.71 -15.28
CA ILE F 225 -63.77 -1.36 -15.19
C ILE F 225 -62.60 -0.38 -15.14
N ASN F 226 -61.59 -0.71 -14.32
CA ASN F 226 -60.40 0.13 -14.20
C ASN F 226 -59.74 0.26 -15.57
N SER F 227 -59.66 -0.87 -16.28
CA SER F 227 -59.05 -0.89 -17.60
C SER F 227 -59.85 0.00 -18.56
N TYR F 228 -61.17 -0.03 -18.40
CA TYR F 228 -62.04 0.78 -19.24
C TYR F 228 -61.72 2.27 -19.05
N PHE F 229 -61.63 2.73 -17.81
CA PHE F 229 -61.34 4.14 -17.56
C PHE F 229 -59.96 4.54 -18.07
N ARG F 230 -59.01 3.59 -18.02
CA ARG F 230 -57.67 3.89 -18.51
C ARG F 230 -57.73 4.20 -20.01
N ARG F 231 -58.68 3.57 -20.68
CA ARG F 231 -58.85 3.75 -22.11
C ARG F 231 -59.78 4.90 -22.51
N ASN F 232 -60.49 5.47 -21.54
CA ASN F 232 -61.40 6.58 -21.75
C ASN F 232 -61.25 7.50 -20.55
N SER F 233 -60.25 8.37 -20.62
CA SER F 233 -59.95 9.30 -19.53
C SER F 233 -61.00 10.35 -19.25
N ASP F 234 -61.97 10.53 -20.14
CA ASP F 234 -63.01 11.52 -19.91
C ASP F 234 -63.68 11.34 -18.54
N PRO F 235 -63.60 12.36 -17.68
CA PRO F 235 -64.20 12.30 -16.34
C PRO F 235 -65.70 11.98 -16.38
N LYS F 236 -66.39 12.51 -17.38
CA LYS F 236 -67.81 12.27 -17.50
C LYS F 236 -68.08 10.81 -17.78
N VAL F 237 -67.16 10.14 -18.46
CA VAL F 237 -67.33 8.72 -18.78
C VAL F 237 -67.32 7.90 -17.50
N GLU F 238 -66.52 8.32 -16.52
CA GLU F 238 -66.47 7.58 -15.27
C GLU F 238 -67.77 7.79 -14.47
N GLU F 239 -68.26 9.04 -14.43
CA GLU F 239 -69.50 9.31 -13.71
C GLU F 239 -70.60 8.47 -14.32
N LYS F 240 -70.70 8.55 -15.64
CA LYS F 240 -71.70 7.81 -16.37
C LYS F 240 -71.63 6.30 -16.10
N ALA F 241 -70.43 5.73 -16.26
CA ALA F 241 -70.23 4.31 -16.04
C ALA F 241 -70.74 3.85 -14.68
N PHE F 242 -70.38 4.57 -13.63
CA PHE F 242 -70.80 4.20 -12.29
C PHE F 242 -72.29 4.41 -12.11
N GLU F 243 -72.82 5.35 -12.88
CA GLU F 243 -74.25 5.65 -12.86
C GLU F 243 -74.93 4.41 -13.42
N THR F 244 -74.39 3.91 -14.53
CA THR F 244 -74.94 2.72 -15.18
C THR F 244 -74.86 1.51 -14.28
N LEU F 245 -73.68 1.28 -13.72
CA LEU F 245 -73.47 0.15 -12.83
C LEU F 245 -74.41 0.11 -11.61
N SER F 246 -74.77 1.27 -11.09
CA SER F 246 -75.65 1.30 -9.92
C SER F 246 -76.99 0.59 -10.15
N TYR F 247 -77.47 0.53 -11.39
CA TYR F 247 -78.74 -0.12 -11.70
C TYR F 247 -78.63 -1.64 -11.64
N PHE F 248 -77.40 -2.13 -11.58
CA PHE F 248 -77.16 -3.57 -11.53
C PHE F 248 -76.41 -4.01 -10.27
N ASP F 249 -76.02 -3.02 -9.45
CA ASP F 249 -75.29 -3.29 -8.23
C ASP F 249 -76.15 -4.01 -7.19
N LEU F 250 -75.65 -5.12 -6.67
CA LEU F 250 -76.37 -5.89 -5.66
C LEU F 250 -76.78 -5.10 -4.43
N ILE F 251 -75.98 -4.11 -4.02
CA ILE F 251 -76.35 -3.34 -2.83
C ILE F 251 -77.64 -2.55 -3.04
N ASN F 252 -78.07 -2.42 -4.29
CA ASN F 252 -79.29 -1.69 -4.60
C ASN F 252 -80.44 -2.65 -4.88
N LEU F 253 -80.10 -3.89 -5.19
CA LEU F 253 -81.11 -4.90 -5.49
C LEU F 253 -81.43 -5.75 -4.27
N ALA F 254 -80.44 -5.96 -3.42
CA ALA F 254 -80.58 -6.79 -2.22
C ALA F 254 -81.88 -6.53 -1.49
N GLY F 255 -82.19 -5.25 -1.28
CA GLY F 255 -83.41 -4.84 -0.57
C GLY F 255 -84.71 -5.43 -1.06
N TRP F 256 -84.77 -5.84 -2.31
CA TRP F 256 -85.99 -6.42 -2.86
C TRP F 256 -86.10 -7.91 -2.61
N VAL F 257 -85.02 -8.52 -2.14
CA VAL F 257 -85.04 -9.96 -1.89
C VAL F 257 -85.82 -10.27 -0.63
N LYS F 258 -86.84 -11.12 -0.75
CA LYS F 258 -87.68 -11.49 0.37
C LYS F 258 -87.49 -12.98 0.68
N GLN F 259 -86.76 -13.67 -0.19
CA GLN F 259 -86.54 -15.10 0.00
C GLN F 259 -85.42 -15.44 0.96
N PRO F 260 -85.53 -16.60 1.63
CA PRO F 260 -84.46 -17.00 2.56
C PRO F 260 -83.20 -17.06 1.71
N THR F 261 -82.12 -16.48 2.22
CA THR F 261 -80.89 -16.44 1.46
C THR F 261 -79.68 -16.94 2.21
N LEU F 262 -78.85 -17.73 1.52
CA LEU F 262 -77.62 -18.27 2.08
C LEU F 262 -76.42 -17.79 1.25
N MET F 263 -75.46 -17.14 1.91
CA MET F 263 -74.28 -16.62 1.23
C MET F 263 -73.00 -17.15 1.84
N ALA F 264 -71.92 -17.10 1.08
CA ALA F 264 -70.63 -17.55 1.55
C ALA F 264 -69.57 -16.55 1.12
N ILE F 265 -68.49 -16.48 1.87
CA ILE F 265 -67.41 -15.57 1.52
C ILE F 265 -66.11 -16.03 2.14
N GLY F 266 -65.05 -16.01 1.34
CA GLY F 266 -63.74 -16.40 1.84
C GLY F 266 -63.06 -15.09 2.18
N LEU F 267 -62.39 -15.03 3.33
CA LEU F 267 -61.73 -13.79 3.71
C LEU F 267 -60.49 -13.44 2.92
N ILE F 268 -59.95 -14.37 2.14
CA ILE F 268 -58.79 -14.07 1.32
C ILE F 268 -59.16 -14.04 -0.16
N ASP F 269 -60.44 -13.83 -0.45
CA ASP F 269 -60.94 -13.77 -1.82
C ASP F 269 -60.49 -12.45 -2.46
N LYS F 270 -59.70 -12.55 -3.51
CA LYS F 270 -59.21 -11.35 -4.17
C LYS F 270 -60.02 -10.91 -5.39
N ILE F 271 -60.92 -11.77 -5.84
CA ILE F 271 -61.76 -11.49 -7.00
C ILE F 271 -63.03 -10.75 -6.59
N THR F 272 -63.69 -11.27 -5.56
CA THR F 272 -64.89 -10.65 -5.00
C THR F 272 -64.52 -10.38 -3.56
N PRO F 273 -63.86 -9.23 -3.31
CA PRO F 273 -63.42 -8.84 -1.97
C PRO F 273 -64.51 -8.98 -0.91
N PRO F 274 -64.14 -9.51 0.28
CA PRO F 274 -65.09 -9.70 1.37
C PRO F 274 -65.98 -8.48 1.59
N SER F 275 -65.39 -7.30 1.59
CA SER F 275 -66.15 -6.09 1.81
C SER F 275 -67.29 -5.96 0.81
N THR F 276 -67.05 -6.27 -0.46
CA THR F 276 -68.11 -6.14 -1.47
C THR F 276 -69.21 -7.18 -1.28
N VAL F 277 -68.84 -8.33 -0.71
CA VAL F 277 -69.81 -9.36 -0.49
C VAL F 277 -70.62 -9.06 0.78
N PHE F 278 -69.95 -8.56 1.82
CA PHE F 278 -70.64 -8.22 3.07
C PHE F 278 -71.60 -7.09 2.77
N ALA F 279 -71.19 -6.20 1.86
CA ALA F 279 -72.00 -5.07 1.46
C ALA F 279 -73.33 -5.57 0.93
N ALA F 280 -73.30 -6.53 0.02
CA ALA F 280 -74.54 -7.08 -0.52
C ALA F 280 -75.35 -7.74 0.60
N TYR F 281 -74.66 -8.56 1.40
CA TYR F 281 -75.33 -9.25 2.50
C TYR F 281 -75.99 -8.28 3.49
N ASN F 282 -75.27 -7.21 3.84
CA ASN F 282 -75.81 -6.25 4.78
C ASN F 282 -76.94 -5.39 4.26
N HIS F 283 -77.24 -5.52 2.97
CA HIS F 283 -78.33 -4.75 2.39
C HIS F 283 -79.55 -5.62 2.22
N LEU F 284 -79.40 -6.89 2.58
CA LEU F 284 -80.50 -7.84 2.49
C LEU F 284 -81.33 -7.74 3.76
N GLU F 285 -82.63 -7.63 3.59
CA GLU F 285 -83.56 -7.58 4.70
C GLU F 285 -84.50 -8.74 4.43
N THR F 286 -84.06 -9.92 4.83
CA THR F 286 -84.81 -11.14 4.62
C THR F 286 -84.18 -12.21 5.49
N ASP F 287 -84.79 -13.39 5.52
CA ASP F 287 -84.26 -14.49 6.29
C ASP F 287 -82.93 -14.77 5.62
N LYS F 288 -81.83 -14.52 6.32
CA LYS F 288 -80.52 -14.70 5.70
C LYS F 288 -79.43 -15.25 6.63
N ASP F 289 -78.32 -15.64 6.01
CA ASP F 289 -77.17 -16.14 6.73
C ASP F 289 -75.94 -16.14 5.83
N LEU F 290 -74.85 -15.61 6.36
CA LEU F 290 -73.60 -15.53 5.63
C LEU F 290 -72.54 -16.41 6.28
N LYS F 291 -72.10 -17.44 5.56
CA LYS F 291 -71.06 -18.32 6.07
C LYS F 291 -69.71 -17.73 5.72
N VAL F 292 -68.91 -17.45 6.74
CA VAL F 292 -67.60 -16.88 6.55
C VAL F 292 -66.53 -17.95 6.68
N TYR F 293 -65.62 -18.00 5.71
CA TYR F 293 -64.54 -18.97 5.70
C TYR F 293 -63.20 -18.24 5.65
N ARG F 294 -62.55 -18.17 6.80
CA ARG F 294 -61.28 -17.49 6.94
C ARG F 294 -60.17 -17.86 5.98
N TYR F 295 -60.01 -19.15 5.73
CA TYR F 295 -58.93 -19.66 4.89
C TYR F 295 -59.23 -19.91 3.41
N PHE F 296 -60.35 -19.40 2.92
CA PHE F 296 -60.66 -19.62 1.51
C PHE F 296 -60.79 -18.34 0.72
N GLY F 297 -60.70 -18.48 -0.60
CA GLY F 297 -60.83 -17.32 -1.46
C GLY F 297 -61.94 -17.55 -2.47
N HIS F 298 -61.69 -17.14 -3.71
CA HIS F 298 -62.66 -17.28 -4.79
C HIS F 298 -62.49 -18.69 -5.33
N GLU F 299 -63.12 -19.65 -4.66
CA GLU F 299 -62.98 -21.03 -5.06
C GLU F 299 -64.05 -21.89 -4.41
N PHE F 300 -64.05 -23.17 -4.75
CA PHE F 300 -64.98 -24.11 -4.15
C PHE F 300 -64.60 -24.28 -2.68
N ILE F 301 -65.58 -24.10 -1.78
CA ILE F 301 -65.37 -24.23 -0.35
C ILE F 301 -66.18 -25.44 0.13
N PRO F 302 -65.50 -26.59 0.36
CA PRO F 302 -66.16 -27.82 0.81
C PRO F 302 -67.16 -27.66 1.94
N ALA F 303 -66.76 -26.97 3.00
CA ALA F 303 -67.66 -26.75 4.14
C ALA F 303 -68.96 -26.07 3.71
N PHE F 304 -68.87 -25.17 2.74
CA PHE F 304 -70.05 -24.48 2.29
C PHE F 304 -70.95 -25.33 1.39
N GLN F 305 -70.39 -26.36 0.80
CA GLN F 305 -71.18 -27.26 -0.04
C GLN F 305 -72.19 -27.97 0.87
N THR F 306 -71.71 -28.43 2.03
CA THR F 306 -72.59 -29.11 2.98
C THR F 306 -73.70 -28.15 3.35
N GLU F 307 -73.31 -26.94 3.74
CA GLU F 307 -74.24 -25.89 4.12
C GLU F 307 -75.29 -25.73 3.04
N LYS F 308 -74.80 -25.61 1.81
CA LYS F 308 -75.64 -25.41 0.64
C LYS F 308 -76.61 -26.56 0.44
N LEU F 309 -76.09 -27.78 0.43
CA LEU F 309 -76.93 -28.96 0.25
C LEU F 309 -77.97 -29.07 1.35
N SER F 310 -77.54 -28.76 2.56
CA SER F 310 -78.42 -28.83 3.72
C SER F 310 -79.52 -27.75 3.65
N PHE F 311 -79.14 -26.56 3.20
CA PHE F 311 -80.08 -25.45 3.09
C PHE F 311 -81.14 -25.74 2.05
N LEU F 312 -80.71 -26.15 0.86
CA LEU F 312 -81.62 -26.48 -0.23
C LEU F 312 -82.51 -27.67 0.11
N GLN F 313 -81.93 -28.64 0.80
CA GLN F 313 -82.68 -29.82 1.18
C GLN F 313 -83.82 -29.42 2.11
N LYS F 314 -83.50 -28.60 3.10
CA LYS F 314 -84.48 -28.10 4.06
C LYS F 314 -85.61 -27.25 3.45
N HIS F 315 -85.27 -26.39 2.51
CA HIS F 315 -86.28 -25.52 1.90
C HIS F 315 -86.94 -26.06 0.63
N LEU F 316 -86.31 -27.05 -0.01
CA LEU F 316 -86.86 -27.57 -1.26
C LEU F 316 -87.16 -29.08 -1.30
N LEU F 317 -86.26 -29.88 -0.75
CA LEU F 317 -86.44 -31.33 -0.77
C LEU F 317 -87.42 -31.88 0.28
N GLN G 2 34.81 5.19 2.89
CA GLN G 2 33.45 5.42 2.31
C GLN G 2 33.54 5.34 0.78
N LEU G 3 32.42 5.03 0.13
CA LEU G 3 32.41 4.89 -1.32
C LEU G 3 33.20 5.99 -2.01
N PHE G 4 33.93 5.63 -3.07
CA PHE G 4 34.75 6.61 -3.79
C PHE G 4 35.11 6.21 -5.22
N ASP G 5 35.23 4.91 -5.47
CA ASP G 5 35.62 4.42 -6.79
C ASP G 5 34.42 4.41 -7.73
N LEU G 6 34.53 3.64 -8.81
CA LEU G 6 33.46 3.53 -9.78
C LEU G 6 32.23 2.91 -9.10
N SER G 7 31.05 3.12 -9.67
CA SER G 7 29.84 2.55 -9.12
C SER G 7 29.95 1.04 -9.28
N LEU G 8 29.26 0.30 -8.43
CA LEU G 8 29.30 -1.14 -8.53
C LEU G 8 28.92 -1.58 -9.94
N GLU G 9 27.94 -0.90 -10.52
CA GLU G 9 27.48 -1.24 -11.86
C GLU G 9 28.59 -1.09 -12.90
N GLU G 10 29.44 -0.09 -12.71
CA GLU G 10 30.55 0.17 -13.62
C GLU G 10 31.74 -0.76 -13.34
N LEU G 11 31.96 -1.09 -12.08
CA LEU G 11 33.04 -1.98 -11.68
C LEU G 11 32.90 -3.34 -12.37
N LYS G 12 31.67 -3.85 -12.43
CA LYS G 12 31.37 -5.14 -13.05
C LYS G 12 31.75 -5.17 -14.52
N LYS G 13 31.68 -4.03 -15.17
CA LYS G 13 32.01 -3.95 -16.59
C LYS G 13 33.43 -3.44 -16.84
N TYR G 14 34.11 -3.01 -15.78
CA TYR G 14 35.46 -2.48 -15.94
C TYR G 14 36.48 -3.56 -16.31
N LYS G 15 36.95 -3.50 -17.55
CA LYS G 15 37.93 -4.44 -18.03
C LYS G 15 38.89 -3.68 -18.94
N PRO G 16 39.85 -2.95 -18.35
CA PRO G 16 40.82 -2.16 -19.13
C PRO G 16 41.63 -2.97 -20.14
N LYS G 17 41.89 -2.39 -21.30
CA LYS G 17 42.66 -3.06 -22.33
C LYS G 17 43.99 -3.50 -21.71
N LYS G 18 44.41 -4.72 -22.02
CA LYS G 18 45.68 -5.24 -21.51
C LYS G 18 46.81 -4.32 -21.93
N THR G 19 47.84 -4.25 -21.08
CA THR G 19 49.01 -3.41 -21.34
C THR G 19 50.24 -4.27 -21.68
N ALA G 20 50.01 -5.56 -21.86
CA ALA G 20 51.09 -6.50 -22.17
C ALA G 20 51.83 -6.22 -23.48
N ARG G 21 53.16 -6.10 -23.37
CA ARG G 21 54.00 -5.87 -24.54
C ARG G 21 54.07 -7.16 -25.37
N PRO G 22 54.50 -7.05 -26.63
CA PRO G 22 54.60 -8.21 -27.54
C PRO G 22 55.45 -9.36 -26.97
N ASP G 23 56.43 -9.03 -26.15
CA ASP G 23 57.31 -10.04 -25.57
C ASP G 23 56.91 -10.46 -24.15
N PHE G 24 55.69 -10.10 -23.75
CA PHE G 24 55.21 -10.43 -22.41
C PHE G 24 55.43 -11.91 -22.11
N SER G 25 54.73 -12.74 -22.88
CA SER G 25 54.80 -14.18 -22.73
C SER G 25 56.25 -14.64 -22.79
N ASP G 26 57.02 -14.00 -23.65
CA ASP G 26 58.41 -14.35 -23.81
C ASP G 26 59.25 -14.09 -22.57
N PHE G 27 59.07 -12.89 -21.99
CA PHE G 27 59.81 -12.50 -20.80
C PHE G 27 59.62 -13.51 -19.66
N TRP G 28 58.40 -14.00 -19.52
CA TRP G 28 58.11 -14.94 -18.46
C TRP G 28 58.67 -16.33 -18.74
N LYS G 29 58.73 -16.68 -20.03
CA LYS G 29 59.27 -17.97 -20.41
C LYS G 29 60.75 -18.01 -20.03
N LYS G 30 61.47 -16.95 -20.39
CA LYS G 30 62.89 -16.85 -20.08
C LYS G 30 63.12 -16.72 -18.57
N SER G 31 62.25 -16.00 -17.88
CA SER G 31 62.39 -15.82 -16.44
C SER G 31 62.22 -17.14 -15.71
N LEU G 32 61.30 -17.96 -16.20
CA LEU G 32 61.07 -19.26 -15.59
C LEU G 32 62.27 -20.16 -15.90
N GLU G 33 62.86 -19.97 -17.06
CA GLU G 33 64.02 -20.75 -17.46
C GLU G 33 65.19 -20.43 -16.54
N GLU G 34 65.38 -19.16 -16.23
CA GLU G 34 66.49 -18.79 -15.36
C GLU G 34 66.23 -19.33 -13.96
N LEU G 35 64.94 -19.45 -13.61
CA LEU G 35 64.58 -19.98 -12.30
C LEU G 35 65.00 -21.46 -12.27
N ARG G 36 64.61 -22.17 -13.32
CA ARG G 36 64.90 -23.60 -13.45
C ARG G 36 66.39 -23.89 -13.34
N GLN G 37 67.21 -22.93 -13.74
CA GLN G 37 68.66 -23.12 -13.70
C GLN G 37 69.22 -23.03 -12.29
N VAL G 38 68.33 -22.85 -11.32
CA VAL G 38 68.74 -22.78 -9.92
C VAL G 38 68.14 -23.93 -9.14
N GLU G 39 68.98 -24.83 -8.67
CA GLU G 39 68.53 -25.96 -7.89
C GLU G 39 67.87 -25.51 -6.60
N ALA G 40 66.66 -26.01 -6.37
CA ALA G 40 65.88 -25.69 -5.17
C ALA G 40 66.70 -25.90 -3.89
N GLU G 41 67.29 -27.09 -3.75
CA GLU G 41 68.08 -27.41 -2.55
C GLU G 41 67.31 -27.04 -1.28
N PRO G 42 66.03 -27.40 -1.22
CA PRO G 42 65.23 -27.07 -0.04
C PRO G 42 65.76 -27.70 1.24
N THR G 43 65.45 -27.08 2.37
CA THR G 43 65.87 -27.59 3.68
C THR G 43 64.73 -27.40 4.67
N LEU G 44 64.48 -28.42 5.49
CA LEU G 44 63.44 -28.35 6.51
C LEU G 44 64.10 -28.45 7.88
N GLU G 45 63.66 -27.62 8.80
CA GLU G 45 64.20 -27.61 10.16
C GLU G 45 63.01 -27.54 11.11
N SER G 46 62.88 -28.52 11.99
CA SER G 46 61.75 -28.53 12.92
C SER G 46 61.82 -27.25 13.75
N TYR G 47 60.66 -26.69 14.04
CA TYR G 47 60.56 -25.45 14.80
C TYR G 47 59.52 -25.63 15.91
N ASP G 48 59.95 -25.53 17.16
CA ASP G 48 59.02 -25.69 18.28
C ASP G 48 57.95 -24.62 18.24
N TYR G 49 56.71 -25.03 18.56
CA TYR G 49 55.58 -24.14 18.59
C TYR G 49 54.52 -24.76 19.51
N PRO G 50 53.96 -23.96 20.43
CA PRO G 50 52.94 -24.43 21.38
C PRO G 50 51.62 -24.83 20.76
N VAL G 51 51.65 -25.86 19.92
CA VAL G 51 50.44 -26.36 19.28
C VAL G 51 50.49 -27.88 19.28
N LYS G 52 49.32 -28.49 19.39
CA LYS G 52 49.22 -29.94 19.40
C LYS G 52 48.54 -30.36 18.11
N GLY G 53 49.05 -31.44 17.50
CA GLY G 53 48.46 -31.92 16.27
C GLY G 53 49.04 -31.29 15.02
N VAL G 54 50.13 -30.55 15.18
CA VAL G 54 50.78 -29.92 14.04
C VAL G 54 52.27 -29.90 14.21
N LYS G 55 53.00 -30.20 13.14
CA LYS G 55 54.45 -30.17 13.16
C LYS G 55 54.81 -28.90 12.40
N VAL G 56 55.65 -28.06 13.01
CA VAL G 56 56.04 -26.81 12.36
C VAL G 56 57.51 -26.87 11.96
N TYR G 57 57.81 -26.38 10.77
CA TYR G 57 59.19 -26.36 10.29
C TYR G 57 59.53 -25.03 9.67
N ARG G 58 60.82 -24.81 9.51
CA ARG G 58 61.33 -23.63 8.87
C ARG G 58 61.81 -24.18 7.55
N LEU G 59 61.26 -23.65 6.47
CA LEU G 59 61.63 -24.11 5.15
C LEU G 59 62.38 -23.06 4.38
N THR G 60 63.41 -23.49 3.67
CA THR G 60 64.19 -22.58 2.84
C THR G 60 64.45 -23.30 1.54
N TYR G 61 64.72 -22.53 0.50
CA TYR G 61 65.02 -23.09 -0.80
C TYR G 61 65.65 -22.01 -1.64
N GLN G 62 66.42 -22.42 -2.65
CA GLN G 62 67.09 -21.48 -3.53
C GLN G 62 66.14 -21.12 -4.67
N SER G 63 66.12 -19.85 -5.04
CA SER G 63 65.26 -19.39 -6.11
C SER G 63 66.03 -18.48 -7.04
N PHE G 64 65.30 -17.78 -7.92
CA PHE G 64 65.88 -16.85 -8.88
C PHE G 64 67.02 -16.02 -8.28
N GLY G 65 68.11 -15.91 -9.03
CA GLY G 65 69.25 -15.13 -8.55
C GLY G 65 69.96 -15.78 -7.36
N HIS G 66 69.71 -17.07 -7.17
CA HIS G 66 70.33 -17.81 -6.08
C HIS G 66 69.99 -17.18 -4.74
N SER G 67 68.74 -16.75 -4.61
CA SER G 67 68.28 -16.15 -3.36
C SER G 67 67.71 -17.23 -2.45
N LYS G 68 68.04 -17.15 -1.17
CA LYS G 68 67.56 -18.09 -0.16
C LYS G 68 66.18 -17.60 0.32
N ILE G 69 65.12 -18.26 -0.14
CA ILE G 69 63.77 -17.89 0.24
C ILE G 69 63.34 -18.68 1.48
N GLU G 70 62.60 -18.03 2.37
CA GLU G 70 62.16 -18.67 3.61
C GLU G 70 60.68 -18.60 3.90
N GLY G 71 60.30 -19.22 5.01
CA GLY G 71 58.93 -19.23 5.46
C GLY G 71 58.69 -20.39 6.40
N PHE G 72 57.64 -20.30 7.22
CA PHE G 72 57.30 -21.38 8.13
C PHE G 72 56.43 -22.38 7.39
N TYR G 73 56.65 -23.66 7.67
CA TYR G 73 55.91 -24.72 7.02
C TYR G 73 55.26 -25.53 8.13
N ALA G 74 53.93 -25.53 8.16
CA ALA G 74 53.20 -26.27 9.19
C ALA G 74 52.46 -27.42 8.56
N VAL G 75 52.63 -28.60 9.13
CA VAL G 75 51.96 -29.78 8.60
C VAL G 75 51.07 -30.48 9.61
N PRO G 76 49.89 -30.94 9.18
CA PRO G 76 48.98 -31.63 10.07
C PRO G 76 49.75 -32.83 10.61
N ASP G 77 49.74 -33.01 11.93
CA ASP G 77 50.47 -34.10 12.54
C ASP G 77 49.70 -35.43 12.48
N GLN G 78 49.58 -35.95 11.27
CA GLN G 78 48.89 -37.21 11.04
C GLN G 78 49.39 -37.73 9.70
N THR G 79 49.13 -39.00 9.39
CA THR G 79 49.59 -39.56 8.12
C THR G 79 48.98 -38.83 6.93
N GLY G 80 49.81 -38.55 5.92
CA GLY G 80 49.36 -37.86 4.74
C GLY G 80 48.91 -38.83 3.66
N PRO G 81 48.90 -38.41 2.38
CA PRO G 81 49.29 -37.08 1.91
C PRO G 81 48.28 -36.05 2.36
N HIS G 82 48.71 -34.81 2.48
CA HIS G 82 47.83 -33.75 2.91
C HIS G 82 47.59 -32.73 1.81
N PRO G 83 46.42 -32.07 1.82
CA PRO G 83 46.20 -31.07 0.79
C PRO G 83 47.15 -29.96 1.23
N ALA G 84 47.61 -29.11 0.31
CA ALA G 84 48.55 -28.08 0.74
C ALA G 84 48.15 -26.68 0.35
N LEU G 85 48.74 -25.72 1.05
CA LEU G 85 48.50 -24.31 0.77
C LEU G 85 49.79 -23.51 0.85
N VAL G 86 50.01 -22.63 -0.13
CA VAL G 86 51.16 -21.76 -0.11
C VAL G 86 50.50 -20.41 0.12
N ARG G 87 50.75 -19.82 1.28
CA ARG G 87 50.17 -18.53 1.64
C ARG G 87 51.15 -17.38 1.42
N PHE G 88 50.70 -16.32 0.75
CA PHE G 88 51.56 -15.17 0.50
C PHE G 88 51.07 -13.97 1.31
N HIS G 89 51.98 -13.36 2.07
CA HIS G 89 51.61 -12.23 2.92
C HIS G 89 51.52 -10.90 2.19
N GLY G 90 50.87 -9.94 2.85
CA GLY G 90 50.69 -8.62 2.28
C GLY G 90 51.93 -7.74 2.32
N TYR G 91 51.90 -6.68 1.53
CA TYR G 91 53.01 -5.73 1.42
C TYR G 91 53.47 -5.22 2.78
N ASN G 92 54.71 -5.54 3.13
CA ASN G 92 55.29 -5.09 4.40
C ASN G 92 54.38 -5.42 5.58
N ALA G 93 53.47 -6.36 5.39
CA ALA G 93 52.53 -6.74 6.44
C ALA G 93 52.81 -8.07 7.13
N SER G 94 54.08 -8.49 7.14
CA SER G 94 54.45 -9.75 7.76
C SER G 94 55.13 -9.57 9.14
N TYR G 95 54.52 -10.17 10.16
CA TYR G 95 55.04 -10.11 11.51
C TYR G 95 55.40 -11.52 11.97
N ASP G 96 56.67 -11.72 12.36
CA ASP G 96 57.11 -13.02 12.81
C ASP G 96 56.75 -14.16 11.84
N GLY G 97 56.90 -13.89 10.55
CA GLY G 97 56.61 -14.88 9.53
C GLY G 97 55.17 -15.34 9.45
N GLY G 98 54.28 -14.64 10.17
CA GLY G 98 52.86 -15.01 10.17
C GLY G 98 52.69 -16.45 10.61
N ILE G 99 53.60 -16.89 11.47
CA ILE G 99 53.60 -18.25 11.97
C ILE G 99 52.26 -18.72 12.55
N HIS G 100 51.64 -17.87 13.36
CA HIS G 100 50.36 -18.22 13.98
C HIS G 100 49.25 -18.55 12.97
N ASP G 101 49.21 -17.82 11.86
CA ASP G 101 48.21 -18.09 10.84
C ASP G 101 48.57 -19.35 10.09
N ILE G 102 49.86 -19.55 9.85
CA ILE G 102 50.31 -20.74 9.15
C ILE G 102 49.88 -21.96 9.94
N VAL G 103 50.18 -21.96 11.24
CA VAL G 103 49.81 -23.07 12.11
C VAL G 103 48.30 -23.31 12.07
N ASN G 104 47.51 -22.24 12.17
CA ASN G 104 46.05 -22.37 12.14
C ASN G 104 45.60 -23.05 10.85
N TRP G 105 46.24 -22.72 9.74
CA TRP G 105 45.88 -23.35 8.48
C TRP G 105 46.13 -24.85 8.55
N ALA G 106 47.24 -25.23 9.18
CA ALA G 106 47.58 -26.64 9.32
C ALA G 106 46.50 -27.33 10.14
N LEU G 107 46.05 -26.65 11.21
CA LEU G 107 45.00 -27.19 12.07
C LEU G 107 43.72 -27.43 11.29
N HIS G 108 43.54 -26.65 10.23
CA HIS G 108 42.37 -26.77 9.36
C HIS G 108 42.59 -27.92 8.38
N GLY G 109 43.76 -28.55 8.49
CA GLY G 109 44.08 -29.69 7.65
C GLY G 109 44.95 -29.47 6.43
N TYR G 110 45.60 -28.32 6.35
CA TYR G 110 46.44 -28.02 5.19
C TYR G 110 47.93 -27.91 5.49
N ALA G 111 48.76 -28.63 4.75
CA ALA G 111 50.20 -28.53 4.94
C ALA G 111 50.40 -27.13 4.34
N THR G 112 50.80 -26.17 5.17
CA THR G 112 50.91 -24.79 4.72
C THR G 112 52.28 -24.16 4.84
N PHE G 113 52.68 -23.51 3.74
CA PHE G 113 53.95 -22.81 3.66
C PHE G 113 53.68 -21.33 3.46
N GLY G 114 54.20 -20.52 4.37
CA GLY G 114 54.03 -19.09 4.26
C GLY G 114 55.31 -18.49 3.73
N MET G 115 55.40 -18.39 2.41
CA MET G 115 56.59 -17.84 1.78
C MET G 115 56.75 -16.37 2.13
N LEU G 116 57.90 -16.03 2.69
CA LEU G 116 58.17 -14.65 3.06
C LEU G 116 58.71 -13.94 1.84
N VAL G 117 58.09 -12.82 1.48
CA VAL G 117 58.48 -12.05 0.31
C VAL G 117 59.78 -11.30 0.53
N ARG G 118 60.71 -11.50 -0.41
CA ARG G 118 62.03 -10.89 -0.39
C ARG G 118 62.17 -9.58 0.35
N GLY G 119 63.09 -9.56 1.30
CA GLY G 119 63.35 -8.35 2.07
C GLY G 119 62.23 -7.81 2.95
N GLN G 120 61.04 -8.41 2.84
CA GLN G 120 59.91 -7.97 3.65
C GLN G 120 59.76 -8.80 4.91
N GLY G 121 58.93 -9.84 4.84
CA GLY G 121 58.73 -10.68 6.00
C GLY G 121 59.92 -11.56 6.29
N GLY G 122 60.76 -11.73 5.26
CA GLY G 122 61.94 -12.55 5.40
C GLY G 122 62.46 -12.86 4.00
N SER G 123 63.30 -13.87 3.89
CA SER G 123 63.89 -14.26 2.62
C SER G 123 64.95 -13.29 2.15
N GLU G 124 65.90 -13.80 1.40
CA GLU G 124 67.00 -13.01 0.88
C GLU G 124 66.67 -12.49 -0.51
N ASP G 125 67.19 -11.31 -0.84
CA ASP G 125 66.97 -10.74 -2.17
C ASP G 125 68.35 -10.39 -2.71
N THR G 126 68.88 -11.23 -3.59
CA THR G 126 70.20 -10.98 -4.13
C THR G 126 70.18 -9.98 -5.26
N SER G 127 69.00 -9.70 -5.80
CA SER G 127 68.91 -8.75 -6.91
C SER G 127 69.45 -7.37 -6.48
N VAL G 128 70.27 -6.80 -7.35
CA VAL G 128 70.87 -5.50 -7.11
C VAL G 128 69.89 -4.36 -7.30
N THR G 129 70.21 -3.21 -6.74
CA THR G 129 69.36 -2.03 -6.91
C THR G 129 70.05 -1.21 -8.02
N PRO G 130 69.52 -1.28 -9.25
CA PRO G 130 70.05 -0.58 -10.42
C PRO G 130 70.36 0.88 -10.17
N GLY G 131 69.42 1.56 -9.53
CA GLY G 131 69.62 2.97 -9.25
C GLY G 131 68.63 3.49 -8.25
N GLY G 132 68.38 4.79 -8.27
CA GLY G 132 67.45 5.38 -7.32
C GLY G 132 66.02 4.95 -7.53
N HIS G 133 65.27 4.92 -6.43
CA HIS G 133 63.85 4.59 -6.46
C HIS G 133 63.16 5.19 -5.24
N ALA G 134 61.84 5.20 -5.24
CA ALA G 134 61.10 5.76 -4.11
C ALA G 134 61.15 4.82 -2.90
N LEU G 135 61.03 5.40 -1.71
CA LEU G 135 61.04 4.64 -0.47
C LEU G 135 60.06 3.46 -0.63
N GLY G 136 60.58 2.24 -0.50
CA GLY G 136 59.74 1.07 -0.65
C GLY G 136 60.28 0.10 -1.66
N TRP G 137 59.53 -0.98 -1.92
CA TRP G 137 59.95 -2.00 -2.88
C TRP G 137 59.28 -1.81 -4.23
N MET G 138 58.12 -1.19 -4.23
CA MET G 138 57.35 -0.96 -5.45
C MET G 138 58.10 -0.46 -6.68
N THR G 139 59.13 0.37 -6.47
CA THR G 139 59.89 0.91 -7.59
C THR G 139 61.35 0.45 -7.70
N LYS G 140 61.75 -0.49 -6.84
CA LYS G 140 63.12 -0.99 -6.91
C LYS G 140 63.36 -1.66 -8.25
N GLY G 141 64.33 -1.12 -9.00
CA GLY G 141 64.66 -1.67 -10.31
C GLY G 141 63.51 -1.56 -11.29
N ILE G 142 62.67 -0.56 -11.14
CA ILE G 142 61.51 -0.38 -12.02
C ILE G 142 61.85 0.04 -13.46
N LEU G 143 63.11 0.39 -13.72
CA LEU G 143 63.48 0.81 -15.08
C LEU G 143 63.78 -0.33 -16.03
N SER G 144 63.47 -1.54 -15.60
CA SER G 144 63.68 -2.72 -16.42
C SER G 144 62.96 -3.95 -15.86
N LYS G 145 62.24 -4.65 -16.71
CA LYS G 145 61.52 -5.85 -16.31
C LYS G 145 62.45 -6.92 -15.76
N ASP G 146 63.69 -6.92 -16.21
CA ASP G 146 64.66 -7.90 -15.74
C ASP G 146 65.14 -7.60 -14.33
N THR G 147 65.16 -6.33 -13.96
CA THR G 147 65.64 -5.93 -12.64
C THR G 147 64.54 -5.67 -11.62
N TYR G 148 63.31 -5.53 -12.09
CA TYR G 148 62.18 -5.25 -11.21
C TYR G 148 62.03 -6.20 -10.02
N TYR G 149 61.82 -5.61 -8.85
CA TYR G 149 61.66 -6.35 -7.59
C TYR G 149 60.75 -7.57 -7.66
N TYR G 150 59.59 -7.40 -8.26
CA TYR G 150 58.62 -8.50 -8.32
C TYR G 150 58.96 -9.65 -9.24
N ARG G 151 59.96 -9.48 -10.10
CA ARG G 151 60.35 -10.58 -10.98
C ARG G 151 60.84 -11.72 -10.11
N GLY G 152 61.74 -11.40 -9.18
CA GLY G 152 62.26 -12.41 -8.29
C GLY G 152 61.17 -12.96 -7.39
N VAL G 153 60.31 -12.07 -6.89
CA VAL G 153 59.23 -12.49 -6.00
C VAL G 153 58.27 -13.44 -6.70
N TYR G 154 57.83 -13.10 -7.90
CA TYR G 154 56.92 -13.95 -8.64
C TYR G 154 57.56 -15.31 -8.86
N LEU G 155 58.85 -15.30 -9.17
CA LEU G 155 59.57 -16.55 -9.39
C LEU G 155 59.71 -17.35 -8.08
N ASP G 156 59.90 -16.65 -6.96
CA ASP G 156 59.98 -17.33 -5.67
C ASP G 156 58.64 -18.03 -5.42
N ALA G 157 57.56 -17.40 -5.88
CA ALA G 157 56.23 -17.94 -5.71
C ALA G 157 56.10 -19.26 -6.46
N VAL G 158 56.53 -19.27 -7.72
CA VAL G 158 56.45 -20.48 -8.52
C VAL G 158 57.32 -21.56 -7.88
N ARG G 159 58.54 -21.20 -7.50
CA ARG G 159 59.47 -22.16 -6.89
C ARG G 159 58.89 -22.73 -5.59
N ALA G 160 58.17 -21.90 -4.83
CA ALA G 160 57.57 -22.34 -3.59
C ALA G 160 56.66 -23.53 -3.88
N LEU G 161 55.88 -23.39 -4.94
CA LEU G 161 54.97 -24.46 -5.36
C LEU G 161 55.71 -25.71 -5.79
N GLU G 162 56.82 -25.55 -6.51
CA GLU G 162 57.60 -26.68 -6.99
C GLU G 162 58.24 -27.43 -5.82
N VAL G 163 58.59 -26.70 -4.77
CA VAL G 163 59.20 -27.30 -3.60
C VAL G 163 58.15 -28.05 -2.76
N ILE G 164 57.03 -27.39 -2.51
CA ILE G 164 55.95 -27.98 -1.73
C ILE G 164 55.43 -29.25 -2.39
N GLN G 165 55.13 -29.15 -3.68
CA GLN G 165 54.60 -30.28 -4.42
C GLN G 165 55.52 -31.49 -4.38
N SER G 166 56.82 -31.23 -4.28
CA SER G 166 57.82 -32.28 -4.26
C SER G 166 57.83 -33.02 -2.93
N PHE G 167 57.20 -32.45 -1.92
CA PHE G 167 57.16 -33.09 -0.61
C PHE G 167 56.31 -34.36 -0.65
N PRO G 168 56.81 -35.44 -0.06
CA PRO G 168 56.05 -36.69 -0.04
C PRO G 168 54.71 -36.59 0.71
N GLU G 169 54.73 -35.93 1.86
CA GLU G 169 53.51 -35.78 2.66
C GLU G 169 52.50 -34.81 2.02
N VAL G 170 52.82 -34.29 0.84
CA VAL G 170 51.92 -33.38 0.17
C VAL G 170 51.28 -33.98 -1.06
N ASP G 171 49.95 -33.86 -1.13
CA ASP G 171 49.21 -34.36 -2.26
C ASP G 171 49.29 -33.30 -3.35
N GLU G 172 50.23 -33.48 -4.27
CA GLU G 172 50.45 -32.53 -5.37
C GLU G 172 49.18 -32.09 -6.13
N HIS G 173 48.13 -32.91 -6.10
CA HIS G 173 46.90 -32.59 -6.81
C HIS G 173 45.94 -31.73 -6.00
N ARG G 174 46.30 -31.43 -4.77
CA ARG G 174 45.45 -30.62 -3.93
C ARG G 174 46.23 -29.52 -3.26
N ILE G 175 46.89 -28.71 -4.09
CA ILE G 175 47.67 -27.59 -3.61
C ILE G 175 46.97 -26.27 -3.96
N GLY G 176 46.77 -25.42 -2.96
CA GLY G 176 46.12 -24.15 -3.22
C GLY G 176 47.03 -22.98 -2.92
N VAL G 177 46.80 -21.87 -3.61
CA VAL G 177 47.58 -20.66 -3.37
C VAL G 177 46.63 -19.59 -2.88
N ILE G 178 46.97 -18.97 -1.77
CA ILE G 178 46.12 -17.94 -1.19
C ILE G 178 46.93 -16.78 -0.67
N GLY G 179 46.26 -15.66 -0.46
CA GLY G 179 46.91 -14.47 0.05
C GLY G 179 46.05 -13.24 -0.10
N GLY G 180 46.41 -12.19 0.62
CA GLY G 180 45.66 -10.93 0.53
C GLY G 180 46.50 -9.79 -0.04
N SER G 181 45.89 -9.03 -0.95
CA SER G 181 46.54 -7.90 -1.62
C SER G 181 47.82 -8.33 -2.32
N GLN G 182 48.98 -7.97 -1.77
CA GLN G 182 50.22 -8.41 -2.40
C GLN G 182 50.17 -9.93 -2.46
N GLY G 183 49.77 -10.54 -1.35
CA GLY G 183 49.67 -11.98 -1.29
C GLY G 183 48.67 -12.52 -2.28
N GLY G 184 47.61 -11.75 -2.54
CA GLY G 184 46.60 -12.19 -3.49
C GLY G 184 47.14 -12.13 -4.91
N ALA G 185 47.96 -11.12 -5.17
CA ALA G 185 48.56 -10.93 -6.48
C ALA G 185 49.57 -12.04 -6.74
N LEU G 186 50.31 -12.41 -5.69
CA LEU G 186 51.29 -13.47 -5.82
C LEU G 186 50.59 -14.78 -6.14
N ALA G 187 49.45 -15.00 -5.47
CA ALA G 187 48.68 -16.22 -5.67
C ALA G 187 48.23 -16.32 -7.11
N ILE G 188 47.70 -15.22 -7.64
CA ILE G 188 47.25 -15.18 -9.02
C ILE G 188 48.43 -15.29 -9.98
N ALA G 189 49.50 -14.55 -9.70
CA ALA G 189 50.67 -14.60 -10.56
C ALA G 189 51.23 -16.03 -10.63
N ALA G 190 51.27 -16.68 -9.47
CA ALA G 190 51.77 -18.04 -9.39
C ALA G 190 50.90 -19.01 -10.17
N ALA G 191 49.60 -18.89 -10.03
CA ALA G 191 48.66 -19.77 -10.73
C ALA G 191 48.73 -19.53 -12.22
N ALA G 192 49.11 -18.33 -12.61
CA ALA G 192 49.21 -18.00 -14.03
C ALA G 192 50.52 -18.54 -14.62
N LEU G 193 51.56 -18.55 -13.81
CA LEU G 193 52.87 -19.02 -14.25
C LEU G 193 53.09 -20.50 -14.01
N SER G 194 52.23 -21.12 -13.21
CA SER G 194 52.38 -22.53 -12.89
C SER G 194 51.04 -23.24 -12.86
N ASP G 195 51.01 -24.48 -13.31
CA ASP G 195 49.77 -25.23 -13.27
C ASP G 195 49.76 -26.20 -12.10
N ILE G 196 50.66 -25.96 -11.16
CA ILE G 196 50.75 -26.79 -9.96
C ILE G 196 49.55 -26.52 -9.05
N PRO G 197 49.19 -25.24 -8.85
CA PRO G 197 48.05 -24.90 -7.99
C PRO G 197 46.75 -25.43 -8.55
N LYS G 198 45.88 -25.92 -7.66
CA LYS G 198 44.59 -26.42 -8.11
C LYS G 198 43.58 -25.29 -8.04
N VAL G 199 43.63 -24.53 -6.95
CA VAL G 199 42.71 -23.40 -6.75
C VAL G 199 43.45 -22.18 -6.28
N VAL G 200 42.78 -21.03 -6.42
CA VAL G 200 43.35 -19.75 -6.06
C VAL G 200 42.39 -18.91 -5.24
N VAL G 201 42.89 -18.35 -4.14
CA VAL G 201 42.08 -17.45 -3.32
C VAL G 201 42.88 -16.16 -3.16
N ALA G 202 42.35 -15.07 -3.72
CA ALA G 202 43.02 -13.79 -3.62
C ALA G 202 42.12 -12.72 -3.00
N ASP G 203 42.55 -12.20 -1.86
CA ASP G 203 41.83 -11.15 -1.16
C ASP G 203 42.29 -9.85 -1.79
N TYR G 204 41.34 -9.07 -2.32
CA TYR G 204 41.65 -7.78 -2.94
C TYR G 204 43.11 -7.72 -3.44
N PRO G 205 43.40 -8.49 -4.50
CA PRO G 205 44.73 -8.55 -5.09
C PRO G 205 45.30 -7.19 -5.46
N TYR G 206 46.59 -7.05 -5.18
CA TYR G 206 47.38 -5.86 -5.44
C TYR G 206 48.07 -6.02 -6.81
N LEU G 207 49.00 -5.11 -7.13
CA LEU G 207 49.75 -5.16 -8.38
C LEU G 207 48.84 -5.34 -9.59
N SER G 208 47.72 -4.63 -9.59
CA SER G 208 46.76 -4.75 -10.69
C SER G 208 46.35 -3.43 -11.33
N ASN G 209 46.34 -3.38 -12.66
CA ASN G 209 45.95 -2.18 -13.40
C ASN G 209 46.70 -0.95 -12.90
N PHE G 210 48.03 -1.04 -12.87
CA PHE G 210 48.90 0.03 -12.40
C PHE G 210 48.57 1.44 -12.89
N GLU G 211 48.42 1.59 -14.20
CA GLU G 211 48.14 2.90 -14.78
C GLU G 211 46.92 3.60 -14.21
N ARG G 212 45.96 2.83 -13.71
CA ARG G 212 44.79 3.44 -13.10
C ARG G 212 45.02 3.56 -11.59
N ALA G 213 45.62 2.53 -11.00
CA ALA G 213 45.88 2.53 -9.57
C ALA G 213 46.55 3.81 -9.10
N VAL G 214 47.60 4.26 -9.80
CA VAL G 214 48.31 5.48 -9.39
C VAL G 214 47.45 6.73 -9.47
N ASP G 215 46.33 6.64 -10.18
CA ASP G 215 45.42 7.79 -10.31
C ASP G 215 44.19 7.67 -9.39
N VAL G 216 43.95 6.49 -8.85
CA VAL G 216 42.80 6.28 -7.98
C VAL G 216 43.15 5.96 -6.53
N ALA G 217 44.22 5.21 -6.31
CA ALA G 217 44.63 4.87 -4.94
C ALA G 217 44.77 6.12 -4.10
N LEU G 218 44.41 6.03 -2.82
CA LEU G 218 44.52 7.18 -1.94
C LEU G 218 45.49 6.93 -0.79
N GLU G 219 46.01 5.72 -0.74
CA GLU G 219 46.97 5.35 0.30
C GLU G 219 48.10 4.50 -0.27
N GLN G 220 49.12 4.27 0.52
CA GLN G 220 50.25 3.45 0.09
C GLN G 220 49.70 2.05 -0.14
N PRO G 221 50.47 1.20 -0.84
CA PRO G 221 51.78 1.50 -1.39
C PRO G 221 51.84 1.77 -2.91
N TYR G 222 50.68 1.84 -3.57
CA TYR G 222 50.65 2.12 -5.01
C TYR G 222 51.29 3.48 -5.25
N LEU G 223 50.99 4.41 -4.36
CA LEU G 223 51.50 5.77 -4.48
C LEU G 223 53.00 5.86 -4.46
N GLU G 224 53.67 4.74 -4.21
CA GLU G 224 55.13 4.72 -4.19
C GLU G 224 55.61 5.01 -5.62
N ILE G 225 54.81 4.58 -6.60
CA ILE G 225 55.11 4.82 -7.99
C ILE G 225 55.05 6.33 -8.23
N ASN G 226 54.02 6.98 -7.66
CA ASN G 226 53.85 8.42 -7.79
C ASN G 226 55.05 9.14 -7.18
N SER G 227 55.47 8.68 -5.99
CA SER G 227 56.62 9.29 -5.32
C SER G 227 57.84 9.14 -6.20
N TYR G 228 57.91 8.03 -6.92
CA TYR G 228 59.02 7.76 -7.80
C TYR G 228 59.10 8.79 -8.92
N PHE G 229 57.97 9.00 -9.61
CA PHE G 229 57.94 9.97 -10.70
C PHE G 229 58.20 11.38 -10.18
N ARG G 230 57.84 11.66 -8.94
CA ARG G 230 58.08 12.99 -8.41
C ARG G 230 59.58 13.21 -8.35
N ARG G 231 60.29 12.15 -7.98
CA ARG G 231 61.75 12.20 -7.85
C ARG G 231 62.52 12.00 -9.15
N ASN G 232 61.82 11.59 -10.20
CA ASN G 232 62.44 11.39 -11.51
C ASN G 232 61.47 11.93 -12.56
N SER G 233 61.54 13.24 -12.79
CA SER G 233 60.64 13.92 -13.71
C SER G 233 60.81 13.55 -15.17
N ASP G 234 61.91 12.90 -15.51
CA ASP G 234 62.14 12.53 -16.89
C ASP G 234 60.94 11.77 -17.46
N PRO G 235 60.25 12.36 -18.44
CA PRO G 235 59.09 11.72 -19.06
C PRO G 235 59.37 10.29 -19.48
N LYS G 236 60.51 10.05 -20.09
CA LYS G 236 60.86 8.71 -20.54
C LYS G 236 60.93 7.74 -19.36
N VAL G 237 61.18 8.27 -18.16
CA VAL G 237 61.24 7.41 -16.98
C VAL G 237 59.86 6.86 -16.69
N GLU G 238 58.85 7.70 -16.84
CA GLU G 238 57.50 7.26 -16.58
C GLU G 238 57.07 6.20 -17.59
N GLU G 239 57.30 6.47 -18.88
CA GLU G 239 56.93 5.51 -19.91
C GLU G 239 57.62 4.19 -19.63
N LYS G 240 58.91 4.26 -19.34
CA LYS G 240 59.68 3.07 -19.07
C LYS G 240 59.14 2.34 -17.84
N ALA G 241 58.91 3.08 -16.76
CA ALA G 241 58.38 2.48 -15.54
C ALA G 241 57.10 1.68 -15.79
N PHE G 242 56.13 2.31 -16.45
CA PHE G 242 54.86 1.64 -16.74
C PHE G 242 55.04 0.47 -17.69
N GLU G 243 56.07 0.55 -18.52
CA GLU G 243 56.36 -0.53 -19.46
C GLU G 243 56.81 -1.74 -18.62
N THR G 244 57.67 -1.48 -17.63
CA THR G 244 58.17 -2.52 -16.74
C THR G 244 57.03 -3.14 -15.96
N LEU G 245 56.23 -2.28 -15.34
CA LEU G 245 55.10 -2.72 -14.55
C LEU G 245 54.10 -3.60 -15.28
N SER G 246 53.94 -3.37 -16.58
CA SER G 246 53.01 -4.16 -17.38
C SER G 246 53.32 -5.66 -17.34
N TYR G 247 54.60 -6.00 -17.25
CA TYR G 247 55.00 -7.41 -17.23
C TYR G 247 54.59 -8.12 -15.95
N PHE G 248 54.20 -7.36 -14.94
CA PHE G 248 53.82 -7.94 -13.66
C PHE G 248 52.37 -7.59 -13.29
N ASP G 249 51.72 -6.83 -14.15
CA ASP G 249 50.34 -6.42 -13.91
C ASP G 249 49.34 -7.59 -14.03
N LEU G 250 48.53 -7.78 -12.99
CA LEU G 250 47.56 -8.87 -12.98
C LEU G 250 46.60 -8.90 -14.16
N ILE G 251 46.30 -7.73 -14.74
CA ILE G 251 45.37 -7.72 -15.88
C ILE G 251 46.01 -8.38 -17.09
N ASN G 252 47.33 -8.53 -17.05
CA ASN G 252 48.06 -9.18 -18.14
C ASN G 252 48.32 -10.65 -17.84
N LEU G 253 48.40 -10.98 -16.56
CA LEU G 253 48.64 -12.35 -16.12
C LEU G 253 47.36 -13.14 -15.91
N ALA G 254 46.29 -12.46 -15.48
CA ALA G 254 45.02 -13.11 -15.18
C ALA G 254 44.55 -14.07 -16.25
N GLY G 255 44.68 -13.67 -17.51
CA GLY G 255 44.25 -14.51 -18.62
C GLY G 255 44.87 -15.90 -18.65
N TRP G 256 45.96 -16.09 -17.92
CA TRP G 256 46.63 -17.39 -17.89
C TRP G 256 46.12 -18.31 -16.78
N VAL G 257 45.40 -17.74 -15.82
CA VAL G 257 44.88 -18.52 -14.72
C VAL G 257 43.81 -19.48 -15.23
N LYS G 258 43.98 -20.76 -14.98
CA LYS G 258 43.02 -21.77 -15.43
C LYS G 258 42.33 -22.42 -14.24
N GLN G 259 42.87 -22.16 -13.06
CA GLN G 259 42.33 -22.72 -11.82
C GLN G 259 41.11 -21.98 -11.29
N PRO G 260 40.23 -22.70 -10.57
CA PRO G 260 39.05 -22.04 -10.01
C PRO G 260 39.57 -20.96 -9.06
N THR G 261 39.07 -19.75 -9.23
CA THR G 261 39.52 -18.63 -8.43
C THR G 261 38.45 -17.98 -7.57
N LEU G 262 38.81 -17.63 -6.34
CA LEU G 262 37.91 -16.97 -5.41
C LEU G 262 38.54 -15.66 -4.99
N MET G 263 37.84 -14.56 -5.26
CA MET G 263 38.36 -13.23 -4.91
C MET G 263 37.41 -12.42 -4.03
N ALA G 264 37.99 -11.52 -3.24
CA ALA G 264 37.23 -10.64 -2.38
C ALA G 264 37.61 -9.19 -2.68
N ILE G 265 36.70 -8.28 -2.34
CA ILE G 265 36.93 -6.85 -2.54
C ILE G 265 35.97 -5.99 -1.71
N GLY G 266 36.54 -5.06 -0.96
CA GLY G 266 35.74 -4.17 -0.14
C GLY G 266 35.55 -2.91 -0.95
N LEU G 267 34.32 -2.41 -1.03
CA LEU G 267 34.05 -1.22 -1.83
C LEU G 267 34.64 0.06 -1.30
N ILE G 268 35.12 0.08 -0.05
CA ILE G 268 35.70 1.30 0.47
C ILE G 268 37.20 1.15 0.68
N ASP G 269 37.77 0.17 -0.02
CA ASP G 269 39.20 -0.12 0.02
C ASP G 269 39.94 1.00 -0.71
N LYS G 270 40.81 1.70 -0.01
CA LYS G 270 41.55 2.80 -0.60
C LYS G 270 42.98 2.41 -0.97
N ILE G 271 43.41 1.24 -0.48
CA ILE G 271 44.74 0.76 -0.78
C ILE G 271 44.76 0.03 -2.12
N THR G 272 43.80 -0.86 -2.30
CA THR G 272 43.67 -1.58 -3.56
C THR G 272 42.25 -1.25 -4.01
N PRO G 273 42.09 -0.12 -4.72
CA PRO G 273 40.80 0.36 -5.23
C PRO G 273 39.96 -0.73 -5.89
N PRO G 274 38.67 -0.77 -5.56
CA PRO G 274 37.79 -1.79 -6.14
C PRO G 274 37.98 -1.94 -7.66
N SER G 275 38.15 -0.82 -8.35
CA SER G 275 38.32 -0.85 -9.80
C SER G 275 39.55 -1.66 -10.23
N THR G 276 40.65 -1.55 -9.49
CA THR G 276 41.85 -2.29 -9.82
C THR G 276 41.65 -3.79 -9.58
N VAL G 277 40.89 -4.12 -8.54
CA VAL G 277 40.63 -5.52 -8.24
C VAL G 277 39.64 -6.08 -9.26
N PHE G 278 38.61 -5.30 -9.57
CA PHE G 278 37.64 -5.75 -10.56
C PHE G 278 38.31 -5.92 -11.92
N ALA G 279 39.31 -5.08 -12.20
CA ALA G 279 40.05 -5.15 -13.46
C ALA G 279 40.75 -6.50 -13.62
N ALA G 280 41.33 -6.98 -12.53
CA ALA G 280 42.02 -8.25 -12.54
C ALA G 280 40.99 -9.38 -12.65
N TYR G 281 39.91 -9.28 -11.89
CA TYR G 281 38.85 -10.28 -11.90
C TYR G 281 38.21 -10.43 -13.27
N ASN G 282 37.95 -9.31 -13.94
CA ASN G 282 37.32 -9.38 -15.25
C ASN G 282 38.25 -9.85 -16.36
N HIS G 283 39.54 -9.93 -16.07
CA HIS G 283 40.49 -10.41 -17.06
C HIS G 283 40.72 -11.90 -16.90
N LEU G 284 40.09 -12.49 -15.88
CA LEU G 284 40.21 -13.92 -15.64
C LEU G 284 39.21 -14.65 -16.53
N GLU G 285 39.60 -15.83 -16.98
CA GLU G 285 38.74 -16.67 -17.80
C GLU G 285 38.93 -18.07 -17.23
N THR G 286 38.22 -18.34 -16.14
CA THR G 286 38.30 -19.62 -15.45
C THR G 286 37.07 -19.62 -14.54
N ASP G 287 36.84 -20.71 -13.81
CA ASP G 287 35.71 -20.73 -12.89
C ASP G 287 36.13 -19.73 -11.81
N LYS G 288 35.41 -18.63 -11.75
CA LYS G 288 35.74 -17.58 -10.80
C LYS G 288 34.53 -17.03 -10.05
N ASP G 289 34.81 -16.37 -8.94
CA ASP G 289 33.76 -15.79 -8.15
C ASP G 289 34.37 -14.64 -7.36
N LEU G 290 33.76 -13.46 -7.47
CA LEU G 290 34.25 -12.29 -6.77
C LEU G 290 33.27 -11.89 -5.67
N LYS G 291 33.74 -11.93 -4.43
CA LYS G 291 32.91 -11.56 -3.30
C LYS G 291 33.02 -10.05 -3.08
N VAL G 292 31.88 -9.37 -3.14
CA VAL G 292 31.84 -7.92 -2.96
C VAL G 292 31.29 -7.56 -1.59
N TYR G 293 32.07 -6.79 -0.85
CA TYR G 293 31.69 -6.37 0.48
C TYR G 293 31.62 -4.85 0.58
N ARG G 294 30.40 -4.35 0.47
CA ARG G 294 30.13 -2.91 0.50
C ARG G 294 30.78 -2.15 1.66
N TYR G 295 30.64 -2.66 2.88
CA TYR G 295 31.15 -1.99 4.06
C TYR G 295 32.56 -2.27 4.52
N PHE G 296 33.37 -2.92 3.69
CA PHE G 296 34.74 -3.19 4.09
C PHE G 296 35.79 -2.58 3.15
N GLY G 297 37.01 -2.44 3.67
CA GLY G 297 38.09 -1.89 2.88
C GLY G 297 39.24 -2.88 2.79
N HIS G 298 40.47 -2.38 2.91
CA HIS G 298 41.65 -3.23 2.84
C HIS G 298 41.84 -3.81 4.24
N GLU G 299 41.09 -4.87 4.54
CA GLU G 299 41.16 -5.46 5.87
C GLU G 299 40.58 -6.86 5.87
N PHE G 300 40.71 -7.52 7.02
CA PHE G 300 40.15 -8.85 7.21
C PHE G 300 38.63 -8.72 7.13
N ILE G 301 38.01 -9.56 6.31
CA ILE G 301 36.56 -9.53 6.13
C ILE G 301 36.01 -10.87 6.63
N PRO G 302 35.47 -10.89 7.87
CA PRO G 302 34.92 -12.11 8.45
C PRO G 302 34.09 -12.94 7.47
N ALA G 303 33.12 -12.31 6.82
CA ALA G 303 32.26 -13.00 5.87
C ALA G 303 33.05 -13.75 4.81
N PHE G 304 34.14 -13.16 4.36
CA PHE G 304 34.95 -13.80 3.33
C PHE G 304 35.79 -14.98 3.84
N GLN G 305 36.09 -14.98 5.13
CA GLN G 305 36.87 -16.07 5.72
C GLN G 305 36.04 -17.34 5.58
N THR G 306 34.74 -17.21 5.82
CA THR G 306 33.81 -18.34 5.70
C THR G 306 33.83 -18.82 4.27
N GLU G 307 33.73 -17.89 3.34
CA GLU G 307 33.74 -18.18 1.91
C GLU G 307 35.02 -18.91 1.54
N LYS G 308 36.13 -18.38 2.02
CA LYS G 308 37.47 -18.92 1.77
C LYS G 308 37.61 -20.33 2.29
N LEU G 309 37.27 -20.54 3.56
CA LEU G 309 37.37 -21.88 4.16
C LEU G 309 36.47 -22.86 3.45
N SER G 310 35.29 -22.38 3.09
CA SER G 310 34.32 -23.22 2.41
C SER G 310 34.87 -23.65 1.05
N PHE G 311 35.37 -22.66 0.31
CA PHE G 311 35.95 -22.87 -1.01
C PHE G 311 37.13 -23.83 -0.97
N LEU G 312 38.07 -23.58 -0.07
CA LEU G 312 39.26 -24.44 0.06
C LEU G 312 38.86 -25.85 0.48
N GLN G 313 37.86 -25.94 1.34
CA GLN G 313 37.41 -27.23 1.81
C GLN G 313 36.80 -28.01 0.65
N LYS G 314 35.97 -27.33 -0.13
CA LYS G 314 35.33 -27.94 -1.28
C LYS G 314 36.32 -28.45 -2.33
N HIS G 315 37.34 -27.65 -2.65
CA HIS G 315 38.31 -28.04 -3.66
C HIS G 315 39.54 -28.81 -3.19
N LEU G 316 39.88 -28.72 -1.91
CA LEU G 316 41.07 -29.40 -1.42
C LEU G 316 40.86 -30.53 -0.43
N LEU G 317 39.86 -30.43 0.43
CA LEU G 317 39.61 -31.51 1.39
C LEU G 317 38.82 -32.67 0.79
N GLN H 2 46.27 13.73 -4.54
CA GLN H 2 45.75 12.87 -5.65
C GLN H 2 44.81 13.68 -6.56
N LEU H 3 44.56 13.20 -7.78
CA LEU H 3 43.69 13.88 -8.75
C LEU H 3 42.34 14.25 -8.13
N PHE H 4 41.78 15.39 -8.52
CA PHE H 4 40.50 15.81 -7.96
C PHE H 4 39.72 16.82 -8.80
N ASP H 5 40.43 17.68 -9.53
CA ASP H 5 39.80 18.70 -10.35
C ASP H 5 39.25 18.13 -11.65
N LEU H 6 38.98 19.00 -12.62
CA LEU H 6 38.48 18.58 -13.92
C LEU H 6 39.50 17.67 -14.57
N SER H 7 39.07 16.87 -15.53
CA SER H 7 40.02 16.00 -16.23
C SER H 7 40.95 16.89 -17.06
N LEU H 8 42.15 16.40 -17.32
CA LEU H 8 43.11 17.18 -18.10
C LEU H 8 42.44 17.62 -19.40
N GLU H 9 41.67 16.72 -20.01
CA GLU H 9 40.99 17.02 -21.26
C GLU H 9 40.05 18.21 -21.12
N GLU H 10 39.40 18.32 -19.96
CA GLU H 10 38.45 19.40 -19.72
C GLU H 10 39.16 20.67 -19.31
N LEU H 11 40.30 20.54 -18.63
CA LEU H 11 41.08 21.68 -18.19
C LEU H 11 41.56 22.49 -19.39
N LYS H 12 41.96 21.78 -20.44
CA LYS H 12 42.45 22.42 -21.66
C LYS H 12 41.40 23.29 -22.34
N LYS H 13 40.13 22.92 -22.16
CA LYS H 13 39.07 23.69 -22.77
C LYS H 13 38.41 24.64 -21.77
N TYR H 14 38.79 24.56 -20.50
CA TYR H 14 38.17 25.42 -19.51
C TYR H 14 38.56 26.87 -19.65
N LYS H 15 37.59 27.69 -20.05
CA LYS H 15 37.79 29.13 -20.20
C LYS H 15 36.53 29.89 -19.80
N PRO H 16 36.30 30.00 -18.49
CA PRO H 16 35.11 30.66 -17.96
C PRO H 16 34.89 32.06 -18.52
N LYS H 17 33.63 32.42 -18.71
CA LYS H 17 33.28 33.74 -19.21
C LYS H 17 33.89 34.78 -18.26
N LYS H 18 34.47 35.84 -18.82
CA LYS H 18 35.07 36.88 -18.00
C LYS H 18 34.02 37.48 -17.07
N THR H 19 34.45 37.93 -15.89
CA THR H 19 33.54 38.51 -14.91
C THR H 19 33.79 40.02 -14.81
N ALA H 20 34.59 40.56 -15.72
CA ALA H 20 34.94 41.98 -15.73
C ALA H 20 33.75 42.93 -15.92
N ARG H 21 33.59 43.86 -14.99
CA ARG H 21 32.52 44.85 -15.06
C ARG H 21 32.82 45.83 -16.19
N PRO H 22 31.80 46.60 -16.61
CA PRO H 22 31.97 47.58 -17.69
C PRO H 22 33.10 48.61 -17.45
N ASP H 23 33.34 48.92 -16.18
CA ASP H 23 34.37 49.90 -15.82
C ASP H 23 35.70 49.26 -15.43
N PHE H 24 35.86 47.97 -15.74
CA PHE H 24 37.09 47.25 -15.42
C PHE H 24 38.32 48.03 -15.88
N SER H 25 38.42 48.19 -17.19
CA SER H 25 39.52 48.91 -17.80
C SER H 25 39.67 50.28 -17.17
N ASP H 26 38.53 50.91 -16.89
CA ASP H 26 38.51 52.24 -16.31
C ASP H 26 39.11 52.29 -14.91
N PHE H 27 38.70 51.36 -14.06
CA PHE H 27 39.19 51.31 -12.69
C PHE H 27 40.72 51.23 -12.66
N TRP H 28 41.30 50.45 -13.57
CA TRP H 28 42.75 50.31 -13.59
C TRP H 28 43.44 51.54 -14.11
N LYS H 29 42.80 52.23 -15.06
CA LYS H 29 43.37 53.43 -15.62
C LYS H 29 43.49 54.46 -14.50
N LYS H 30 42.41 54.62 -13.73
CA LYS H 30 42.41 55.57 -12.62
C LYS H 30 43.37 55.15 -11.51
N SER H 31 43.45 53.84 -11.27
CA SER H 31 44.33 53.34 -10.22
C SER H 31 45.79 53.60 -10.60
N LEU H 32 46.11 53.45 -11.87
CA LEU H 32 47.48 53.68 -12.30
C LEU H 32 47.77 55.17 -12.20
N GLU H 33 46.75 55.99 -12.45
CA GLU H 33 46.90 57.43 -12.38
C GLU H 33 47.20 57.85 -10.97
N GLU H 34 46.52 57.26 -9.99
CA GLU H 34 46.79 57.61 -8.61
C GLU H 34 48.17 57.14 -8.22
N LEU H 35 48.64 56.07 -8.85
CA LEU H 35 49.97 55.56 -8.56
C LEU H 35 50.97 56.58 -9.06
N ARG H 36 50.74 57.02 -10.29
CA ARG H 36 51.62 57.99 -10.94
C ARG H 36 51.75 59.27 -10.11
N GLN H 37 50.71 59.61 -9.36
CA GLN H 37 50.72 60.81 -8.54
C GLN H 37 51.61 60.69 -7.31
N VAL H 38 52.28 59.56 -7.17
CA VAL H 38 53.17 59.33 -6.05
C VAL H 38 54.59 59.13 -6.54
N GLU H 39 55.47 60.06 -6.20
CA GLU H 39 56.86 59.95 -6.63
C GLU H 39 57.50 58.72 -6.02
N ALA H 40 58.19 57.95 -6.85
CA ALA H 40 58.87 56.73 -6.42
C ALA H 40 59.84 56.99 -5.28
N GLU H 41 60.69 58.01 -5.44
CA GLU H 41 61.68 58.34 -4.42
C GLU H 41 62.40 57.09 -3.94
N PRO H 42 62.82 56.22 -4.88
CA PRO H 42 63.52 54.99 -4.50
C PRO H 42 64.81 55.24 -3.74
N THR H 43 65.20 54.26 -2.92
CA THR H 43 66.44 54.34 -2.15
C THR H 43 67.13 52.98 -2.16
N LEU H 44 68.46 52.99 -2.31
CA LEU H 44 69.24 51.76 -2.30
C LEU H 44 70.21 51.83 -1.14
N GLU H 45 70.32 50.72 -0.42
CA GLU H 45 71.22 50.64 0.73
C GLU H 45 71.96 49.31 0.62
N SER H 46 73.28 49.36 0.55
CA SER H 46 74.06 48.14 0.41
C SER H 46 73.75 47.25 1.60
N TYR H 47 73.69 45.96 1.36
CA TYR H 47 73.37 44.99 2.40
C TYR H 47 74.38 43.86 2.33
N ASP H 48 75.15 43.65 3.40
CA ASP H 48 76.14 42.58 3.43
C ASP H 48 75.50 41.22 3.31
N TYR H 49 76.13 40.35 2.53
CA TYR H 49 75.66 39.00 2.30
C TYR H 49 76.84 38.13 1.88
N PRO H 50 76.99 36.96 2.52
CA PRO H 50 78.09 36.03 2.22
C PRO H 50 78.07 35.42 0.83
N VAL H 51 78.22 36.27 -0.19
CA VAL H 51 78.25 35.80 -1.56
C VAL H 51 79.31 36.61 -2.32
N LYS H 52 79.94 35.97 -3.29
CA LYS H 52 80.96 36.59 -4.09
C LYS H 52 80.41 36.78 -5.49
N GLY H 53 80.71 37.92 -6.09
CA GLY H 53 80.23 38.18 -7.44
C GLY H 53 78.84 38.78 -7.52
N VAL H 54 78.30 39.22 -6.39
CA VAL H 54 76.98 39.83 -6.38
C VAL H 54 76.94 40.93 -5.33
N LYS H 55 76.29 42.03 -5.68
CA LYS H 55 76.13 43.15 -4.75
C LYS H 55 74.67 43.08 -4.33
N VAL H 56 74.42 43.09 -3.04
CA VAL H 56 73.06 43.02 -2.54
C VAL H 56 72.66 44.34 -1.88
N TYR H 57 71.44 44.79 -2.19
CA TYR H 57 70.94 46.05 -1.63
C TYR H 57 69.54 45.87 -1.08
N ARG H 58 69.16 46.81 -0.22
CA ARG H 58 67.83 46.85 0.37
C ARG H 58 67.19 48.01 -0.41
N LEU H 59 66.19 47.71 -1.22
CA LEU H 59 65.54 48.74 -2.02
C LEU H 59 64.17 49.11 -1.47
N THR H 60 63.85 50.40 -1.53
CA THR H 60 62.55 50.87 -1.07
C THR H 60 62.10 51.91 -2.08
N TYR H 61 60.80 52.16 -2.11
CA TYR H 61 60.23 53.16 -3.00
C TYR H 61 58.80 53.43 -2.56
N GLN H 62 58.30 54.62 -2.92
CA GLN H 62 56.94 54.99 -2.56
C GLN H 62 55.99 54.50 -3.63
N SER H 63 54.83 54.01 -3.20
CA SER H 63 53.84 53.49 -4.12
C SER H 63 52.45 53.97 -3.72
N PHE H 64 51.43 53.39 -4.35
CA PHE H 64 50.04 53.74 -4.09
C PHE H 64 49.79 54.00 -2.60
N GLY H 65 49.04 55.06 -2.31
CA GLY H 65 48.74 55.40 -0.94
C GLY H 65 49.96 55.83 -0.15
N HIS H 66 51.02 56.22 -0.86
CA HIS H 66 52.24 56.66 -0.19
C HIS H 66 52.79 55.58 0.72
N SER H 67 52.72 54.34 0.26
CA SER H 67 53.23 53.22 1.03
C SER H 67 54.70 52.97 0.67
N LYS H 68 55.51 52.75 1.68
CA LYS H 68 56.93 52.47 1.49
C LYS H 68 57.07 50.97 1.20
N ILE H 69 57.31 50.62 -0.06
CA ILE H 69 57.46 49.22 -0.46
C ILE H 69 58.93 48.83 -0.39
N GLU H 70 59.21 47.58 0.02
CA GLU H 70 60.59 47.10 0.14
C GLU H 70 60.87 45.77 -0.54
N GLY H 71 62.14 45.39 -0.45
CA GLY H 71 62.60 44.15 -1.04
C GLY H 71 64.11 44.16 -1.20
N PHE H 72 64.70 42.98 -1.30
CA PHE H 72 66.14 42.90 -1.50
C PHE H 72 66.39 42.99 -3.00
N TYR H 73 67.45 43.70 -3.35
CA TYR H 73 67.83 43.88 -4.73
C TYR H 73 69.25 43.36 -4.88
N ALA H 74 69.42 42.30 -5.67
CA ALA H 74 70.73 41.71 -5.88
C ALA H 74 71.16 41.93 -7.33
N VAL H 75 72.39 42.42 -7.48
CA VAL H 75 72.91 42.69 -8.81
C VAL H 75 74.20 41.96 -9.11
N PRO H 76 74.33 41.41 -10.33
CA PRO H 76 75.55 40.70 -10.71
C PRO H 76 76.69 41.70 -10.53
N ASP H 77 77.74 41.30 -9.85
CA ASP H 77 78.87 42.18 -9.61
C ASP H 77 79.83 42.25 -10.79
N GLN H 78 79.38 42.90 -11.85
CA GLN H 78 80.15 43.06 -13.08
C GLN H 78 79.50 44.20 -13.85
N THR H 79 80.20 44.75 -14.83
CA THR H 79 79.64 45.86 -15.61
C THR H 79 78.35 45.46 -16.33
N GLY H 80 77.35 46.34 -16.27
CA GLY H 80 76.07 46.06 -16.92
C GLY H 80 76.03 46.59 -18.34
N PRO H 81 74.83 46.87 -18.89
CA PRO H 81 73.52 46.70 -18.26
C PRO H 81 73.21 45.22 -18.07
N HIS H 82 72.39 44.91 -17.07
CA HIS H 82 72.04 43.53 -16.80
C HIS H 82 70.59 43.25 -17.08
N PRO H 83 70.26 41.99 -17.42
CA PRO H 83 68.85 41.69 -17.68
C PRO H 83 68.28 41.70 -16.25
N ALA H 84 67.01 42.03 -16.09
CA ALA H 84 66.46 42.11 -14.75
C ALA H 84 65.23 41.27 -14.49
N LEU H 85 65.01 40.97 -13.21
CA LEU H 85 63.87 40.18 -12.78
C LEU H 85 63.23 40.76 -11.54
N VAL H 86 61.92 40.89 -11.56
CA VAL H 86 61.20 41.35 -10.38
C VAL H 86 60.47 40.08 -9.94
N ARG H 87 60.87 39.53 -8.81
CA ARG H 87 60.26 38.31 -8.29
C ARG H 87 59.22 38.61 -7.22
N PHE H 88 58.05 38.01 -7.35
CA PHE H 88 56.99 38.18 -6.36
C PHE H 88 56.80 36.89 -5.57
N HIS H 89 56.80 37.02 -4.25
CA HIS H 89 56.64 35.87 -3.36
C HIS H 89 55.20 35.41 -3.15
N GLY H 90 55.07 34.17 -2.66
CA GLY H 90 53.76 33.58 -2.41
C GLY H 90 53.04 34.11 -1.19
N TYR H 91 51.74 33.86 -1.14
CA TYR H 91 50.90 34.30 -0.04
C TYR H 91 51.46 33.90 1.31
N ASN H 92 51.81 34.90 2.13
CA ASN H 92 52.33 34.66 3.46
C ASN H 92 53.50 33.68 3.44
N ALA H 93 54.11 33.51 2.27
CA ALA H 93 55.21 32.56 2.12
C ALA H 93 56.60 33.21 2.01
N SER H 94 56.77 34.38 2.59
CA SER H 94 58.05 35.07 2.53
C SER H 94 58.82 34.99 3.84
N TYR H 95 60.02 34.43 3.80
CA TYR H 95 60.87 34.31 4.98
C TYR H 95 62.15 35.10 4.74
N ASP H 96 62.43 36.06 5.63
CA ASP H 96 63.63 36.87 5.50
C ASP H 96 63.77 37.51 4.12
N GLY H 97 62.66 37.97 3.57
CA GLY H 97 62.66 38.62 2.27
C GLY H 97 63.07 37.74 1.10
N GLY H 98 63.17 36.43 1.32
CA GLY H 98 63.57 35.52 0.26
C GLY H 98 64.92 35.93 -0.30
N ILE H 99 65.75 36.54 0.55
CA ILE H 99 67.05 37.02 0.15
C ILE H 99 67.93 35.97 -0.53
N HIS H 100 67.93 34.75 -0.02
CA HIS H 100 68.75 33.69 -0.60
C HIS H 100 68.39 33.36 -2.03
N ASP H 101 67.10 33.41 -2.36
CA ASP H 101 66.67 33.13 -3.71
C ASP H 101 67.00 34.31 -4.62
N ILE H 102 66.85 35.52 -4.10
CA ILE H 102 67.14 36.73 -4.85
C ILE H 102 68.62 36.68 -5.26
N VAL H 103 69.51 36.44 -4.29
CA VAL H 103 70.94 36.36 -4.57
C VAL H 103 71.24 35.31 -5.65
N ASN H 104 70.63 34.13 -5.52
CA ASN H 104 70.84 33.06 -6.51
C ASN H 104 70.45 33.55 -7.90
N TRP H 105 69.37 34.30 -8.00
CA TRP H 105 68.96 34.79 -9.29
C TRP H 105 70.03 35.72 -9.86
N ALA H 106 70.64 36.53 -9.00
CA ALA H 106 71.67 37.44 -9.44
C ALA H 106 72.85 36.60 -9.95
N LEU H 107 73.18 35.54 -9.24
CA LEU H 107 74.27 34.65 -9.64
C LEU H 107 73.99 34.03 -11.02
N HIS H 108 72.71 33.93 -11.37
CA HIS H 108 72.32 33.40 -12.67
C HIS H 108 72.40 34.50 -13.71
N GLY H 109 72.83 35.69 -13.29
CA GLY H 109 72.99 36.81 -14.20
C GLY H 109 71.87 37.82 -14.25
N TYR H 110 70.95 37.80 -13.29
CA TYR H 110 69.83 38.75 -13.31
C TYR H 110 69.83 39.75 -12.16
N ALA H 111 69.70 41.03 -12.48
CA ALA H 111 69.60 42.05 -11.44
C ALA H 111 68.18 41.76 -10.95
N THR H 112 68.07 41.26 -9.72
CA THR H 112 66.77 40.85 -9.20
C THR H 112 66.23 41.58 -7.98
N PHE H 113 64.97 41.98 -8.08
CA PHE H 113 64.31 42.66 -6.98
C PHE H 113 63.17 41.77 -6.49
N GLY H 114 63.20 41.44 -5.19
CA GLY H 114 62.16 40.63 -4.61
C GLY H 114 61.23 41.55 -3.86
N MET H 115 60.20 42.06 -4.54
CA MET H 115 59.25 42.97 -3.91
C MET H 115 58.48 42.24 -2.82
N LEU H 116 58.48 42.81 -1.63
CA LEU H 116 57.76 42.20 -0.52
C LEU H 116 56.32 42.70 -0.54
N VAL H 117 55.38 41.76 -0.60
CA VAL H 117 53.96 42.11 -0.64
C VAL H 117 53.45 42.69 0.68
N ARG H 118 52.85 43.87 0.59
CA ARG H 118 52.31 44.62 1.72
C ARG H 118 51.89 43.81 2.96
N GLY H 119 52.48 44.15 4.11
CA GLY H 119 52.15 43.49 5.35
C GLY H 119 52.48 42.00 5.44
N GLN H 120 52.97 41.42 4.35
CA GLN H 120 53.32 40.00 4.36
C GLN H 120 54.82 39.82 4.59
N GLY H 121 55.58 39.72 3.50
CA GLY H 121 57.01 39.53 3.63
C GLY H 121 57.72 40.80 4.06
N GLY H 122 57.02 41.92 3.93
CA GLY H 122 57.57 43.20 4.30
C GLY H 122 56.74 44.28 3.65
N SER H 123 57.29 45.48 3.57
CA SER H 123 56.61 46.62 2.96
C SER H 123 55.46 47.13 3.80
N GLU H 124 55.21 48.43 3.69
CA GLU H 124 54.17 49.08 4.44
C GLU H 124 52.85 49.06 3.66
N ASP H 125 51.73 49.03 4.38
CA ASP H 125 50.43 49.08 3.75
C ASP H 125 49.65 50.18 4.46
N THR H 126 49.57 51.34 3.82
CA THR H 126 48.87 52.47 4.44
C THR H 126 47.37 52.40 4.25
N SER H 127 46.91 51.51 3.37
CA SER H 127 45.47 51.38 3.13
C SER H 127 44.75 50.97 4.41
N VAL H 128 43.65 51.64 4.69
CA VAL H 128 42.85 51.40 5.87
C VAL H 128 42.03 50.12 5.74
N THR H 129 41.58 49.59 6.87
CA THR H 129 40.72 48.40 6.87
C THR H 129 39.30 48.95 7.05
N PRO H 130 38.55 49.06 5.94
CA PRO H 130 37.19 49.59 5.95
C PRO H 130 36.33 49.00 7.06
N GLY H 131 36.33 47.68 7.17
CA GLY H 131 35.54 47.03 8.19
C GLY H 131 36.03 45.63 8.49
N GLY H 132 35.13 44.79 8.99
CA GLY H 132 35.51 43.43 9.31
C GLY H 132 35.78 42.58 8.09
N HIS H 133 36.67 41.59 8.26
CA HIS H 133 37.00 40.65 7.20
C HIS H 133 37.51 39.36 7.84
N ALA H 134 37.66 38.32 7.02
CA ALA H 134 38.14 37.04 7.53
C ALA H 134 39.66 37.08 7.80
N LEU H 135 40.10 36.27 8.76
CA LEU H 135 41.51 36.20 9.10
C LEU H 135 42.31 36.05 7.81
N GLY H 136 43.19 37.01 7.54
CA GLY H 136 44.01 36.98 6.34
C GLY H 136 43.93 38.28 5.55
N TRP H 137 44.57 38.32 4.39
CA TRP H 137 44.57 39.51 3.54
C TRP H 137 43.53 39.41 2.42
N MET H 138 43.20 38.18 2.05
CA MET H 138 42.24 37.91 0.97
C MET H 138 40.94 38.70 0.97
N THR H 139 40.43 39.05 2.15
CA THR H 139 39.18 39.79 2.18
C THR H 139 39.26 41.18 2.77
N LYS H 140 40.47 41.65 3.05
CA LYS H 140 40.63 42.99 3.59
C LYS H 140 40.12 44.02 2.58
N GLY H 141 39.13 44.80 2.99
CA GLY H 141 38.58 45.81 2.12
C GLY H 141 37.93 45.24 0.89
N ILE H 142 37.41 44.01 0.99
CA ILE H 142 36.78 43.36 -0.14
C ILE H 142 35.43 43.94 -0.56
N LEU H 143 34.86 44.86 0.22
CA LEU H 143 33.56 45.43 -0.16
C LEU H 143 33.66 46.58 -1.14
N SER H 144 34.85 46.81 -1.67
CA SER H 144 35.07 47.87 -2.64
C SER H 144 36.40 47.68 -3.37
N LYS H 145 36.35 47.79 -4.70
CA LYS H 145 37.55 47.64 -5.52
C LYS H 145 38.59 48.71 -5.17
N ASP H 146 38.13 49.85 -4.67
CA ASP H 146 39.04 50.92 -4.31
C ASP H 146 39.80 50.64 -3.02
N THR H 147 39.19 49.87 -2.13
CA THR H 147 39.82 49.59 -0.84
C THR H 147 40.46 48.20 -0.78
N TYR H 148 40.18 47.36 -1.77
CA TYR H 148 40.71 46.00 -1.77
C TYR H 148 42.23 45.89 -1.63
N TYR H 149 42.65 44.99 -0.75
CA TYR H 149 44.06 44.74 -0.46
C TYR H 149 44.97 44.67 -1.69
N TYR H 150 44.55 43.88 -2.68
CA TYR H 150 45.36 43.70 -3.87
C TYR H 150 45.47 44.87 -4.83
N ARG H 151 44.68 45.90 -4.63
CA ARG H 151 44.76 47.07 -5.51
C ARG H 151 46.13 47.70 -5.27
N GLY H 152 46.46 47.91 -4.00
CA GLY H 152 47.74 48.49 -3.66
C GLY H 152 48.88 47.57 -4.07
N VAL H 153 48.72 46.28 -3.83
CA VAL H 153 49.75 45.30 -4.18
C VAL H 153 50.03 45.27 -5.69
N TYR H 154 48.97 45.24 -6.50
CA TYR H 154 49.13 45.21 -7.94
C TYR H 154 49.86 46.47 -8.37
N LEU H 155 49.51 47.60 -7.77
CA LEU H 155 50.15 48.85 -8.10
C LEU H 155 51.61 48.85 -7.65
N ASP H 156 51.89 48.21 -6.52
CA ASP H 156 53.27 48.15 -6.02
C ASP H 156 54.09 47.35 -7.05
N ALA H 157 53.44 46.37 -7.66
CA ALA H 157 54.07 45.53 -8.67
C ALA H 157 54.48 46.37 -9.87
N VAL H 158 53.54 47.16 -10.37
CA VAL H 158 53.81 48.02 -11.52
C VAL H 158 54.94 49.00 -11.16
N ARG H 159 54.81 49.63 -9.99
CA ARG H 159 55.82 50.58 -9.57
C ARG H 159 57.20 49.93 -9.43
N ALA H 160 57.23 48.67 -9.02
CA ALA H 160 58.50 47.96 -8.85
C ALA H 160 59.20 47.94 -10.20
N LEU H 161 58.43 47.71 -11.26
CA LEU H 161 58.96 47.66 -12.61
C LEU H 161 59.46 49.02 -13.10
N GLU H 162 58.75 50.08 -12.71
CA GLU H 162 59.12 51.42 -13.12
C GLU H 162 60.40 51.84 -12.42
N VAL H 163 60.59 51.37 -11.19
CA VAL H 163 61.78 51.70 -10.42
C VAL H 163 63.00 50.94 -10.95
N ILE H 164 62.83 49.64 -11.15
CA ILE H 164 63.90 48.77 -11.65
C ILE H 164 64.39 49.21 -13.02
N GLN H 165 63.45 49.48 -13.91
CA GLN H 165 63.77 49.88 -15.27
C GLN H 165 64.52 51.21 -15.30
N SER H 166 64.28 52.06 -14.32
CA SER H 166 64.92 53.36 -14.24
C SER H 166 66.39 53.24 -13.82
N PHE H 167 66.78 52.06 -13.34
CA PHE H 167 68.15 51.87 -12.90
C PHE H 167 69.11 51.83 -14.10
N PRO H 168 70.24 52.54 -13.99
CA PRO H 168 71.22 52.56 -15.08
C PRO H 168 71.80 51.18 -15.39
N GLU H 169 72.15 50.43 -14.34
CA GLU H 169 72.72 49.09 -14.52
C GLU H 169 71.69 48.07 -15.00
N VAL H 170 70.46 48.51 -15.26
CA VAL H 170 69.44 47.59 -15.74
C VAL H 170 69.05 47.85 -17.19
N ASP H 171 69.07 46.79 -17.99
CA ASP H 171 68.69 46.85 -19.39
C ASP H 171 67.17 46.80 -19.45
N GLU H 172 66.55 47.97 -19.49
CA GLU H 172 65.09 48.08 -19.53
C GLU H 172 64.39 47.15 -20.55
N HIS H 173 65.11 46.72 -21.58
CA HIS H 173 64.51 45.85 -22.60
C HIS H 173 64.57 44.37 -22.27
N ARG H 174 65.20 44.05 -21.15
CA ARG H 174 65.30 42.66 -20.75
C ARG H 174 64.90 42.47 -19.28
N ILE H 175 63.69 42.92 -18.97
CA ILE H 175 63.15 42.80 -17.62
C ILE H 175 62.07 41.73 -17.58
N GLY H 176 62.22 40.79 -16.65
CA GLY H 176 61.22 39.75 -16.53
C GLY H 176 60.50 39.78 -15.19
N VAL H 177 59.26 39.30 -15.18
CA VAL H 177 58.49 39.23 -13.94
C VAL H 177 58.18 37.76 -13.70
N ILE H 178 58.52 37.29 -12.50
CA ILE H 178 58.30 35.90 -12.15
C ILE H 178 57.75 35.75 -10.74
N GLY H 179 57.24 34.56 -10.45
CA GLY H 179 56.69 34.29 -9.13
C GLY H 179 55.82 33.05 -9.11
N GLY H 180 55.54 32.54 -7.91
CA GLY H 180 54.68 31.39 -7.78
C GLY H 180 53.42 31.71 -6.99
N TIS H 181 52.29 31.10 -7.37
CA TIS H 181 51.02 31.30 -6.67
CB TIS H 181 51.17 30.77 -5.23
OG TIS H 181 49.95 30.73 -4.50
C TIS H 181 50.65 32.80 -6.67
O TIS H 181 50.31 33.37 -7.72
C1T TIS H 181 49.86 31.04 -3.07
O1T TIS H 181 50.61 30.07 -2.31
O2T TIS H 181 50.40 32.35 -2.83
C2T TIS H 181 48.39 31.02 -2.65
N GLN H 182 50.66 33.42 -5.50
CA GLN H 182 50.35 34.84 -5.41
C GLN H 182 51.36 35.57 -6.27
N GLY H 183 52.62 35.14 -6.17
CA GLY H 183 53.69 35.74 -6.95
C GLY H 183 53.47 35.61 -8.44
N GLY H 184 52.87 34.50 -8.86
CA GLY H 184 52.59 34.28 -10.26
C GLY H 184 51.49 35.21 -10.75
N ALA H 185 50.54 35.46 -9.87
CA ALA H 185 49.41 36.33 -10.18
C ALA H 185 49.90 37.77 -10.29
N LEU H 186 50.83 38.15 -9.42
CA LEU H 186 51.36 39.51 -9.43
C LEU H 186 52.14 39.73 -10.71
N ALA H 187 52.88 38.70 -11.13
CA ALA H 187 53.66 38.77 -12.36
C ALA H 187 52.73 39.00 -13.55
N ILE H 188 51.67 38.20 -13.63
CA ILE H 188 50.72 38.33 -14.70
C ILE H 188 49.98 39.66 -14.62
N ALA H 189 49.54 40.02 -13.42
CA ALA H 189 48.84 41.29 -13.24
C ALA H 189 49.74 42.45 -13.68
N ALA H 190 51.01 42.40 -13.28
CA ALA H 190 51.97 43.44 -13.62
C ALA H 190 52.20 43.54 -15.13
N ALA H 191 52.32 42.40 -15.79
CA ALA H 191 52.55 42.38 -17.22
C ALA H 191 51.33 42.88 -17.98
N ALA H 192 50.17 42.75 -17.35
CA ALA H 192 48.93 43.18 -17.98
C ALA H 192 48.75 44.67 -17.82
N LEU H 193 49.25 45.19 -16.70
CA LEU H 193 49.13 46.61 -16.38
C LEU H 193 50.30 47.45 -16.87
N SER H 194 51.39 46.80 -17.23
CA SER H 194 52.58 47.48 -17.70
C SER H 194 53.23 46.74 -18.85
N ASP H 195 53.79 47.50 -19.79
CA ASP H 195 54.44 46.87 -20.92
C ASP H 195 55.95 46.87 -20.71
N ILE H 196 56.36 47.15 -19.48
CA ILE H 196 57.77 47.18 -19.14
C ILE H 196 58.36 45.77 -19.19
N PRO H 197 57.65 44.78 -18.62
CA PRO H 197 58.16 43.42 -18.63
C PRO H 197 58.26 42.87 -20.04
N LYS H 198 59.31 42.11 -20.30
CA LYS H 198 59.48 41.51 -21.61
C LYS H 198 58.86 40.11 -21.59
N VAL H 199 59.10 39.37 -20.52
CA VAL H 199 58.55 38.02 -20.38
C VAL H 199 57.92 37.81 -19.00
N VAL H 200 57.06 36.79 -18.93
CA VAL H 200 56.35 36.45 -17.70
C VAL H 200 56.45 34.96 -17.33
N VAL H 201 56.82 34.68 -16.09
CA VAL H 201 56.87 33.31 -15.64
C VAL H 201 55.98 33.20 -14.39
N ALA H 202 54.89 32.45 -14.50
CA ALA H 202 53.99 32.31 -13.37
C ALA H 202 53.76 30.84 -12.98
N ASP H 203 54.18 30.50 -11.77
CA ASP H 203 54.00 29.14 -11.26
C ASP H 203 52.61 29.10 -10.67
N TYR H 204 51.77 28.19 -11.16
CA TYR H 204 50.40 28.03 -10.66
C TYR H 204 49.86 29.33 -10.05
N PRO H 205 49.62 30.32 -10.91
CA PRO H 205 49.11 31.63 -10.48
C PRO H 205 47.85 31.57 -9.65
N TYR H 206 47.82 32.39 -8.61
CA TYR H 206 46.73 32.50 -7.66
C TYR H 206 45.79 33.63 -8.15
N LEU H 207 44.87 34.07 -7.29
CA LEU H 207 43.92 35.13 -7.61
C LEU H 207 43.28 34.96 -9.00
N SER H 208 42.85 33.74 -9.30
CA SER H 208 42.28 33.45 -10.61
C SER H 208 40.96 32.70 -10.56
N ASN H 209 39.99 33.17 -11.32
CA ASN H 209 38.67 32.53 -11.39
C ASN H 209 38.06 32.34 -9.99
N PHE H 210 38.04 33.42 -9.21
CA PHE H 210 37.53 33.40 -7.84
C PHE H 210 36.21 32.65 -7.60
N GLU H 211 35.20 32.92 -8.42
CA GLU H 211 33.92 32.28 -8.25
C GLU H 211 33.97 30.76 -8.28
N ARG H 212 34.95 30.20 -8.98
CA ARG H 212 35.06 28.75 -9.02
C ARG H 212 36.01 28.31 -7.92
N ALA H 213 37.06 29.08 -7.72
CA ALA H 213 38.06 28.76 -6.71
C ALA H 213 37.43 28.44 -5.35
N VAL H 214 36.54 29.31 -4.90
CA VAL H 214 35.90 29.12 -3.60
C VAL H 214 35.06 27.85 -3.54
N ASP H 215 34.74 27.26 -4.68
CA ASP H 215 33.94 26.02 -4.71
C ASP H 215 34.79 24.78 -4.98
N VAL H 216 36.03 24.99 -5.38
CA VAL H 216 36.91 23.87 -5.69
C VAL H 216 38.12 23.75 -4.76
N ALA H 217 38.69 24.88 -4.37
CA ALA H 217 39.85 24.85 -3.49
C ALA H 217 39.53 24.03 -2.25
N LEU H 218 40.54 23.32 -1.75
CA LEU H 218 40.36 22.50 -0.57
C LEU H 218 41.26 22.95 0.58
N GLU H 219 42.08 23.97 0.32
CA GLU H 219 42.98 24.50 1.33
C GLU H 219 43.05 26.01 1.23
N GLN H 220 43.66 26.64 2.22
CA GLN H 220 43.83 28.08 2.23
C GLN H 220 44.73 28.46 1.05
N PRO H 221 44.75 29.74 0.65
CA PRO H 221 43.97 30.83 1.24
C PRO H 221 42.72 31.27 0.49
N TYR H 222 42.32 30.54 -0.55
CA TYR H 222 41.11 30.93 -1.27
C TYR H 222 39.90 30.86 -0.34
N LEU H 223 39.89 29.84 0.51
CA LEU H 223 38.81 29.62 1.47
C LEU H 223 38.63 30.76 2.46
N GLU H 224 39.53 31.74 2.41
CA GLU H 224 39.41 32.90 3.30
C GLU H 224 38.13 33.66 2.89
N ILE H 225 37.80 33.58 1.60
CA ILE H 225 36.62 34.23 1.07
C ILE H 225 35.43 33.53 1.65
N ASN H 226 35.50 32.20 1.71
CA ASN H 226 34.42 31.40 2.27
C ASN H 226 34.22 31.78 3.74
N SER H 227 35.32 31.86 4.48
CA SER H 227 35.27 32.22 5.90
C SER H 227 34.63 33.59 6.06
N TYR H 228 34.87 34.46 5.09
CA TYR H 228 34.33 35.80 5.09
C TYR H 228 32.81 35.75 4.99
N PHE H 229 32.31 35.02 4.00
CA PHE H 229 30.87 34.92 3.82
C PHE H 229 30.19 34.25 5.02
N ARG H 230 30.91 33.35 5.68
CA ARG H 230 30.33 32.69 6.84
C ARG H 230 30.06 33.74 7.90
N ARG H 231 31.00 34.67 8.03
CA ARG H 231 30.89 35.73 9.03
C ARG H 231 30.02 36.92 8.62
N ASN H 232 29.66 36.99 7.34
CA ASN H 232 28.81 38.06 6.82
C ASN H 232 27.81 37.42 5.89
N SER H 233 26.73 36.90 6.47
CA SER H 233 25.70 36.22 5.71
C SER H 233 24.90 37.08 4.74
N ASP H 234 24.96 38.39 4.92
CA ASP H 234 24.24 39.28 4.03
C ASP H 234 24.49 38.93 2.56
N PRO H 235 23.45 38.47 1.86
CA PRO H 235 23.58 38.10 0.44
C PRO H 235 24.26 39.18 -0.40
N LYS H 236 23.87 40.44 -0.18
CA LYS H 236 24.45 41.53 -0.93
C LYS H 236 25.95 41.62 -0.70
N VAL H 237 26.42 41.13 0.45
CA VAL H 237 27.84 41.16 0.76
C VAL H 237 28.58 40.23 -0.19
N GLU H 238 27.99 39.07 -0.46
CA GLU H 238 28.61 38.10 -1.35
C GLU H 238 28.68 38.65 -2.79
N GLU H 239 27.57 39.23 -3.26
CA GLU H 239 27.54 39.80 -4.61
C GLU H 239 28.61 40.89 -4.72
N LYS H 240 28.63 41.77 -3.71
CA LYS H 240 29.58 42.85 -3.68
C LYS H 240 31.01 42.32 -3.68
N ALA H 241 31.29 41.38 -2.78
CA ALA H 241 32.61 40.78 -2.67
C ALA H 241 33.11 40.25 -4.01
N PHE H 242 32.28 39.44 -4.68
CA PHE H 242 32.69 38.89 -5.97
C PHE H 242 32.82 39.96 -7.03
N GLU H 243 32.07 41.05 -6.88
CA GLU H 243 32.14 42.16 -7.81
C GLU H 243 33.54 42.78 -7.65
N THR H 244 33.95 43.01 -6.40
CA THR H 244 35.27 43.59 -6.09
C THR H 244 36.38 42.70 -6.66
N LEU H 245 36.31 41.41 -6.34
CA LEU H 245 37.29 40.44 -6.78
C LEU H 245 37.47 40.38 -8.29
N SER H 246 36.40 40.60 -9.03
CA SER H 246 36.47 40.55 -10.48
C SER H 246 37.51 41.52 -11.06
N TYR H 247 37.69 42.68 -10.42
CA TYR H 247 38.65 43.66 -10.89
C TYR H 247 40.10 43.21 -10.73
N PHE H 248 40.29 42.14 -9.96
CA PHE H 248 41.64 41.64 -9.71
C PHE H 248 41.83 40.21 -10.17
N ASP H 249 40.77 39.63 -10.72
CA ASP H 249 40.80 38.25 -11.19
C ASP H 249 41.61 38.09 -12.48
N LEU H 250 42.58 37.18 -12.46
CA LEU H 250 43.45 36.94 -13.61
C LEU H 250 42.73 36.64 -14.93
N ILE H 251 41.54 36.05 -14.86
CA ILE H 251 40.81 35.74 -16.10
C ILE H 251 40.36 37.03 -16.80
N ASN H 252 40.38 38.13 -16.06
CA ASN H 252 39.98 39.42 -16.60
C ASN H 252 41.20 40.23 -17.01
N LEU H 253 42.33 39.95 -16.35
CA LEU H 253 43.57 40.66 -16.64
C LEU H 253 44.42 39.96 -17.69
N ALA H 254 44.33 38.63 -17.75
CA ALA H 254 45.11 37.84 -18.69
C ALA H 254 45.07 38.37 -20.12
N GLY H 255 43.88 38.73 -20.58
CA GLY H 255 43.72 39.24 -21.94
C GLY H 255 44.61 40.43 -22.30
N TRP H 256 45.15 41.12 -21.31
CA TRP H 256 46.00 42.26 -21.55
C TRP H 256 47.48 41.90 -21.68
N VAL H 257 47.84 40.70 -21.22
CA VAL H 257 49.24 40.27 -21.30
C VAL H 257 49.64 40.11 -22.76
N LYS H 258 50.70 40.80 -23.16
CA LYS H 258 51.20 40.71 -24.53
C LYS H 258 52.57 40.04 -24.57
N GLN H 259 53.17 39.88 -23.39
CA GLN H 259 54.49 39.28 -23.28
C GLN H 259 54.47 37.77 -23.34
N PRO H 260 55.57 37.16 -23.81
CA PRO H 260 55.61 35.69 -23.88
C PRO H 260 55.47 35.21 -22.43
N THR H 261 54.57 34.26 -22.21
CA THR H 261 54.32 33.77 -20.86
C THR H 261 54.55 32.28 -20.65
N LEU H 262 55.16 31.95 -19.52
CA LEU H 262 55.45 30.57 -19.17
C LEU H 262 54.76 30.26 -17.85
N MET H 263 53.88 29.26 -17.86
CA MET H 263 53.16 28.88 -16.66
C MET H 263 53.31 27.41 -16.31
N ALA H 264 53.15 27.12 -15.02
CA ALA H 264 53.25 25.76 -14.52
C ALA H 264 51.99 25.44 -13.72
N ILE H 265 51.68 24.16 -13.61
CA ILE H 265 50.52 23.73 -12.83
C ILE H 265 50.61 22.24 -12.47
N GLY H 266 50.46 21.95 -11.18
CA GLY H 266 50.49 20.57 -10.73
C GLY H 266 49.05 20.11 -10.70
N LEU H 267 48.76 18.92 -11.21
CA LEU H 267 47.39 18.43 -11.24
C LEU H 267 46.81 18.06 -9.89
N ILE H 268 47.64 17.93 -8.86
CA ILE H 268 47.10 17.60 -7.55
C ILE H 268 47.19 18.78 -6.60
N ASP H 269 47.32 19.97 -7.18
CA ASP H 269 47.41 21.21 -6.41
C ASP H 269 46.04 21.51 -5.83
N LYS H 270 45.96 21.58 -4.51
CA LYS H 270 44.70 21.85 -3.84
C LYS H 270 44.57 23.31 -3.39
N ILE H 271 45.67 24.04 -3.43
CA ILE H 271 45.65 25.43 -3.04
C ILE H 271 45.22 26.28 -4.22
N THR H 272 45.82 26.05 -5.39
CA THR H 272 45.46 26.77 -6.59
C THR H 272 45.05 25.67 -7.55
N PRO H 273 43.78 25.27 -7.51
CA PRO H 273 43.20 24.21 -8.35
C PRO H 273 43.59 24.32 -9.82
N PRO H 274 43.97 23.20 -10.43
CA PRO H 274 44.35 23.23 -11.85
C PRO H 274 43.38 24.03 -12.71
N SER H 275 42.09 23.89 -12.45
CA SER H 275 41.07 24.58 -13.22
C SER H 275 41.18 26.10 -13.14
N THR H 276 41.53 26.61 -11.96
CA THR H 276 41.68 28.05 -11.81
C THR H 276 42.89 28.56 -12.57
N VAL H 277 43.97 27.76 -12.57
CA VAL H 277 45.17 28.12 -13.28
C VAL H 277 44.94 27.99 -14.78
N PHE H 278 44.28 26.92 -15.21
CA PHE H 278 44.02 26.75 -16.63
C PHE H 278 43.11 27.88 -17.11
N ALA H 279 42.23 28.34 -16.23
CA ALA H 279 41.31 29.41 -16.57
C ALA H 279 42.06 30.68 -16.93
N ALA H 280 43.12 30.98 -16.16
CA ALA H 280 43.92 32.17 -16.42
C ALA H 280 44.74 31.97 -17.71
N TYR H 281 45.31 30.77 -17.87
CA TYR H 281 46.11 30.43 -19.03
C TYR H 281 45.32 30.52 -20.33
N ASN H 282 44.10 29.98 -20.33
CA ASN H 282 43.27 30.00 -21.53
C ASN H 282 42.72 31.38 -21.87
N HIS H 283 42.84 32.33 -20.94
CA HIS H 283 42.37 33.69 -21.20
C HIS H 283 43.51 34.55 -21.71
N LEU H 284 44.69 33.95 -21.81
CA LEU H 284 45.86 34.65 -22.32
C LEU H 284 45.84 34.59 -23.85
N GLU H 285 46.30 35.66 -24.49
CA GLU H 285 46.39 35.71 -25.94
C GLU H 285 47.75 36.33 -26.23
N THR H 286 48.78 35.49 -26.11
CA THR H 286 50.16 35.91 -26.31
C THR H 286 50.95 34.62 -26.52
N ASP H 287 52.24 34.72 -26.79
CA ASP H 287 53.03 33.50 -26.94
C ASP H 287 53.06 32.93 -25.55
N LYS H 288 52.41 31.79 -25.38
CA LYS H 288 52.30 31.16 -24.07
C LYS H 288 52.58 29.67 -24.06
N ASP H 289 52.87 29.15 -22.88
CA ASP H 289 53.12 27.74 -22.72
C ASP H 289 52.80 27.36 -21.29
N LEU H 290 51.98 26.33 -21.15
CA LEU H 290 51.58 25.87 -19.83
C LEU H 290 52.19 24.50 -19.55
N LYS H 291 53.08 24.44 -18.57
CA LYS H 291 53.71 23.18 -18.18
C LYS H 291 52.81 22.43 -17.20
N VAL H 292 52.39 21.23 -17.57
CA VAL H 292 51.51 20.42 -16.74
C VAL H 292 52.24 19.28 -16.05
N TYR H 293 52.20 19.29 -14.72
CA TYR H 293 52.87 18.26 -13.93
C TYR H 293 51.87 17.41 -13.14
N ARG H 294 51.59 16.23 -13.68
CA ARG H 294 50.65 15.30 -13.10
C ARG H 294 50.89 15.00 -11.62
N TYR H 295 52.12 14.70 -11.25
CA TYR H 295 52.41 14.32 -9.88
C TYR H 295 52.78 15.40 -8.88
N PHE H 296 52.55 16.65 -9.22
CA PHE H 296 52.87 17.71 -8.28
C PHE H 296 51.67 18.56 -7.90
N GLY H 297 51.83 19.29 -6.80
CA GLY H 297 50.78 20.15 -6.31
C GLY H 297 51.33 21.54 -6.15
N HIS H 298 50.90 22.23 -5.10
CA HIS H 298 51.33 23.60 -4.84
C HIS H 298 52.71 23.55 -4.19
N GLU H 299 53.74 23.32 -5.01
CA GLU H 299 55.09 23.20 -4.47
C GLU H 299 56.13 23.48 -5.54
N PHE H 300 57.39 23.42 -5.14
CA PHE H 300 58.52 23.59 -6.04
C PHE H 300 58.54 22.36 -6.94
N ILE H 301 58.56 22.61 -8.26
CA ILE H 301 58.58 21.51 -9.23
C ILE H 301 59.93 21.55 -9.96
N PRO H 302 60.87 20.66 -9.56
CA PRO H 302 62.20 20.59 -10.18
C PRO H 302 62.17 20.73 -11.71
N ALA H 303 61.36 19.90 -12.36
CA ALA H 303 61.28 19.94 -13.82
C ALA H 303 60.97 21.34 -14.35
N PHE H 304 60.11 22.07 -13.65
CA PHE H 304 59.73 23.40 -14.10
C PHE H 304 60.84 24.43 -13.89
N GLN H 305 61.73 24.18 -12.95
CA GLN H 305 62.83 25.11 -12.68
C GLN H 305 63.72 25.15 -13.92
N THR H 306 63.92 23.99 -14.54
CA THR H 306 64.73 23.88 -15.74
C THR H 306 64.05 24.67 -16.85
N GLU H 307 62.75 24.46 -17.00
CA GLU H 307 61.95 25.15 -17.98
C GLU H 307 62.08 26.66 -17.78
N LYS H 308 61.92 27.07 -16.52
CA LYS H 308 61.99 28.47 -16.13
C LYS H 308 63.34 29.11 -16.47
N LEU H 309 64.41 28.47 -16.04
CA LEU H 309 65.75 28.98 -16.30
C LEU H 309 66.02 29.02 -17.79
N SER H 310 65.57 27.99 -18.49
CA SER H 310 65.76 27.93 -19.93
C SER H 310 65.02 29.07 -20.60
N PHE H 311 63.74 29.24 -20.26
CA PHE H 311 62.91 30.30 -20.81
C PHE H 311 63.49 31.69 -20.55
N LEU H 312 63.85 31.97 -19.30
CA LEU H 312 64.40 33.28 -18.95
C LEU H 312 65.74 33.52 -19.65
N GLN H 313 66.52 32.45 -19.79
CA GLN H 313 67.83 32.55 -20.44
C GLN H 313 67.61 32.90 -21.92
N LYS H 314 66.65 32.22 -22.54
CA LYS H 314 66.33 32.44 -23.94
C LYS H 314 65.87 33.85 -24.24
N HIS H 315 64.97 34.36 -23.41
CA HIS H 315 64.41 35.70 -23.61
C HIS H 315 65.14 36.87 -22.97
N LEU H 316 65.98 36.60 -21.98
CA LEU H 316 66.67 37.69 -21.29
C LEU H 316 68.18 37.70 -21.29
N LEU H 317 68.76 36.56 -20.96
CA LEU H 317 70.20 36.43 -20.86
C LEU H 317 70.96 36.59 -22.17
N GLN I 2 33.69 21.08 2.51
CA GLN I 2 33.53 21.72 1.18
C GLN I 2 32.40 20.99 0.42
N LEU I 3 31.94 21.57 -0.69
CA LEU I 3 30.86 20.95 -1.49
C LEU I 3 31.21 19.50 -1.78
N PHE I 4 30.20 18.63 -1.74
CA PHE I 4 30.44 17.20 -1.98
C PHE I 4 29.20 16.41 -2.40
N ASP I 5 28.03 16.82 -1.94
CA ASP I 5 26.79 16.11 -2.27
C ASP I 5 26.31 16.44 -3.67
N LEU I 6 25.03 16.18 -3.93
CA LEU I 6 24.45 16.48 -5.24
C LEU I 6 24.50 17.99 -5.48
N SER I 7 24.42 18.40 -6.73
CA SER I 7 24.44 19.81 -7.06
C SER I 7 23.15 20.40 -6.51
N LEU I 8 23.16 21.70 -6.20
CA LEU I 8 21.98 22.34 -5.68
C LEU I 8 20.79 22.10 -6.62
N GLU I 9 21.06 22.11 -7.92
CA GLU I 9 20.02 21.90 -8.91
C GLU I 9 19.40 20.52 -8.78
N GLU I 10 20.22 19.54 -8.43
CA GLU I 10 19.74 18.16 -8.27
C GLU I 10 19.07 17.94 -6.92
N LEU I 11 19.56 18.64 -5.90
CA LEU I 11 19.00 18.53 -4.56
C LEU I 11 17.54 18.95 -4.56
N LYS I 12 17.23 20.01 -5.29
CA LYS I 12 15.86 20.54 -5.38
C LYS I 12 14.89 19.52 -5.95
N LYS I 13 15.37 18.64 -6.82
CA LYS I 13 14.52 17.64 -7.45
C LYS I 13 14.66 16.29 -6.77
N TYR I 14 15.57 16.16 -5.82
CA TYR I 14 15.76 14.87 -5.15
C TYR I 14 14.61 14.50 -4.22
N LYS I 15 13.85 13.49 -4.64
CA LYS I 15 12.72 13.02 -3.86
C LYS I 15 12.65 11.50 -4.02
N PRO I 16 13.49 10.78 -3.26
CA PRO I 16 13.54 9.31 -3.31
C PRO I 16 12.21 8.63 -3.02
N LYS I 17 11.92 7.57 -3.75
CA LYS I 17 10.68 6.83 -3.56
C LYS I 17 10.60 6.43 -2.10
N LYS I 18 9.41 6.56 -1.50
CA LYS I 18 9.21 6.20 -0.10
C LYS I 18 9.56 4.74 0.13
N THR I 19 10.07 4.44 1.33
CA THR I 19 10.44 3.07 1.68
C THR I 19 9.47 2.47 2.67
N ALA I 20 8.35 3.17 2.89
CA ALA I 20 7.33 2.75 3.84
C ALA I 20 6.67 1.42 3.51
N ARG I 21 6.71 0.50 4.47
CA ARG I 21 6.08 -0.80 4.31
C ARG I 21 4.54 -0.65 4.34
N PRO I 22 3.81 -1.69 3.88
CA PRO I 22 2.34 -1.65 3.85
C PRO I 22 1.69 -1.34 5.21
N ASP I 23 2.34 -1.77 6.28
CA ASP I 23 1.84 -1.57 7.64
C ASP I 23 2.44 -0.36 8.33
N PHE I 24 3.08 0.52 7.57
CA PHE I 24 3.71 1.72 8.13
C PHE I 24 2.75 2.49 9.02
N SER I 25 1.67 2.98 8.41
CA SER I 25 0.64 3.73 9.11
C SER I 25 0.11 2.91 10.29
N ASP I 26 -0.05 1.62 10.06
CA ASP I 26 -0.54 0.73 11.09
C ASP I 26 0.37 0.67 12.32
N PHE I 27 1.67 0.47 12.09
CA PHE I 27 2.63 0.38 13.17
C PHE I 27 2.58 1.59 14.06
N TRP I 28 2.40 2.76 13.47
CA TRP I 28 2.34 3.99 14.24
C TRP I 28 1.04 4.14 15.00
N LYS I 29 -0.04 3.61 14.43
CA LYS I 29 -1.34 3.67 15.08
C LYS I 29 -1.26 2.85 16.37
N LYS I 30 -0.73 1.64 16.26
CA LYS I 30 -0.59 0.77 17.41
C LYS I 30 0.39 1.33 18.43
N SER I 31 1.46 1.93 17.95
CA SER I 31 2.48 2.49 18.83
C SER I 31 1.93 3.65 19.63
N LEU I 32 1.06 4.44 19.01
CA LEU I 32 0.45 5.58 19.69
C LEU I 32 -0.55 5.03 20.71
N GLU I 33 -1.17 3.91 20.38
CA GLU I 33 -2.12 3.28 21.27
C GLU I 33 -1.43 2.80 22.53
N GLU I 34 -0.26 2.17 22.37
CA GLU I 34 0.48 1.70 23.53
C GLU I 34 0.94 2.89 24.36
N LEU I 35 1.18 4.03 23.71
CA LEU I 35 1.61 5.22 24.40
C LEU I 35 0.44 5.70 25.25
N ARG I 36 -0.74 5.74 24.63
CA ARG I 36 -1.97 6.20 25.29
C ARG I 36 -2.26 5.38 26.54
N GLN I 37 -1.90 4.10 26.51
CA GLN I 37 -2.13 3.22 27.64
C GLN I 37 -1.24 3.52 28.83
N VAL I 38 -0.42 4.57 28.73
CA VAL I 38 0.46 4.95 29.82
C VAL I 38 0.13 6.37 30.29
N GLU I 39 -0.38 6.48 31.51
CA GLU I 39 -0.75 7.76 32.07
C GLU I 39 0.48 8.67 32.18
N ALA I 40 0.33 9.90 31.69
CA ALA I 40 1.40 10.87 31.71
C ALA I 40 1.96 11.10 33.10
N GLU I 41 1.08 11.32 34.07
CA GLU I 41 1.49 11.57 35.45
C GLU I 41 2.63 12.59 35.50
N PRO I 42 2.50 13.68 34.76
CA PRO I 42 3.55 14.70 34.76
C PRO I 42 3.80 15.30 36.12
N THR I 43 5.01 15.81 36.33
CA THR I 43 5.38 16.45 37.59
C THR I 43 6.25 17.66 37.29
N LEU I 44 6.02 18.74 38.01
CA LEU I 44 6.80 19.96 37.85
C LEU I 44 7.50 20.25 39.16
N GLU I 45 8.76 20.64 39.07
CA GLU I 45 9.53 20.95 40.25
C GLU I 45 10.29 22.24 39.94
N SER I 46 10.08 23.28 40.73
CA SER I 46 10.76 24.54 40.48
C SER I 46 12.26 24.29 40.54
N TYR I 47 12.99 24.98 39.68
CA TYR I 47 14.44 24.83 39.59
C TYR I 47 15.07 26.22 39.57
N ASP I 48 15.90 26.52 40.56
CA ASP I 48 16.54 27.82 40.62
C ASP I 48 17.45 28.04 39.42
N TYR I 49 17.42 29.26 38.88
CA TYR I 49 18.25 29.63 37.74
C TYR I 49 18.44 31.14 37.76
N PRO I 50 19.70 31.62 37.62
CA PRO I 50 20.01 33.04 37.63
C PRO I 50 19.43 33.84 36.47
N VAL I 51 18.11 33.92 36.41
CA VAL I 51 17.44 34.67 35.36
C VAL I 51 16.25 35.40 35.97
N LYS I 52 15.95 36.57 35.44
CA LYS I 52 14.84 37.35 35.93
C LYS I 52 13.77 37.37 34.84
N GLY I 53 12.52 37.24 35.25
CA GLY I 53 11.43 37.23 34.28
C GLY I 53 11.06 35.87 33.74
N VAL I 54 11.65 34.81 34.30
CA VAL I 54 11.36 33.46 33.84
C VAL I 54 11.35 32.49 35.03
N LYS I 55 10.41 31.56 35.00
CA LYS I 55 10.30 30.55 36.05
C LYS I 55 10.78 29.27 35.39
N VAL I 56 11.74 28.59 36.01
CA VAL I 56 12.27 27.37 35.45
C VAL I 56 11.85 26.16 36.28
N TYR I 57 11.50 25.07 35.60
CA TYR I 57 11.08 23.88 36.29
C TYR I 57 11.69 22.64 35.69
N ARG I 58 11.67 21.57 36.47
CA ARG I 58 12.15 20.28 36.01
C ARG I 58 10.83 19.56 35.75
N LEU I 59 10.64 19.10 34.52
CA LEU I 59 9.43 18.40 34.15
C LEU I 59 9.72 16.95 33.84
N THR I 60 8.83 16.08 34.28
CA THR I 60 8.95 14.66 34.02
C THR I 60 7.55 14.17 33.72
N TYR I 61 7.47 13.05 33.01
CA TYR I 61 6.21 12.44 32.68
C TYR I 61 6.47 11.03 32.22
N GLN I 62 5.47 10.17 32.34
CA GLN I 62 5.59 8.79 31.94
C GLN I 62 5.25 8.67 30.46
N SER I 63 6.02 7.85 29.75
CA SER I 63 5.81 7.67 28.33
C SER I 63 5.87 6.19 27.96
N PHE I 64 5.96 5.90 26.66
CA PHE I 64 6.05 4.54 26.16
C PHE I 64 6.96 3.66 27.01
N GLY I 65 6.51 2.44 27.29
CA GLY I 65 7.30 1.52 28.09
C GLY I 65 7.43 1.97 29.53
N HIS I 66 6.57 2.90 29.96
CA HIS I 66 6.60 3.39 31.34
C HIS I 66 7.95 4.02 31.67
N SER I 67 8.50 4.73 30.69
CA SER I 67 9.78 5.40 30.88
C SER I 67 9.53 6.81 31.41
N LYS I 68 10.34 7.21 32.37
CA LYS I 68 10.25 8.53 32.96
C LYS I 68 11.06 9.48 32.08
N ILE I 69 10.38 10.31 31.30
CA ILE I 69 11.03 11.26 30.41
C ILE I 69 11.24 12.60 31.15
N GLU I 70 12.36 13.28 30.89
CA GLU I 70 12.67 14.55 31.56
C GLU I 70 13.05 15.69 30.64
N GLY I 71 13.27 16.84 31.27
CA GLY I 71 13.66 18.03 30.55
C GLY I 71 13.37 19.28 31.36
N PHE I 72 14.06 20.37 31.06
CA PHE I 72 13.81 21.61 31.75
C PHE I 72 12.64 22.31 31.07
N TYR I 73 11.80 22.95 31.88
CA TYR I 73 10.63 23.65 31.38
C TYR I 73 10.73 25.07 31.89
N ALA I 74 10.89 26.02 30.97
CA ALA I 74 11.01 27.41 31.35
C ALA I 74 9.79 28.17 30.88
N VAL I 75 9.22 28.95 31.79
CA VAL I 75 8.02 29.73 31.46
C VAL I 75 8.18 31.22 31.67
N PRO I 76 7.67 32.02 30.73
CA PRO I 76 7.77 33.48 30.87
C PRO I 76 7.09 33.82 32.19
N ASP I 77 7.76 34.60 33.02
CA ASP I 77 7.23 34.97 34.33
C ASP I 77 6.24 36.14 34.26
N GLN I 78 5.06 35.85 33.68
CA GLN I 78 4.01 36.83 33.53
C GLN I 78 2.74 36.02 33.29
N THR I 79 1.58 36.66 33.39
CA THR I 79 0.32 35.96 33.18
C THR I 79 0.22 35.41 31.76
N GLY I 80 -0.27 34.19 31.63
CA GLY I 80 -0.42 33.56 30.34
C GLY I 80 -1.80 33.77 29.77
N PRO I 81 -2.27 32.90 28.85
CA PRO I 81 -1.57 31.73 28.33
C PRO I 81 -0.37 32.14 27.48
N HIS I 82 0.64 31.29 27.40
CA HIS I 82 1.82 31.61 26.62
C HIS I 82 1.95 30.69 25.42
N PRO I 83 2.61 31.18 24.36
CA PRO I 83 2.78 30.31 23.19
C PRO I 83 3.84 29.30 23.70
N ALA I 84 3.84 28.08 23.18
CA ALA I 84 4.82 27.13 23.68
C ALA I 84 5.72 26.50 22.64
N LEU I 85 6.86 26.00 23.12
CA LEU I 85 7.82 25.34 22.27
C LEU I 85 8.37 24.07 22.92
N VAL I 86 8.39 22.99 22.17
CA VAL I 86 9.00 21.77 22.67
C VAL I 86 10.27 21.66 21.83
N ARG I 87 11.42 21.85 22.46
CA ARG I 87 12.69 21.78 21.77
C ARG I 87 13.36 20.43 21.92
N PHE I 88 13.80 19.86 20.80
CA PHE I 88 14.48 18.56 20.83
C PHE I 88 15.97 18.73 20.51
N HIS I 89 16.83 18.18 21.37
CA HIS I 89 18.27 18.33 21.19
C HIS I 89 18.86 17.35 20.20
N GLY I 90 20.08 17.65 19.76
CA GLY I 90 20.79 16.81 18.80
C GLY I 90 21.39 15.54 19.36
N TYR I 91 21.72 14.62 18.47
CA TYR I 91 22.30 13.34 18.83
C TYR I 91 23.50 13.47 19.76
N ASN I 92 23.35 12.97 20.98
CA ASN I 92 24.42 12.99 21.97
C ASN I 92 24.98 14.40 22.14
N ALA I 93 24.21 15.40 21.73
CA ALA I 93 24.64 16.79 21.81
C ALA I 93 24.00 17.60 22.94
N SER I 94 23.55 16.93 23.99
CA SER I 94 22.94 17.63 25.11
C SER I 94 23.86 17.78 26.31
N TYR I 95 24.07 19.03 26.73
CA TYR I 95 24.91 19.34 27.87
C TYR I 95 24.05 20.02 28.95
N ASP I 96 24.01 19.44 30.14
CA ASP I 96 23.22 20.02 31.22
C ASP I 96 21.77 20.32 30.83
N GLY I 97 21.17 19.43 30.04
CA GLY I 97 19.79 19.61 29.63
C GLY I 97 19.52 20.80 28.74
N GLY I 98 20.58 21.41 28.21
CA GLY I 98 20.41 22.57 27.35
C GLY I 98 19.59 23.63 28.05
N ILE I 99 19.71 23.67 29.38
CA ILE I 99 18.97 24.61 30.19
C ILE I 99 19.10 26.09 29.77
N HIS I 100 20.30 26.52 29.45
CA HIS I 100 20.53 27.91 29.06
C HIS I 100 19.77 28.32 27.81
N ASP I 101 19.62 27.40 26.86
CA ASP I 101 18.90 27.71 25.65
C ASP I 101 17.41 27.70 25.92
N ILE I 102 16.97 26.78 26.78
CA ILE I 102 15.56 26.68 27.14
C ILE I 102 15.15 28.01 27.76
N VAL I 103 15.93 28.48 28.74
CA VAL I 103 15.64 29.73 29.41
C VAL I 103 15.56 30.88 28.40
N ASN I 104 16.53 30.94 27.49
CA ASN I 104 16.54 32.01 26.50
C ASN I 104 15.26 32.00 25.68
N TRP I 105 14.79 30.80 25.33
CA TRP I 105 13.56 30.70 24.58
C TRP I 105 12.41 31.28 25.38
N ALA I 106 12.40 31.04 26.69
CA ALA I 106 11.34 31.58 27.53
C ALA I 106 11.44 33.10 27.50
N LEU I 107 12.65 33.63 27.57
CA LEU I 107 12.86 35.09 27.54
C LEU I 107 12.32 35.68 26.24
N HIS I 108 12.29 34.86 25.19
CA HIS I 108 11.76 35.29 23.91
C HIS I 108 10.24 35.20 23.93
N GLY I 109 9.70 34.78 25.07
CA GLY I 109 8.26 34.67 25.24
C GLY I 109 7.63 33.31 25.04
N TYR I 110 8.41 32.25 25.04
CA TYR I 110 7.85 30.91 24.83
C TYR I 110 7.99 29.99 26.02
N ALA I 111 6.90 29.38 26.45
CA ALA I 111 6.94 28.43 27.55
C ALA I 111 7.63 27.30 26.81
N THR I 112 8.87 26.98 27.22
CA THR I 112 9.65 25.96 26.52
C THR I 112 10.07 24.72 27.29
N PHE I 113 9.83 23.57 26.68
CA PHE I 113 10.21 22.32 27.29
C PHE I 113 11.28 21.65 26.44
N GLY I 114 12.43 21.40 27.05
CA GLY I 114 13.51 20.75 26.35
C GLY I 114 13.51 19.27 26.70
N MET I 115 12.78 18.48 25.93
CA MET I 115 12.71 17.05 26.18
C MET I 115 14.07 16.40 25.96
N LEU I 116 14.58 15.72 26.99
CA LEU I 116 15.85 15.04 26.88
C LEU I 116 15.60 13.66 26.28
N VAL I 117 16.34 13.35 25.20
CA VAL I 117 16.18 12.10 24.48
C VAL I 117 16.76 10.92 25.23
N ARG I 118 15.93 9.90 25.45
CA ARG I 118 16.27 8.68 26.16
C ARG I 118 17.75 8.28 26.22
N GLY I 119 18.29 8.20 27.43
CA GLY I 119 19.67 7.81 27.60
C GLY I 119 20.73 8.77 27.09
N GLN I 120 20.31 9.83 26.44
CA GLN I 120 21.24 10.81 25.91
C GLN I 120 21.41 11.98 26.86
N GLY I 121 20.64 13.04 26.62
CA GLY I 121 20.73 14.22 27.47
C GLY I 121 20.10 13.98 28.83
N GLY I 122 19.27 12.94 28.91
CA GLY I 122 18.59 12.59 30.15
C GLY I 122 17.47 11.65 29.82
N SER I 123 16.53 11.51 30.75
CA SER I 123 15.37 10.63 30.55
C SER I 123 15.74 9.16 30.63
N GLU I 124 14.78 8.38 31.08
CA GLU I 124 14.96 6.95 31.25
C GLU I 124 14.53 6.19 29.99
N ASP I 125 15.20 5.08 29.71
CA ASP I 125 14.82 4.26 28.56
C ASP I 125 14.65 2.84 29.09
N THR I 126 13.41 2.43 29.29
CA THR I 126 13.14 1.10 29.80
C THR I 126 13.23 0.03 28.73
N SER I 127 13.24 0.44 27.47
CA SER I 127 13.31 -0.55 26.39
C SER I 127 14.58 -1.38 26.51
N VAL I 128 14.42 -2.68 26.35
CA VAL I 128 15.52 -3.62 26.44
C VAL I 128 16.39 -3.59 25.18
N THR I 129 17.61 -4.10 25.28
CA THR I 129 18.50 -4.18 24.14
C THR I 129 18.39 -5.63 23.68
N PRO I 130 17.63 -5.88 22.62
CA PRO I 130 17.41 -7.22 22.07
C PRO I 130 18.69 -8.01 21.89
N GLY I 131 19.66 -7.40 21.26
CA GLY I 131 20.92 -8.08 21.03
C GLY I 131 22.04 -7.11 20.75
N GLY I 132 23.07 -7.60 20.07
CA GLY I 132 24.19 -6.74 19.77
C GLY I 132 23.89 -5.63 18.76
N HIS I 133 24.60 -4.53 18.90
CA HIS I 133 24.45 -3.41 17.99
C HIS I 133 25.73 -2.58 18.02
N ALA I 134 25.87 -1.67 17.07
CA ALA I 134 27.07 -0.85 16.99
C ALA I 134 27.10 0.21 18.09
N LEU I 135 28.30 0.61 18.49
CA LEU I 135 28.45 1.62 19.52
C LEU I 135 27.56 2.81 19.18
N GLY I 136 26.62 3.13 20.07
CA GLY I 136 25.70 4.23 19.83
C GLY I 136 24.24 3.81 19.99
N TRP I 137 23.33 4.73 19.70
CA TRP I 137 21.90 4.44 19.83
C TRP I 137 21.27 4.08 18.50
N MET I 138 21.87 4.57 17.42
CA MET I 138 21.38 4.35 16.07
C MET I 138 20.94 2.93 15.70
N THR I 139 21.60 1.93 16.25
CA THR I 139 21.27 0.55 15.90
C THR I 139 20.71 -0.28 17.04
N LYS I 140 20.45 0.34 18.18
CA LYS I 140 19.89 -0.38 19.32
C LYS I 140 18.51 -0.94 18.96
N GLY I 141 18.39 -2.26 18.96
CA GLY I 141 17.12 -2.89 18.65
C GLY I 141 16.70 -2.67 17.21
N ILE I 142 17.67 -2.49 16.33
CA ILE I 142 17.38 -2.25 14.93
C ILE I 142 16.81 -3.44 14.15
N LEU I 143 16.76 -4.61 14.77
CA LEU I 143 16.23 -5.78 14.08
C LEU I 143 14.70 -5.90 14.15
N SER I 144 14.06 -4.86 14.65
CA SER I 144 12.62 -4.84 14.77
C SER I 144 12.09 -3.42 15.04
N LYS I 145 11.06 -3.04 14.30
CA LYS I 145 10.45 -1.73 14.48
C LYS I 145 9.88 -1.56 15.88
N ASP I 146 9.48 -2.68 16.49
CA ASP I 146 8.92 -2.62 17.83
C ASP I 146 9.98 -2.37 18.91
N THR I 147 11.19 -2.81 18.67
CA THR I 147 12.27 -2.66 19.64
C THR I 147 13.23 -1.50 19.34
N TYR I 148 13.10 -0.92 18.14
CA TYR I 148 13.99 0.16 17.75
C TYR I 148 14.00 1.37 18.70
N TYR I 149 15.20 1.82 19.02
CA TYR I 149 15.42 2.94 19.92
C TYR I 149 14.52 4.15 19.69
N TYR I 150 14.39 4.57 18.43
CA TYR I 150 13.58 5.74 18.14
C TYR I 150 12.08 5.58 18.26
N ARG I 151 11.60 4.36 18.42
CA ARG I 151 10.17 4.18 18.58
C ARG I 151 9.76 4.85 19.89
N GLY I 152 10.52 4.56 20.94
CA GLY I 152 10.24 5.16 22.23
C GLY I 152 10.46 6.66 22.20
N VAL I 153 11.53 7.10 21.55
CA VAL I 153 11.85 8.51 21.46
C VAL I 153 10.78 9.31 20.72
N TYR I 154 10.33 8.80 19.58
CA TYR I 154 9.28 9.47 18.81
C TYR I 154 8.02 9.58 19.67
N LEU I 155 7.71 8.52 20.40
CA LEU I 155 6.53 8.52 21.26
C LEU I 155 6.71 9.48 22.42
N ASP I 156 7.93 9.62 22.93
CA ASP I 156 8.19 10.56 24.02
C ASP I 156 7.91 11.96 23.48
N ALA I 157 8.23 12.16 22.21
CA ALA I 157 8.04 13.44 21.55
C ALA I 157 6.55 13.79 21.54
N VAL I 158 5.74 12.84 21.08
CA VAL I 158 4.31 13.06 21.02
C VAL I 158 3.78 13.35 22.44
N ARG I 159 4.16 12.51 23.40
CA ARG I 159 3.72 12.68 24.78
C ARG I 159 4.14 14.04 25.33
N ALA I 160 5.32 14.52 24.94
CA ALA I 160 5.79 15.81 25.42
C ALA I 160 4.78 16.88 25.04
N LEU I 161 4.26 16.77 23.82
CA LEU I 161 3.28 17.73 23.31
C LEU I 161 1.96 17.62 24.07
N GLU I 162 1.53 16.39 24.36
CA GLU I 162 0.28 16.16 25.08
C GLU I 162 0.37 16.71 26.50
N VAL I 163 1.55 16.63 27.10
CA VAL I 163 1.76 17.12 28.44
C VAL I 163 1.79 18.65 28.48
N ILE I 164 2.57 19.24 27.57
CA ILE I 164 2.69 20.68 27.49
C ILE I 164 1.34 21.34 27.21
N GLN I 165 0.64 20.83 26.22
CA GLN I 165 -0.64 21.38 25.84
C GLN I 165 -1.64 21.35 26.99
N SER I 166 -1.51 20.35 27.85
CA SER I 166 -2.42 20.20 28.98
C SER I 166 -2.17 21.23 30.06
N PHE I 167 -1.05 21.94 29.98
CA PHE I 167 -0.74 22.96 30.97
C PHE I 167 -1.66 24.16 30.81
N PRO I 168 -2.21 24.65 31.92
CA PRO I 168 -3.11 25.80 31.86
C PRO I 168 -2.43 27.06 31.32
N GLU I 169 -1.19 27.32 31.75
CA GLU I 169 -0.46 28.50 31.31
C GLU I 169 -0.01 28.41 29.87
N VAL I 170 -0.38 27.32 29.19
CA VAL I 170 0.02 27.14 27.81
C VAL I 170 -1.14 27.23 26.83
N ASP I 171 -0.98 28.09 25.83
CA ASP I 171 -1.98 28.27 24.79
C ASP I 171 -1.82 27.12 23.81
N GLU I 172 -2.62 26.07 24.00
CA GLU I 172 -2.57 24.88 23.17
C GLU I 172 -2.59 25.15 21.65
N HIS I 173 -3.08 26.31 21.24
CA HIS I 173 -3.17 26.64 19.82
C HIS I 173 -1.92 27.29 19.26
N ARG I 174 -0.95 27.53 20.13
CA ARG I 174 0.29 28.16 19.71
C ARG I 174 1.49 27.40 20.25
N ILE I 175 1.53 26.12 19.92
CA ILE I 175 2.63 25.27 20.35
C ILE I 175 3.52 24.91 19.15
N GLY I 176 4.82 25.17 19.28
CA GLY I 176 5.70 24.84 18.19
C GLY I 176 6.69 23.76 18.58
N VAL I 177 7.18 23.03 17.59
CA VAL I 177 8.18 22.00 17.80
C VAL I 177 9.40 22.41 17.01
N ILE I 178 10.55 22.46 17.67
CA ILE I 178 11.78 22.84 17.01
C ILE I 178 12.94 21.95 17.42
N GLY I 179 14.00 21.96 16.62
CA GLY I 179 15.17 21.16 16.94
C GLY I 179 16.13 21.08 15.76
N GLY I 180 17.38 20.72 16.04
CA GLY I 180 18.37 20.60 14.98
C GLY I 180 18.86 19.16 14.86
N OAS I 181 19.10 18.71 13.63
CA OAS I 181 19.57 17.34 13.40
CB OAS I 181 20.93 17.16 14.09
OG OAS I 181 21.21 15.79 14.35
C OAS I 181 18.56 16.33 13.95
O OAS I 181 17.43 16.26 13.47
C2A OAS I 181 22.88 14.04 14.39
C1A OAS I 181 22.19 15.28 14.90
OAC OAS I 181 22.65 15.85 15.97
N GLN I 182 18.97 15.56 14.94
CA GLN I 182 18.09 14.61 15.58
C GLN I 182 16.86 15.37 16.07
N GLY I 183 17.12 16.52 16.70
CA GLY I 183 16.04 17.34 17.21
C GLY I 183 15.11 17.79 16.10
N GLY I 184 15.66 18.04 14.91
CA GLY I 184 14.85 18.45 13.79
C GLY I 184 13.98 17.30 13.33
N ALA I 185 14.52 16.09 13.40
CA ALA I 185 13.78 14.89 12.99
C ALA I 185 12.66 14.60 13.98
N LEU I 186 12.93 14.82 15.27
CA LEU I 186 11.92 14.57 16.30
C LEU I 186 10.78 15.56 16.11
N ALA I 187 11.11 16.82 15.82
CA ALA I 187 10.09 17.84 15.58
C ALA I 187 9.18 17.44 14.43
N ILE I 188 9.78 17.03 13.31
CA ILE I 188 9.02 16.61 12.15
C ILE I 188 8.23 15.33 12.46
N ALA I 189 8.87 14.35 13.08
CA ALA I 189 8.19 13.11 13.43
C ALA I 189 7.00 13.41 14.31
N ALA I 190 7.20 14.29 15.29
CA ALA I 190 6.15 14.67 16.22
C ALA I 190 4.99 15.33 15.50
N ALA I 191 5.29 16.29 14.63
CA ALA I 191 4.25 16.99 13.90
C ALA I 191 3.50 16.07 12.97
N ALA I 192 4.15 14.98 12.57
CA ALA I 192 3.54 14.01 11.68
C ALA I 192 2.60 13.08 12.46
N LEU I 193 2.99 12.76 13.69
CA LEU I 193 2.24 11.87 14.54
C LEU I 193 1.21 12.55 15.42
N SER I 194 1.29 13.88 15.51
CA SER I 194 0.37 14.64 16.32
C SER I 194 -0.01 15.96 15.67
N ASP I 195 -1.27 16.36 15.81
CA ASP I 195 -1.71 17.61 15.23
C ASP I 195 -1.73 18.70 16.29
N ILE I 196 -1.07 18.43 17.41
CA ILE I 196 -0.99 19.41 18.48
C ILE I 196 -0.09 20.59 18.06
N PRO I 197 1.08 20.31 17.44
CA PRO I 197 1.98 21.40 17.01
C PRO I 197 1.36 22.28 15.94
N LYS I 198 1.56 23.58 16.05
CA LYS I 198 1.02 24.49 15.06
C LYS I 198 2.05 24.65 13.94
N VAL I 199 3.31 24.83 14.34
CA VAL I 199 4.41 24.99 13.37
C VAL I 199 5.60 24.10 13.70
N VAL I 200 6.46 23.93 12.70
CA VAL I 200 7.64 23.08 12.83
C VAL I 200 8.91 23.75 12.31
N VAL I 201 9.97 23.69 13.12
CA VAL I 201 11.24 24.24 12.68
C VAL I 201 12.28 23.15 12.83
N ALA I 202 12.83 22.70 11.71
CA ALA I 202 13.83 21.64 11.75
C ALA I 202 15.13 22.07 11.08
N ASP I 203 16.20 22.13 11.87
CA ASP I 203 17.51 22.48 11.36
C ASP I 203 18.10 21.17 10.83
N TYR I 204 18.49 21.16 9.55
CA TYR I 204 19.07 19.97 8.93
C TYR I 204 18.65 18.69 9.65
N PRO I 205 17.37 18.31 9.52
CA PRO I 205 16.83 17.11 10.15
C PRO I 205 17.62 15.85 9.84
N TYR I 206 17.76 15.01 10.88
CA TYR I 206 18.47 13.74 10.82
C TYR I 206 17.45 12.61 10.57
N LEU I 207 17.88 11.36 10.72
CA LEU I 207 16.99 10.22 10.51
C LEU I 207 16.18 10.33 9.22
N SER I 208 16.85 10.70 8.13
CA SER I 208 16.16 10.87 6.87
C SER I 208 16.84 10.18 5.69
N ASN I 209 16.07 9.45 4.90
CA ASN I 209 16.58 8.76 3.72
C ASN I 209 17.79 7.87 4.07
N PHE I 210 17.60 7.03 5.08
CA PHE I 210 18.65 6.13 5.57
C PHE I 210 19.48 5.40 4.51
N GLU I 211 18.80 4.77 3.56
CA GLU I 211 19.49 4.01 2.53
C GLU I 211 20.49 4.82 1.72
N ARG I 212 20.30 6.13 1.64
CA ARG I 212 21.27 6.94 0.93
C ARG I 212 22.28 7.48 1.92
N ALA I 213 21.79 7.88 3.10
CA ALA I 213 22.64 8.44 4.14
C ALA I 213 23.88 7.59 4.40
N VAL I 214 23.69 6.28 4.56
CA VAL I 214 24.83 5.41 4.84
C VAL I 214 25.85 5.33 3.70
N ASP I 215 25.48 5.83 2.52
CA ASP I 215 26.37 5.80 1.38
C ASP I 215 26.97 7.18 1.09
N VAL I 216 26.41 8.21 1.71
CA VAL I 216 26.87 9.58 1.46
C VAL I 216 27.47 10.26 2.69
N ALA I 217 26.92 10.01 3.86
CA ALA I 217 27.44 10.62 5.06
C ALA I 217 28.93 10.31 5.16
N LEU I 218 29.69 11.26 5.72
CA LEU I 218 31.12 11.09 5.88
C LEU I 218 31.53 11.16 7.34
N GLU I 219 30.56 11.37 8.22
CA GLU I 219 30.84 11.45 9.65
C GLU I 219 29.71 10.80 10.43
N GLN I 220 29.93 10.62 11.72
CA GLN I 220 28.93 10.03 12.59
C GLN I 220 27.73 10.98 12.63
N PRO I 221 26.55 10.50 13.07
CA PRO I 221 26.30 9.14 13.53
C PRO I 221 25.57 8.20 12.57
N TYR I 222 25.33 8.63 11.33
CA TYR I 222 24.67 7.73 10.36
C TYR I 222 25.53 6.49 10.14
N LEU I 223 26.84 6.69 10.11
CA LEU I 223 27.79 5.60 9.88
C LEU I 223 27.72 4.53 10.95
N GLU I 224 26.95 4.76 12.01
CA GLU I 224 26.78 3.77 13.06
C GLU I 224 26.10 2.55 12.45
N ILE I 225 25.27 2.80 11.44
CA ILE I 225 24.56 1.74 10.75
C ILE I 225 25.59 0.92 9.99
N ASN I 226 26.53 1.61 9.36
CA ASN I 226 27.58 0.95 8.62
C ASN I 226 28.40 0.07 9.57
N SER I 227 28.75 0.63 10.72
CA SER I 227 29.51 -0.11 11.72
C SER I 227 28.75 -1.35 12.13
N TYR I 228 27.43 -1.21 12.19
CA TYR I 228 26.56 -2.32 12.56
C TYR I 228 26.66 -3.47 11.56
N PHE I 229 26.53 -3.15 10.27
CA PHE I 229 26.62 -4.17 9.24
C PHE I 229 28.01 -4.82 9.18
N ARG I 230 29.04 -4.05 9.52
CA ARG I 230 30.39 -4.60 9.52
C ARG I 230 30.44 -5.72 10.54
N ARG I 231 29.79 -5.48 11.69
CA ARG I 231 29.75 -6.45 12.77
C ARG I 231 28.73 -7.56 12.63
N ASN I 232 27.81 -7.43 11.68
CA ASN I 232 26.78 -8.46 11.43
C ASN I 232 26.64 -8.61 9.91
N SER I 233 27.54 -9.40 9.33
CA SER I 233 27.57 -9.60 7.89
C SER I 233 26.37 -10.29 7.30
N ASP I 234 25.55 -10.91 8.14
CA ASP I 234 24.38 -11.60 7.63
C ASP I 234 23.54 -10.69 6.72
N PRO I 235 23.48 -11.00 5.42
CA PRO I 235 22.71 -10.21 4.46
C PRO I 235 21.32 -9.91 4.95
N LYS I 236 20.65 -10.92 5.50
CA LYS I 236 19.29 -10.73 5.99
C LYS I 236 19.24 -9.67 7.09
N VAL I 237 20.35 -9.50 7.81
CA VAL I 237 20.40 -8.50 8.87
C VAL I 237 20.30 -7.10 8.27
N GLU I 238 20.95 -6.90 7.13
CA GLU I 238 20.90 -5.59 6.48
C GLU I 238 19.50 -5.28 5.95
N GLU I 239 18.88 -6.26 5.31
CA GLU I 239 17.53 -6.08 4.79
C GLU I 239 16.60 -5.76 5.94
N LYS I 240 16.72 -6.53 7.02
CA LYS I 240 15.89 -6.34 8.18
C LYS I 240 16.13 -4.96 8.78
N ALA I 241 17.40 -4.61 8.96
CA ALA I 241 17.77 -3.31 9.53
C ALA I 241 17.13 -2.16 8.77
N PHE I 242 17.27 -2.14 7.44
CA PHE I 242 16.68 -1.08 6.65
C PHE I 242 15.16 -1.11 6.68
N GLU I 243 14.59 -2.29 6.86
CA GLU I 243 13.15 -2.43 6.94
C GLU I 243 12.70 -1.71 8.21
N THR I 244 13.40 -1.97 9.31
CA THR I 244 13.10 -1.35 10.59
C THR I 244 13.19 0.17 10.46
N LEU I 245 14.34 0.64 9.97
CA LEU I 245 14.58 2.07 9.80
C LEU I 245 13.52 2.81 8.97
N SER I 246 12.91 2.13 8.01
CA SER I 246 11.91 2.76 7.16
C SER I 246 10.73 3.31 7.95
N TYR I 247 10.38 2.65 9.04
CA TYR I 247 9.25 3.08 9.87
C TYR I 247 9.54 4.38 10.59
N PHE I 248 10.80 4.78 10.63
CA PHE I 248 11.20 6.01 11.33
C PHE I 248 11.82 7.03 10.40
N ASP I 249 11.97 6.68 9.14
CA ASP I 249 12.57 7.55 8.13
C ASP I 249 11.68 8.75 7.78
N LEU I 250 12.23 9.96 7.91
CA LEU I 250 11.51 11.18 7.62
C LEU I 250 10.86 11.25 6.23
N ILE I 251 11.42 10.56 5.25
CA ILE I 251 10.82 10.61 3.92
C ILE I 251 9.48 9.89 3.92
N ASN I 252 9.24 9.08 4.96
CA ASN I 252 7.99 8.33 5.06
C ASN I 252 7.03 9.03 6.00
N LEU I 253 7.55 9.84 6.90
CA LEU I 253 6.73 10.56 7.87
C LEU I 253 6.36 11.98 7.40
N ALA I 254 7.25 12.58 6.63
CA ALA I 254 7.05 13.94 6.13
C ALA I 254 5.68 14.17 5.50
N GLY I 255 5.21 13.21 4.70
CA GLY I 255 3.91 13.35 4.07
C GLY I 255 2.75 13.60 5.02
N TRP I 256 2.94 13.32 6.30
CA TRP I 256 1.88 13.50 7.28
C TRP I 256 1.88 14.89 7.91
N VAL I 257 3.00 15.59 7.79
CA VAL I 257 3.10 16.93 8.36
C VAL I 257 2.14 17.87 7.64
N LYS I 258 1.28 18.53 8.41
CA LYS I 258 0.32 19.46 7.83
C LYS I 258 0.61 20.87 8.29
N GLN I 259 1.50 20.98 9.27
CA GLN I 259 1.87 22.28 9.83
C GLN I 259 2.89 23.06 9.00
N PRO I 260 2.85 24.38 9.09
CA PRO I 260 3.81 25.18 8.33
C PRO I 260 5.17 24.77 8.84
N THR I 261 6.07 24.41 7.93
CA THR I 261 7.41 23.96 8.30
C THR I 261 8.56 24.81 7.77
N LEU I 262 9.54 25.04 8.63
CA LEU I 262 10.72 25.82 8.28
C LEU I 262 11.96 24.94 8.48
N MET I 263 12.73 24.75 7.42
CA MET I 263 13.93 23.93 7.48
C MET I 263 15.18 24.64 7.02
N ALA I 264 16.31 24.19 7.54
CA ALA I 264 17.61 24.74 7.19
C ALA I 264 18.53 23.60 6.76
N ILE I 265 19.54 23.93 5.94
CA ILE I 265 20.50 22.97 5.46
C ILE I 265 21.76 23.66 4.94
N GLY I 266 22.91 23.23 5.46
CA GLY I 266 24.18 23.77 5.01
C GLY I 266 24.69 22.84 3.92
N LEU I 267 25.14 23.40 2.80
CA LEU I 267 25.59 22.58 1.69
C LEU I 267 26.88 21.80 1.92
N ILE I 268 27.61 22.13 2.99
CA ILE I 268 28.84 21.39 3.25
C ILE I 268 28.69 20.53 4.50
N ASP I 269 27.43 20.26 4.87
CA ASP I 269 27.11 19.43 6.02
C ASP I 269 27.48 17.97 5.70
N LYS I 270 28.39 17.40 6.47
CA LYS I 270 28.81 16.03 6.25
C LYS I 270 28.13 15.03 7.19
N ILE I 271 27.46 15.54 8.21
CA ILE I 271 26.77 14.70 9.19
C ILE I 271 25.38 14.37 8.67
N THR I 272 24.67 15.40 8.22
CA THR I 272 23.33 15.19 7.66
C THR I 272 23.43 15.77 6.24
N PRO I 273 23.91 14.95 5.30
CA PRO I 273 24.07 15.32 3.89
C PRO I 273 22.91 16.12 3.32
N PRO I 274 23.21 17.20 2.58
CA PRO I 274 22.15 18.01 2.00
C PRO I 274 21.09 17.16 1.30
N SER I 275 21.52 16.11 0.62
CA SER I 275 20.58 15.25 -0.11
C SER I 275 19.57 14.57 0.81
N THR I 276 19.99 14.17 2.00
CA THR I 276 19.10 13.53 2.94
C THR I 276 18.10 14.55 3.50
N VAL I 277 18.55 15.78 3.72
CA VAL I 277 17.66 16.80 4.24
C VAL I 277 16.69 17.23 3.14
N PHE I 278 17.19 17.40 1.91
CA PHE I 278 16.32 17.78 0.80
C PHE I 278 15.29 16.69 0.55
N ALA I 279 15.69 15.44 0.79
CA ALA I 279 14.79 14.31 0.60
C ALA I 279 13.59 14.42 1.52
N ALA I 280 13.82 14.84 2.76
CA ALA I 280 12.74 14.98 3.73
C ALA I 280 11.89 16.19 3.36
N TYR I 281 12.54 17.28 3.00
CA TYR I 281 11.85 18.49 2.61
C TYR I 281 10.94 18.28 1.40
N ASN I 282 11.44 17.57 0.40
CA ASN I 282 10.66 17.35 -0.81
C ASN I 282 9.52 16.36 -0.63
N HIS I 283 9.51 15.67 0.51
CA HIS I 283 8.43 14.73 0.77
C HIS I 283 7.35 15.40 1.62
N LEU I 284 7.58 16.66 1.97
CA LEU I 284 6.59 17.43 2.73
C LEU I 284 5.57 18.01 1.76
N GLU I 285 4.33 18.10 2.22
CA GLU I 285 3.24 18.67 1.44
C GLU I 285 2.47 19.54 2.41
N THR I 286 3.03 20.70 2.70
CA THR I 286 2.45 21.65 3.65
C THR I 286 3.11 22.98 3.32
N ASP I 287 2.73 24.05 4.00
CA ASP I 287 3.38 25.33 3.75
C ASP I 287 4.78 25.10 4.28
N LYS I 288 5.75 25.06 3.38
CA LYS I 288 7.13 24.83 3.77
C LYS I 288 8.13 25.78 3.16
N ASP I 289 9.29 25.86 3.78
CA ASP I 289 10.35 26.71 3.27
C ASP I 289 11.69 26.13 3.72
N LEU I 290 12.57 25.90 2.76
CA LEU I 290 13.90 25.35 3.05
C LEU I 290 14.98 26.39 2.86
N LYS I 291 15.65 26.75 3.94
CA LYS I 291 16.72 27.74 3.88
C LYS I 291 18.02 27.03 3.53
N VAL I 292 18.63 27.44 2.43
CA VAL I 292 19.88 26.84 1.96
C VAL I 292 21.08 27.73 2.25
N TYR I 293 22.04 27.19 2.98
CA TYR I 293 23.24 27.94 3.34
C TYR I 293 24.50 27.29 2.77
N ARG I 294 24.94 27.83 1.64
CA ARG I 294 26.11 27.35 0.92
C ARG I 294 27.36 27.15 1.75
N TYR I 295 27.68 28.12 2.59
CA TYR I 295 28.91 28.04 3.38
C TYR I 295 28.84 27.41 4.77
N PHE I 296 27.73 26.75 5.09
CA PHE I 296 27.64 26.14 6.40
C PHE I 296 27.46 24.64 6.36
N GLY I 297 27.76 24.00 7.48
CA GLY I 297 27.62 22.56 7.58
C GLY I 297 26.68 22.23 8.72
N HIS I 298 27.00 21.18 9.46
CA HIS I 298 26.21 20.73 10.61
C HIS I 298 26.57 21.62 11.79
N GLU I 299 26.04 22.83 11.82
CA GLU I 299 26.39 23.76 12.88
C GLU I 299 25.35 24.85 13.03
N PHE I 300 25.56 25.72 14.00
CA PHE I 300 24.67 26.83 14.25
C PHE I 300 24.86 27.78 13.07
N ILE I 301 23.76 28.19 12.44
CA ILE I 301 23.81 29.10 11.31
C ILE I 301 23.14 30.40 11.72
N PRO I 302 23.94 31.44 12.05
CA PRO I 302 23.40 32.73 12.46
C PRO I 302 22.22 33.20 11.62
N ALA I 303 22.41 33.24 10.31
CA ALA I 303 21.34 33.68 9.42
C ALA I 303 20.02 32.97 9.67
N PHE I 304 20.09 31.67 9.92
CA PHE I 304 18.87 30.88 10.13
C PHE I 304 18.18 31.17 11.47
N GLN I 305 18.95 31.63 12.46
CA GLN I 305 18.39 31.93 13.77
C GLN I 305 17.38 33.05 13.58
N THR I 306 17.75 34.02 12.74
CA THR I 306 16.89 35.15 12.44
C THR I 306 15.63 34.62 11.78
N GLU I 307 15.81 33.73 10.81
CA GLU I 307 14.70 33.13 10.09
C GLU I 307 13.79 32.41 11.07
N LYS I 308 14.40 31.63 11.94
CA LYS I 308 13.70 30.85 12.95
C LYS I 308 12.89 31.71 13.92
N LEU I 309 13.53 32.73 14.49
CA LEU I 309 12.85 33.62 15.42
C LEU I 309 11.72 34.35 14.73
N SER I 310 11.98 34.79 13.50
CA SER I 310 10.98 35.50 12.74
C SER I 310 9.77 34.59 12.48
N PHE I 311 10.04 33.38 12.02
CA PHE I 311 9.01 32.42 11.71
C PHE I 311 8.17 32.06 12.94
N LEU I 312 8.84 31.77 14.06
CA LEU I 312 8.13 31.44 15.29
C LEU I 312 7.34 32.65 15.80
N GLN I 313 7.90 33.84 15.65
CA GLN I 313 7.23 35.04 16.10
C GLN I 313 5.96 35.23 15.29
N LYS I 314 6.08 35.06 13.97
CA LYS I 314 4.95 35.20 13.07
C LYS I 314 3.81 34.23 13.35
N HIS I 315 4.15 32.96 13.58
CA HIS I 315 3.13 31.94 13.83
C HIS I 315 2.72 31.71 15.28
N LEU I 316 3.52 32.17 16.24
CA LEU I 316 3.18 31.92 17.64
C LEU I 316 3.00 33.14 18.53
N LEU I 317 3.89 34.12 18.39
CA LEU I 317 3.81 35.32 19.20
C LEU I 317 2.66 36.25 18.84
N MET J 1 52.66 7.08 17.09
CA MET J 1 52.55 6.09 18.19
C MET J 1 53.91 5.86 18.85
N GLN J 2 54.14 6.59 19.94
CA GLN J 2 55.40 6.52 20.65
C GLN J 2 55.14 6.51 22.16
N LEU J 3 56.21 6.31 22.91
CA LEU J 3 56.18 6.29 24.37
C LEU J 3 55.49 7.56 24.87
N PHE J 4 54.72 7.43 25.96
CA PHE J 4 54.00 8.57 26.51
C PHE J 4 53.63 8.46 28.00
N ASP J 5 53.40 7.23 28.46
CA ASP J 5 53.01 7.00 29.85
C ASP J 5 54.22 7.09 30.78
N LEU J 6 54.08 6.52 31.98
CA LEU J 6 55.17 6.51 32.96
C LEU J 6 56.32 5.68 32.40
N SER J 7 57.53 5.93 32.90
CA SER J 7 58.68 5.17 32.45
C SER J 7 58.48 3.71 32.89
N LEU J 8 59.09 2.79 32.16
CA LEU J 8 58.96 1.38 32.50
C LEU J 8 59.35 1.16 33.95
N GLU J 9 60.38 1.89 34.40
CA GLU J 9 60.83 1.76 35.78
C GLU J 9 59.74 2.16 36.77
N GLU J 10 58.96 3.18 36.42
CA GLU J 10 57.88 3.63 37.30
C GLU J 10 56.64 2.74 37.18
N LEU J 11 56.39 2.21 35.99
CA LEU J 11 55.24 1.35 35.77
C LEU J 11 55.30 0.13 36.67
N LYS J 12 56.49 -0.43 36.82
CA LYS J 12 56.69 -1.62 37.63
C LYS J 12 56.34 -1.37 39.08
N LYS J 13 56.50 -0.13 39.55
CA LYS J 13 56.19 0.19 40.93
C LYS J 13 54.81 0.83 41.08
N TYR J 14 54.14 1.09 39.97
CA TYR J 14 52.83 1.73 40.05
C TYR J 14 51.74 0.82 40.59
N LYS J 15 51.29 1.14 41.80
CA LYS J 15 50.24 0.36 42.45
C LYS J 15 49.36 1.33 43.23
N PRO J 16 48.45 2.03 42.53
CA PRO J 16 47.56 3.00 43.16
C PRO J 16 46.74 2.41 44.30
N LYS J 17 46.50 3.22 45.33
CA LYS J 17 45.70 2.80 46.47
C LYS J 17 44.33 2.35 45.96
N LYS J 18 43.84 1.24 46.48
CA LYS J 18 42.53 0.73 46.07
C LYS J 18 41.46 1.79 46.32
N THR J 19 40.43 1.77 45.49
CA THR J 19 39.34 2.74 45.60
C THR J 19 38.07 2.05 46.08
N ALA J 20 38.21 0.78 46.47
CA ALA J 20 37.07 -0.02 46.93
C ALA J 20 36.38 0.53 48.17
N ARG J 21 35.07 0.72 48.05
CA ARG J 21 34.25 1.20 49.16
C ARG J 21 34.12 0.08 50.19
N PRO J 22 33.69 0.42 51.42
CA PRO J 22 33.52 -0.55 52.49
C PRO J 22 32.62 -1.72 52.14
N ASP J 23 31.64 -1.47 51.27
CA ASP J 23 30.69 -2.51 50.89
C ASP J 23 31.04 -3.19 49.56
N PHE J 24 32.27 -3.00 49.10
CA PHE J 24 32.72 -3.59 47.85
C PHE J 24 32.40 -5.07 47.80
N SER J 25 33.06 -5.82 48.68
CA SER J 25 32.88 -7.25 48.77
C SER J 25 31.40 -7.58 48.91
N ASP J 26 30.69 -6.77 49.67
CA ASP J 26 29.27 -6.98 49.91
C ASP J 26 28.43 -6.87 48.65
N PHE J 27 28.66 -5.81 47.87
CA PHE J 27 27.94 -5.58 46.64
C PHE J 27 28.05 -6.78 45.71
N TRP J 28 29.25 -7.36 45.64
CA TRP J 28 29.45 -8.49 44.76
C TRP J 28 28.80 -9.76 45.26
N LYS J 29 28.75 -9.92 46.58
CA LYS J 29 28.13 -11.08 47.18
C LYS J 29 26.65 -11.06 46.80
N LYS J 30 26.00 -9.91 47.01
CA LYS J 30 24.59 -9.77 46.68
C LYS J 30 24.33 -9.88 45.18
N SER J 31 25.26 -9.36 44.38
CA SER J 31 25.11 -9.41 42.93
C SER J 31 25.19 -10.85 42.44
N LEU J 32 26.05 -11.64 43.08
CA LEU J 32 26.18 -13.04 42.71
C LEU J 32 24.93 -13.78 43.15
N GLU J 33 24.37 -13.36 44.26
CA GLU J 33 23.16 -13.98 44.78
C GLU J 33 21.99 -13.74 43.83
N GLU J 34 21.87 -12.53 43.29
CA GLU J 34 20.79 -12.25 42.37
C GLU J 34 21.01 -13.02 41.07
N LEU J 35 22.27 -13.31 40.76
CA LEU J 35 22.58 -14.08 39.57
C LEU J 35 22.10 -15.51 39.77
N ARG J 36 22.43 -16.04 40.94
CA ARG J 36 22.06 -17.39 41.33
C ARG J 36 20.55 -17.61 41.25
N GLN J 37 19.78 -16.56 41.52
CA GLN J 37 18.34 -16.64 41.51
C GLN J 37 17.76 -16.77 40.10
N VAL J 38 18.64 -16.82 39.11
CA VAL J 38 18.23 -16.97 37.72
C VAL J 38 18.73 -18.27 37.14
N GLU J 39 17.81 -19.18 36.85
CA GLU J 39 18.18 -20.47 36.27
C GLU J 39 18.85 -20.28 34.92
N ALA J 40 20.01 -20.92 34.76
CA ALA J 40 20.78 -20.85 33.53
C ALA J 40 19.95 -21.21 32.30
N GLU J 41 19.26 -22.34 32.37
CA GLU J 41 18.43 -22.81 31.26
C GLU J 41 19.21 -22.72 29.95
N PRO J 42 20.47 -23.17 29.94
CA PRO J 42 21.28 -23.11 28.72
C PRO J 42 20.69 -23.92 27.57
N THR J 43 21.03 -23.51 26.35
CA THR J 43 20.56 -24.20 25.15
C THR J 43 21.72 -24.25 24.14
N LEU J 44 21.84 -25.39 23.46
CA LEU J 44 22.87 -25.59 22.45
C LEU J 44 22.18 -25.89 21.14
N GLU J 45 22.66 -25.26 20.08
CA GLU J 45 22.11 -25.44 18.75
C GLU J 45 23.29 -25.61 17.80
N SER J 46 23.34 -26.75 17.11
CA SER J 46 24.44 -27.00 16.18
C SER J 46 24.45 -25.90 15.13
N TYR J 47 25.66 -25.45 14.76
CA TYR J 47 25.82 -24.38 13.80
C TYR J 47 26.81 -24.82 12.72
N ASP J 48 26.38 -24.86 11.47
CA ASP J 48 27.28 -25.28 10.39
C ASP J 48 28.43 -24.31 10.22
N TYR J 49 29.62 -24.87 10.02
CA TYR J 49 30.83 -24.09 9.82
C TYR J 49 31.82 -24.91 9.03
N PRO J 50 32.42 -24.32 7.99
CA PRO J 50 33.40 -25.01 7.13
C PRO J 50 34.71 -25.39 7.81
N VAL J 51 34.62 -26.28 8.79
CA VAL J 51 35.80 -26.75 9.50
C VAL J 51 35.64 -28.23 9.78
N LYS J 52 36.75 -28.93 9.76
CA LYS J 52 36.75 -30.36 9.99
C LYS J 52 37.41 -30.61 11.34
N GLY J 53 36.84 -31.53 12.12
CA GLY J 53 37.42 -31.84 13.43
C GLY J 53 36.90 -30.96 14.55
N VAL J 54 35.87 -30.18 14.28
CA VAL J 54 35.29 -29.33 15.31
C VAL J 54 33.78 -29.22 15.14
N LYS J 55 33.07 -29.27 16.25
CA LYS J 55 31.62 -29.15 16.23
C LYS J 55 31.35 -27.73 16.73
N VAL J 56 30.57 -26.96 16.00
CA VAL J 56 30.28 -25.60 16.43
C VAL J 56 28.82 -25.48 16.83
N TYR J 57 28.58 -24.78 17.93
CA TYR J 57 27.22 -24.59 18.41
C TYR J 57 26.99 -23.14 18.78
N ARG J 58 25.72 -22.78 18.83
CA ARG J 58 25.35 -21.45 19.25
C ARG J 58 24.86 -21.81 20.66
N LEU J 59 25.39 -21.11 21.67
CA LEU J 59 25.00 -21.36 23.04
C LEU J 59 24.33 -20.12 23.65
N THR J 60 23.26 -20.34 24.42
CA THR J 60 22.57 -19.25 25.09
C THR J 60 22.27 -19.71 26.49
N TYR J 61 22.05 -18.76 27.38
CA TYR J 61 21.73 -19.06 28.77
C TYR J 61 21.18 -17.82 29.45
N GLN J 62 20.39 -18.01 30.49
CA GLN J 62 19.82 -16.89 31.22
C GLN J 62 20.79 -16.42 32.27
N SER J 63 20.90 -15.10 32.43
CA SER J 63 21.82 -14.53 33.39
C SER J 63 21.14 -13.38 34.14
N PHE J 64 21.92 -12.63 34.90
CA PHE J 64 21.42 -11.49 35.66
C PHE J 64 20.34 -10.72 34.91
N GLY J 65 19.28 -10.35 35.63
CA GLY J 65 18.19 -9.61 35.02
C GLY J 65 17.43 -10.42 33.98
N HIS J 66 17.58 -11.75 34.01
CA HIS J 66 16.89 -12.60 33.06
C HIS J 66 17.26 -12.26 31.63
N SER J 67 18.52 -11.93 31.43
CA SER J 67 19.00 -11.57 30.10
C SER J 67 19.48 -12.83 29.38
N LYS J 68 19.12 -12.96 28.12
CA LYS J 68 19.53 -14.09 27.30
C LYS J 68 20.92 -13.77 26.72
N ILE J 69 21.95 -14.40 27.27
CA ILE J 69 23.34 -14.21 26.84
C ILE J 69 23.68 -15.25 25.77
N GLU J 70 24.46 -14.84 24.77
CA GLU J 70 24.83 -15.74 23.67
C GLU J 70 26.31 -15.79 23.37
N GLY J 71 26.64 -16.62 22.39
CA GLY J 71 28.00 -16.78 21.95
C GLY J 71 28.16 -18.09 21.21
N PHE J 72 29.19 -18.21 20.38
CA PHE J 72 29.44 -19.44 19.66
C PHE J 72 30.26 -20.35 20.57
N TYR J 73 29.94 -21.65 20.51
CA TYR J 73 30.63 -22.65 21.32
C TYR J 73 31.19 -23.70 20.38
N ALA J 74 32.52 -23.77 20.31
CA ALA J 74 33.18 -24.73 19.43
C ALA J 74 33.87 -25.80 20.24
N VAL J 75 33.63 -27.06 19.88
CA VAL J 75 34.21 -28.17 20.61
C VAL J 75 35.03 -29.10 19.74
N PRO J 76 36.20 -29.53 20.25
CA PRO J 76 37.06 -30.45 19.49
C PRO J 76 36.19 -31.64 19.18
N ASP J 77 36.20 -32.08 17.92
CA ASP J 77 35.37 -33.20 17.49
C ASP J 77 36.03 -34.55 17.76
N GLN J 78 36.13 -34.88 19.05
CA GLN J 78 36.74 -36.12 19.50
C GLN J 78 36.22 -36.34 20.92
N THR J 79 36.37 -37.55 21.44
CA THR J 79 35.91 -37.86 22.79
C THR J 79 36.61 -36.99 23.84
N GLY J 80 35.81 -36.46 24.77
CA GLY J 80 36.38 -35.62 25.82
C GLY J 80 36.77 -36.42 27.05
N PRO J 81 36.80 -35.79 28.24
CA PRO J 81 36.48 -34.38 28.48
C PRO J 81 37.57 -33.50 27.86
N HIS J 82 37.20 -32.26 27.51
CA HIS J 82 38.16 -31.35 26.90
C HIS J 82 38.48 -30.20 27.80
N PRO J 83 39.67 -29.62 27.67
CA PRO J 83 39.98 -28.46 28.52
C PRO J 83 39.08 -27.38 27.90
N ALA J 84 38.70 -26.36 28.67
CA ALA J 84 37.82 -25.36 28.09
C ALA J 84 38.30 -23.94 28.22
N LEU J 85 37.78 -23.09 27.35
CA LEU J 85 38.12 -21.67 27.37
C LEU J 85 36.88 -20.83 27.17
N VAL J 86 36.76 -19.78 27.98
CA VAL J 86 35.67 -18.84 27.81
C VAL J 86 36.41 -17.58 27.37
N ARG J 87 36.21 -17.19 26.11
CA ARG J 87 36.87 -16.02 25.56
C ARG J 87 35.95 -14.80 25.57
N PHE J 88 36.47 -13.67 26.05
CA PHE J 88 35.69 -12.44 26.09
C PHE J 88 36.27 -11.45 25.08
N HIS J 89 35.40 -10.89 24.24
CA HIS J 89 35.82 -9.96 23.21
C HIS J 89 36.00 -8.55 23.70
N GLY J 90 36.67 -7.74 22.86
CA GLY J 90 36.93 -6.36 23.21
C GLY J 90 35.75 -5.42 23.03
N TYR J 91 35.88 -4.24 23.62
CA TYR J 91 34.85 -3.22 23.56
C TYR J 91 34.42 -2.91 22.13
N ASN J 92 33.17 -3.22 21.82
CA ASN J 92 32.60 -2.94 20.51
C ASN J 92 33.45 -3.56 19.40
N ALA J 93 34.32 -4.49 19.77
CA ALA J 93 35.21 -5.12 18.81
C ALA J 93 34.83 -6.53 18.37
N SER J 94 33.53 -6.85 18.42
CA SER J 94 33.10 -8.17 18.01
C SER J 94 32.40 -8.18 16.65
N TYR J 95 32.95 -8.98 15.73
CA TYR J 95 32.40 -9.11 14.39
C TYR J 95 31.94 -10.55 14.17
N ASP J 96 30.66 -10.73 13.85
CA ASP J 96 30.11 -12.07 13.62
C ASP J 96 30.40 -13.04 14.78
N GLY J 97 30.31 -12.54 16.01
CA GLY J 97 30.55 -13.36 17.17
C GLY J 97 31.95 -13.90 17.31
N GLY J 98 32.90 -13.37 16.54
CA GLY J 98 34.27 -13.83 16.60
C GLY J 98 34.33 -15.34 16.40
N ILE J 99 33.39 -15.84 15.61
CA ILE J 99 33.29 -17.27 15.35
C ILE J 99 34.58 -17.91 14.82
N HIS J 100 35.27 -17.25 13.90
CA HIS J 100 36.49 -17.80 13.32
C HIS J 100 37.59 -18.05 14.37
N ASP J 101 37.71 -17.16 15.34
CA ASP J 101 38.71 -17.31 16.38
C ASP J 101 38.27 -18.40 17.36
N ILE J 102 36.97 -18.46 17.64
CA ILE J 102 36.44 -19.47 18.54
C ILE J 102 36.79 -20.85 17.97
N VAL J 103 36.48 -21.06 16.70
CA VAL J 103 36.76 -22.32 16.02
C VAL J 103 38.25 -22.65 16.09
N ASN J 104 39.10 -21.66 15.80
CA ASN J 104 40.54 -21.89 15.86
C ASN J 104 40.93 -22.38 17.25
N TRP J 105 40.38 -21.77 18.28
CA TRP J 105 40.69 -22.21 19.64
C TRP J 105 40.31 -23.67 19.84
N ALA J 106 39.21 -24.10 19.23
CA ALA J 106 38.79 -25.48 19.36
C ALA J 106 39.81 -26.37 18.65
N LEU J 107 40.29 -25.91 17.49
CA LEU J 107 41.29 -26.66 16.73
C LEU J 107 42.57 -26.82 17.54
N HIS J 108 42.79 -25.91 18.48
CA HIS J 108 43.95 -25.98 19.33
C HIS J 108 43.67 -26.94 20.50
N GLY J 109 42.48 -27.53 20.49
CA GLY J 109 42.09 -28.48 21.51
C GLY J 109 41.26 -27.97 22.67
N TYR J 110 40.66 -26.78 22.55
CA TYR J 110 39.87 -26.22 23.65
C TYR J 110 38.40 -26.05 23.35
N ALA J 111 37.53 -26.57 24.22
CA ALA J 111 36.10 -26.40 24.03
C ALA J 111 36.03 -24.91 24.37
N THR J 112 35.66 -24.09 23.39
CA THR J 112 35.64 -22.65 23.58
C THR J 112 34.31 -21.95 23.40
N PHE J 113 34.00 -21.09 24.36
CA PHE J 113 32.77 -20.31 24.32
C PHE J 113 33.13 -18.83 24.22
N GLY J 114 32.60 -18.19 23.19
CA GLY J 114 32.86 -16.77 23.03
C GLY J 114 31.64 -16.00 23.49
N MET J 115 31.61 -15.68 24.77
CA MET J 115 30.47 -14.95 25.31
C MET J 115 30.40 -13.57 24.69
N LEU J 116 29.26 -13.24 24.10
CA LEU J 116 29.09 -11.92 23.49
C LEU J 116 28.62 -10.96 24.59
N VAL J 117 29.35 -9.86 24.75
CA VAL J 117 29.03 -8.85 25.76
C VAL J 117 27.76 -8.07 25.43
N ARG J 118 26.84 -8.05 26.38
CA ARG J 118 25.53 -7.37 26.26
C ARG J 118 25.45 -6.20 25.30
N GLY J 119 24.53 -6.28 24.35
CA GLY J 119 24.35 -5.19 23.41
C GLY J 119 25.50 -4.87 22.47
N GLN J 120 26.64 -5.54 22.65
CA GLN J 120 27.79 -5.31 21.78
C GLN J 120 27.86 -6.36 20.67
N GLY J 121 28.61 -7.43 20.90
CA GLY J 121 28.74 -8.47 19.90
C GLY J 121 27.48 -9.30 19.78
N GLY J 122 26.65 -9.22 20.81
CA GLY J 122 25.41 -9.97 20.82
C GLY J 122 24.88 -9.98 22.23
N SER J 123 23.98 -10.93 22.52
CA SER J 123 23.39 -11.06 23.85
C SER J 123 22.44 -9.93 24.17
N GLU J 124 21.46 -10.25 24.97
CA GLU J 124 20.43 -9.31 25.38
C GLU J 124 20.83 -8.57 26.65
N ASP J 125 20.38 -7.34 26.79
CA ASP J 125 20.66 -6.57 28.00
C ASP J 125 19.32 -6.02 28.46
N THR J 126 18.72 -6.67 29.46
CA THR J 126 17.43 -6.25 29.98
C THR J 126 17.53 -5.08 30.94
N SER J 127 18.74 -4.77 31.39
CA SER J 127 18.91 -3.66 32.32
C SER J 127 18.47 -2.35 31.67
N VAL J 128 17.70 -1.58 32.42
CA VAL J 128 17.19 -0.30 31.97
C VAL J 128 18.28 0.77 31.96
N THR J 129 18.00 1.85 31.24
CA THR J 129 18.92 2.98 31.18
C THR J 129 18.30 3.99 32.12
N PRO J 130 18.85 4.10 33.34
CA PRO J 130 18.37 5.02 34.37
C PRO J 130 18.15 6.45 33.86
N GLY J 131 19.12 6.96 33.12
CA GLY J 131 19.02 8.31 32.62
C GLY J 131 20.04 8.57 31.53
N GLY J 132 20.38 9.84 31.34
CA GLY J 132 21.33 10.19 30.31
C GLY J 132 22.75 9.73 30.57
N HIS J 133 23.47 9.44 29.50
CA HIS J 133 24.86 9.03 29.59
C HIS J 133 25.54 9.37 28.27
N ALA J 134 26.87 9.28 28.25
CA ALA J 134 27.63 9.58 27.04
C ALA J 134 27.50 8.46 26.01
N LEU J 135 27.62 8.82 24.74
CA LEU J 135 27.54 7.85 23.65
C LEU J 135 28.45 6.66 23.98
N GLY J 136 27.87 5.48 24.10
CA GLY J 136 28.65 4.29 24.43
C GLY J 136 28.06 3.53 25.60
N TRP J 137 28.75 2.48 26.04
CA TRP J 137 28.27 1.68 27.16
C TRP J 137 28.95 2.04 28.48
N MET J 138 30.15 2.60 28.36
CA MET J 138 30.95 2.96 29.52
C MET J 138 30.24 3.72 30.64
N THR J 139 29.26 4.54 30.30
CA THR J 139 28.58 5.32 31.31
C THR J 139 27.11 4.99 31.53
N LYS J 140 26.61 3.96 30.85
CA LYS J 140 25.22 3.57 31.01
C LYS J 140 24.95 3.16 32.46
N GLY J 141 24.04 3.87 33.10
CA GLY J 141 23.69 3.58 34.48
C GLY J 141 24.85 3.80 35.45
N ILE J 142 25.77 4.66 35.06
CA ILE J 142 26.93 4.92 35.91
C ILE J 142 26.63 5.63 37.24
N LEU J 143 25.40 6.06 37.46
CA LEU J 143 25.10 6.75 38.71
C LEU J 143 24.76 5.82 39.88
N SER J 144 24.96 4.53 39.67
CA SER J 144 24.69 3.53 40.68
C SER J 144 25.30 2.19 40.32
N LYS J 145 25.99 1.60 41.28
CA LYS J 145 26.63 0.29 41.08
C LYS J 145 25.61 -0.78 40.70
N ASP J 146 24.38 -0.61 41.15
CA ASP J 146 23.36 -1.59 40.85
C ASP J 146 22.89 -1.53 39.42
N THR J 147 22.95 -0.34 38.83
CA THR J 147 22.48 -0.15 37.47
C THR J 147 23.57 -0.13 36.42
N TYR J 148 24.81 0.00 36.85
CA TYR J 148 25.94 0.06 35.93
C TYR J 148 26.01 -1.09 34.93
N TYR J 149 26.22 -0.73 33.67
CA TYR J 149 26.32 -1.66 32.57
C TYR J 149 27.15 -2.93 32.84
N TYR J 150 28.34 -2.74 33.40
CA TYR J 150 29.22 -3.88 33.64
C TYR J 150 28.82 -4.84 34.75
N ARG J 151 27.85 -4.46 35.57
CA ARG J 151 27.41 -5.35 36.63
C ARG J 151 26.83 -6.59 35.97
N GLY J 152 25.95 -6.36 35.00
CA GLY J 152 25.34 -7.45 34.27
C GLY J 152 26.36 -8.23 33.47
N VAL J 153 27.28 -7.52 32.82
CA VAL J 153 28.32 -8.17 32.03
C VAL J 153 29.23 -9.06 32.89
N TYR J 154 29.71 -8.54 34.02
CA TYR J 154 30.56 -9.31 34.90
C TYR J 154 29.84 -10.56 35.36
N LEU J 155 28.54 -10.41 35.63
CA LEU J 155 27.76 -11.56 36.09
C LEU J 155 27.55 -12.54 34.94
N ASP J 156 27.44 -12.03 33.71
CA ASP J 156 27.26 -12.91 32.56
C ASP J 156 28.53 -13.75 32.42
N ALA J 157 29.66 -13.13 32.77
CA ALA J 157 30.95 -13.79 32.70
C ALA J 157 30.99 -14.96 33.65
N VAL J 158 30.61 -14.71 34.90
CA VAL J 158 30.59 -15.76 35.91
C VAL J 158 29.65 -16.87 35.47
N ARG J 159 28.46 -16.50 35.03
CA ARG J 159 27.46 -17.47 34.58
C ARG J 159 27.96 -18.30 33.41
N ALA J 160 28.72 -17.67 32.53
CA ALA J 160 29.27 -18.38 31.37
C ALA J 160 30.11 -19.55 31.88
N LEU J 161 30.90 -19.30 32.91
CA LEU J 161 31.75 -20.33 33.51
C LEU J 161 30.94 -21.44 34.15
N GLU J 162 29.85 -21.05 34.80
CA GLU J 162 29.00 -22.04 35.47
C GLU J 162 28.31 -22.93 34.45
N VAL J 163 27.97 -22.35 33.30
CA VAL J 163 27.32 -23.11 32.24
C VAL J 163 28.31 -24.05 31.55
N ILE J 164 29.47 -23.53 31.20
CA ILE J 164 30.50 -24.31 30.52
C ILE J 164 30.94 -25.51 31.37
N GLN J 165 31.28 -25.23 32.62
CA GLN J 165 31.74 -26.27 33.54
C GLN J 165 30.71 -27.37 33.73
N SER J 166 29.43 -27.02 33.58
CA SER J 166 28.37 -27.99 33.75
C SER J 166 28.28 -28.93 32.56
N PHE J 167 28.96 -28.61 31.47
CA PHE J 167 28.93 -29.47 30.29
C PHE J 167 29.71 -30.77 30.53
N PRO J 168 29.12 -31.90 30.16
CA PRO J 168 29.79 -33.20 30.35
C PRO J 168 31.11 -33.32 29.59
N GLU J 169 31.14 -32.84 28.34
CA GLU J 169 32.34 -32.92 27.52
C GLU J 169 33.41 -31.94 27.96
N VAL J 170 33.16 -31.21 29.03
CA VAL J 170 34.14 -30.26 29.52
C VAL J 170 34.76 -30.70 30.85
N ASP J 171 36.08 -30.63 30.91
CA ASP J 171 36.81 -30.99 32.12
C ASP J 171 36.81 -29.75 33.00
N GLU J 172 35.87 -29.69 33.94
CA GLU J 172 35.73 -28.56 34.85
C GLU J 172 37.03 -28.10 35.51
N HIS J 173 38.02 -28.98 35.60
CA HIS J 173 39.28 -28.63 36.25
C HIS J 173 40.29 -27.97 35.32
N ARG J 174 39.95 -27.87 34.05
CA ARG J 174 40.84 -27.27 33.08
C ARG J 174 40.12 -26.23 32.23
N ILE J 175 39.53 -25.25 32.91
CA ILE J 175 38.80 -24.18 32.25
C ILE J 175 39.59 -22.89 32.37
N GLY J 176 39.81 -22.23 31.25
CA GLY J 176 40.54 -20.98 31.27
C GLY J 176 39.70 -19.82 30.80
N VAL J 177 40.04 -18.63 31.27
CA VAL J 177 39.34 -17.41 30.86
C VAL J 177 40.36 -16.49 30.20
N ILE J 178 40.07 -16.10 28.96
CA ILE J 178 40.97 -15.24 28.22
C ILE J 178 40.23 -14.13 27.51
N GLY J 179 40.98 -13.09 27.12
CA GLY J 179 40.38 -11.97 26.42
C GLY J 179 41.33 -10.80 26.32
N GLY J 180 41.04 -9.86 25.44
CA GLY J 180 41.88 -8.69 25.29
C GLY J 180 41.12 -7.42 25.67
N SER J 181 41.81 -6.50 26.35
CA SER J 181 41.22 -5.24 26.81
C SER J 181 39.94 -5.52 27.59
N GLN J 182 38.79 -5.08 27.08
CA GLN J 182 37.54 -5.35 27.78
C GLN J 182 37.49 -6.84 28.11
N GLY J 183 37.81 -7.67 27.13
CA GLY J 183 37.82 -9.10 27.33
C GLY J 183 38.80 -9.55 28.40
N GLY J 184 39.91 -8.82 28.51
CA GLY J 184 40.92 -9.14 29.50
C GLY J 184 40.41 -8.80 30.88
N ALA J 185 39.65 -7.70 30.96
CA ALA J 185 39.07 -7.26 32.23
C ALA J 185 38.01 -8.27 32.66
N LEU J 186 37.21 -8.75 31.70
CA LEU J 186 36.17 -9.71 32.01
C LEU J 186 36.77 -10.99 32.54
N ALA J 187 37.86 -11.42 31.92
CA ALA J 187 38.55 -12.64 32.35
C ALA J 187 39.02 -12.48 33.80
N ILE J 188 39.66 -11.36 34.09
CA ILE J 188 40.14 -11.10 35.44
C ILE J 188 38.98 -10.98 36.42
N ALA J 189 37.95 -10.22 36.04
CA ALA J 189 36.80 -10.04 36.91
C ALA J 189 36.15 -11.39 37.22
N ALA J 190 36.03 -12.22 36.19
CA ALA J 190 35.42 -13.53 36.35
C ALA J 190 36.24 -14.41 37.28
N ALA J 191 37.56 -14.41 37.09
CA ALA J 191 38.43 -15.24 37.94
C ALA J 191 38.38 -14.76 39.39
N ALA J 192 38.12 -13.47 39.57
CA ALA J 192 38.08 -12.89 40.90
C ALA J 192 36.74 -13.20 41.56
N LEU J 193 35.70 -13.33 40.75
CA LEU J 193 34.37 -13.61 41.29
C LEU J 193 34.03 -15.09 41.33
N SER J 194 34.81 -15.89 40.60
CA SER J 194 34.57 -17.33 40.53
C SER J 194 35.88 -18.10 40.62
N ASP J 195 35.83 -19.25 41.28
CA ASP J 195 37.02 -20.07 41.39
C ASP J 195 36.94 -21.22 40.39
N ILE J 196 36.02 -21.10 39.45
CA ILE J 196 35.87 -22.11 38.41
C ILE J 196 37.09 -22.07 37.46
N PRO J 197 37.52 -20.88 37.03
CA PRO J 197 38.68 -20.79 36.12
C PRO J 197 39.94 -21.31 36.77
N LYS J 198 40.77 -22.00 36.00
CA LYS J 198 42.04 -22.50 36.51
C LYS J 198 43.11 -21.46 36.23
N VAL J 199 43.11 -20.92 35.01
CA VAL J 199 44.08 -19.90 34.61
C VAL J 199 43.42 -18.70 33.95
N VAL J 200 44.16 -17.60 33.89
CA VAL J 200 43.67 -16.35 33.32
C VAL J 200 44.67 -15.74 32.37
N VAL J 201 44.20 -15.35 31.19
CA VAL J 201 45.04 -14.66 30.22
C VAL J 201 44.34 -13.36 29.83
N ALA J 202 44.95 -12.24 30.21
CA ALA J 202 44.37 -10.94 29.91
C ALA J 202 45.34 -10.07 29.11
N ASP J 203 44.92 -9.72 27.90
CA ASP J 203 45.72 -8.86 27.02
C ASP J 203 45.36 -7.44 27.40
N TYR J 204 46.35 -6.65 27.80
CA TYR J 204 46.13 -5.25 28.19
C TYR J 204 44.69 -5.01 28.67
N PRO J 205 44.37 -5.57 29.85
CA PRO J 205 43.03 -5.45 30.45
C PRO J 205 42.53 -4.01 30.58
N TYR J 206 41.24 -3.86 30.29
CA TYR J 206 40.55 -2.58 30.33
C TYR J 206 39.88 -2.44 31.70
N LEU J 207 39.04 -1.43 31.86
CA LEU J 207 38.30 -1.20 33.11
C LEU J 207 39.21 -1.24 34.32
N SER J 208 40.36 -0.58 34.21
CA SER J 208 41.32 -0.57 35.30
C SER J 208 41.83 0.81 35.69
N ASN J 209 41.86 1.08 36.99
CA ASN J 209 42.36 2.35 37.52
C ASN J 209 41.67 3.55 36.82
N PHE J 210 40.35 3.51 36.78
CA PHE J 210 39.52 4.55 36.15
C PHE J 210 39.95 5.99 36.40
N GLU J 211 40.18 6.34 37.66
CA GLU J 211 40.53 7.70 38.00
C GLU J 211 41.79 8.20 37.31
N ARG J 212 42.71 7.31 36.98
CA ARG J 212 43.90 7.72 36.26
C ARG J 212 43.66 7.62 34.76
N ALA J 213 42.99 6.54 34.36
CA ALA J 213 42.67 6.31 32.97
C ALA J 213 42.09 7.53 32.27
N VAL J 214 41.10 8.17 32.87
CA VAL J 214 40.47 9.34 32.27
C VAL J 214 41.40 10.53 32.11
N ASP J 215 42.53 10.50 32.82
CA ASP J 215 43.51 11.58 32.74
C ASP J 215 44.71 11.23 31.84
N VAL J 216 44.86 9.95 31.51
CA VAL J 216 45.98 9.50 30.70
C VAL J 216 45.61 8.97 29.33
N ALA J 217 44.48 8.27 29.25
CA ALA J 217 44.03 7.73 27.97
C ALA J 217 43.97 8.85 26.92
N LEU J 218 44.29 8.51 25.68
CA LEU J 218 44.25 9.49 24.61
C LEU J 218 43.27 9.09 23.52
N GLU J 219 42.64 7.94 23.70
CA GLU J 219 41.67 7.45 22.75
C GLU J 219 40.48 6.81 23.45
N GLN J 220 39.42 6.53 22.71
CA GLN J 220 38.25 5.86 23.29
C GLN J 220 38.70 4.47 23.74
N PRO J 221 37.91 3.80 24.59
CA PRO J 221 36.64 4.29 25.13
C PRO J 221 36.64 4.81 26.57
N TYR J 222 37.82 4.94 27.19
CA TYR J 222 37.87 5.47 28.56
C TYR J 222 37.32 6.88 28.57
N LEU J 223 37.68 7.64 27.54
CA LEU J 223 37.24 9.02 27.39
C LEU J 223 35.73 9.20 27.34
N GLU J 224 34.98 8.09 27.29
CA GLU J 224 33.52 8.15 27.30
C GLU J 224 33.10 8.74 28.64
N ILE J 225 33.87 8.42 29.67
CA ILE J 225 33.60 8.93 31.01
C ILE J 225 33.77 10.45 30.99
N ASN J 226 34.83 10.91 30.32
CA ASN J 226 35.11 12.35 30.21
C ASN J 226 33.94 13.01 29.49
N SER J 227 33.49 12.40 28.40
CA SER J 227 32.37 12.93 27.62
C SER J 227 31.14 13.04 28.49
N TYR J 228 31.00 12.07 29.40
CA TYR J 228 29.89 12.02 30.34
C TYR J 228 29.92 13.23 31.28
N PHE J 229 31.07 13.48 31.90
CA PHE J 229 31.17 14.62 32.80
C PHE J 229 31.00 15.95 32.07
N ARG J 230 31.37 16.00 30.80
CA ARG J 230 31.21 17.24 30.04
C ARG J 230 29.71 17.54 29.96
N ARG J 231 28.92 16.50 29.75
CA ARG J 231 27.47 16.61 29.62
C ARG J 231 26.71 16.69 30.94
N ASN J 232 27.39 16.42 32.05
CA ASN J 232 26.77 16.48 33.38
C ASN J 232 27.80 17.13 34.31
N SER J 233 27.83 18.46 34.29
CA SER J 233 28.77 19.22 35.09
C SER J 233 28.60 19.12 36.59
N ASP J 234 27.44 18.64 37.05
CA ASP J 234 27.21 18.53 38.47
C ASP J 234 28.37 17.78 39.15
N PRO J 235 29.13 18.46 40.02
CA PRO J 235 30.27 17.86 40.72
C PRO J 235 29.90 16.54 41.42
N LYS J 236 28.73 16.51 42.05
CA LYS J 236 28.30 15.30 42.72
C LYS J 236 28.14 14.14 41.73
N VAL J 237 27.92 14.47 40.45
CA VAL J 237 27.79 13.44 39.44
C VAL J 237 29.11 12.75 39.23
N GLU J 238 30.19 13.53 39.25
CA GLU J 238 31.51 12.97 39.05
C GLU J 238 31.90 12.07 40.23
N GLU J 239 31.67 12.55 41.46
CA GLU J 239 31.98 11.77 42.66
C GLU J 239 31.20 10.46 42.61
N LYS J 240 29.92 10.57 42.30
CA LYS J 240 29.07 9.40 42.23
C LYS J 240 29.57 8.44 41.15
N ALA J 241 29.83 8.97 39.97
CA ALA J 241 30.30 8.15 38.86
C ALA J 241 31.54 7.33 39.23
N PHE J 242 32.56 7.99 39.78
CA PHE J 242 33.77 7.29 40.17
C PHE J 242 33.52 6.30 41.30
N GLU J 243 32.52 6.59 42.12
CA GLU J 243 32.17 5.72 43.21
C GLU J 243 31.63 4.43 42.60
N THR J 244 30.77 4.57 41.60
CA THR J 244 30.19 3.42 40.91
C THR J 244 31.27 2.57 40.25
N LEU J 245 32.12 3.24 39.48
CA LEU J 245 33.20 2.60 38.77
C LEU J 245 34.15 1.80 39.66
N SER J 246 34.33 2.25 40.90
CA SER J 246 35.23 1.56 41.81
C SER J 246 34.83 0.11 42.03
N TYR J 247 33.53 -0.17 42.02
CA TYR J 247 33.04 -1.53 42.23
C TYR J 247 33.38 -2.47 41.09
N PHE J 248 33.82 -1.91 39.97
CA PHE J 248 34.14 -2.69 38.78
C PHE J 248 35.59 -2.53 38.34
N ASP J 249 36.33 -1.68 39.04
CA ASP J 249 37.74 -1.41 38.75
C ASP J 249 38.66 -2.59 39.08
N LEU J 250 39.41 -3.04 38.08
CA LEU J 250 40.31 -4.17 38.25
C LEU J 250 41.29 -4.06 39.41
N ILE J 251 41.66 -2.83 39.80
CA ILE J 251 42.60 -2.70 40.90
C ILE J 251 41.94 -3.11 42.22
N ASN J 252 40.62 -3.22 42.21
CA ASN J 252 39.88 -3.60 43.41
C ASN J 252 39.50 -5.06 43.33
N LEU J 253 39.42 -5.60 42.13
CA LEU J 253 39.06 -6.99 41.94
C LEU J 253 40.28 -7.92 41.85
N ALA J 254 41.39 -7.39 41.34
CA ALA J 254 42.62 -8.16 41.15
C ALA J 254 43.03 -8.96 42.38
N GLY J 255 42.96 -8.32 43.55
CA GLY J 255 43.35 -9.00 44.78
C GLY J 255 42.61 -10.29 45.05
N TRP J 256 41.51 -10.54 44.36
CA TRP J 256 40.75 -11.76 44.57
C TRP J 256 41.18 -12.88 43.65
N VAL J 257 41.91 -12.54 42.60
CA VAL J 257 42.37 -13.56 41.65
C VAL J 257 43.38 -14.47 42.33
N LYS J 258 43.12 -15.78 42.29
CA LYS J 258 44.02 -16.75 42.90
C LYS J 258 44.63 -17.65 41.86
N GLN J 259 44.11 -17.55 40.64
CA GLN J 259 44.58 -18.36 39.52
C GLN J 259 45.85 -17.81 38.87
N PRO J 260 46.66 -18.70 38.28
CA PRO J 260 47.87 -18.23 37.61
C PRO J 260 47.40 -17.31 36.49
N THR J 261 47.99 -16.12 36.43
CA THR J 261 47.59 -15.13 35.43
C THR J 261 48.71 -14.68 34.49
N LEU J 262 48.36 -14.55 33.23
CA LEU J 262 49.28 -14.10 32.19
C LEU J 262 48.73 -12.83 31.55
N MET J 263 49.49 -11.74 31.62
CA MET J 263 49.05 -10.48 31.05
C MET J 263 50.04 -9.91 30.05
N ALA J 264 49.54 -9.08 29.14
CA ALA J 264 50.36 -8.45 28.13
C ALA J 264 50.08 -6.94 28.16
N ILE J 265 51.04 -6.16 27.66
CA ILE J 265 50.87 -4.72 27.61
C ILE J 265 51.88 -4.09 26.64
N GLY J 266 51.37 -3.28 25.72
CA GLY J 266 52.22 -2.59 24.77
C GLY J 266 52.50 -1.23 25.37
N LEU J 267 53.76 -0.80 25.34
CA LEU J 267 54.11 0.48 25.94
C LEU J 267 53.60 1.71 25.21
N ILE J 268 53.12 1.55 23.98
CA ILE J 268 52.60 2.70 23.24
C ILE J 268 51.09 2.59 23.09
N ASP J 269 50.48 1.79 23.95
CA ASP J 269 49.03 1.59 23.94
C ASP J 269 48.37 2.85 24.46
N LYS J 270 47.57 3.50 23.62
CA LYS J 270 46.90 4.73 24.03
C LYS J 270 45.46 4.52 24.49
N ILE J 271 44.92 3.34 24.21
CA ILE J 271 43.55 2.99 24.59
C ILE J 271 43.52 2.50 26.04
N THR J 272 44.42 1.59 26.38
CA THR J 272 44.52 1.09 27.74
C THR J 272 45.97 1.38 28.11
N PRO J 273 46.23 2.60 28.62
CA PRO J 273 47.55 3.08 29.04
C PRO J 273 48.32 2.07 29.86
N PRO J 274 49.61 1.89 29.56
CA PRO J 274 50.44 0.93 30.30
C PRO J 274 50.27 1.06 31.82
N SER J 275 50.17 2.30 32.31
CA SER J 275 50.01 2.51 33.75
C SER J 275 48.74 1.87 34.30
N THR J 276 47.64 1.92 33.55
CA THR J 276 46.39 1.33 34.02
C THR J 276 46.49 -0.18 34.04
N VAL J 277 47.20 -0.75 33.08
CA VAL J 277 47.35 -2.19 33.03
C VAL J 277 48.31 -2.64 34.12
N PHE J 278 49.42 -1.91 34.30
CA PHE J 278 50.37 -2.25 35.34
C PHE J 278 49.69 -2.15 36.71
N ALA J 279 48.77 -1.19 36.83
CA ALA J 279 48.05 -0.98 38.07
C ALA J 279 47.27 -2.23 38.44
N ALA J 280 46.64 -2.85 37.44
CA ALA J 280 45.87 -4.06 37.68
C ALA J 280 46.81 -5.24 37.98
N TYR J 281 47.91 -5.30 37.24
CA TYR J 281 48.89 -6.37 37.42
C TYR J 281 49.53 -6.34 38.81
N ASN J 282 49.88 -5.15 39.27
CA ASN J 282 50.51 -5.03 40.57
C ASN J 282 49.57 -5.24 41.74
N HIS J 283 48.27 -5.26 41.46
CA HIS J 283 47.31 -5.49 42.53
C HIS J 283 46.97 -6.95 42.61
N LEU J 284 47.56 -7.75 41.73
CA LEU J 284 47.34 -9.19 41.73
C LEU J 284 48.30 -9.82 42.74
N GLU J 285 47.85 -10.88 43.37
CA GLU J 285 48.66 -11.64 44.33
C GLU J 285 48.37 -13.08 44.02
N THR J 286 49.02 -13.58 42.98
CA THR J 286 48.85 -14.95 42.52
C THR J 286 50.06 -15.21 41.62
N ASP J 287 50.20 -16.43 41.10
CA ASP J 287 51.32 -16.70 40.20
C ASP J 287 50.96 -15.88 38.97
N LYS J 288 51.75 -14.84 38.70
CA LYS J 288 51.48 -13.94 37.59
C LYS J 288 52.72 -13.61 36.76
N ASP J 289 52.47 -13.16 35.54
CA ASP J 289 53.54 -12.77 34.66
C ASP J 289 52.99 -11.73 33.70
N LEU J 290 53.70 -10.60 33.61
CA LEU J 290 53.31 -9.51 32.73
C LEU J 290 54.29 -9.38 31.57
N LYS J 291 53.79 -9.62 30.37
CA LYS J 291 54.63 -9.50 29.18
C LYS J 291 54.60 -8.06 28.70
N VAL J 292 55.78 -7.45 28.62
CA VAL J 292 55.90 -6.06 28.19
C VAL J 292 56.45 -5.96 26.78
N TYR J 293 55.69 -5.31 25.91
CA TYR J 293 56.09 -5.13 24.52
C TYR J 293 56.24 -3.65 24.16
N ARG J 294 57.49 -3.20 24.20
CA ARG J 294 57.85 -1.82 23.91
C ARG J 294 57.26 -1.23 22.63
N TYR J 295 57.34 -1.98 21.54
CA TYR J 295 56.87 -1.48 20.25
C TYR J 295 55.43 -1.72 19.84
N PHE J 296 54.60 -2.18 20.78
CA PHE J 296 53.20 -2.40 20.44
C PHE J 296 52.25 -1.58 21.27
N GLY J 297 51.02 -1.46 20.75
CA GLY J 297 49.99 -0.71 21.46
C GLY J 297 48.78 -1.61 21.67
N HIS J 298 47.59 -1.03 21.50
CA HIS J 298 46.35 -1.76 21.69
C HIS J 298 46.09 -2.57 20.43
N GLU J 299 46.79 -3.69 20.29
CA GLU J 299 46.65 -4.50 19.09
C GLU J 299 47.11 -5.94 19.33
N PHE J 300 46.99 -6.76 18.29
CA PHE J 300 47.41 -8.14 18.35
C PHE J 300 48.94 -8.09 18.41
N ILE J 301 49.52 -8.81 19.37
CA ILE J 301 50.96 -8.86 19.52
C ILE J 301 51.41 -10.30 19.25
N PRO J 302 51.95 -10.56 18.04
CA PRO J 302 52.41 -11.92 17.67
C PRO J 302 53.19 -12.62 18.77
N ALA J 303 54.20 -11.94 19.31
CA ALA J 303 55.02 -12.52 20.37
C ALA J 303 54.18 -13.04 21.53
N PHE J 304 53.15 -12.29 21.91
CA PHE J 304 52.31 -12.69 23.01
C PHE J 304 51.39 -13.88 22.70
N GLN J 305 51.09 -14.10 21.43
CA GLN J 305 50.23 -15.20 21.06
C GLN J 305 50.97 -16.50 21.41
N THR J 306 52.28 -16.50 21.16
CA THR J 306 53.10 -17.65 21.46
C THR J 306 53.09 -17.89 22.98
N GLU J 307 53.26 -16.80 23.72
CA GLU J 307 53.25 -16.85 25.19
C GLU J 307 51.92 -17.42 25.67
N LYS J 308 50.84 -16.89 25.09
CA LYS J 308 49.48 -17.29 25.44
C LYS J 308 49.21 -18.78 25.16
N LEU J 309 49.55 -19.23 23.96
CA LEU J 309 49.34 -20.61 23.59
C LEU J 309 50.18 -21.51 24.48
N SER J 310 51.41 -21.09 24.71
CA SER J 310 52.31 -21.86 25.54
C SER J 310 51.74 -22.00 26.95
N PHE J 311 51.33 -20.86 27.52
CA PHE J 311 50.77 -20.81 28.87
C PHE J 311 49.51 -21.67 29.00
N LEU J 312 48.58 -21.53 28.05
CA LEU J 312 47.35 -22.30 28.10
C LEU J 312 47.65 -23.77 27.91
N GLN J 313 48.64 -24.07 27.08
CA GLN J 313 49.01 -25.45 26.83
C GLN J 313 49.56 -26.08 28.10
N LYS J 314 50.44 -25.35 28.76
CA LYS J 314 51.06 -25.80 30.01
C LYS J 314 50.03 -26.06 31.12
N HIS J 315 49.09 -25.13 31.30
CA HIS J 315 48.10 -25.26 32.36
C HIS J 315 46.80 -25.99 32.01
N LEU J 316 46.49 -26.14 30.73
CA LEU J 316 45.23 -26.79 30.38
C LEU J 316 45.31 -28.01 29.49
N LEU J 317 46.06 -27.89 28.41
CA LEU J 317 46.17 -28.96 27.45
C LEU J 317 46.85 -30.22 27.97
N MET K 1 55.11 22.72 14.68
CA MET K 1 54.53 22.08 15.90
C MET K 1 54.92 22.87 17.16
N GLN K 2 55.42 22.18 18.17
CA GLN K 2 55.79 22.82 19.42
C GLN K 2 56.91 22.07 20.13
N LEU K 3 57.50 22.71 21.14
CA LEU K 3 58.56 22.11 21.95
C LEU K 3 58.12 20.73 22.46
N PHE K 4 59.07 19.82 22.60
CA PHE K 4 58.74 18.48 23.06
C PHE K 4 59.91 17.69 23.65
N ASP K 5 61.11 17.94 23.15
CA ASP K 5 62.31 17.22 23.61
C ASP K 5 62.80 17.78 24.95
N LEU K 6 64.07 17.48 25.28
CA LEU K 6 64.66 17.96 26.51
C LEU K 6 64.70 19.48 26.47
N SER K 7 64.81 20.11 27.64
CA SER K 7 64.87 21.56 27.68
C SER K 7 66.20 21.95 27.05
N LEU K 8 66.27 23.17 26.54
CA LEU K 8 67.50 23.64 25.93
C LEU K 8 68.64 23.48 26.92
N GLU K 9 68.38 23.77 28.19
CA GLU K 9 69.40 23.67 29.22
C GLU K 9 69.96 22.24 29.34
N GLU K 10 69.07 21.26 29.19
CA GLU K 10 69.47 19.87 29.29
C GLU K 10 70.11 19.37 28.01
N LEU K 11 69.67 19.93 26.88
CA LEU K 11 70.21 19.52 25.58
C LEU K 11 71.70 19.81 25.51
N LYS K 12 72.08 20.98 26.03
CA LYS K 12 73.48 21.42 26.04
C LYS K 12 74.39 20.46 26.81
N LYS K 13 73.85 19.80 27.81
CA LYS K 13 74.62 18.86 28.62
C LYS K 13 74.41 17.41 28.19
N TYR K 14 73.49 17.18 27.25
CA TYR K 14 73.22 15.82 26.81
C TYR K 14 74.36 15.23 25.99
N LYS K 15 75.02 14.24 26.57
CA LYS K 15 76.12 13.58 25.91
C LYS K 15 76.09 12.11 26.36
N PRO K 16 75.22 11.31 25.73
CA PRO K 16 75.06 9.89 26.05
C PRO K 16 76.36 9.09 25.89
N LYS K 17 76.57 8.14 26.80
CA LYS K 17 77.76 7.30 26.76
C LYS K 17 77.84 6.63 25.37
N LYS K 18 79.04 6.59 24.79
CA LYS K 18 79.21 5.99 23.49
C LYS K 18 78.77 4.55 23.53
N THR K 19 78.27 4.06 22.40
CA THR K 19 77.79 2.68 22.28
C THR K 19 78.73 1.85 21.41
N ALA K 20 79.87 2.44 21.09
CA ALA K 20 80.86 1.78 20.25
C ALA K 20 81.45 0.49 20.83
N ARG K 21 81.37 -0.58 20.04
CA ARG K 21 81.92 -1.87 20.44
C ARG K 21 83.45 -1.82 20.40
N PRO K 22 84.11 -2.78 21.05
CA PRO K 22 85.58 -2.83 21.09
C PRO K 22 86.23 -2.85 19.71
N ASP K 23 85.53 -3.41 18.73
CA ASP K 23 86.07 -3.50 17.37
C ASP K 23 85.55 -2.39 16.46
N PHE K 24 85.00 -1.33 17.05
CA PHE K 24 84.46 -0.22 16.27
C PHE K 24 85.49 0.29 15.28
N SER K 25 86.59 0.80 15.81
CA SER K 25 87.67 1.34 15.01
C SER K 25 88.13 0.31 14.00
N ASP K 26 88.20 -0.93 14.45
CA ASP K 26 88.63 -2.02 13.58
C ASP K 26 87.71 -2.27 12.38
N PHE K 27 86.40 -2.29 12.62
CA PHE K 27 85.44 -2.50 11.56
C PHE K 27 85.58 -1.45 10.47
N TRP K 28 85.86 -0.21 10.86
CA TRP K 28 85.99 0.85 9.86
C TRP K 28 87.31 0.77 9.10
N LYS K 29 88.34 0.28 9.78
CA LYS K 29 89.64 0.15 9.14
C LYS K 29 89.50 -0.88 8.00
N LYS K 30 88.88 -2.01 8.32
CA LYS K 30 88.69 -3.07 7.35
C LYS K 30 87.74 -2.65 6.23
N SER K 31 86.70 -1.89 6.58
CA SER K 31 85.73 -1.41 5.61
C SER K 31 86.38 -0.46 4.62
N LEU K 32 87.27 0.39 5.12
CA LEU K 32 87.96 1.34 4.26
C LEU K 32 88.91 0.56 3.37
N GLU K 33 89.48 -0.53 3.90
CA GLU K 33 90.41 -1.35 3.15
C GLU K 33 89.67 -2.01 1.99
N GLU K 34 88.46 -2.50 2.25
CA GLU K 34 87.72 -3.14 1.16
C GLU K 34 87.33 -2.09 0.13
N LEU K 35 87.18 -0.85 0.57
CA LEU K 35 86.84 0.23 -0.35
C LEU K 35 88.03 0.47 -1.26
N ARG K 36 89.20 0.55 -0.65
CA ARG K 36 90.45 0.79 -1.34
C ARG K 36 90.70 -0.26 -2.43
N GLN K 37 90.22 -1.48 -2.19
CA GLN K 37 90.41 -2.57 -3.14
C GLN K 37 89.55 -2.42 -4.38
N VAL K 38 88.81 -1.32 -4.45
CA VAL K 38 87.95 -1.06 -5.61
C VAL K 38 88.41 0.22 -6.30
N GLU K 39 88.87 0.08 -7.54
CA GLU K 39 89.33 1.23 -8.31
C GLU K 39 88.19 2.17 -8.60
N ALA K 40 88.40 3.44 -8.29
CA ALA K 40 87.39 4.46 -8.51
C ALA K 40 86.86 4.47 -9.95
N GLU K 41 87.76 4.45 -10.92
CA GLU K 41 87.39 4.46 -12.33
C GLU K 41 86.33 5.53 -12.59
N PRO K 42 86.51 6.74 -12.03
CA PRO K 42 85.53 7.81 -12.24
C PRO K 42 85.32 8.16 -13.69
N THR K 43 84.15 8.70 -14.00
CA THR K 43 83.83 9.14 -15.36
C THR K 43 83.05 10.44 -15.29
N LEU K 44 83.38 11.37 -16.20
CA LEU K 44 82.69 12.64 -16.27
C LEU K 44 82.01 12.75 -17.62
N GLU K 45 80.78 13.23 -17.62
CA GLU K 45 80.02 13.38 -18.85
C GLU K 45 79.34 14.76 -18.76
N SER K 46 79.62 15.63 -19.72
CA SER K 46 79.02 16.96 -19.73
C SER K 46 77.50 16.80 -19.76
N TYR K 47 76.81 17.67 -19.03
CA TYR K 47 75.36 17.62 -18.94
C TYR K 47 74.81 19.02 -19.18
N ASP K 48 74.01 19.20 -20.22
CA ASP K 48 73.46 20.52 -20.50
C ASP K 48 72.55 20.99 -19.38
N TYR K 49 72.66 22.28 -19.07
CA TYR K 49 71.86 22.91 -18.02
C TYR K 49 71.78 24.39 -18.33
N PRO K 50 70.55 24.96 -18.27
CA PRO K 50 70.33 26.38 -18.54
C PRO K 50 70.95 27.34 -17.54
N VAL K 51 72.28 27.31 -17.44
CA VAL K 51 72.99 28.21 -16.54
C VAL K 51 74.24 28.73 -17.25
N LYS K 52 74.59 29.97 -16.94
CA LYS K 52 75.77 30.58 -17.54
C LYS K 52 76.84 30.72 -16.46
N GLY K 53 78.08 30.44 -16.82
CA GLY K 53 79.17 30.56 -15.86
C GLY K 53 79.41 29.28 -15.07
N VAL K 54 78.77 28.18 -15.46
CA VAL K 54 78.97 26.92 -14.77
C VAL K 54 78.92 25.76 -15.76
N LYS K 55 79.80 24.78 -15.55
CA LYS K 55 79.85 23.60 -16.40
C LYS K 55 79.27 22.50 -15.53
N VAL K 56 78.28 21.78 -16.05
CA VAL K 56 77.67 20.71 -15.27
C VAL K 56 78.02 19.36 -15.87
N TYR K 57 78.33 18.40 -15.00
CA TYR K 57 78.66 17.06 -15.44
C TYR K 57 77.95 16.00 -14.62
N ARG K 58 77.88 14.81 -15.19
CA ARG K 58 77.29 13.69 -14.48
C ARG K 58 78.53 12.91 -14.15
N LEU K 59 78.74 12.68 -12.86
CA LEU K 59 79.91 11.96 -12.38
C LEU K 59 79.53 10.59 -11.83
N THR K 60 80.36 9.60 -12.10
CA THR K 60 80.13 8.27 -11.57
C THR K 60 81.49 7.75 -11.15
N TYR K 61 81.49 6.74 -10.30
CA TYR K 61 82.73 6.13 -9.85
C TYR K 61 82.37 4.84 -9.14
N GLN K 62 83.33 3.92 -9.09
CA GLN K 62 83.11 2.64 -8.44
C GLN K 62 83.42 2.77 -6.97
N SER K 63 82.60 2.13 -6.14
CA SER K 63 82.80 2.19 -4.70
C SER K 63 82.62 0.81 -4.09
N PHE K 64 82.57 0.76 -2.76
CA PHE K 64 82.39 -0.48 -2.01
C PHE K 64 81.41 -1.44 -2.70
N GLY K 65 81.78 -2.71 -2.78
CA GLY K 65 80.92 -3.69 -3.41
C GLY K 65 80.82 -3.50 -4.91
N HIS K 66 81.76 -2.74 -5.49
CA HIS K 66 81.76 -2.49 -6.92
C HIS K 66 80.46 -1.86 -7.36
N SER K 67 79.95 -0.93 -6.54
CA SER K 67 78.72 -0.23 -6.85
C SER K 67 79.04 1.06 -7.61
N LYS K 68 78.28 1.31 -8.67
CA LYS K 68 78.42 2.51 -9.49
C LYS K 68 77.65 3.65 -8.79
N ILE K 69 78.40 4.55 -8.16
CA ILE K 69 77.80 5.68 -7.46
C ILE K 69 77.69 6.87 -8.42
N GLU K 70 76.63 7.66 -8.30
CA GLU K 70 76.45 8.81 -9.19
C GLU K 70 76.13 10.12 -8.50
N GLY K 71 75.96 11.15 -9.33
CA GLY K 71 75.64 12.48 -8.84
C GLY K 71 76.03 13.53 -9.86
N PHE K 72 75.43 14.71 -9.76
CA PHE K 72 75.75 15.79 -10.67
C PHE K 72 76.96 16.52 -10.11
N TYR K 73 77.85 16.94 -11.01
CA TYR K 73 79.04 17.66 -10.62
C TYR K 73 79.02 18.98 -11.36
N ALA K 74 78.95 20.08 -10.63
CA ALA K 74 78.91 21.40 -11.25
C ALA K 74 80.17 22.14 -10.90
N VAL K 75 80.79 22.74 -11.91
CA VAL K 75 82.03 23.46 -11.69
C VAL K 75 81.97 24.89 -12.17
N PRO K 76 82.53 25.82 -11.38
CA PRO K 76 82.53 27.23 -11.78
C PRO K 76 83.24 27.29 -13.13
N ASP K 77 82.62 27.96 -14.10
CA ASP K 77 83.20 28.06 -15.45
C ASP K 77 84.25 29.15 -15.54
N GLN K 78 85.40 28.90 -14.92
CA GLN K 78 86.52 29.82 -14.91
C GLN K 78 87.73 29.00 -14.51
N THR K 79 88.93 29.53 -14.73
CA THR K 79 90.15 28.81 -14.38
C THR K 79 90.24 28.51 -12.88
N GLY K 80 90.58 27.27 -12.53
CA GLY K 80 90.70 26.88 -11.14
C GLY K 80 92.09 27.13 -10.59
N PRO K 81 92.50 26.40 -9.53
CA PRO K 81 91.72 25.36 -8.87
C PRO K 81 90.56 26.00 -8.12
N HIS K 82 89.51 25.23 -7.88
CA HIS K 82 88.36 25.77 -7.17
C HIS K 82 88.18 25.08 -5.83
N PRO K 83 87.55 25.76 -4.88
CA PRO K 83 87.33 25.13 -3.58
C PRO K 83 86.21 24.14 -3.91
N ALA K 84 86.11 23.03 -3.19
CA ALA K 84 85.06 22.07 -3.55
C ALA K 84 84.11 21.68 -2.43
N LEU K 85 82.96 21.17 -2.83
CA LEU K 85 81.94 20.73 -1.89
C LEU K 85 81.30 19.45 -2.32
N VAL K 86 81.21 18.50 -1.40
CA VAL K 86 80.53 17.25 -1.68
C VAL K 86 79.24 17.38 -0.85
N ARG K 87 78.11 17.53 -1.53
CA ARG K 87 76.83 17.67 -0.85
C ARG K 87 76.07 16.33 -0.76
N PHE K 88 75.59 16.01 0.44
CA PHE K 88 74.83 14.78 0.64
C PHE K 88 73.37 15.12 0.90
N HIS K 89 72.47 14.46 0.15
CA HIS K 89 71.03 14.72 0.28
C HIS K 89 70.37 13.97 1.41
N GLY K 90 69.17 14.42 1.76
CA GLY K 90 68.42 13.82 2.85
C GLY K 90 67.74 12.50 2.53
N TYR K 91 67.37 11.77 3.56
CA TYR K 91 66.72 10.48 3.41
C TYR K 91 65.54 10.52 2.45
N ASN K 92 65.64 9.80 1.35
CA ASN K 92 64.56 9.73 0.35
C ASN K 92 64.10 11.12 -0.09
N ALA K 93 64.93 12.12 0.15
CA ALA K 93 64.58 13.50 -0.19
C ALA K 93 65.28 14.07 -1.44
N SER K 94 65.66 13.20 -2.37
CA SER K 94 66.34 13.67 -3.57
C SER K 94 65.48 13.66 -4.81
N TYR K 95 65.33 14.83 -5.41
CA TYR K 95 64.52 14.97 -6.61
C TYR K 95 65.40 15.41 -7.78
N ASP K 96 65.44 14.62 -8.85
CA ASP K 96 66.26 14.96 -10.01
C ASP K 96 67.72 15.22 -9.65
N GLY K 97 68.25 14.43 -8.72
CA GLY K 97 69.64 14.58 -8.29
C GLY K 97 69.98 15.90 -7.63
N GLY K 98 68.96 16.67 -7.27
CA GLY K 98 69.17 17.96 -6.62
C GLY K 98 70.07 18.83 -7.48
N ILE K 99 69.98 18.64 -8.79
CA ILE K 99 70.80 19.37 -9.74
C ILE K 99 70.76 20.88 -9.58
N HIS K 100 69.58 21.43 -9.34
CA HIS K 100 69.43 22.88 -9.20
C HIS K 100 70.24 23.44 -8.04
N ASP K 101 70.28 22.72 -6.93
CA ASP K 101 71.05 23.19 -5.77
C ASP K 101 72.54 23.03 -6.01
N ILE K 102 72.91 21.96 -6.70
CA ILE K 102 74.32 21.70 -7.04
C ILE K 102 74.82 22.86 -7.89
N VAL K 103 74.09 23.20 -8.94
CA VAL K 103 74.47 24.30 -9.81
C VAL K 103 74.60 25.60 -9.02
N ASN K 104 73.62 25.89 -8.17
CA ASN K 104 73.68 27.11 -7.36
C ASN K 104 74.95 27.15 -6.53
N TRP K 105 75.35 26.00 -5.99
CA TRP K 105 76.57 25.96 -5.20
C TRP K 105 77.78 26.32 -6.07
N ALA K 106 77.76 25.86 -7.31
CA ALA K 106 78.84 26.18 -8.23
C ALA K 106 78.85 27.68 -8.48
N LEU K 107 77.66 28.28 -8.64
CA LEU K 107 77.55 29.72 -8.85
C LEU K 107 78.12 30.49 -7.67
N HIS K 108 78.10 29.86 -6.49
CA HIS K 108 78.65 30.48 -5.28
C HIS K 108 80.16 30.30 -5.27
N GLY K 109 80.66 29.64 -6.32
CA GLY K 109 82.10 29.42 -6.43
C GLY K 109 82.66 28.10 -5.99
N TYR K 110 81.82 27.08 -5.82
CA TYR K 110 82.30 25.78 -5.38
C TYR K 110 82.10 24.68 -6.42
N ALA K 111 83.16 23.90 -6.67
CA ALA K 111 83.04 22.78 -7.60
C ALA K 111 82.26 21.83 -6.69
N THR K 112 81.02 21.55 -7.08
CA THR K 112 80.17 20.74 -6.22
C THR K 112 79.67 19.41 -6.77
N PHE K 113 79.83 18.37 -5.95
CA PHE K 113 79.35 17.06 -6.31
C PHE K 113 78.22 16.65 -5.37
N GLY K 114 77.08 16.30 -5.94
CA GLY K 114 75.94 15.88 -5.14
C GLY K 114 75.84 14.38 -5.24
N MET K 115 76.55 13.68 -4.36
CA MET K 115 76.52 12.21 -4.39
C MET K 115 75.13 11.71 -4.06
N LEU K 116 74.60 10.87 -4.93
CA LEU K 116 73.28 10.32 -4.73
C LEU K 116 73.42 9.07 -3.88
N VAL K 117 72.70 9.03 -2.76
CA VAL K 117 72.76 7.89 -1.85
C VAL K 117 72.11 6.64 -2.42
N ARG K 118 72.86 5.54 -2.40
CA ARG K 118 72.41 4.24 -2.92
C ARG K 118 70.91 3.96 -2.92
N GLY K 119 70.38 3.63 -4.09
CA GLY K 119 68.97 3.30 -4.20
C GLY K 119 67.97 4.41 -3.88
N GLN K 120 68.46 5.55 -3.41
CA GLN K 120 67.57 6.67 -3.11
C GLN K 120 67.50 7.66 -4.25
N GLY K 121 68.34 8.70 -4.19
CA GLY K 121 68.34 9.71 -5.24
C GLY K 121 68.97 9.19 -6.54
N GLY K 122 69.70 8.09 -6.43
CA GLY K 122 70.34 7.50 -7.58
C GLY K 122 71.41 6.58 -7.06
N SER K 123 72.37 6.23 -7.91
CA SER K 123 73.46 5.32 -7.54
C SER K 123 72.99 3.89 -7.38
N GLU K 124 73.90 2.97 -7.69
CA GLU K 124 73.64 1.55 -7.61
C GLU K 124 73.99 1.00 -6.23
N ASP K 125 73.25 -0.01 -5.78
CA ASP K 125 73.55 -0.65 -4.50
C ASP K 125 73.64 -2.13 -4.77
N THR K 126 74.86 -2.64 -4.85
CA THR K 126 75.07 -4.05 -5.13
C THR K 126 74.92 -4.92 -3.89
N SER K 127 74.90 -4.29 -2.71
CA SER K 127 74.78 -5.05 -1.47
C SER K 127 73.44 -5.81 -1.45
N VAL K 128 73.52 -7.08 -1.10
CA VAL K 128 72.36 -7.95 -1.03
C VAL K 128 71.52 -7.65 0.22
N THR K 129 70.25 -8.06 0.17
CA THR K 129 69.34 -7.89 1.31
C THR K 129 69.36 -9.25 2.02
N PRO K 130 70.11 -9.35 3.12
CA PRO K 130 70.25 -10.59 3.89
C PRO K 130 68.93 -11.26 4.20
N GLY K 131 67.98 -10.47 4.68
CA GLY K 131 66.67 -11.02 5.02
C GLY K 131 65.60 -9.96 5.10
N GLY K 132 64.54 -10.25 5.84
CA GLY K 132 63.46 -9.29 5.96
C GLY K 132 63.84 -8.05 6.75
N HIS K 133 63.19 -6.95 6.43
CA HIS K 133 63.41 -5.68 7.11
C HIS K 133 62.18 -4.80 6.94
N ALA K 134 62.11 -3.72 7.71
CA ALA K 134 60.97 -2.80 7.64
C ALA K 134 61.03 -1.95 6.38
N LEU K 135 59.87 -1.58 5.86
CA LEU K 135 59.79 -0.75 4.67
C LEU K 135 60.76 0.43 4.84
N GLY K 136 61.72 0.53 3.91
CA GLY K 136 62.72 1.58 3.97
C GLY K 136 64.13 1.03 3.90
N TRP K 137 65.10 1.93 4.02
CA TRP K 137 66.52 1.54 3.97
C TRP K 137 67.10 1.39 5.36
N MET K 138 66.54 2.11 6.33
CA MET K 138 67.02 2.10 7.70
C MET K 138 67.34 0.75 8.32
N THR K 139 66.60 -0.29 7.93
CA THR K 139 66.85 -1.59 8.52
C THR K 139 67.37 -2.66 7.56
N LYS K 140 67.66 -2.25 6.32
CA LYS K 140 68.18 -3.22 5.36
C LYS K 140 69.53 -3.78 5.85
N GLY K 141 69.59 -5.10 6.02
CA GLY K 141 70.81 -5.75 6.49
C GLY K 141 71.24 -5.31 7.87
N ILE K 142 70.28 -4.90 8.70
CA ILE K 142 70.59 -4.43 10.04
C ILE K 142 71.07 -5.50 11.02
N LEU K 143 71.04 -6.77 10.62
CA LEU K 143 71.48 -7.82 11.54
C LEU K 143 72.97 -8.07 11.52
N SER K 144 73.70 -7.19 10.84
CA SER K 144 75.15 -7.30 10.75
C SER K 144 75.78 -6.01 10.22
N LYS K 145 76.81 -5.53 10.91
CA LYS K 145 77.50 -4.32 10.51
C LYS K 145 78.08 -4.43 9.10
N ASP K 146 78.44 -5.65 8.69
CA ASP K 146 79.01 -5.86 7.37
C ASP K 146 77.98 -5.72 6.25
N THR K 147 76.72 -6.05 6.55
CA THR K 147 75.65 -6.01 5.56
C THR K 147 74.77 -4.77 5.64
N TYR K 148 74.91 -3.99 6.71
CA TYR K 148 74.09 -2.80 6.89
C TYR K 148 74.17 -1.78 5.75
N TYR K 149 72.99 -1.33 5.33
CA TYR K 149 72.85 -0.37 4.26
C TYR K 149 73.84 0.80 4.28
N TYR K 150 73.98 1.44 5.43
CA TYR K 150 74.85 2.60 5.53
C TYR K 150 76.36 2.34 5.46
N ARG K 151 76.77 1.09 5.55
CA ARG K 151 78.19 0.78 5.45
C ARG K 151 78.64 1.19 4.05
N GLY K 152 77.89 0.76 3.05
CA GLY K 152 78.23 1.10 1.67
C GLY K 152 78.10 2.59 1.43
N VAL K 153 77.05 3.20 1.99
CA VAL K 153 76.82 4.62 1.81
C VAL K 153 77.94 5.45 2.43
N TYR K 154 78.35 5.10 3.65
CA TYR K 154 79.42 5.82 4.31
C TYR K 154 80.69 5.73 3.48
N LEU K 155 80.95 4.54 2.94
CA LEU K 155 82.12 4.33 2.11
C LEU K 155 82.00 5.10 0.79
N ASP K 156 80.78 5.19 0.24
CA ASP K 156 80.59 5.94 -1.01
C ASP K 156 80.95 7.40 -0.73
N ALA K 157 80.65 7.85 0.49
CA ALA K 157 80.93 9.21 0.90
C ALA K 157 82.44 9.47 0.89
N VAL K 158 83.19 8.57 1.51
CA VAL K 158 84.63 8.71 1.56
C VAL K 158 85.20 8.70 0.14
N ARG K 159 84.74 7.73 -0.67
CA ARG K 159 85.20 7.61 -2.04
C ARG K 159 84.88 8.86 -2.84
N ALA K 160 83.74 9.47 -2.56
CA ALA K 160 83.33 10.68 -3.26
C ALA K 160 84.42 11.72 -3.08
N LEU K 161 84.92 11.82 -1.85
CA LEU K 161 85.97 12.78 -1.52
C LEU K 161 87.29 12.44 -2.22
N GLU K 162 87.61 11.16 -2.28
CA GLU K 162 88.85 10.72 -2.93
C GLU K 162 88.81 11.01 -4.43
N VAL K 163 87.63 10.92 -5.02
CA VAL K 163 87.47 11.18 -6.44
C VAL K 163 87.53 12.70 -6.72
N ILE K 164 86.79 13.47 -5.93
CA ILE K 164 86.76 14.91 -6.10
C ILE K 164 88.14 15.53 -5.93
N GLN K 165 88.82 15.15 -4.85
CA GLN K 165 90.14 15.68 -4.56
C GLN K 165 91.15 15.37 -5.67
N SER K 166 90.95 14.26 -6.36
CA SER K 166 91.85 13.86 -7.43
C SER K 166 91.68 14.71 -8.69
N PHE K 167 90.59 15.48 -8.75
CA PHE K 167 90.36 16.32 -9.91
C PHE K 167 91.36 17.47 -9.95
N PRO K 168 91.91 17.74 -11.14
CA PRO K 168 92.88 18.83 -11.28
C PRO K 168 92.30 20.22 -10.97
N GLU K 169 91.07 20.47 -11.46
CA GLU K 169 90.42 21.77 -11.22
C GLU K 169 89.96 21.95 -9.78
N VAL K 170 90.25 20.97 -8.93
CA VAL K 170 89.87 21.06 -7.52
C VAL K 170 91.04 21.25 -6.59
N ASP K 171 90.93 22.26 -5.72
CA ASP K 171 91.95 22.56 -4.73
C ASP K 171 91.72 21.60 -3.56
N GLU K 172 92.44 20.49 -3.56
CA GLU K 172 92.31 19.48 -2.51
C GLU K 172 92.33 20.00 -1.08
N HIS K 173 92.90 21.18 -0.87
CA HIS K 173 92.99 21.75 0.46
C HIS K 173 91.78 22.58 0.87
N ARG K 174 90.83 22.71 -0.04
CA ARG K 174 89.63 23.48 0.25
C ARG K 174 88.36 22.73 -0.14
N ILE K 175 88.24 21.53 0.39
CA ILE K 175 87.09 20.69 0.11
C ILE K 175 86.20 20.62 1.32
N GLY K 176 84.92 20.91 1.14
CA GLY K 176 83.99 20.84 2.25
C GLY K 176 82.93 19.78 2.05
N VAL K 177 82.41 19.25 3.16
CA VAL K 177 81.33 18.27 3.11
C VAL K 177 80.12 18.88 3.81
N ILE K 178 78.99 18.89 3.12
CA ILE K 178 77.79 19.46 3.69
C ILE K 178 76.56 18.59 3.41
N GLY K 179 75.50 18.82 4.16
CA GLY K 179 74.28 18.06 3.98
C GLY K 179 73.34 18.23 5.15
N GLY K 180 72.07 17.87 4.94
CA GLY K 180 71.09 17.97 6.00
C GLY K 180 70.48 16.62 6.36
N SER K 181 70.11 16.42 7.63
CA SER K 181 69.51 15.16 8.07
C SER K 181 70.49 14.02 7.77
N GLN K 182 70.09 13.15 6.86
CA GLN K 182 70.93 12.04 6.44
C GLN K 182 72.22 12.61 5.82
N GLY K 183 72.06 13.66 5.01
CA GLY K 183 73.19 14.30 4.38
C GLY K 183 74.15 14.88 5.41
N GLY K 184 73.61 15.36 6.51
CA GLY K 184 74.46 15.92 7.55
C GLY K 184 75.25 14.82 8.23
N ALA K 185 74.63 13.64 8.37
CA ALA K 185 75.27 12.50 8.99
C ALA K 185 76.36 11.96 8.09
N LEU K 186 76.12 11.97 6.78
CA LEU K 186 77.12 11.49 5.85
C LEU K 186 78.33 12.42 5.88
N ALA K 187 78.08 13.73 5.95
CA ALA K 187 79.15 14.73 6.00
C ALA K 187 80.03 14.48 7.22
N ILE K 188 79.40 14.28 8.37
CA ILE K 188 80.13 14.02 9.61
C ILE K 188 80.83 12.66 9.54
N ALA K 189 80.13 11.64 9.08
CA ALA K 189 80.73 10.32 8.96
C ALA K 189 81.95 10.40 8.05
N ALA K 190 81.80 11.09 6.92
CA ALA K 190 82.90 11.22 5.96
C ALA K 190 84.09 11.94 6.56
N ALA K 191 83.84 13.05 7.26
CA ALA K 191 84.92 13.80 7.87
C ALA K 191 85.59 13.00 8.97
N ALA K 192 84.88 12.03 9.51
CA ALA K 192 85.42 11.20 10.58
C ALA K 192 86.28 10.09 10.02
N LEU K 193 85.90 9.60 8.85
CA LEU K 193 86.60 8.51 8.19
C LEU K 193 87.66 8.99 7.21
N SER K 194 87.67 10.28 6.91
CA SER K 194 88.64 10.84 5.97
C SER K 194 89.10 12.21 6.37
N ASP K 195 90.38 12.49 6.19
CA ASP K 195 90.90 13.80 6.54
C ASP K 195 90.98 14.69 5.31
N ILE K 196 90.34 14.25 4.24
CA ILE K 196 90.32 15.04 3.02
C ILE K 196 89.51 16.32 3.21
N PRO K 197 88.32 16.23 3.84
CA PRO K 197 87.49 17.43 4.06
C PRO K 197 88.16 18.44 4.99
N LYS K 198 88.04 19.71 4.66
CA LYS K 198 88.63 20.74 5.50
C LYS K 198 87.59 21.16 6.55
N VAL K 199 86.35 21.37 6.10
CA VAL K 199 85.27 21.77 6.99
C VAL K 199 84.03 20.93 6.81
N VAL K 200 83.16 20.98 7.82
CA VAL K 200 81.92 20.21 7.82
C VAL K 200 80.70 21.02 8.20
N VAL K 201 79.65 20.91 7.40
CA VAL K 201 78.40 21.61 7.70
C VAL K 201 77.31 20.56 7.72
N ALA K 202 76.72 20.36 8.89
CA ALA K 202 75.67 19.37 9.03
C ALA K 202 74.40 19.99 9.60
N ASP K 203 73.34 19.96 8.80
CA ASP K 203 72.04 20.46 9.22
C ASP K 203 71.37 19.31 9.95
N TYR K 204 70.98 19.56 11.21
CA TYR K 204 70.30 18.54 12.02
C TYR K 204 70.63 17.12 11.56
N PRO K 205 71.89 16.69 11.78
CA PRO K 205 72.34 15.36 11.39
C PRO K 205 71.46 14.21 11.89
N TYR K 206 71.27 13.24 11.00
CA TYR K 206 70.48 12.05 11.25
C TYR K 206 71.45 10.95 11.72
N LEU K 207 70.95 9.70 11.78
CA LEU K 207 71.76 8.55 12.21
C LEU K 207 72.57 8.82 13.48
N SER K 208 71.94 9.43 14.47
CA SER K 208 72.61 9.79 15.71
C SER K 208 71.87 9.36 16.98
N ASN K 209 72.60 8.72 17.89
CA ASN K 209 72.03 8.28 19.17
C ASN K 209 70.76 7.45 18.93
N PHE K 210 70.90 6.42 18.10
CA PHE K 210 69.81 5.53 17.75
C PHE K 210 68.95 5.05 18.91
N GLU K 211 69.57 4.54 19.96
CA GLU K 211 68.82 4.02 21.10
C GLU K 211 67.84 5.01 21.74
N ARG K 212 68.14 6.31 21.64
CA ARG K 212 67.23 7.30 22.18
C ARG K 212 66.27 7.75 21.08
N ALA K 213 66.79 7.89 19.87
CA ALA K 213 65.99 8.30 18.72
C ALA K 213 64.70 7.49 18.58
N VAL K 214 64.80 6.17 18.67
CA VAL K 214 63.63 5.31 18.54
C VAL K 214 62.60 5.51 19.64
N ASP K 215 63.01 6.15 20.74
CA ASP K 215 62.10 6.41 21.84
C ASP K 215 61.60 7.85 21.87
N VAL K 216 62.24 8.72 21.10
CA VAL K 216 61.86 10.13 21.08
C VAL K 216 61.28 10.63 19.74
N ALA K 217 61.80 10.12 18.64
CA ALA K 217 61.31 10.55 17.33
C ALA K 217 59.82 10.35 17.26
N LEU K 218 59.13 11.25 16.56
CA LEU K 218 57.68 11.13 16.42
C LEU K 218 57.28 10.96 14.96
N GLU K 219 58.27 10.98 14.06
CA GLU K 219 58.02 10.81 12.64
C GLU K 219 59.10 9.96 11.99
N GLN K 220 58.87 9.56 10.74
CA GLN K 220 59.84 8.76 10.01
C GLN K 220 61.09 9.61 9.85
N PRO K 221 62.24 8.98 9.53
CA PRO K 221 62.38 7.55 9.31
C PRO K 221 63.05 6.73 10.44
N TYR K 222 63.32 7.35 11.58
CA TYR K 222 63.93 6.61 12.69
C TYR K 222 63.00 5.49 13.09
N LEU K 223 61.71 5.79 13.09
CA LEU K 223 60.68 4.82 13.47
C LEU K 223 60.67 3.57 12.60
N GLU K 224 61.46 3.56 11.54
CA GLU K 224 61.57 2.38 10.68
C GLU K 224 62.16 1.26 11.52
N ILE K 225 63.04 1.63 12.44
CA ILE K 225 63.66 0.67 13.33
C ILE K 225 62.57 0.05 14.20
N ASN K 226 61.68 0.89 14.71
CA ASN K 226 60.57 0.45 15.55
C ASN K 226 59.70 -0.52 14.75
N SER K 227 59.41 -0.17 13.50
CA SER K 227 58.59 -1.02 12.63
C SER K 227 59.28 -2.36 12.45
N TYR K 228 60.60 -2.31 12.42
CA TYR K 228 61.41 -3.52 12.26
C TYR K 228 61.21 -4.46 13.45
N PHE K 229 61.36 -3.94 14.67
CA PHE K 229 61.19 -4.74 15.86
C PHE K 229 59.78 -5.28 16.01
N ARG K 230 58.79 -4.53 15.53
CA ARG K 230 57.42 -4.97 15.59
C ARG K 230 57.31 -6.24 14.76
N ARG K 231 57.97 -6.24 13.61
CA ARG K 231 57.92 -7.39 12.71
C ARG K 231 58.87 -8.55 13.05
N ASN K 232 59.79 -8.30 14.00
CA ASN K 232 60.74 -9.33 14.43
C ASN K 232 60.86 -9.21 15.94
N SER K 233 59.91 -9.82 16.65
CA SER K 233 59.86 -9.75 18.11
C SER K 233 61.03 -10.38 18.83
N ASP K 234 61.79 -11.24 18.15
CA ASP K 234 62.93 -11.90 18.78
C ASP K 234 63.80 -10.89 19.51
N PRO K 235 63.86 -10.99 20.84
CA PRO K 235 64.68 -10.08 21.66
C PRO K 235 66.11 -9.96 21.15
N LYS K 236 66.70 -11.08 20.78
CA LYS K 236 68.08 -11.08 20.30
C LYS K 236 68.22 -10.25 19.03
N VAL K 237 67.12 -10.12 18.28
CA VAL K 237 67.14 -9.32 17.06
C VAL K 237 67.33 -7.85 17.41
N GLU K 238 66.67 -7.41 18.48
CA GLU K 238 66.78 -6.03 18.89
C GLU K 238 68.20 -5.73 19.37
N GLU K 239 68.75 -6.60 20.19
CA GLU K 239 70.11 -6.40 20.70
C GLU K 239 71.07 -6.35 19.53
N LYS K 240 70.91 -7.29 18.61
CA LYS K 240 71.76 -7.37 17.43
C LYS K 240 71.61 -6.10 16.60
N ALA K 241 70.37 -5.72 16.30
CA ALA K 241 70.09 -4.51 15.53
C ALA K 241 70.80 -3.28 16.09
N PHE K 242 70.65 -3.04 17.40
CA PHE K 242 71.29 -1.88 18.01
C PHE K 242 72.81 -2.01 18.01
N GLU K 243 73.29 -3.25 18.03
CA GLU K 243 74.72 -3.51 18.01
C GLU K 243 75.24 -3.04 16.64
N THR K 244 74.53 -3.43 15.59
CA THR K 244 74.89 -3.06 14.23
C THR K 244 74.91 -1.54 14.09
N LEU K 245 73.81 -0.92 14.49
CA LEU K 245 73.64 0.53 14.40
C LEU K 245 74.73 1.33 15.11
N SER K 246 75.29 0.79 16.18
CA SER K 246 76.34 1.51 16.91
C SER K 246 77.56 1.81 16.04
N TYR K 247 77.84 0.95 15.08
CA TYR K 247 78.99 1.16 14.20
C TYR K 247 78.79 2.32 13.26
N PHE K 248 77.57 2.80 13.13
CA PHE K 248 77.28 3.91 12.22
C PHE K 248 76.74 5.11 12.95
N ASP K 249 76.56 4.98 14.27
CA ASP K 249 76.01 6.06 15.08
C ASP K 249 76.95 7.26 15.21
N LEU K 250 76.47 8.44 14.88
CA LEU K 250 77.29 9.65 14.94
C LEU K 250 77.95 9.92 16.30
N ILE K 251 77.35 9.47 17.40
CA ILE K 251 77.94 9.71 18.71
C ILE K 251 79.22 8.90 18.87
N ASN K 252 79.39 7.90 18.01
CA ASN K 252 80.60 7.07 18.05
C ASN K 252 81.61 7.55 17.02
N LEU K 253 81.14 8.20 15.97
CA LEU K 253 82.01 8.68 14.91
C LEU K 253 82.46 10.12 15.15
N ALA K 254 81.61 10.90 15.79
CA ALA K 254 81.90 12.31 16.04
C ALA K 254 83.29 12.57 16.60
N GLY K 255 83.70 11.74 17.55
CA GLY K 255 84.99 11.89 18.20
C GLY K 255 86.16 11.89 17.24
N TRP K 256 85.94 11.41 16.02
CA TRP K 256 87.00 11.36 15.03
C TRP K 256 87.09 12.61 14.16
N VAL K 257 86.03 13.41 14.16
CA VAL K 257 86.03 14.63 13.37
C VAL K 257 87.06 15.63 13.92
N LYS K 258 87.96 16.08 13.06
CA LYS K 258 88.99 17.03 13.46
C LYS K 258 88.81 18.35 12.73
N GLN K 259 87.90 18.36 11.76
CA GLN K 259 87.63 19.55 10.98
C GLN K 259 86.66 20.50 11.65
N PRO K 260 86.79 21.80 11.36
CA PRO K 260 85.87 22.78 11.95
C PRO K 260 84.47 22.37 11.48
N THR K 261 83.54 22.27 12.42
CA THR K 261 82.19 21.84 12.13
C THR K 261 81.11 22.86 12.47
N LEU K 262 80.14 22.99 11.56
CA LEU K 262 79.01 23.90 11.76
C LEU K 262 77.75 23.07 11.70
N MET K 263 76.97 23.09 12.78
CA MET K 263 75.72 22.33 12.84
C MET K 263 74.50 23.21 13.14
N ALA K 264 73.33 22.73 12.72
CA ALA K 264 72.09 23.44 12.95
C ALA K 264 71.09 22.47 13.57
N ILE K 265 70.10 23.01 14.29
CA ILE K 265 69.07 22.20 14.91
C ILE K 265 67.84 23.04 15.28
N GLY K 266 66.67 22.59 14.83
CA GLY K 266 65.44 23.29 15.15
C GLY K 266 64.86 22.61 16.37
N LEU K 267 64.45 23.40 17.36
CA LEU K 267 63.92 22.81 18.60
C LEU K 267 62.61 22.08 18.48
N ILE K 268 61.90 22.27 17.38
CA ILE K 268 60.63 21.56 17.20
C ILE K 268 60.72 20.48 16.13
N ASP K 269 61.96 20.06 15.86
CA ASP K 269 62.26 19.02 14.86
C ASP K 269 61.82 17.67 15.42
N LYS K 270 60.85 17.04 14.77
CA LYS K 270 60.35 15.76 15.24
C LYS K 270 60.97 14.58 14.49
N ILE K 271 61.63 14.86 13.37
CA ILE K 271 62.27 13.82 12.58
C ILE K 271 63.64 13.51 13.17
N THR K 272 64.43 14.55 13.43
CA THR K 272 65.73 14.36 14.04
C THR K 272 65.64 15.19 15.32
N PRO K 273 65.15 14.57 16.41
CA PRO K 273 64.99 15.21 17.72
C PRO K 273 66.21 16.00 18.17
N PRO K 274 65.99 17.21 18.69
CA PRO K 274 67.11 18.04 19.15
C PRO K 274 68.10 17.29 20.01
N SER K 275 67.59 16.39 20.86
CA SER K 275 68.47 15.62 21.74
C SER K 275 69.44 14.74 20.96
N THR K 276 68.98 14.14 19.87
CA THR K 276 69.84 13.28 19.05
C THR K 276 70.91 14.10 18.32
N VAL K 277 70.54 15.31 17.92
CA VAL K 277 71.49 16.17 17.23
C VAL K 277 72.49 16.72 18.25
N PHE K 278 71.99 17.12 19.42
CA PHE K 278 72.89 17.63 20.45
C PHE K 278 73.85 16.54 20.88
N ALA K 279 73.37 15.30 20.89
CA ALA K 279 74.19 14.18 21.30
C ALA K 279 75.42 14.05 20.38
N ALA K 280 75.18 14.23 19.08
CA ALA K 280 76.27 14.14 18.11
C ALA K 280 77.20 15.34 18.28
N TYR K 281 76.61 16.52 18.46
CA TYR K 281 77.39 17.74 18.62
C TYR K 281 78.29 17.70 19.84
N ASN K 282 77.75 17.23 20.97
CA ASN K 282 78.52 17.16 22.20
C ASN K 282 79.60 16.09 22.21
N HIS K 283 79.56 15.20 21.22
CA HIS K 283 80.58 14.16 21.13
C HIS K 283 81.69 14.58 20.20
N LEU K 284 81.55 15.78 19.64
CA LEU K 284 82.57 16.32 18.76
C LEU K 284 83.64 17.00 19.61
N GLU K 285 84.89 16.91 19.16
CA GLU K 285 85.99 17.56 19.84
C GLU K 285 86.82 18.19 18.73
N THR K 286 86.36 19.34 18.26
CA THR K 286 87.00 20.06 17.18
C THR K 286 86.44 21.48 17.25
N ASP K 287 86.88 22.39 16.39
CA ASP K 287 86.31 23.73 16.41
C ASP K 287 84.90 23.51 15.89
N LYS K 288 83.92 23.70 16.76
CA LYS K 288 82.54 23.47 16.40
C LYS K 288 81.60 24.57 16.84
N ASP K 289 80.44 24.60 16.22
CA ASP K 289 79.43 25.58 16.56
C ASP K 289 78.08 25.00 16.20
N LEU K 290 77.15 25.07 17.15
CA LEU K 290 75.81 24.55 16.94
C LEU K 290 74.79 25.69 16.91
N LYS K 291 74.14 25.86 15.78
CA LYS K 291 73.13 26.90 15.64
C LYS K 291 71.79 26.34 16.08
N VAL K 292 71.20 26.97 17.09
CA VAL K 292 69.92 26.54 17.63
C VAL K 292 68.78 27.46 17.19
N TYR K 293 67.78 26.88 16.53
CA TYR K 293 66.64 27.65 16.05
C TYR K 293 65.34 27.19 16.70
N ARG K 294 64.94 27.93 17.74
CA ARG K 294 63.74 27.64 18.50
C ARG K 294 62.49 27.36 17.68
N TYR K 295 62.22 28.23 16.71
CA TYR K 295 61.01 28.10 15.92
C TYR K 295 61.02 27.25 14.65
N PHE K 296 62.07 26.44 14.46
CA PHE K 296 62.12 25.59 13.27
C PHE K 296 62.22 24.13 13.59
N GLY K 297 61.86 23.31 12.60
CA GLY K 297 61.92 21.87 12.74
C GLY K 297 62.85 21.29 11.68
N HIS K 298 62.47 20.13 11.15
CA HIS K 298 63.25 19.45 10.11
C HIS K 298 62.95 20.16 8.79
N GLU K 299 63.56 21.31 8.58
CA GLU K 299 63.26 22.05 7.38
C GLU K 299 64.37 23.03 7.06
N PHE K 300 64.23 23.71 5.92
CA PHE K 300 65.19 24.71 5.50
C PHE K 300 65.05 25.86 6.49
N ILE K 301 66.17 26.30 7.03
CA ILE K 301 66.19 27.40 7.99
C ILE K 301 66.95 28.57 7.37
N PRO K 302 66.23 29.55 6.84
CA PRO K 302 66.86 30.73 6.21
C PRO K 302 68.07 31.26 6.98
N ALA K 303 67.87 31.54 8.27
CA ALA K 303 68.95 32.07 9.09
C ALA K 303 70.22 31.23 8.99
N PHE K 304 70.06 29.91 8.98
CA PHE K 304 71.21 29.02 8.91
C PHE K 304 71.90 29.00 7.55
N GLN K 305 71.18 29.35 6.49
CA GLN K 305 71.77 29.38 5.17
C GLN K 305 72.86 30.47 5.18
N THR K 306 72.54 31.58 5.81
CA THR K 306 73.48 32.69 5.91
C THR K 306 74.72 32.25 6.66
N GLU K 307 74.49 31.52 7.76
CA GLU K 307 75.55 31.01 8.62
C GLU K 307 76.42 30.06 7.80
N LYS K 308 75.77 29.18 7.06
CA LYS K 308 76.42 28.18 6.23
C LYS K 308 77.28 28.81 5.13
N LEU K 309 76.71 29.76 4.40
CA LEU K 309 77.42 30.43 3.32
C LEU K 309 78.61 31.20 3.89
N SER K 310 78.37 31.84 5.02
CA SER K 310 79.39 32.62 5.69
C SER K 310 80.55 31.71 6.12
N PHE K 311 80.21 30.61 6.76
CA PHE K 311 81.17 29.63 7.24
C PHE K 311 81.98 29.04 6.08
N LEU K 312 81.30 28.58 5.02
CA LEU K 312 82.00 28.00 3.88
C LEU K 312 82.87 29.03 3.18
N GLN K 313 82.39 30.26 3.12
CA GLN K 313 83.13 31.34 2.49
C GLN K 313 84.40 31.60 3.29
N LYS K 314 84.27 31.64 4.61
CA LYS K 314 85.41 31.89 5.49
C LYS K 314 86.48 30.81 5.41
N HIS K 315 86.08 29.54 5.38
CA HIS K 315 87.02 28.43 5.34
C HIS K 315 87.43 27.91 3.97
N LEU K 316 86.66 28.22 2.93
CA LEU K 316 86.98 27.71 1.60
C LEU K 316 87.33 28.74 0.53
N LEU K 317 86.76 29.94 0.60
CA LEU K 317 87.09 30.96 -0.40
C LEU K 317 88.30 31.81 -0.01
N GLN L 2 43.33 16.47 25.84
CA GLN L 2 43.61 15.84 27.17
C GLN L 2 44.54 16.76 27.95
N LEU L 3 44.74 16.46 29.23
CA LEU L 3 45.62 17.25 30.10
C LEU L 3 46.99 17.40 29.41
N PHE L 4 47.63 18.56 29.60
CA PHE L 4 48.94 18.80 28.97
C PHE L 4 49.78 19.89 29.62
N ASP L 5 49.13 20.88 30.21
CA ASP L 5 49.84 22.01 30.83
C ASP L 5 50.36 21.65 32.21
N LEU L 6 50.66 22.66 33.02
CA LEU L 6 51.14 22.43 34.37
C LEU L 6 50.05 21.73 35.17
N SER L 7 50.45 21.05 36.24
CA SER L 7 49.48 20.37 37.10
C SER L 7 48.64 21.46 37.76
N LEU L 8 47.41 21.12 38.11
CA LEU L 8 46.53 22.08 38.75
C LEU L 8 47.23 22.69 39.95
N GLU L 9 47.94 21.86 40.69
CA GLU L 9 48.65 22.32 41.87
C GLU L 9 49.68 23.39 41.53
N GLU L 10 50.29 23.26 40.36
CA GLU L 10 51.30 24.23 39.91
C GLU L 10 50.67 25.47 39.30
N LEU L 11 49.53 25.29 38.63
CA LEU L 11 48.82 26.40 38.00
C LEU L 11 48.41 27.44 39.04
N LYS L 12 47.93 26.97 40.18
CA LYS L 12 47.50 27.84 41.27
C LYS L 12 48.61 28.74 41.77
N LYS L 13 49.84 28.26 41.70
CA LYS L 13 50.98 29.03 42.16
C LYS L 13 51.70 29.75 41.03
N TYR L 14 51.29 29.50 39.79
CA TYR L 14 51.95 30.13 38.65
C TYR L 14 51.68 31.62 38.53
N LYS L 15 52.70 32.42 38.78
CA LYS L 15 52.60 33.85 38.72
C LYS L 15 53.91 34.40 38.17
N PRO L 16 54.10 34.32 36.85
CA PRO L 16 55.34 34.80 36.20
C PRO L 16 55.64 36.27 36.46
N LYS L 17 56.91 36.57 36.66
CA LYS L 17 57.35 37.94 36.91
C LYS L 17 56.82 38.82 35.78
N LYS L 18 56.31 39.99 36.13
CA LYS L 18 55.77 40.91 35.14
C LYS L 18 56.83 41.28 34.14
N THR L 19 56.42 41.53 32.90
CA THR L 19 57.34 41.90 31.83
C THR L 19 57.19 43.36 31.46
N ALA L 20 56.43 44.10 32.27
CA ALA L 20 56.19 45.51 32.01
C ALA L 20 57.44 46.39 32.04
N ARG L 21 57.62 47.16 30.97
CA ARG L 21 58.76 48.07 30.87
C ARG L 21 58.54 49.27 31.80
N PRO L 22 59.61 50.02 32.10
CA PRO L 22 59.52 51.18 32.98
C PRO L 22 58.47 52.21 32.55
N ASP L 23 58.23 52.32 31.24
CA ASP L 23 57.27 53.28 30.72
C ASP L 23 55.89 52.67 30.45
N PHE L 24 55.66 51.46 30.98
CA PHE L 24 54.38 50.77 30.79
C PHE L 24 53.20 51.68 31.10
N SER L 25 53.13 52.09 32.37
CA SER L 25 52.07 52.98 32.84
C SER L 25 52.01 54.25 31.98
N ASP L 26 53.19 54.73 31.57
CA ASP L 26 53.28 55.93 30.78
C ASP L 26 52.67 55.78 29.40
N PHE L 27 53.00 54.68 28.73
CA PHE L 27 52.48 54.41 27.40
C PHE L 27 50.96 54.42 27.38
N TRP L 28 50.36 53.87 28.42
CA TRP L 28 48.92 53.81 28.47
C TRP L 28 48.30 55.17 28.76
N LYS L 29 48.99 55.97 29.56
CA LYS L 29 48.51 57.28 29.89
C LYS L 29 48.42 58.11 28.61
N LYS L 30 49.49 58.08 27.83
CA LYS L 30 49.55 58.83 26.58
C LYS L 30 48.57 58.26 25.55
N SER L 31 48.39 56.94 25.56
CA SER L 31 47.47 56.30 24.62
C SER L 31 46.05 56.69 24.94
N LEU L 32 45.73 56.81 26.22
CA LEU L 32 44.40 57.20 26.62
C LEU L 32 44.18 58.67 26.25
N GLU L 33 45.26 59.44 26.31
CA GLU L 33 45.20 60.86 26.00
C GLU L 33 44.89 61.05 24.53
N GLU L 34 45.54 60.26 23.67
CA GLU L 34 45.28 60.38 22.25
C GLU L 34 43.85 59.95 21.94
N LEU L 35 43.33 59.03 22.75
CA LEU L 35 41.96 58.56 22.57
C LEU L 35 41.03 59.72 22.90
N ARG L 36 41.31 60.36 24.03
CA ARG L 36 40.50 61.48 24.49
C ARG L 36 40.44 62.61 23.46
N GLN L 37 41.51 62.73 22.67
CA GLN L 37 41.56 63.77 21.65
C GLN L 37 40.65 63.49 20.44
N VAL L 38 39.90 62.40 20.51
CA VAL L 38 38.99 62.03 19.44
C VAL L 38 37.56 62.01 19.96
N GLU L 39 36.73 62.93 19.46
CA GLU L 39 35.35 62.99 19.89
C GLU L 39 34.60 61.72 19.51
N ALA L 40 33.91 61.15 20.49
CA ALA L 40 33.14 59.93 20.28
C ALA L 40 32.17 60.01 19.11
N GLU L 41 31.40 61.11 19.07
CA GLU L 41 30.43 61.30 17.99
C GLU L 41 29.60 60.02 17.75
N PRO L 42 29.14 59.37 18.82
CA PRO L 42 28.36 58.14 18.67
C PRO L 42 27.10 58.33 17.88
N THR L 43 26.63 57.26 17.25
CA THR L 43 25.40 57.29 16.49
C THR L 43 24.63 55.99 16.74
N LEU L 44 23.32 56.11 16.87
CA LEU L 44 22.44 54.97 17.09
C LEU L 44 21.47 54.89 15.92
N GLU L 45 21.28 53.68 15.40
CA GLU L 45 20.37 53.46 14.29
C GLU L 45 19.54 52.25 14.63
N SER L 46 18.22 52.40 14.66
CA SER L 46 17.36 51.27 14.98
C SER L 46 17.61 50.15 13.97
N TYR L 47 17.57 48.91 14.45
CA TYR L 47 17.82 47.74 13.62
C TYR L 47 16.74 46.69 13.87
N ASP L 48 15.94 46.37 12.86
CA ASP L 48 14.89 45.38 13.04
C ASP L 48 15.46 44.01 13.42
N TYR L 49 14.79 43.36 14.36
CA TYR L 49 15.18 42.04 14.82
C TYR L 49 13.95 41.33 15.36
N PRO L 50 13.72 40.07 14.95
CA PRO L 50 12.56 39.30 15.41
C PRO L 50 12.56 38.95 16.89
N VAL L 51 12.46 39.96 17.73
CA VAL L 51 12.43 39.74 19.16
C VAL L 51 11.45 40.73 19.77
N LYS L 52 10.79 40.29 20.83
CA LYS L 52 9.80 41.11 21.54
C LYS L 52 10.38 41.50 22.89
N GLY L 53 10.17 42.75 23.28
CA GLY L 53 10.68 43.20 24.55
C GLY L 53 12.10 43.75 24.52
N VAL L 54 12.64 43.91 23.33
CA VAL L 54 14.00 44.44 23.19
C VAL L 54 14.09 45.34 21.95
N LYS L 55 14.82 46.44 22.10
CA LYS L 55 15.04 47.37 21.01
C LYS L 55 16.48 47.13 20.61
N VAL L 56 16.73 46.92 19.33
CA VAL L 56 18.08 46.68 18.86
C VAL L 56 18.56 47.83 18.00
N TYR L 57 19.80 48.24 18.22
CA TYR L 57 20.36 49.33 17.45
C TYR L 57 21.74 48.98 16.94
N ARG L 58 22.17 49.74 15.95
CA ARG L 58 23.49 49.60 15.38
C ARG L 58 24.17 50.83 15.95
N LEU L 59 25.23 50.61 16.71
CA LEU L 59 25.96 51.71 17.33
C LEU L 59 27.35 51.89 16.73
N THR L 60 27.73 53.14 16.52
CA THR L 60 29.06 53.44 16.00
C THR L 60 29.58 54.61 16.82
N TYR L 61 30.90 54.78 16.81
CA TYR L 61 31.53 55.89 17.50
C TYR L 61 32.96 56.00 17.03
N GLN L 62 33.55 57.17 17.18
CA GLN L 62 34.92 57.41 16.75
C GLN L 62 35.85 57.06 17.90
N SER L 63 36.95 56.39 17.57
CA SER L 63 37.91 55.98 18.56
C SER L 63 39.33 56.30 18.08
N PHE L 64 40.32 55.80 18.80
CA PHE L 64 41.72 56.00 18.48
C PHE L 64 41.99 55.98 16.97
N GLY L 65 42.81 56.92 16.51
CA GLY L 65 43.13 57.00 15.10
C GLY L 65 41.93 57.37 14.25
N HIS L 66 40.89 57.93 14.87
CA HIS L 66 39.70 58.32 14.14
C HIS L 66 39.05 57.14 13.44
N SER L 67 39.08 55.99 14.10
CA SER L 67 38.49 54.77 13.54
C SER L 67 37.02 54.69 13.94
N LYS L 68 36.17 54.34 12.98
CA LYS L 68 34.74 54.18 13.21
C LYS L 68 34.51 52.76 13.77
N ILE L 69 34.29 52.65 15.08
CA ILE L 69 34.04 51.36 15.72
C ILE L 69 32.54 51.05 15.70
N GLU L 70 32.18 49.78 15.53
CA GLU L 70 30.77 49.38 15.47
C GLU L 70 30.37 48.22 16.38
N GLY L 71 29.08 47.91 16.34
CA GLY L 71 28.55 46.82 17.14
C GLY L 71 27.06 46.97 17.34
N PHE L 72 26.38 45.86 17.62
CA PHE L 72 24.95 45.91 17.84
C PHE L 72 24.73 46.29 19.30
N TYR L 73 23.71 47.10 19.53
CA TYR L 73 23.37 47.55 20.87
C TYR L 73 21.91 47.17 21.11
N ALA L 74 21.68 46.26 22.04
CA ALA L 74 20.33 45.81 22.35
C ALA L 74 19.95 46.30 23.73
N VAL L 75 18.76 46.90 23.81
CA VAL L 75 18.27 47.44 25.07
C VAL L 75 16.94 46.85 25.50
N PRO L 76 16.80 46.55 26.80
CA PRO L 76 15.54 46.00 27.31
C PRO L 76 14.47 47.02 26.95
N ASP L 77 13.38 46.56 26.35
CA ASP L 77 12.29 47.46 25.95
C ASP L 77 11.35 47.78 27.10
N GLN L 78 11.85 48.59 28.04
CA GLN L 78 11.09 48.99 29.21
C GLN L 78 11.82 50.21 29.76
N THR L 79 11.18 50.95 30.66
CA THR L 79 11.81 52.14 31.22
C THR L 79 13.08 51.79 32.01
N GLY L 80 14.14 52.58 31.80
CA GLY L 80 15.39 52.35 32.49
C GLY L 80 15.50 53.14 33.79
N PRO L 81 16.72 53.44 34.26
CA PRO L 81 17.99 53.07 33.66
C PRO L 81 18.21 51.56 33.74
N HIS L 82 18.99 51.01 32.82
CA HIS L 82 19.25 49.58 32.82
C HIS L 82 20.70 49.28 33.14
N PRO L 83 20.97 48.10 33.68
CA PRO L 83 22.35 47.75 33.98
C PRO L 83 22.90 47.47 32.58
N ALA L 84 24.19 47.67 32.36
CA ALA L 84 24.72 47.47 31.04
C ALA L 84 25.89 46.50 30.94
N LEU L 85 26.10 46.01 29.74
CA LEU L 85 27.19 45.09 29.46
C LEU L 85 27.84 45.41 28.11
N VAL L 86 29.15 45.44 28.10
CA VAL L 86 29.89 45.64 26.86
C VAL L 86 30.54 44.27 26.63
N ARG L 87 30.07 43.58 25.60
CA ARG L 87 30.58 42.24 25.31
C ARG L 87 31.63 42.26 24.21
N PHE L 88 32.76 41.61 24.46
CA PHE L 88 33.85 41.53 23.48
C PHE L 88 33.95 40.12 22.93
N HIS L 89 33.93 40.01 21.60
CA HIS L 89 33.98 38.71 20.93
C HIS L 89 35.40 38.16 20.83
N GLY L 90 35.46 36.86 20.52
CA GLY L 90 36.73 36.16 20.41
C GLY L 90 37.46 36.41 19.10
N TYR L 91 38.74 36.07 19.09
CA TYR L 91 39.61 36.25 17.93
C TYR L 91 39.01 35.65 16.66
N ASN L 92 38.69 36.50 15.70
CA ASN L 92 38.15 36.05 14.42
C ASN L 92 36.92 35.16 14.60
N ALA L 93 36.31 35.23 15.78
CA ALA L 93 35.15 34.40 16.11
C ALA L 93 33.81 35.13 16.09
N SER L 94 33.72 36.21 15.32
CA SER L 94 32.48 36.97 15.26
C SER L 94 31.70 36.73 13.97
N TYR L 95 30.48 36.25 14.13
CA TYR L 95 29.60 35.99 13.00
C TYR L 95 28.40 36.93 13.07
N ASP L 96 28.15 37.70 12.01
CA ASP L 96 27.02 38.62 11.99
C ASP L 96 26.93 39.50 13.23
N GLY L 97 28.07 39.99 13.71
CA GLY L 97 28.11 40.84 14.88
C GLY L 97 27.67 40.20 16.19
N GLY L 98 27.49 38.88 16.18
CA GLY L 98 27.06 38.18 17.39
C GLY L 98 25.75 38.77 17.89
N ILE L 99 24.95 39.25 16.94
CA ILE L 99 23.67 39.89 17.24
C ILE L 99 22.74 39.04 18.11
N HIS L 100 22.63 37.76 17.81
CA HIS L 100 21.75 36.89 18.57
C HIS L 100 22.10 36.80 20.06
N ASP L 101 23.40 36.82 20.38
CA ASP L 101 23.82 36.75 21.76
C ASP L 101 23.61 38.09 22.45
N ILE L 102 23.79 39.17 21.70
CA ILE L 102 23.60 40.51 22.22
C ILE L 102 22.14 40.67 22.65
N VAL L 103 21.23 40.30 21.76
CA VAL L 103 19.80 40.36 22.04
C VAL L 103 19.47 39.53 23.28
N ASN L 104 19.96 38.30 23.34
CA ASN L 104 19.70 37.45 24.49
C ASN L 104 20.13 38.13 25.77
N TRP L 105 21.27 38.81 25.73
CA TRP L 105 21.73 39.50 26.93
C TRP L 105 20.74 40.58 27.34
N ALA L 106 20.15 41.25 26.35
CA ALA L 106 19.16 42.30 26.65
C ALA L 106 17.95 41.65 27.30
N LEU L 107 17.56 40.48 26.79
CA LEU L 107 16.42 39.77 27.33
C LEU L 107 16.68 39.40 28.78
N HIS L 108 17.95 39.26 29.14
CA HIS L 108 18.34 38.94 30.50
C HIS L 108 18.32 40.22 31.33
N GLY L 109 17.95 41.32 30.70
CA GLY L 109 17.87 42.60 31.40
C GLY L 109 19.05 43.54 31.31
N TYR L 110 19.94 43.32 30.35
CA TYR L 110 21.13 44.17 30.22
C TYR L 110 21.20 44.93 28.90
N ALA L 111 21.40 46.25 28.99
CA ALA L 111 21.56 47.05 27.79
C ALA L 111 22.93 46.56 27.37
N THR L 112 22.99 45.87 26.23
CA THR L 112 24.26 45.29 25.80
C THR L 112 24.84 45.74 24.45
N PHE L 113 26.12 46.09 24.48
CA PHE L 113 26.83 46.51 23.29
C PHE L 113 27.89 45.48 22.94
N GLY L 114 27.79 44.93 21.74
CA GLY L 114 28.78 43.98 21.29
C GLY L 114 29.77 44.70 20.39
N MET L 115 30.84 45.24 20.99
CA MET L 115 31.84 45.95 20.21
C MET L 115 32.56 44.97 19.29
N LEU L 116 32.58 45.30 18.00
CA LEU L 116 33.24 44.48 17.01
C LEU L 116 34.71 44.91 16.93
N VAL L 117 35.62 43.96 17.14
CA VAL L 117 37.05 44.22 17.13
C VAL L 117 37.59 44.52 15.74
N ARG L 118 38.26 45.67 15.62
CA ARG L 118 38.83 46.16 14.37
C ARG L 118 39.20 45.13 13.31
N GLY L 119 38.63 45.30 12.13
CA GLY L 119 38.91 44.39 11.02
C GLY L 119 38.47 42.95 11.18
N GLN L 120 37.95 42.59 12.35
CA GLN L 120 37.51 41.22 12.58
C GLN L 120 36.02 41.09 12.38
N GLY L 121 35.26 41.25 13.46
CA GLY L 121 33.82 41.13 13.38
C GLY L 121 33.18 42.34 12.72
N GLY L 122 33.95 43.42 12.66
CA GLY L 122 33.46 44.65 12.06
C GLY L 122 34.37 45.76 12.51
N SER L 123 33.89 46.99 12.42
CA SER L 123 34.66 48.15 12.82
C SER L 123 35.81 48.43 11.87
N GLU L 124 36.17 49.71 11.78
CA GLU L 124 37.24 50.17 10.92
C GLU L 124 38.56 50.20 11.68
N ASP L 125 39.66 49.97 10.98
CA ASP L 125 40.97 50.05 11.62
C ASP L 125 41.81 50.96 10.73
N THR L 126 41.97 52.21 11.14
CA THR L 126 42.73 53.18 10.36
C THR L 126 44.22 53.04 10.53
N SER L 127 44.64 52.31 11.55
CA SER L 127 46.06 52.13 11.81
C SER L 127 46.73 51.45 10.61
N VAL L 128 47.86 51.99 10.21
CA VAL L 128 48.64 51.47 9.09
C VAL L 128 49.40 50.19 9.45
N THR L 129 49.79 49.43 8.43
CA THR L 129 50.57 48.22 8.63
C THR L 129 52.01 48.64 8.37
N PRO L 130 52.79 48.87 9.43
CA PRO L 130 54.18 49.30 9.34
C PRO L 130 55.02 48.47 8.38
N GLY L 131 54.90 47.16 8.48
CA GLY L 131 55.66 46.30 7.60
C GLY L 131 55.11 44.90 7.58
N GLY L 132 55.93 43.94 7.21
CA GLY L 132 55.48 42.56 7.16
C GLY L 132 55.15 41.95 8.50
N HIS L 133 54.23 41.00 8.50
CA HIS L 133 53.81 40.30 9.70
C HIS L 133 53.20 38.96 9.30
N ALA L 134 53.01 38.08 10.27
CA ALA L 134 52.44 36.77 9.98
C ALA L 134 50.94 36.88 9.71
N LEU L 135 50.44 35.94 8.92
CA LEU L 135 49.02 35.90 8.58
C LEU L 135 48.23 36.03 9.90
N GLY L 136 47.40 37.07 9.99
CA GLY L 136 46.60 37.32 11.17
C GLY L 136 46.76 38.74 11.71
N TRP L 137 46.15 39.00 12.86
CA TRP L 137 46.23 40.33 13.49
C TRP L 137 47.26 40.36 14.60
N MET L 138 47.53 39.21 15.19
CA MET L 138 48.47 39.08 16.31
C MET L 138 49.81 39.78 16.17
N THR L 139 50.34 39.85 14.95
CA THR L 139 51.63 40.48 14.77
C THR L 139 51.62 41.76 13.94
N LYS L 140 50.43 42.26 13.61
CA LYS L 140 50.37 43.49 12.84
C LYS L 140 50.97 44.64 13.66
N GLY L 141 52.00 45.28 13.10
CA GLY L 141 52.65 46.40 13.77
C GLY L 141 53.29 46.01 15.09
N ILE L 142 53.70 44.75 15.21
CA ILE L 142 54.29 44.26 16.44
C ILE L 142 55.69 44.80 16.77
N LEU L 143 56.28 45.56 15.86
CA LEU L 143 57.62 46.09 16.12
C LEU L 143 57.61 47.40 16.88
N SER L 144 56.43 47.77 17.38
CA SER L 144 56.29 48.99 18.14
C SER L 144 54.96 49.05 18.87
N LYS L 145 55.02 49.34 20.17
CA LYS L 145 53.83 49.45 21.00
C LYS L 145 52.86 50.49 20.45
N ASP L 146 53.38 51.51 19.78
CA ASP L 146 52.53 52.56 19.22
C ASP L 146 51.75 52.12 18.01
N THR L 147 52.30 51.16 17.28
CA THR L 147 51.66 50.66 16.06
C THR L 147 50.93 49.35 16.21
N TYR L 148 51.16 48.65 17.33
CA TYR L 148 50.55 47.36 17.56
C TYR L 148 49.03 47.33 17.46
N TYR L 149 48.54 46.33 16.74
CA TYR L 149 47.11 46.14 16.50
C TYR L 149 46.21 46.32 17.73
N TYR L 150 46.59 45.72 18.84
CA TYR L 150 45.78 45.80 20.04
C TYR L 150 45.75 47.14 20.77
N ARG L 151 46.63 48.06 20.41
CA ARG L 151 46.62 49.36 21.05
C ARG L 151 45.30 50.04 20.71
N GLY L 152 44.95 50.02 19.43
CA GLY L 152 43.69 50.62 19.01
C GLY L 152 42.50 49.85 19.56
N VAL L 153 42.59 48.52 19.58
CA VAL L 153 41.51 47.70 20.08
C VAL L 153 41.24 47.95 21.55
N TYR L 154 42.29 47.97 22.36
CA TYR L 154 42.14 48.22 23.78
C TYR L 154 41.51 49.58 23.99
N LEU L 155 41.93 50.55 23.20
CA LEU L 155 41.37 51.89 23.31
C LEU L 155 39.91 51.92 22.86
N ASP L 156 39.56 51.11 21.86
CA ASP L 156 38.18 51.06 21.40
C ASP L 156 37.33 50.52 22.54
N ALA L 157 37.91 49.60 23.31
CA ALA L 157 37.25 48.98 24.45
C ALA L 157 36.91 50.04 25.49
N VAL L 158 37.91 50.86 25.84
CA VAL L 158 37.71 51.92 26.81
C VAL L 158 36.63 52.89 26.30
N ARG L 159 36.76 53.30 25.04
CA ARG L 159 35.81 54.23 24.45
C ARG L 159 34.40 53.65 24.43
N ALA L 160 34.30 52.35 24.21
CA ALA L 160 32.99 51.71 24.18
C ALA L 160 32.30 51.96 25.52
N LEU L 161 33.07 51.88 26.59
CA LEU L 161 32.54 52.09 27.93
C LEU L 161 32.13 53.53 28.17
N GLU L 162 32.92 54.46 27.63
CA GLU L 162 32.64 55.87 27.80
C GLU L 162 31.39 56.25 27.04
N VAL L 163 31.16 55.60 25.91
CA VAL L 163 29.97 55.85 25.11
C VAL L 163 28.73 55.26 25.78
N ILE L 164 28.80 53.99 26.15
CA ILE L 164 27.68 53.30 26.79
C ILE L 164 27.23 54.00 28.07
N GLN L 165 28.18 54.33 28.92
CA GLN L 165 27.89 55.00 30.18
C GLN L 165 27.22 56.36 29.96
N SER L 166 27.53 57.02 28.85
CA SER L 166 26.96 58.33 28.56
C SER L 166 25.50 58.23 28.18
N PHE L 167 25.04 57.02 27.86
CA PHE L 167 23.65 56.83 27.47
C PHE L 167 22.71 57.06 28.65
N PRO L 168 21.63 57.82 28.41
CA PRO L 168 20.67 58.10 29.49
C PRO L 168 19.99 56.83 30.04
N GLU L 169 19.57 55.93 29.14
CA GLU L 169 18.91 54.69 29.57
C GLU L 169 19.86 53.71 30.24
N VAL L 170 21.12 54.11 30.43
CA VAL L 170 22.09 53.23 31.06
C VAL L 170 22.50 53.70 32.45
N ASP L 171 22.46 52.80 33.41
CA ASP L 171 22.86 53.09 34.77
C ASP L 171 24.39 52.95 34.82
N GLU L 172 25.08 54.08 34.66
CA GLU L 172 26.54 54.10 34.69
C GLU L 172 27.18 53.32 35.84
N HIS L 173 26.45 53.11 36.92
CA HIS L 173 26.99 52.41 38.08
C HIS L 173 26.85 50.89 38.01
N ARG L 174 26.20 50.41 36.97
CA ARG L 174 26.01 48.98 36.83
C ARG L 174 26.39 48.51 35.43
N ILE L 175 27.61 48.83 35.04
CA ILE L 175 28.12 48.44 33.73
C ILE L 175 29.14 47.32 33.88
N GLY L 176 28.94 46.23 33.14
CA GLY L 176 29.86 45.12 33.21
C GLY L 176 30.54 44.87 31.88
N VAL L 177 31.77 44.35 31.93
CA VAL L 177 32.52 44.01 30.73
C VAL L 177 32.74 42.51 30.73
N ILE L 178 32.31 41.85 29.66
CA ILE L 178 32.45 40.41 29.55
C ILE L 178 32.95 40.00 28.18
N GLY L 179 33.46 38.77 28.09
CA GLY L 179 33.96 38.26 26.84
C GLY L 179 34.76 37.00 27.04
N GLY L 180 34.97 36.26 25.96
CA GLY L 180 35.74 35.03 26.03
C GLY L 180 37.02 35.13 25.23
N SER L 181 38.11 34.59 25.78
CA SER L 181 39.40 34.58 25.10
C SER L 181 39.83 36.01 24.79
N GLN L 182 39.91 36.34 23.50
CA GLN L 182 40.27 37.71 23.14
C GLN L 182 39.29 38.63 23.87
N GLY L 183 38.00 38.29 23.80
CA GLY L 183 36.97 39.07 24.48
C GLY L 183 37.23 39.19 25.97
N GLY L 184 37.71 38.10 26.57
CA GLY L 184 38.00 38.12 27.99
C GLY L 184 39.17 39.05 28.28
N ALA L 185 40.16 39.06 27.38
CA ALA L 185 41.32 39.90 27.54
C ALA L 185 40.91 41.37 27.41
N LEU L 186 40.02 41.65 26.47
CA LEU L 186 39.57 43.02 26.26
C LEU L 186 38.83 43.52 27.50
N ALA L 187 38.02 42.63 28.07
CA ALA L 187 37.26 42.95 29.27
C ALA L 187 38.22 43.35 30.39
N ILE L 188 39.20 42.48 30.63
CA ILE L 188 40.19 42.75 31.67
C ILE L 188 41.01 44.02 31.36
N ALA L 189 41.46 44.14 30.11
CA ALA L 189 42.24 45.30 29.71
C ALA L 189 41.42 46.57 29.92
N ALA L 190 40.14 46.52 29.56
CA ALA L 190 39.26 47.67 29.71
C ALA L 190 39.07 48.05 31.17
N ALA L 191 38.82 47.05 32.02
CA ALA L 191 38.63 47.30 33.44
C ALA L 191 39.91 47.85 34.07
N ALA L 192 41.05 47.52 33.49
CA ALA L 192 42.33 47.98 34.01
C ALA L 192 42.63 49.40 33.59
N LEU L 193 42.12 49.79 32.43
CA LEU L 193 42.35 51.11 31.88
C LEU L 193 41.22 52.08 32.18
N SER L 194 40.11 51.56 32.68
CA SER L 194 38.96 52.39 33.00
C SER L 194 38.28 51.91 34.26
N ASP L 195 37.77 52.85 35.05
CA ASP L 195 37.08 52.49 36.26
C ASP L 195 35.57 52.59 36.06
N ILE L 196 35.17 52.65 34.79
CA ILE L 196 33.75 52.70 34.46
C ILE L 196 33.08 51.34 34.75
N PRO L 197 33.72 50.23 34.36
CA PRO L 197 33.14 48.91 34.61
C PRO L 197 33.03 48.61 36.11
N LYS L 198 31.93 48.00 36.52
CA LYS L 198 31.75 47.64 37.91
C LYS L 198 32.31 46.24 38.13
N VAL L 199 31.99 45.33 37.21
CA VAL L 199 32.47 43.95 37.29
C VAL L 199 33.05 43.46 35.98
N VAL L 200 33.81 42.37 36.08
CA VAL L 200 34.47 41.78 34.92
C VAL L 200 34.29 40.28 34.83
N VAL L 201 33.93 39.80 33.65
CA VAL L 201 33.78 38.37 33.45
C VAL L 201 34.63 38.01 32.24
N ALA L 202 35.68 37.22 32.47
CA ALA L 202 36.55 36.82 31.39
C ALA L 202 36.67 35.31 31.28
N ASP L 203 36.23 34.79 30.14
CA ASP L 203 36.30 33.35 29.87
C ASP L 203 37.69 33.12 29.29
N TYR L 204 38.46 32.23 29.92
CA TYR L 204 39.81 31.92 29.47
C TYR L 204 40.42 33.05 28.65
N PRO L 205 40.72 34.17 29.32
CA PRO L 205 41.31 35.34 28.67
C PRO L 205 42.55 35.03 27.85
N TYR L 206 42.63 35.69 26.70
CA TYR L 206 43.73 35.57 25.75
C TYR L 206 44.72 36.71 26.02
N LEU L 207 45.70 36.90 25.13
CA LEU L 207 46.72 37.95 25.25
C LEU L 207 47.36 37.99 26.64
N SER L 208 47.70 36.81 27.16
CA SER L 208 48.28 36.70 28.50
C SER L 208 49.54 35.88 28.56
N ASN L 209 50.55 36.40 29.26
CA ASN L 209 51.83 35.72 29.44
C ASN L 209 52.37 35.24 28.08
N PHE L 210 52.47 36.15 27.12
CA PHE L 210 52.97 35.85 25.78
C PHE L 210 54.22 34.98 25.68
N GLU L 211 55.26 35.34 26.44
CA GLU L 211 56.51 34.59 26.39
C GLU L 211 56.37 33.10 26.70
N ARG L 212 55.35 32.74 27.47
CA ARG L 212 55.15 31.32 27.78
C ARG L 212 54.15 30.75 26.78
N ALA L 213 53.16 31.56 26.42
CA ALA L 213 52.14 31.12 25.50
C ALA L 213 52.73 30.54 24.22
N VAL L 214 53.68 31.26 23.61
CA VAL L 214 54.28 30.80 22.36
C VAL L 214 55.03 29.47 22.52
N ASP L 215 55.34 29.10 23.76
CA ASP L 215 56.05 27.84 24.01
C ASP L 215 55.11 26.71 24.46
N VAL L 216 53.90 27.07 24.85
CA VAL L 216 52.96 26.09 25.34
C VAL L 216 51.72 25.89 24.45
N ALA L 217 51.24 26.97 23.85
CA ALA L 217 50.05 26.85 23.00
C ALA L 217 50.29 25.79 21.93
N LEU L 218 49.23 25.08 21.57
CA LEU L 218 49.34 24.05 20.56
C LEU L 218 48.47 24.34 19.34
N GLU L 219 47.75 25.44 19.40
CA GLU L 219 46.88 25.85 18.30
C GLU L 219 46.93 27.35 18.14
N GLN L 220 46.33 27.84 17.05
CA GLN L 220 46.26 29.27 16.80
C GLN L 220 45.41 29.90 17.91
N PRO L 221 45.47 31.23 18.07
CA PRO L 221 46.29 32.13 17.28
C PRO L 221 47.59 32.63 17.91
N TYR L 222 47.93 32.11 19.09
CA TYR L 222 49.18 32.54 19.73
C TYR L 222 50.36 32.22 18.82
N LEU L 223 50.29 31.06 18.18
CA LEU L 223 51.34 30.60 17.29
C LEU L 223 51.59 31.53 16.11
N GLU L 224 50.75 32.56 15.98
CA GLU L 224 50.94 33.54 14.91
C GLU L 224 52.25 34.27 15.18
N ILE L 225 52.59 34.41 16.46
CA ILE L 225 53.81 35.06 16.86
C ILE L 225 54.98 34.17 16.40
N ASN L 226 54.83 32.86 16.60
CA ASN L 226 55.87 31.92 16.19
C ASN L 226 56.06 32.03 14.67
N SER L 227 54.95 32.05 13.93
CA SER L 227 55.01 32.16 12.46
C SER L 227 55.73 33.42 12.07
N TYR L 228 55.54 34.47 12.87
CA TYR L 228 56.16 35.76 12.63
C TYR L 228 57.70 35.65 12.74
N PHE L 229 58.17 35.04 13.82
CA PHE L 229 59.61 34.90 14.01
C PHE L 229 60.21 33.99 12.97
N ARG L 230 59.44 33.01 12.50
CA ARG L 230 59.97 32.12 11.47
C ARG L 230 60.28 32.96 10.23
N ARG L 231 59.42 33.93 9.94
CA ARG L 231 59.57 34.78 8.77
C ARG L 231 60.50 35.97 8.97
N ASN L 232 60.90 36.22 10.21
CA ASN L 232 61.83 37.31 10.51
C ASN L 232 62.81 36.78 11.55
N SER L 233 63.84 36.09 11.08
CA SER L 233 64.83 35.49 11.95
C SER L 233 65.68 36.46 12.76
N ASP L 234 65.68 37.72 12.36
CA ASP L 234 66.48 38.71 13.08
C ASP L 234 66.20 38.65 14.57
N PRO L 235 67.20 38.22 15.37
CA PRO L 235 67.07 38.11 16.83
C PRO L 235 66.49 39.38 17.46
N LYS L 236 66.95 40.54 17.00
CA LYS L 236 66.46 41.80 17.55
C LYS L 236 64.97 41.95 17.29
N VAL L 237 64.45 41.29 16.25
CA VAL L 237 63.03 41.36 15.95
C VAL L 237 62.24 40.67 17.05
N GLU L 238 62.75 39.54 17.52
CA GLU L 238 62.09 38.79 18.56
C GLU L 238 62.07 39.58 19.87
N GLU L 239 63.23 40.15 20.24
CA GLU L 239 63.32 40.93 21.46
C GLU L 239 62.35 42.10 21.39
N LYS L 240 62.34 42.76 20.23
CA LYS L 240 61.47 43.91 20.03
C LYS L 240 60.01 43.47 20.09
N ALA L 241 59.69 42.39 19.39
CA ALA L 241 58.32 41.88 19.38
C ALA L 241 57.79 41.61 20.80
N PHE L 242 58.57 40.91 21.61
CA PHE L 242 58.13 40.63 22.97
C PHE L 242 58.06 41.88 23.81
N GLU L 243 58.89 42.86 23.47
CA GLU L 243 58.88 44.13 24.19
C GLU L 243 57.55 44.81 23.91
N THR L 244 57.13 44.80 22.65
CA THR L 244 55.87 45.39 22.26
C THR L 244 54.70 44.71 22.97
N LEU L 245 54.68 43.38 22.89
CA LEU L 245 53.64 42.58 23.49
C LEU L 245 53.47 42.80 24.99
N SER L 246 54.56 43.11 25.69
CA SER L 246 54.47 43.31 27.13
C SER L 246 53.51 44.42 27.52
N TYR L 247 53.41 45.44 26.68
CA TYR L 247 52.52 46.57 26.96
C TYR L 247 51.06 46.18 26.89
N PHE L 248 50.77 45.01 26.32
CA PHE L 248 49.40 44.56 26.15
C PHE L 248 49.13 43.26 26.89
N ASP L 249 50.18 42.72 27.51
CA ASP L 249 50.07 41.46 28.24
C ASP L 249 49.25 41.56 29.53
N LEU L 250 48.22 40.71 29.64
CA LEU L 250 47.36 40.73 30.82
C LEU L 250 48.06 40.62 32.17
N ILE L 251 49.21 39.96 32.20
CA ILE L 251 49.93 39.82 33.48
C ILE L 251 50.49 41.17 33.93
N ASN L 252 50.50 42.13 33.01
CA ASN L 252 51.01 43.46 33.34
C ASN L 252 49.85 44.41 33.60
N LEU L 253 48.70 44.12 33.01
CA LEU L 253 47.52 44.94 33.17
C LEU L 253 46.61 44.48 34.32
N ALA L 254 46.64 43.20 34.61
CA ALA L 254 45.81 42.64 35.67
C ALA L 254 45.89 43.39 37.00
N GLY L 255 47.11 43.74 37.38
CA GLY L 255 47.31 44.46 38.63
C GLY L 255 46.52 45.75 38.77
N TRP L 256 46.00 46.29 37.66
CA TRP L 256 45.21 47.52 37.69
C TRP L 256 43.72 47.29 37.87
N VAL L 257 43.27 46.06 37.64
CA VAL L 257 41.86 45.74 37.80
C VAL L 257 41.46 45.84 39.27
N LYS L 258 40.43 46.64 39.56
CA LYS L 258 39.96 46.82 40.93
C LYS L 258 38.55 46.28 41.07
N GLN L 259 37.94 45.94 39.94
CA GLN L 259 36.58 45.43 39.94
C GLN L 259 36.50 43.94 40.23
N PRO L 260 35.38 43.50 40.83
CA PRO L 260 35.22 42.08 41.14
C PRO L 260 35.31 41.33 39.81
N THR L 261 36.17 40.33 39.74
CA THR L 261 36.39 39.59 38.50
C THR L 261 36.05 38.10 38.58
N LEU L 262 35.42 37.60 37.52
CA LEU L 262 35.05 36.20 37.43
C LEU L 262 35.70 35.63 36.17
N MET L 263 36.50 34.59 36.35
CA MET L 263 37.20 33.97 35.24
C MET L 263 36.95 32.48 35.15
N ALA L 264 37.08 31.95 33.95
CA ALA L 264 36.89 30.52 33.71
C ALA L 264 38.11 30.02 32.97
N ILE L 265 38.34 28.71 33.05
CA ILE L 265 39.45 28.08 32.36
C ILE L 265 39.26 26.56 32.27
N GLY L 266 39.37 26.03 31.06
CA GLY L 266 39.25 24.59 30.86
C GLY L 266 40.66 24.03 30.90
N LEU L 267 40.87 22.94 31.63
CA LEU L 267 42.21 22.37 31.75
C LEU L 267 42.76 21.72 30.50
N ILE L 268 41.92 21.47 29.50
CA ILE L 268 42.43 20.89 28.27
C ILE L 268 42.40 21.90 27.13
N ASP L 269 42.35 23.18 27.49
CA ASP L 269 42.34 24.28 26.52
C ASP L 269 43.72 24.40 25.88
N LYS L 270 43.78 24.20 24.57
CA LYS L 270 45.04 24.26 23.86
C LYS L 270 45.28 25.62 23.17
N ILE L 271 44.24 26.43 23.07
CA ILE L 271 44.33 27.72 22.44
C ILE L 271 44.83 28.74 23.46
N THR L 272 44.22 28.76 24.64
CA THR L 272 44.66 29.65 25.71
C THR L 272 44.98 28.72 26.85
N PRO L 273 46.23 28.21 26.87
CA PRO L 273 46.74 27.28 27.88
C PRO L 273 46.38 27.68 29.31
N PRO L 274 45.94 26.72 30.12
CA PRO L 274 45.58 27.00 31.50
C PRO L 274 46.62 27.86 32.23
N SER L 275 47.89 27.61 31.97
CA SER L 275 48.96 28.36 32.62
C SER L 275 48.93 29.84 32.29
N THR L 276 48.59 30.18 31.04
CA THR L 276 48.54 31.59 30.64
C THR L 276 47.34 32.26 31.30
N VAL L 277 46.24 31.53 31.43
CA VAL L 277 45.07 32.11 32.06
C VAL L 277 45.31 32.24 33.56
N PHE L 278 45.89 31.22 34.19
CA PHE L 278 46.18 31.30 35.61
C PHE L 278 47.17 32.43 35.87
N ALA L 279 48.07 32.67 34.92
CA ALA L 279 49.06 33.72 35.06
C ALA L 279 48.37 35.07 35.18
N ALA L 280 47.31 35.26 34.40
CA ALA L 280 46.56 36.51 34.44
C ALA L 280 45.76 36.61 35.71
N TYR L 281 45.13 35.51 36.09
CA TYR L 281 44.33 35.45 37.31
C TYR L 281 45.15 35.74 38.56
N ASN L 282 46.33 35.13 38.65
CA ASN L 282 47.19 35.31 39.82
C ASN L 282 47.82 36.69 39.91
N HIS L 283 47.75 37.48 38.84
CA HIS L 283 48.31 38.82 38.86
C HIS L 283 47.24 39.83 39.22
N LEU L 284 46.01 39.34 39.41
CA LEU L 284 44.92 40.19 39.80
C LEU L 284 44.94 40.37 41.30
N GLU L 285 44.55 41.56 41.74
CA GLU L 285 44.46 41.88 43.17
C GLU L 285 43.15 42.63 43.34
N THR L 286 42.08 41.85 43.37
CA THR L 286 40.73 42.38 43.50
C THR L 286 39.87 41.19 43.93
N ASP L 287 38.58 41.41 44.20
CA ASP L 287 37.72 40.29 44.57
C ASP L 287 37.63 39.49 43.30
N LYS L 288 38.22 38.31 43.30
CA LYS L 288 38.26 37.47 42.12
C LYS L 288 37.91 36.02 42.40
N ASP L 289 37.56 35.31 41.34
CA ASP L 289 37.22 33.91 41.45
C ASP L 289 37.49 33.28 40.10
N LEU L 290 38.24 32.17 40.10
CA LEU L 290 38.58 31.47 38.88
C LEU L 290 37.90 30.12 38.85
N LYS L 291 37.02 29.93 37.88
CA LYS L 291 36.32 28.66 37.73
C LYS L 291 37.17 27.72 36.89
N VAL L 292 37.47 26.55 37.44
CA VAL L 292 38.30 25.57 36.77
C VAL L 292 37.46 24.38 36.32
N TYR L 293 37.53 24.10 35.02
CA TYR L 293 36.77 23.02 34.44
C TYR L 293 37.69 22.01 33.79
N ARG L 294 37.93 20.93 34.53
CA ARG L 294 38.81 19.86 34.10
C ARG L 294 38.56 19.30 32.71
N TYR L 295 37.29 19.06 32.40
CA TYR L 295 36.94 18.45 31.13
C TYR L 295 36.63 19.33 29.95
N PHE L 296 36.92 20.62 30.05
CA PHE L 296 36.67 21.52 28.94
C PHE L 296 37.90 22.21 28.41
N GLY L 297 37.81 22.69 27.18
CA GLY L 297 38.91 23.40 26.57
C GLY L 297 38.46 24.81 26.20
N HIS L 298 38.90 25.28 25.03
CA HIS L 298 38.55 26.61 24.53
C HIS L 298 37.15 26.52 23.91
N GLU L 299 36.13 26.50 24.75
CA GLU L 299 34.78 26.35 24.25
C GLU L 299 33.76 26.87 25.26
N PHE L 300 32.49 26.81 24.86
CA PHE L 300 31.40 27.24 25.72
C PHE L 300 31.29 26.19 26.83
N ILE L 301 31.32 26.66 28.08
CA ILE L 301 31.23 25.79 29.23
C ILE L 301 29.89 26.04 29.94
N PRO L 302 28.90 25.16 29.70
CA PRO L 302 27.57 25.30 30.32
C PRO L 302 27.62 25.70 31.79
N ALA L 303 28.38 24.94 32.58
CA ALA L 303 28.50 25.22 34.00
C ALA L 303 28.88 26.67 34.27
N PHE L 304 29.79 27.21 33.47
CA PHE L 304 30.25 28.57 33.68
C PHE L 304 29.21 29.62 33.28
N GLN L 305 28.29 29.26 32.39
CA GLN L 305 27.26 30.21 31.98
C GLN L 305 26.41 30.52 33.20
N THR L 306 26.12 29.49 33.99
CA THR L 306 25.33 29.63 35.20
C THR L 306 26.09 30.55 36.16
N GLU L 307 27.38 30.30 36.30
CA GLU L 307 28.23 31.11 37.17
C GLU L 307 28.19 32.57 36.74
N LYS L 308 28.38 32.76 35.44
CA LYS L 308 28.39 34.07 34.81
C LYS L 308 27.07 34.83 35.03
N LEU L 309 25.95 34.18 34.70
CA LEU L 309 24.65 34.83 34.86
C LEU L 309 24.41 35.17 36.31
N SER L 310 24.78 34.24 37.19
CA SER L 310 24.59 34.43 38.62
C SER L 310 25.42 35.62 39.09
N PHE L 311 26.69 35.65 38.70
CA PHE L 311 27.61 36.71 39.07
C PHE L 311 27.12 38.08 38.56
N LEU L 312 26.74 38.14 37.28
CA LEU L 312 26.27 39.40 36.72
C LEU L 312 24.97 39.84 37.37
N GLN L 313 24.13 38.87 37.70
CA GLN L 313 22.85 39.16 38.33
C GLN L 313 23.08 39.74 39.72
N LYS L 314 24.01 39.14 40.44
CA LYS L 314 24.35 39.58 41.79
C LYS L 314 24.93 40.99 41.82
N HIS L 315 25.83 41.30 40.90
CA HIS L 315 26.46 42.60 40.89
C HIS L 315 25.81 43.69 40.05
N LEU L 316 24.94 43.31 39.11
CA LEU L 316 24.33 44.31 38.25
C LEU L 316 22.81 44.45 38.36
N LEU L 317 22.12 43.34 38.57
CA LEU L 317 20.67 43.37 38.68
C LEU L 317 20.22 43.68 40.13
O1 XYP M . -31.00 5.51 -36.31
C1 XYP M . -30.91 5.65 -34.92
C2 XYP M . -29.61 4.97 -34.50
C3 XYP M . -29.44 5.10 -33.00
C4 XYP M . -29.46 6.59 -32.62
C5 XYP M . -30.77 7.21 -33.15
O2 XYP M . -29.59 3.55 -34.80
O3 XYP M . -28.22 4.49 -32.53
O4 XYP M . -29.37 6.76 -31.21
O5 XYP M . -30.88 7.02 -34.59
C1 EDO N . -51.05 3.85 -21.38
O1 EDO N . -49.88 3.99 -20.58
C2 EDO N . -50.79 4.36 -22.81
O2 EDO N . -50.88 3.27 -23.75
CL CL O . -19.37 6.68 -2.42
CL CL P . -46.46 1.46 -11.78
C1 EDO Q . -27.74 -12.56 0.97
O1 EDO Q . -28.91 -13.24 1.40
C2 EDO Q . -27.16 -11.76 2.14
O2 EDO Q . -25.73 -11.85 2.12
C1 EDO R . -23.03 -35.97 2.56
O1 EDO R . -22.52 -36.31 1.26
C2 EDO R . -22.16 -34.87 3.19
O2 EDO R . -20.76 -35.11 2.91
CL CL S . -53.00 -35.52 14.13
C ACY T . -22.39 -13.39 -10.79
O ACY T . -21.27 -12.94 -10.31
OXT ACY T . -23.21 -14.00 -10.10
CH3 ACY T . -22.61 -13.11 -12.27
O1 XYP U . -18.63 -4.28 10.81
C1 XYP U . -18.76 -4.43 9.43
C2 XYP U . -18.77 -3.00 8.85
C3 XYP U . -18.91 -3.12 7.33
C4 XYP U . -17.74 -3.97 6.78
C5 XYP U . -17.76 -5.35 7.49
O2 XYP U . -19.87 -2.21 9.33
O3 XYP U . -18.91 -1.82 6.67
O4 XYP U . -17.84 -4.14 5.39
O5 XYP U . -17.68 -5.18 8.94
CL CL V . -18.60 3.14 -24.25
CL CL W . -29.95 -20.34 -11.14
C1 EDO X . -61.74 -27.00 -15.93
O1 EDO X . -60.68 -27.17 -14.99
C2 EDO X . -63.10 -26.94 -15.20
O2 EDO X . -63.13 -25.83 -14.29
C1 EDO Y . -65.89 -32.36 8.69
O1 EDO Y . -65.19 -32.91 7.57
C2 EDO Y . -66.90 -31.30 8.23
O2 EDO Y . -67.92 -31.91 7.43
CL CL Z . -34.77 -43.08 4.13
C ACY AA . -52.08 -6.95 -30.51
O ACY AA . -52.77 -6.44 -31.39
OXT ACY AA . -51.41 -6.25 -29.63
CH3 ACY AA . -51.94 -8.45 -30.38
O1 XYP BA . -59.51 14.80 -24.09
C1 XYP BA . -59.48 13.47 -24.47
C2 XYP BA . -60.78 12.83 -23.97
C3 XYP BA . -60.77 11.35 -24.40
C4 XYP BA . -60.64 11.28 -25.92
C5 XYP BA . -59.35 12.02 -26.34
O2 XYP BA . -60.91 12.85 -22.54
O3 XYP BA . -61.97 10.66 -23.98
O4 XYP BA . -60.58 9.95 -26.35
O5 XYP BA . -59.38 13.40 -25.87
C1 EDO CA . -39.65 0.14 -25.16
O1 EDO CA . -39.72 -0.76 -26.27
C2 EDO CA . -38.87 1.40 -25.58
O2 EDO CA . -39.44 2.54 -24.93
CL CL DA . -70.10 -18.62 -32.41
CL CL EA . -43.18 -9.71 -25.71
C ACY FA . -66.87 -14.66 -11.07
O ACY FA . -67.99 -14.61 -11.57
OXT ACY FA . -66.32 -15.78 -10.67
CH3 ACY FA . -66.05 -13.41 -10.86
C1 EDO GA . -60.60 -26.74 -2.37
O1 EDO GA . -61.03 -25.47 -2.86
C2 EDO GA . -61.14 -27.85 -3.27
O2 EDO GA . -60.05 -28.44 -4.01
C1 EDO HA . -69.46 -31.23 -26.15
O1 EDO HA . -68.82 -32.24 -25.36
C2 EDO HA . -69.61 -29.93 -25.34
O2 EDO HA . -70.38 -30.18 -24.15
CL CL IA . -71.18 1.97 -24.05
C ACY JA . 49.12 -5.02 1.03
O ACY JA . 49.64 -5.47 -0.09
OXT ACY JA . 48.66 -5.76 1.89
CH3 ACY JA . 49.13 -3.50 1.20
C1 EDO KA . 37.96 -6.57 11.48
O1 EDO KA . 38.40 -5.66 10.48
C2 EDO KA . 38.40 -6.10 12.87
O2 EDO KA . 38.39 -7.19 13.80
CL CL LA . 66.06 1.13 -11.96
CL CL MA . 41.11 0.91 3.55
C1 EDO NA . 66.61 39.01 8.28
O1 EDO NA . 67.57 38.13 8.89
C2 EDO NA . 66.55 38.77 6.76
O2 EDO NA . 67.87 38.50 6.25
CL CL OA . 35.39 46.06 3.69
CL CL PA . 49.10 20.99 -2.85
C ACY QA . 24.23 29.94 25.08
O ACY QA . 25.32 29.88 24.34
OXT ACY QA . 23.40 29.04 25.10
CH3 ACY QA . 24.06 31.21 25.89
O1 XYP RA . 23.65 23.67 38.04
C1 XYP RA . 23.56 22.92 36.87
C2 XYP RA . 23.73 21.43 37.24
C3 XYP RA . 23.62 20.60 35.96
C4 XYP RA . 22.25 20.87 35.32
C5 XYP RA . 22.14 22.39 35.04
O2 XYP RA . 25.02 21.16 37.83
O3 XYP RA . 23.76 19.18 36.22
O4 XYP RA . 22.11 20.14 34.10
O5 XYP RA . 22.31 23.15 36.28
C1 EDO SA . 28.98 29.24 13.23
O1 EDO SA . 29.73 28.06 13.53
C2 EDO SA . 28.37 29.79 14.52
O2 EDO SA . 29.28 30.72 15.14
CL CL TA . 18.12 -5.87 17.57
O1 XYP UA . 28.16 -16.88 8.62
C1 XYP UA . 28.39 -16.01 9.68
C2 XYP UA . 27.15 -15.11 9.82
C3 XYP UA . 27.37 -14.17 11.01
C4 XYP UA . 27.63 -15.02 12.27
C5 XYP UA . 28.85 -15.93 12.00
O2 XYP UA . 26.89 -14.30 8.65
O3 XYP UA . 26.24 -13.29 11.25
O4 XYP UA . 27.89 -14.20 13.39
O5 XYP UA . 28.61 -16.77 10.83
CL CL VA . 22.68 6.54 35.38
O1 XYP WA . 58.96 -16.61 18.40
C1 XYP WA . 58.93 -15.88 17.21
C2 XYP WA . 60.31 -15.26 17.04
C3 XYP WA . 60.33 -14.45 15.73
C4 XYP WA . 59.96 -15.37 14.56
C5 XYP WA . 58.58 -16.02 14.87
O2 XYP WA . 60.67 -14.37 18.11
O3 XYP WA . 61.62 -13.84 15.48
O4 XYP WA . 59.89 -14.64 13.33
O5 XYP WA . 58.63 -16.74 16.14
C1 EDO XA . 67.39 14.79 -13.84
O1 EDO XA . 67.46 16.23 -13.66
C2 EDO XA . 65.97 14.36 -14.27
O2 EDO XA . 65.75 14.68 -15.65
CL CL YA . 69.59 -8.38 8.00
O1 XYP ZA . 24.11 40.71 11.38
C1 XYP ZA . 22.89 40.79 10.69
C2 XYP ZA . 23.11 40.11 9.35
C3 XYP ZA . 21.79 40.15 8.57
C4 XYP ZA . 20.69 39.46 9.40
C5 XYP ZA . 20.60 40.17 10.78
O2 XYP ZA . 24.11 40.76 8.55
O3 XYP ZA . 21.90 39.49 7.29
O4 XYP ZA . 19.42 39.51 8.76
O5 XYP ZA . 21.90 40.14 11.44
C1 EDO AB . 29.17 22.75 24.80
O1 EDO AB . 30.55 23.06 24.55
C2 EDO AB . 28.48 22.36 23.48
O2 EDO AB . 29.39 21.67 22.62
CL CL BB . 55.79 46.48 12.55
CL CL CB . 41.03 23.59 23.21
#